data_3DL5
#
_entry.id   3DL5
#
_cell.length_a   214.807
_cell.length_b   116.542
_cell.length_c   219.212
_cell.angle_alpha   90.00
_cell.angle_beta   95.21
_cell.angle_gamma   90.00
#
_symmetry.space_group_name_H-M   'C 1 2 1'
#
loop_
_entity.id
_entity.type
_entity.pdbx_description
1 polymer 'Dihydrofolate reductase, DHFR'
2 non-polymer "2'-DEOXYURIDINE 5'-MONOPHOSPHATE"
3 non-polymer '10-PROPARGYL-5,8-DIDEAZAFOLIC ACID'
4 non-polymer 'DIHYDROFOLIC ACID'
5 non-polymer 'NADPH DIHYDRO-NICOTINAMIDE-ADENINE-DINUCLEOTIDE PHOSPHATE'
6 water water
#
_entity_poly.entity_id   1
_entity_poly.type   'polypeptide(L)'
_entity_poly.pdbx_seq_one_letter_code
;MSEKNVSIVVAASVLSSGIGINGQLPWSISEDLKFFSKITNNKCDSNKKNALIMGRKTWDSIGRRPLKNRIIVVISSSLP
QDEADPNVVVFRNLEDSIENLMNDDSIENIFVCGGESIYRDALKDNFVDRIYLTRVALEDIEFDTYFPEIPETFLPVYMS
QTFCTKNISYDFMIFEKQEKKTLQNCDPARGQLKSIDDTVDLLGEIFGIRKMGNRHKFPKEEIYNTPSIRFGREHYEFQY
LDLLSRVLENGAYRENRTGISTYSIFGQMMRFDMRESFPLLTTKKVFIRSIFEELIWFIKGDTNGNHLIEKKVYIWSGNG
SKEYLERIGLGHREENDLGPIYGFQWRHYNGEYKTMHDDYTGVGVDQLAKLIETLKNNPKDRRHILTAWNPSALSQMALP
PCHVLSQYYVTNDNCLSCNLYQRSCDLGLGSPFNIASYAILTMMLAQVCGYEPGELAIFIGDAHIYENHLTQLKEQLSRT
PRPFPQLKFKRKVENIEDFKWEDIELIGYYPYPTIKMDMAV
;
_entity_poly.pdbx_strand_id   A,B,C,D,E
#
loop_
_chem_comp.id
_chem_comp.type
_chem_comp.name
_chem_comp.formula
CB3 non-polymer '10-PROPARGYL-5,8-DIDEAZAFOLIC ACID' 'C24 H23 N5 O6'
DHF non-polymer 'DIHYDROFOLIC ACID' 'C19 H21 N7 O6'
NDP non-polymer 'NADPH DIHYDRO-NICOTINAMIDE-ADENINE-DINUCLEOTIDE PHOSPHATE' 'C21 H30 N7 O17 P3'
UMP non-polymer '2'-DEOXYURIDINE 5'-MONOPHOSPHATE' 'C9 H13 N2 O8 P'
#
# COMPACT_ATOMS: atom_id res chain seq x y z
N GLU A 3 -2.27 -32.91 -17.70
CA GLU A 3 -1.94 -33.28 -16.29
C GLU A 3 -2.27 -32.17 -15.29
N LYS A 4 -1.59 -32.18 -14.15
CA LYS A 4 -1.80 -31.20 -13.10
C LYS A 4 -0.49 -30.70 -12.48
N ASN A 5 -0.59 -29.76 -11.55
CA ASN A 5 0.57 -29.16 -10.93
C ASN A 5 1.35 -30.00 -9.93
N VAL A 6 2.68 -29.82 -9.94
CA VAL A 6 3.56 -30.52 -9.03
C VAL A 6 4.51 -29.49 -8.45
N SER A 7 4.36 -29.15 -7.18
CA SER A 7 5.26 -28.18 -6.60
C SER A 7 5.91 -28.64 -5.30
N ILE A 8 7.14 -28.20 -5.11
CA ILE A 8 7.90 -28.54 -3.93
C ILE A 8 7.62 -27.56 -2.80
N VAL A 9 7.60 -28.05 -1.57
CA VAL A 9 7.42 -27.19 -0.41
C VAL A 9 8.57 -27.58 0.51
N VAL A 10 9.35 -26.60 0.96
CA VAL A 10 10.48 -26.89 1.83
C VAL A 10 10.93 -25.67 2.61
N ALA A 11 11.53 -25.93 3.77
CA ALA A 11 12.08 -24.87 4.61
C ALA A 11 13.57 -25.20 4.74
N ALA A 12 14.43 -24.35 4.17
CA ALA A 12 15.89 -24.59 4.24
C ALA A 12 16.64 -23.38 4.78
N SER A 13 17.78 -23.60 5.41
CA SER A 13 18.53 -22.46 5.93
C SER A 13 19.08 -21.58 4.81
N VAL A 14 19.21 -20.30 5.10
CA VAL A 14 19.67 -19.30 4.15
C VAL A 14 20.94 -19.59 3.35
N LEU A 15 22.02 -19.92 4.05
CA LEU A 15 23.30 -20.15 3.39
C LEU A 15 23.61 -21.53 2.89
N SER A 16 23.28 -22.56 3.66
CA SER A 16 23.61 -23.90 3.22
C SER A 16 22.45 -24.81 2.84
N SER A 17 21.22 -24.32 2.95
CA SER A 17 20.06 -25.13 2.59
C SER A 17 19.88 -26.36 3.49
N GLY A 18 20.23 -26.22 4.76
CA GLY A 18 20.06 -27.34 5.67
C GLY A 18 18.58 -27.49 5.93
N ILE A 19 18.07 -28.72 5.91
CA ILE A 19 16.66 -28.93 6.17
C ILE A 19 16.38 -29.95 7.28
N GLY A 20 17.40 -30.68 7.70
CA GLY A 20 17.20 -31.66 8.75
C GLY A 20 18.43 -32.00 9.57
N ILE A 21 18.18 -32.62 10.72
CA ILE A 21 19.24 -33.04 11.63
C ILE A 21 18.65 -34.15 12.50
N ASN A 22 19.32 -35.30 12.47
CA ASN A 22 18.92 -36.47 13.23
C ASN A 22 17.42 -36.74 13.14
N GLY A 23 16.91 -36.80 11.92
CA GLY A 23 15.50 -37.09 11.69
C GLY A 23 14.50 -36.04 12.11
N GLN A 24 14.96 -34.83 12.38
CA GLN A 24 14.07 -33.75 12.78
C GLN A 24 14.41 -32.47 12.03
N LEU A 25 13.64 -31.42 12.30
CA LEU A 25 13.89 -30.13 11.70
C LEU A 25 14.90 -29.44 12.61
N PRO A 26 15.70 -28.54 12.02
CA PRO A 26 16.76 -27.84 12.76
C PRO A 26 16.19 -26.75 13.65
N TRP A 27 14.87 -26.61 13.67
CA TRP A 27 14.22 -25.45 14.28
C TRP A 27 12.75 -25.71 14.56
N SER A 28 12.13 -24.85 15.35
CA SER A 28 10.70 -24.92 15.60
C SER A 28 10.03 -23.58 15.30
N ILE A 29 9.45 -23.46 14.10
CA ILE A 29 8.75 -22.25 13.70
C ILE A 29 7.36 -22.61 13.27
N SER A 30 6.39 -22.43 14.18
CA SER A 30 5.00 -22.81 13.91
C SER A 30 4.30 -22.09 12.76
N GLU A 31 4.63 -20.83 12.53
CA GLU A 31 4.01 -20.13 11.42
C GLU A 31 4.38 -20.83 10.14
N ASP A 32 5.59 -21.37 10.07
CA ASP A 32 6.00 -22.07 8.86
C ASP A 32 5.23 -23.36 8.72
N LEU A 33 4.86 -23.99 9.83
CA LEU A 33 4.08 -25.20 9.70
C LEU A 33 2.70 -24.77 9.21
N LYS A 34 2.17 -23.69 9.79
CA LYS A 34 0.86 -23.16 9.38
C LYS A 34 0.88 -23.00 7.86
N PHE A 35 1.92 -22.35 7.35
CA PHE A 35 2.06 -22.12 5.92
C PHE A 35 2.01 -23.44 5.18
N PHE A 36 2.79 -24.40 5.63
CA PHE A 36 2.83 -25.70 4.99
C PHE A 36 1.43 -26.26 4.88
N SER A 37 0.67 -26.08 5.94
CA SER A 37 -0.69 -26.58 6.00
C SER A 37 -1.59 -25.81 5.04
N LYS A 38 -1.46 -24.48 5.02
CA LYS A 38 -2.28 -23.65 4.15
C LYS A 38 -2.00 -23.99 2.70
N ILE A 39 -0.72 -24.03 2.36
CA ILE A 39 -0.30 -24.32 1.01
C ILE A 39 -0.73 -25.69 0.49
N THR A 40 -0.54 -26.72 1.30
CA THR A 40 -0.88 -28.08 0.89
C THR A 40 -2.37 -28.41 0.94
N ASN A 41 -3.17 -27.61 1.65
CA ASN A 41 -4.62 -27.81 1.73
C ASN A 41 -5.35 -26.95 0.68
N ASN A 42 -4.67 -25.94 0.18
CA ASN A 42 -5.21 -25.01 -0.81
C ASN A 42 -5.66 -25.68 -2.12
N LYS A 43 -6.96 -25.64 -2.40
CA LYS A 43 -7.49 -26.24 -3.63
C LYS A 43 -8.80 -25.57 -4.08
N CYS A 44 -9.25 -25.89 -5.30
CA CYS A 44 -10.49 -25.32 -5.86
C CYS A 44 -11.72 -26.23 -5.78
N ASP A 45 -11.54 -27.48 -6.18
CA ASP A 45 -12.60 -28.49 -6.16
C ASP A 45 -12.73 -29.20 -4.81
N SER A 46 -13.72 -28.81 -4.02
CA SER A 46 -13.94 -29.41 -2.71
C SER A 46 -14.22 -30.91 -2.76
N ASN A 47 -14.34 -31.47 -3.96
CA ASN A 47 -14.61 -32.89 -4.10
C ASN A 47 -13.33 -33.68 -4.36
N LYS A 48 -12.22 -32.98 -4.48
CA LYS A 48 -10.94 -33.63 -4.72
C LYS A 48 -10.04 -33.33 -3.53
N LYS A 49 -8.84 -33.90 -3.52
CA LYS A 49 -7.88 -33.66 -2.44
C LYS A 49 -6.51 -33.46 -3.02
N ASN A 50 -5.59 -32.99 -2.20
CA ASN A 50 -4.23 -32.80 -2.65
C ASN A 50 -3.38 -33.98 -2.17
N ALA A 51 -2.36 -34.33 -2.95
CA ALA A 51 -1.49 -35.44 -2.59
C ALA A 51 -0.12 -34.91 -2.16
N LEU A 52 0.39 -35.40 -1.03
CA LEU A 52 1.70 -34.98 -0.53
C LEU A 52 2.65 -36.16 -0.57
N ILE A 53 3.67 -36.06 -1.42
CA ILE A 53 4.66 -37.12 -1.57
C ILE A 53 5.83 -36.87 -0.63
N MET A 54 6.27 -37.90 0.08
CA MET A 54 7.40 -37.78 0.98
C MET A 54 8.16 -39.09 1.09
N GLY A 55 9.45 -39.00 1.37
CA GLY A 55 10.24 -40.21 1.52
C GLY A 55 9.84 -40.91 2.81
N ARG A 56 10.22 -42.17 2.95
CA ARG A 56 9.87 -42.95 4.15
C ARG A 56 10.38 -42.34 5.44
N LYS A 57 11.58 -41.79 5.41
CA LYS A 57 12.13 -41.20 6.62
C LYS A 57 11.28 -40.02 7.09
N THR A 58 10.79 -39.22 6.15
CA THR A 58 9.96 -38.06 6.53
C THR A 58 8.66 -38.58 7.10
N TRP A 59 8.19 -39.69 6.53
CA TRP A 59 6.97 -40.34 6.98
C TRP A 59 7.19 -40.76 8.44
N ASP A 60 8.41 -41.22 8.75
CA ASP A 60 8.71 -41.62 10.11
C ASP A 60 8.72 -40.38 11.00
N SER A 61 9.47 -39.36 10.57
CA SER A 61 9.58 -38.14 11.36
C SER A 61 8.26 -37.44 11.65
N ILE A 62 7.22 -37.63 10.85
CA ILE A 62 5.95 -36.99 11.21
C ILE A 62 5.08 -37.94 12.02
N GLY A 63 5.69 -39.00 12.52
CA GLY A 63 4.97 -39.96 13.35
C GLY A 63 4.10 -41.00 12.69
N ARG A 64 4.16 -41.09 11.36
CA ARG A 64 3.35 -42.06 10.62
C ARG A 64 1.87 -41.93 10.91
N ARG A 65 1.39 -40.70 10.92
CA ARG A 65 0.00 -40.43 11.16
C ARG A 65 -0.40 -39.50 10.03
N PRO A 66 -1.57 -39.74 9.40
CA PRO A 66 -2.05 -38.93 8.28
C PRO A 66 -2.30 -37.45 8.55
N LEU A 67 -2.21 -36.66 7.48
CA LEU A 67 -2.45 -35.23 7.54
C LEU A 67 -3.89 -35.01 7.10
N LYS A 68 -4.66 -34.32 7.93
CA LYS A 68 -6.07 -34.06 7.65
C LYS A 68 -6.41 -33.42 6.30
N ASN A 69 -7.45 -33.96 5.66
CA ASN A 69 -7.93 -33.47 4.36
C ASN A 69 -6.98 -33.68 3.20
N ARG A 70 -5.88 -34.39 3.44
CA ARG A 70 -4.94 -34.69 2.36
C ARG A 70 -4.62 -36.18 2.26
N ILE A 71 -3.93 -36.55 1.19
CA ILE A 71 -3.54 -37.93 0.95
C ILE A 71 -2.02 -37.94 1.02
N ILE A 72 -1.44 -38.80 1.84
CA ILE A 72 0.01 -38.87 1.92
C ILE A 72 0.49 -40.04 1.10
N VAL A 73 1.45 -39.77 0.23
CA VAL A 73 2.06 -40.77 -0.64
C VAL A 73 3.50 -41.01 -0.17
N VAL A 74 3.76 -42.19 0.38
CA VAL A 74 5.07 -42.53 0.87
C VAL A 74 5.88 -43.32 -0.16
N ILE A 75 7.11 -42.88 -0.39
CA ILE A 75 7.99 -43.56 -1.32
C ILE A 75 8.91 -44.46 -0.50
N SER A 76 8.73 -45.77 -0.62
CA SER A 76 9.54 -46.71 0.13
C SER A 76 9.72 -48.01 -0.63
N SER A 77 10.87 -48.64 -0.45
CA SER A 77 11.14 -49.90 -1.12
C SER A 77 10.68 -51.06 -0.24
N SER A 78 10.53 -50.79 1.06
CA SER A 78 10.14 -51.83 2.01
C SER A 78 8.74 -51.76 2.63
N LEU A 79 8.20 -50.58 2.85
CA LEU A 79 6.87 -50.48 3.45
C LEU A 79 5.79 -51.28 2.74
N PRO A 80 4.88 -51.87 3.52
CA PRO A 80 3.80 -52.66 2.94
C PRO A 80 2.74 -51.71 2.35
N GLN A 81 2.46 -51.88 1.06
CA GLN A 81 1.52 -51.03 0.37
C GLN A 81 0.10 -51.58 0.45
N ASP A 82 -0.50 -51.51 1.64
CA ASP A 82 -1.73 -52.22 1.91
C ASP A 82 -2.85 -51.26 2.28
N GLU A 83 -4.04 -51.50 1.74
CA GLU A 83 -5.02 -50.45 1.55
C GLU A 83 -5.63 -50.01 2.87
N ALA A 84 -4.86 -50.16 3.95
CA ALA A 84 -5.41 -50.06 5.30
C ALA A 84 -5.95 -48.66 5.57
N ASP A 85 -5.05 -47.67 5.59
CA ASP A 85 -5.46 -46.28 5.59
C ASP A 85 -5.67 -45.76 4.16
N PRO A 86 -6.90 -45.35 3.87
CA PRO A 86 -7.22 -44.76 2.56
C PRO A 86 -6.51 -43.43 2.35
N ASN A 87 -6.13 -42.77 3.44
CA ASN A 87 -5.44 -41.47 3.36
C ASN A 87 -3.93 -41.57 3.30
N VAL A 88 -3.41 -42.79 3.17
CA VAL A 88 -1.97 -43.01 3.08
C VAL A 88 -1.70 -44.14 2.09
N VAL A 89 -0.89 -43.85 1.08
CA VAL A 89 -0.58 -44.83 0.07
C VAL A 89 0.93 -44.97 -0.06
N VAL A 90 1.40 -46.15 -0.49
CA VAL A 90 2.82 -46.39 -0.64
C VAL A 90 3.19 -46.81 -2.07
N PHE A 91 4.30 -46.28 -2.56
CA PHE A 91 4.81 -46.58 -3.89
C PHE A 91 6.28 -46.97 -3.85
N ARG A 92 6.71 -47.81 -4.77
CA ARG A 92 8.09 -48.28 -4.81
C ARG A 92 9.12 -47.30 -5.38
N ASN A 93 8.65 -46.30 -6.11
CA ASN A 93 9.53 -45.28 -6.69
C ASN A 93 8.73 -44.00 -6.99
N LEU A 94 9.43 -42.87 -7.04
CA LEU A 94 8.80 -41.59 -7.32
C LEU A 94 8.11 -41.53 -8.68
N GLU A 95 8.80 -41.95 -9.74
CA GLU A 95 8.22 -41.94 -11.09
C GLU A 95 6.81 -42.53 -11.11
N ASP A 96 6.70 -43.77 -10.62
CA ASP A 96 5.42 -44.48 -10.61
C ASP A 96 4.34 -43.74 -9.82
N SER A 97 4.73 -43.07 -8.74
CA SER A 97 3.78 -42.39 -7.87
C SER A 97 3.04 -41.30 -8.64
N ILE A 98 3.74 -40.58 -9.49
CA ILE A 98 3.13 -39.62 -10.39
C ILE A 98 2.36 -40.33 -11.51
N GLU A 99 1.08 -40.03 -11.61
CA GLU A 99 0.08 -41.06 -11.87
C GLU A 99 -1.12 -40.92 -10.94
N ASN A 100 -0.90 -40.26 -9.80
CA ASN A 100 -1.74 -39.14 -9.41
C ASN A 100 -2.21 -38.31 -10.59
N LEU A 101 -1.26 -37.94 -11.46
CA LEU A 101 -1.56 -37.21 -12.68
C LEU A 101 -2.58 -37.97 -13.53
N MET A 102 -2.19 -39.17 -13.96
CA MET A 102 -2.86 -39.83 -15.08
C MET A 102 -4.08 -40.61 -14.62
N ASN A 103 -4.40 -40.50 -13.33
CA ASN A 103 -5.74 -40.75 -12.85
C ASN A 103 -6.02 -40.09 -11.51
N ASP A 104 -6.96 -40.64 -10.75
CA ASP A 104 -7.37 -40.05 -9.48
C ASP A 104 -7.64 -38.59 -9.85
N ASP A 105 -8.70 -38.38 -10.63
CA ASP A 105 -9.26 -37.06 -10.86
C ASP A 105 -9.63 -36.44 -9.51
N SER A 106 -9.56 -37.30 -8.49
CA SER A 106 -9.90 -36.97 -7.12
C SER A 106 -8.72 -36.22 -6.50
N ILE A 107 -7.59 -36.23 -7.22
CA ILE A 107 -6.37 -35.56 -6.80
C ILE A 107 -6.18 -34.26 -7.59
N GLU A 108 -6.47 -33.13 -6.97
CA GLU A 108 -6.33 -31.85 -7.67
C GLU A 108 -4.90 -31.38 -7.88
N ASN A 109 -4.14 -31.25 -6.79
CA ASN A 109 -2.76 -30.84 -6.90
C ASN A 109 -1.78 -31.78 -6.21
N ILE A 110 -0.53 -31.72 -6.64
CA ILE A 110 0.52 -32.56 -6.10
C ILE A 110 1.63 -31.74 -5.45
N PHE A 111 2.13 -32.23 -4.33
CA PHE A 111 3.20 -31.58 -3.57
C PHE A 111 4.27 -32.56 -3.18
N VAL A 112 5.51 -32.24 -3.53
CA VAL A 112 6.64 -33.06 -3.13
C VAL A 112 7.05 -32.45 -1.77
N CYS A 113 6.57 -33.07 -0.69
CA CYS A 113 6.75 -32.51 0.64
C CYS A 113 8.04 -33.05 1.28
N GLY A 114 8.87 -33.70 0.48
CA GLY A 114 10.31 -33.60 0.65
C GLY A 114 10.89 -34.82 1.33
N GLY A 115 11.94 -34.60 2.13
CA GLY A 115 13.06 -35.52 2.19
C GLY A 115 14.10 -35.23 1.13
N GLU A 116 15.37 -35.18 1.55
CA GLU A 116 16.46 -34.79 0.67
C GLU A 116 16.51 -35.68 -0.57
N SER A 117 16.51 -36.98 -0.35
CA SER A 117 16.51 -37.95 -1.45
C SER A 117 15.39 -37.65 -2.44
N ILE A 118 14.25 -37.21 -1.91
CA ILE A 118 13.03 -37.08 -2.72
C ILE A 118 13.05 -35.80 -3.54
N TYR A 119 13.49 -34.71 -2.91
CA TYR A 119 13.60 -33.44 -3.60
C TYR A 119 14.56 -33.58 -4.77
N ARG A 120 15.73 -34.13 -4.47
CA ARG A 120 16.77 -34.32 -5.45
C ARG A 120 16.31 -35.10 -6.69
N ASP A 121 15.54 -36.15 -6.49
CA ASP A 121 15.05 -36.94 -7.63
C ASP A 121 13.99 -36.18 -8.42
N ALA A 122 13.06 -35.57 -7.69
CA ALA A 122 11.98 -34.80 -8.31
C ALA A 122 12.53 -33.71 -9.22
N LEU A 123 13.60 -33.05 -8.81
CA LEU A 123 14.19 -32.01 -9.63
C LEU A 123 15.02 -32.59 -10.78
N LYS A 124 15.78 -33.63 -10.48
CA LYS A 124 16.62 -34.26 -11.49
C LYS A 124 15.83 -34.77 -12.68
N ASP A 125 14.56 -35.12 -12.45
CA ASP A 125 13.71 -35.65 -13.51
C ASP A 125 12.64 -34.70 -14.04
N ASN A 126 12.82 -33.41 -13.82
CA ASN A 126 11.87 -32.41 -14.30
C ASN A 126 10.42 -32.71 -13.93
N PHE A 127 10.20 -33.14 -12.70
CA PHE A 127 8.87 -33.47 -12.24
C PHE A 127 8.16 -32.28 -11.61
N VAL A 128 8.92 -31.24 -11.24
CA VAL A 128 8.30 -30.11 -10.56
C VAL A 128 8.17 -28.79 -11.30
N ASP A 129 6.97 -28.24 -11.20
CA ASP A 129 6.60 -26.98 -11.85
C ASP A 129 6.95 -25.77 -11.00
N ARG A 130 6.79 -25.90 -9.69
CA ARG A 130 7.01 -24.78 -8.81
C ARG A 130 7.68 -25.17 -7.50
N ILE A 131 8.33 -24.19 -6.88
CA ILE A 131 8.99 -24.38 -5.60
C ILE A 131 8.58 -23.29 -4.60
N TYR A 132 8.05 -23.73 -3.46
CA TYR A 132 7.65 -22.84 -2.37
C TYR A 132 8.80 -23.04 -1.38
N LEU A 133 9.58 -21.99 -1.16
CA LEU A 133 10.73 -22.11 -0.29
C LEU A 133 10.76 -21.17 0.89
N THR A 134 10.74 -21.73 2.10
CA THR A 134 10.84 -20.89 3.28
C THR A 134 12.34 -20.83 3.58
N ARG A 135 12.89 -19.61 3.60
CA ARG A 135 14.31 -19.41 3.90
C ARG A 135 14.44 -19.05 5.37
N VAL A 136 15.15 -19.88 6.13
CA VAL A 136 15.35 -19.67 7.56
C VAL A 136 16.76 -19.14 7.84
N ALA A 137 16.83 -18.00 8.53
CA ALA A 137 18.13 -17.41 8.85
C ALA A 137 18.73 -18.06 10.09
N LEU A 138 19.23 -19.29 9.90
CA LEU A 138 19.85 -20.07 10.96
C LEU A 138 21.04 -20.81 10.39
N GLU A 139 22.23 -20.37 10.72
CA GLU A 139 23.42 -21.06 10.25
C GLU A 139 24.27 -21.39 11.48
N ASP A 140 25.32 -22.18 11.29
CA ASP A 140 26.18 -22.54 12.41
C ASP A 140 25.46 -23.42 13.43
N ILE A 141 24.78 -24.43 12.91
CA ILE A 141 24.08 -25.44 13.70
C ILE A 141 24.19 -26.66 12.81
N GLU A 142 24.14 -27.84 13.40
CA GLU A 142 24.29 -29.05 12.62
C GLU A 142 23.15 -29.35 11.66
N PHE A 143 23.51 -29.89 10.50
CA PHE A 143 22.54 -30.31 9.50
C PHE A 143 23.10 -31.60 8.93
N ASP A 144 22.22 -32.54 8.60
CA ASP A 144 22.67 -33.77 7.97
C ASP A 144 21.83 -34.02 6.72
N THR A 145 20.88 -33.12 6.47
CA THR A 145 20.02 -33.20 5.29
C THR A 145 19.92 -31.82 4.65
N TYR A 146 19.98 -31.78 3.32
CA TYR A 146 19.93 -30.51 2.62
C TYR A 146 18.92 -30.46 1.48
N PHE A 147 18.61 -29.26 1.02
CA PHE A 147 17.73 -29.06 -0.12
C PHE A 147 18.73 -28.89 -1.27
N PRO A 148 18.52 -29.63 -2.36
CA PRO A 148 19.42 -29.54 -3.50
C PRO A 148 19.46 -28.11 -3.99
N GLU A 149 20.42 -27.79 -4.83
CA GLU A 149 20.49 -26.44 -5.37
C GLU A 149 19.46 -26.30 -6.46
N ILE A 150 18.68 -25.23 -6.39
CA ILE A 150 17.64 -24.94 -7.37
C ILE A 150 18.24 -24.84 -8.77
N PRO A 151 17.76 -25.67 -9.72
CA PRO A 151 18.23 -25.69 -11.10
C PRO A 151 18.02 -24.35 -11.80
N GLU A 152 18.85 -24.06 -12.80
CA GLU A 152 18.77 -22.81 -13.55
C GLU A 152 17.44 -22.60 -14.28
N THR A 153 16.75 -23.69 -14.54
CA THR A 153 15.46 -23.63 -15.23
C THR A 153 14.38 -23.00 -14.38
N PHE A 154 14.72 -22.65 -13.14
CA PHE A 154 13.78 -22.02 -12.21
C PHE A 154 14.16 -20.58 -11.98
N LEU A 155 13.15 -19.74 -11.85
CA LEU A 155 13.37 -18.33 -11.56
C LEU A 155 12.46 -17.91 -10.43
N PRO A 156 12.97 -17.06 -9.53
CA PRO A 156 12.17 -16.60 -8.41
C PRO A 156 11.12 -15.59 -8.90
N VAL A 157 9.92 -15.64 -8.34
CA VAL A 157 8.87 -14.71 -8.77
C VAL A 157 8.24 -14.00 -7.58
N TYR A 158 8.62 -14.42 -6.38
CA TYR A 158 8.10 -13.81 -5.17
C TYR A 158 9.07 -13.98 -4.01
N MET A 159 9.15 -12.96 -3.16
CA MET A 159 10.01 -12.97 -1.98
C MET A 159 9.27 -12.09 -0.99
N SER A 160 8.74 -12.69 0.06
CA SER A 160 7.98 -11.95 1.06
C SER A 160 8.84 -11.07 1.95
N GLN A 161 8.19 -10.33 2.84
CA GLN A 161 8.92 -9.51 3.78
C GLN A 161 9.52 -10.50 4.79
N THR A 162 10.40 -10.03 5.67
CA THR A 162 10.98 -10.91 6.67
C THR A 162 10.05 -11.03 7.89
N PHE A 163 9.91 -12.26 8.39
CA PHE A 163 9.09 -12.50 9.58
C PHE A 163 9.98 -12.99 10.70
N CYS A 164 9.50 -12.83 11.93
CA CYS A 164 10.27 -13.27 13.10
C CYS A 164 9.52 -14.17 14.05
N THR A 165 10.16 -15.28 14.41
CA THR A 165 9.63 -16.23 15.38
C THR A 165 10.80 -16.61 16.29
N LYS A 166 10.62 -16.39 17.59
CA LYS A 166 11.64 -16.72 18.58
C LYS A 166 13.00 -16.18 18.16
N ASN A 167 12.99 -14.92 17.71
CA ASN A 167 14.17 -14.19 17.26
C ASN A 167 14.79 -14.70 15.97
N ILE A 168 14.14 -15.67 15.34
CA ILE A 168 14.67 -16.21 14.09
C ILE A 168 14.01 -15.55 12.89
N SER A 169 14.83 -15.03 11.98
CA SER A 169 14.34 -14.38 10.76
C SER A 169 14.10 -15.40 9.65
N TYR A 170 13.01 -15.20 8.90
CA TYR A 170 12.68 -16.07 7.78
C TYR A 170 11.87 -15.38 6.66
N ASP A 171 12.03 -15.92 5.45
CA ASP A 171 11.38 -15.43 4.24
C ASP A 171 10.46 -16.51 3.70
N PHE A 172 9.76 -16.13 2.65
CA PHE A 172 8.90 -17.03 1.91
C PHE A 172 9.07 -16.59 0.47
N MET A 173 9.55 -17.48 -0.39
CA MET A 173 9.65 -17.09 -1.78
C MET A 173 9.21 -18.20 -2.71
N ILE A 174 8.83 -17.83 -3.93
CA ILE A 174 8.35 -18.78 -4.90
C ILE A 174 9.23 -18.83 -6.14
N PHE A 175 9.51 -20.04 -6.61
CA PHE A 175 10.30 -20.22 -7.81
C PHE A 175 9.40 -20.88 -8.83
N GLU A 176 9.43 -20.35 -10.05
CA GLU A 176 8.61 -20.87 -11.11
C GLU A 176 9.53 -21.45 -12.17
N LYS A 177 9.11 -22.58 -12.72
CA LYS A 177 9.87 -23.28 -13.76
C LYS A 177 9.69 -22.48 -15.06
N GLN A 178 10.78 -21.86 -15.50
CA GLN A 178 10.72 -20.97 -16.66
C GLN A 178 10.51 -21.77 -17.95
N GLU A 179 9.71 -21.22 -18.85
CA GLU A 179 9.48 -21.85 -20.15
C GLU A 179 9.75 -20.87 -21.28
N LYS A 180 9.89 -21.39 -22.50
CA LYS A 180 10.23 -20.57 -23.66
C LYS A 180 9.45 -19.26 -23.65
N LEU A 193 -2.88 -4.73 -20.56
CA LEU A 193 -3.63 -4.77 -21.82
C LEU A 193 -2.90 -3.99 -22.91
N LYS A 194 -2.65 -4.66 -24.04
CA LYS A 194 -1.98 -4.06 -25.18
C LYS A 194 -2.42 -2.62 -25.41
N SER A 195 -3.74 -2.39 -25.45
CA SER A 195 -4.28 -1.06 -25.70
C SER A 195 -3.69 0.04 -24.81
N ILE A 196 -3.70 -0.17 -23.48
CA ILE A 196 -3.19 0.85 -22.59
C ILE A 196 -1.70 1.08 -22.80
N ASP A 197 -0.92 0.02 -22.82
CA ASP A 197 0.51 0.16 -23.02
C ASP A 197 0.85 0.83 -24.35
N ASP A 198 0.11 0.45 -25.39
CA ASP A 198 0.36 1.04 -26.70
C ASP A 198 0.05 2.52 -26.72
N THR A 199 -1.07 2.88 -26.13
CA THR A 199 -1.46 4.27 -26.09
C THR A 199 -0.41 5.08 -25.34
N VAL A 200 0.02 4.58 -24.18
CA VAL A 200 1.03 5.26 -23.39
C VAL A 200 2.33 5.40 -24.19
N ASP A 201 2.74 4.34 -24.87
CA ASP A 201 3.95 4.39 -25.67
C ASP A 201 3.84 5.46 -26.74
N LEU A 202 2.75 5.40 -27.50
CA LEU A 202 2.48 6.36 -28.57
C LEU A 202 2.48 7.79 -28.01
N LEU A 203 1.87 7.96 -26.85
CA LEU A 203 1.81 9.26 -26.21
C LEU A 203 3.22 9.73 -25.86
N GLY A 204 4.05 8.79 -25.43
CA GLY A 204 5.43 9.12 -25.08
C GLY A 204 6.20 9.58 -26.29
N GLU A 205 6.02 8.87 -27.41
CA GLU A 205 6.67 9.22 -28.67
C GLU A 205 6.37 10.67 -29.04
N ILE A 206 5.11 11.06 -28.95
CA ILE A 206 4.69 12.41 -29.31
C ILE A 206 5.43 13.45 -28.48
N PHE A 207 5.57 13.19 -27.19
CA PHE A 207 5.56 14.23 -26.18
C PHE A 207 6.94 14.41 -25.55
N GLY A 208 7.88 13.57 -25.97
CA GLY A 208 9.22 13.57 -25.39
C GLY A 208 9.20 13.54 -23.88
N ILE A 209 9.99 14.41 -23.26
CA ILE A 209 9.99 14.54 -21.83
C ILE A 209 8.91 15.45 -21.32
N ARG A 210 7.96 15.79 -22.18
CA ARG A 210 6.86 16.62 -21.73
C ARG A 210 5.92 15.71 -20.95
N LYS A 211 6.05 14.40 -21.17
CA LYS A 211 5.23 13.44 -20.45
C LYS A 211 6.05 13.01 -19.24
N MET A 212 5.54 13.30 -18.04
CA MET A 212 6.25 12.97 -16.83
C MET A 212 6.75 11.53 -16.76
N GLY A 213 5.96 10.59 -17.27
CA GLY A 213 6.39 9.21 -17.29
C GLY A 213 7.73 9.03 -18.00
N ASN A 214 8.00 9.76 -19.06
CA ASN A 214 9.28 9.62 -19.75
C ASN A 214 10.45 10.11 -18.88
N ARG A 215 10.12 10.79 -17.79
CA ARG A 215 11.13 11.31 -16.89
C ARG A 215 11.34 10.34 -15.71
N HIS A 216 10.53 9.30 -15.69
CA HIS A 216 10.61 8.30 -14.64
C HIS A 216 10.49 6.97 -15.38
N LYS A 217 11.47 6.67 -16.22
CA LYS A 217 11.39 5.44 -16.97
C LYS A 217 11.59 4.28 -16.03
N PHE A 218 10.97 3.15 -16.35
CA PHE A 218 11.13 1.97 -15.54
C PHE A 218 12.54 1.50 -15.87
N PRO A 219 13.30 1.03 -14.88
CA PRO A 219 14.67 0.57 -15.12
C PRO A 219 14.78 -0.65 -16.03
N LYS A 220 15.75 -0.62 -16.96
CA LYS A 220 15.98 -1.75 -17.86
C LYS A 220 16.40 -2.92 -16.98
N GLU A 221 16.08 -4.13 -17.41
CA GLU A 221 16.41 -5.27 -16.56
C GLU A 221 17.88 -5.45 -16.20
N GLU A 222 18.80 -5.11 -17.10
CA GLU A 222 20.21 -5.31 -16.77
C GLU A 222 20.66 -4.57 -15.51
N ILE A 223 19.85 -3.65 -15.00
CA ILE A 223 20.22 -2.95 -13.77
C ILE A 223 19.16 -3.07 -12.69
N TYR A 224 18.22 -3.98 -12.88
CA TYR A 224 17.14 -4.23 -11.92
C TYR A 224 17.57 -5.48 -11.16
N ASN A 225 17.44 -5.44 -9.83
CA ASN A 225 17.85 -6.58 -9.03
C ASN A 225 16.89 -7.79 -9.00
N THR A 226 17.36 -8.96 -9.41
CA THR A 226 16.49 -10.14 -9.49
C THR A 226 15.23 -9.82 -10.27
N PRO A 227 15.38 -9.41 -11.53
CA PRO A 227 14.32 -9.02 -12.45
C PRO A 227 13.19 -10.01 -12.70
N SER A 228 13.37 -11.28 -12.39
CA SER A 228 12.30 -12.25 -12.60
C SER A 228 11.16 -12.05 -11.61
N ILE A 229 11.45 -11.39 -10.49
CA ILE A 229 10.40 -11.12 -9.51
C ILE A 229 9.82 -9.77 -9.92
N ARG A 230 8.74 -9.83 -10.70
CA ARG A 230 8.08 -8.64 -11.21
C ARG A 230 6.98 -8.15 -10.29
N PHE A 231 6.09 -9.05 -9.91
CA PHE A 231 4.96 -8.67 -9.07
C PHE A 231 5.02 -9.09 -7.62
N GLY A 232 6.17 -9.59 -7.18
CA GLY A 232 6.26 -10.03 -5.80
C GLY A 232 7.47 -9.52 -5.06
N ARG A 233 7.90 -8.29 -5.32
CA ARG A 233 9.05 -7.74 -4.63
C ARG A 233 8.58 -7.19 -3.29
N GLU A 234 8.23 -8.09 -2.39
CA GLU A 234 7.72 -7.72 -1.09
C GLU A 234 8.82 -7.43 -0.06
N HIS A 235 9.97 -8.08 -0.22
CA HIS A 235 11.06 -7.83 0.70
C HIS A 235 11.40 -6.33 0.68
N TYR A 236 11.27 -5.66 1.81
CA TYR A 236 11.55 -4.24 1.86
C TYR A 236 12.96 -3.78 1.47
N GLU A 237 13.86 -4.70 1.19
CA GLU A 237 15.20 -4.27 0.80
C GLU A 237 15.17 -3.86 -0.67
N PHE A 238 14.05 -4.16 -1.31
CA PHE A 238 13.86 -3.80 -2.71
C PHE A 238 13.57 -2.31 -2.78
N GLN A 239 13.14 -1.75 -1.66
CA GLN A 239 12.87 -0.32 -1.57
C GLN A 239 14.13 0.50 -1.76
N TYR A 240 15.23 0.02 -1.17
CA TYR A 240 16.55 0.63 -1.38
C TYR A 240 17.10 0.28 -2.76
N LEU A 241 16.99 -0.98 -3.14
CA LEU A 241 17.66 -1.49 -4.32
C LEU A 241 17.04 -0.94 -5.60
N ASP A 242 15.72 -0.73 -5.57
CA ASP A 242 15.00 -0.20 -6.71
C ASP A 242 15.22 1.30 -6.86
N LEU A 243 15.47 1.98 -5.75
CA LEU A 243 15.75 3.41 -5.79
C LEU A 243 17.08 3.51 -6.55
N LEU A 244 17.98 2.56 -6.26
CA LEU A 244 19.27 2.51 -6.91
C LEU A 244 19.01 2.37 -8.41
N SER A 245 18.23 1.35 -8.78
CA SER A 245 17.91 1.10 -10.18
C SER A 245 17.30 2.33 -10.84
N ARG A 246 16.43 3.01 -10.11
CA ARG A 246 15.79 4.18 -10.66
C ARG A 246 16.76 5.32 -10.98
N VAL A 247 17.73 5.60 -10.11
CA VAL A 247 18.62 6.70 -10.48
C VAL A 247 19.62 6.24 -11.53
N LEU A 248 19.89 4.94 -11.59
CA LEU A 248 20.82 4.46 -12.59
C LEU A 248 20.16 4.64 -13.96
N GLU A 249 18.85 4.47 -14.00
CA GLU A 249 18.09 4.60 -15.22
C GLU A 249 17.78 6.03 -15.61
N ASN A 250 17.47 6.88 -14.62
CA ASN A 250 17.07 8.26 -14.92
C ASN A 250 17.98 9.38 -14.40
N GLY A 251 18.95 9.01 -13.56
CA GLY A 251 19.83 10.01 -12.97
C GLY A 251 20.45 10.98 -13.96
N ALA A 252 20.38 12.26 -13.65
CA ALA A 252 20.99 13.28 -14.51
C ALA A 252 22.43 13.50 -14.09
N TYR A 253 23.35 13.56 -15.04
CA TYR A 253 24.75 13.78 -14.69
C TYR A 253 24.90 15.21 -14.15
N ARG A 254 25.39 15.32 -12.93
CA ARG A 254 25.54 16.63 -12.32
C ARG A 254 26.83 16.78 -11.52
N GLU A 255 27.49 17.91 -11.74
CA GLU A 255 28.72 18.24 -11.03
C GLU A 255 28.27 18.80 -9.68
N ASN A 256 29.12 18.70 -8.66
CA ASN A 256 28.78 19.23 -7.35
C ASN A 256 30.04 19.70 -6.61
N ARG A 257 29.86 20.32 -5.44
CA ARG A 257 30.95 20.79 -4.59
C ARG A 257 32.11 19.81 -4.39
N THR A 258 31.84 18.53 -4.58
CA THR A 258 32.82 17.47 -4.41
C THR A 258 33.92 17.34 -5.46
N GLY A 259 33.54 17.42 -6.73
CA GLY A 259 34.53 17.26 -7.78
C GLY A 259 34.30 15.88 -8.37
N ILE A 260 33.50 15.11 -7.66
CA ILE A 260 33.11 13.77 -8.09
C ILE A 260 31.63 13.90 -8.44
N SER A 261 31.35 13.91 -9.74
CA SER A 261 29.99 14.07 -10.24
C SER A 261 29.09 12.92 -9.81
N THR A 262 27.78 13.20 -9.75
CA THR A 262 26.80 12.20 -9.35
C THR A 262 25.79 11.95 -10.46
N TYR A 263 24.94 10.94 -10.27
CA TYR A 263 23.69 10.85 -11.01
C TYR A 263 22.50 10.96 -10.07
N SER A 264 21.71 12.03 -10.24
CA SER A 264 20.75 12.44 -9.23
C SER A 264 19.34 12.54 -9.81
N ILE A 265 18.37 11.97 -9.10
CA ILE A 265 16.98 12.38 -9.24
C ILE A 265 16.45 12.99 -7.95
N PHE A 266 15.30 13.66 -8.04
CA PHE A 266 14.80 14.47 -6.93
C PHE A 266 13.38 14.05 -6.56
N GLY A 267 13.19 13.70 -5.28
CA GLY A 267 11.90 13.26 -4.80
C GLY A 267 11.66 11.77 -4.86
N GLN A 268 12.19 11.03 -3.90
CA GLN A 268 12.02 9.58 -3.85
C GLN A 268 11.69 9.13 -2.44
N MET A 269 11.20 7.91 -2.30
CA MET A 269 10.89 7.41 -0.96
C MET A 269 11.16 5.92 -0.82
N MET A 270 11.41 5.51 0.42
CA MET A 270 11.67 4.12 0.78
C MET A 270 10.89 3.88 2.05
N ARG A 271 10.37 2.67 2.17
CA ARG A 271 9.55 2.29 3.30
C ARG A 271 10.10 0.97 3.86
N PHE A 272 10.16 0.83 5.18
CA PHE A 272 10.68 -0.40 5.80
C PHE A 272 9.87 -0.82 7.01
N ASP A 273 9.75 -2.13 7.22
CA ASP A 273 9.02 -2.60 8.37
C ASP A 273 10.02 -2.76 9.51
N MET A 274 9.58 -2.50 10.73
CA MET A 274 10.46 -2.68 11.87
C MET A 274 9.77 -3.53 12.91
N ARG A 275 8.68 -4.18 12.54
CA ARG A 275 7.95 -5.03 13.48
C ARG A 275 8.46 -6.47 13.51
N GLU A 276 8.76 -7.03 12.34
CA GLU A 276 9.24 -8.40 12.28
C GLU A 276 10.72 -8.52 11.91
N SER A 277 11.41 -7.40 11.70
CA SER A 277 12.83 -7.45 11.37
C SER A 277 13.49 -6.07 11.47
N PHE A 278 14.81 -6.04 11.28
CA PHE A 278 15.61 -4.81 11.35
C PHE A 278 16.14 -4.58 9.95
N PRO A 279 15.94 -3.39 9.40
CA PRO A 279 16.41 -3.15 8.04
C PRO A 279 17.89 -2.91 7.79
N LEU A 280 18.70 -3.95 8.00
CA LEU A 280 20.13 -3.84 7.76
C LEU A 280 20.35 -4.54 6.42
N LEU A 281 20.74 -3.80 5.38
CA LEU A 281 20.94 -4.39 4.07
C LEU A 281 21.76 -5.67 4.07
N THR A 282 21.29 -6.67 3.32
CA THR A 282 21.95 -7.95 3.23
C THR A 282 22.73 -8.11 1.94
N THR A 283 22.48 -7.25 0.96
CA THR A 283 23.19 -7.37 -0.32
C THR A 283 24.64 -6.89 -0.29
N LYS A 284 25.05 -6.37 0.86
CA LYS A 284 26.43 -5.95 1.10
C LYS A 284 26.55 -5.91 2.62
N LYS A 285 27.74 -6.25 3.13
CA LYS A 285 27.98 -6.22 4.57
C LYS A 285 27.98 -4.80 5.11
N VAL A 286 27.10 -4.54 6.08
CA VAL A 286 26.91 -3.19 6.60
C VAL A 286 27.38 -3.09 8.05
N PHE A 287 27.94 -1.93 8.40
CA PHE A 287 28.88 -1.85 9.50
C PHE A 287 28.22 -1.29 10.76
N ILE A 288 27.36 -2.10 11.38
CA ILE A 288 26.32 -1.59 12.25
C ILE A 288 26.91 -0.84 13.44
N ARG A 289 28.14 -1.17 13.79
CA ARG A 289 28.76 -0.67 15.00
C ARG A 289 29.07 0.82 14.88
N SER A 290 29.75 1.20 13.81
CA SER A 290 30.01 2.60 13.51
C SER A 290 28.70 3.39 13.44
N ILE A 291 27.66 2.75 12.93
CA ILE A 291 26.33 3.34 12.94
C ILE A 291 25.86 3.64 14.36
N PHE A 292 25.89 2.62 15.21
CA PHE A 292 25.49 2.77 16.59
C PHE A 292 26.32 3.83 17.30
N GLU A 293 27.63 3.79 17.10
CA GLU A 293 28.49 4.76 17.76
C GLU A 293 28.15 6.20 17.40
N GLU A 294 27.91 6.46 16.11
CA GLU A 294 27.56 7.80 15.67
C GLU A 294 26.21 8.23 16.24
N LEU A 295 25.26 7.29 16.28
CA LEU A 295 23.93 7.59 16.77
C LEU A 295 23.93 7.97 18.27
N ILE A 296 24.66 7.22 19.08
CA ILE A 296 24.70 7.50 20.51
C ILE A 296 25.45 8.81 20.73
N TRP A 297 26.37 9.07 19.81
CA TRP A 297 27.16 10.29 19.81
C TRP A 297 26.20 11.49 19.63
N PHE A 298 25.26 11.37 18.68
CA PHE A 298 24.27 12.43 18.42
C PHE A 298 23.35 12.62 19.62
N ILE A 299 22.81 11.52 20.09
CA ILE A 299 21.89 11.53 21.22
C ILE A 299 22.42 12.33 22.40
N LYS A 300 23.72 12.18 22.65
CA LYS A 300 24.37 12.88 23.74
C LYS A 300 24.64 14.35 23.41
N GLY A 301 24.31 14.76 22.19
CA GLY A 301 24.53 16.14 21.79
C GLY A 301 26.00 16.45 21.61
N ASP A 302 26.80 15.41 21.41
CA ASP A 302 28.23 15.58 21.26
C ASP A 302 28.63 15.96 19.83
N THR A 303 29.58 16.90 19.73
CA THR A 303 30.06 17.35 18.42
C THR A 303 31.57 17.21 18.26
N ASN A 304 32.21 16.45 19.14
CA ASN A 304 33.65 16.24 19.08
C ASN A 304 34.00 15.01 18.24
N GLY A 305 34.46 15.26 17.02
CA GLY A 305 34.82 14.17 16.12
C GLY A 305 35.93 13.25 16.59
N ASN A 306 36.63 13.64 17.65
CA ASN A 306 37.71 12.82 18.17
C ASN A 306 37.13 11.62 18.90
N HIS A 307 36.09 11.86 19.69
CA HIS A 307 35.44 10.81 20.45
C HIS A 307 35.08 9.62 19.57
N LEU A 308 34.76 9.88 18.30
CA LEU A 308 34.42 8.79 17.39
C LEU A 308 35.67 8.06 16.92
N ILE A 309 36.72 8.83 16.65
CA ILE A 309 37.98 8.26 16.20
C ILE A 309 38.58 7.42 17.34
N GLU A 310 38.48 7.94 18.56
CA GLU A 310 38.97 7.25 19.75
C GLU A 310 38.32 5.88 19.81
N LYS A 311 37.11 5.79 19.27
CA LYS A 311 36.36 4.55 19.26
C LYS A 311 36.49 3.82 17.93
N LYS A 312 37.54 4.15 17.17
CA LYS A 312 37.77 3.50 15.88
C LYS A 312 36.71 3.74 14.79
N VAL A 313 35.88 4.76 14.97
CA VAL A 313 34.86 5.10 13.98
C VAL A 313 35.36 6.36 13.28
N TYR A 314 35.67 6.23 11.99
CA TYR A 314 36.24 7.33 11.22
C TYR A 314 35.36 8.06 10.20
N ILE A 315 34.08 7.69 10.13
CA ILE A 315 33.16 8.27 9.16
C ILE A 315 33.34 9.78 9.07
N TRP A 316 33.72 10.39 10.18
CA TRP A 316 33.59 11.84 10.34
C TRP A 316 34.95 12.52 10.29
N SER A 317 35.93 11.85 9.68
CA SER A 317 37.26 12.40 9.54
C SER A 317 37.39 13.26 8.29
N GLY A 318 36.81 12.77 7.19
CA GLY A 318 36.84 13.48 5.93
C GLY A 318 36.44 14.93 6.06
N ASN A 319 35.31 15.18 6.71
CA ASN A 319 34.83 16.55 6.85
C ASN A 319 35.20 17.22 8.18
N GLY A 320 36.19 16.65 8.86
CA GLY A 320 36.62 17.24 10.13
C GLY A 320 38.09 17.60 10.18
N SER A 321 38.81 17.33 9.09
CA SER A 321 40.24 17.62 9.03
C SER A 321 40.57 19.11 8.96
N LYS A 322 41.73 19.46 9.50
CA LYS A 322 42.20 20.85 9.54
C LYS A 322 42.16 21.49 8.16
N GLU A 323 42.50 20.69 7.14
CA GLU A 323 42.54 21.13 5.75
C GLU A 323 41.16 21.43 5.19
N TYR A 324 40.18 20.59 5.55
CA TYR A 324 38.82 20.77 5.07
C TYR A 324 38.18 21.99 5.70
N LEU A 325 38.25 22.05 7.02
CA LEU A 325 37.69 23.17 7.73
C LEU A 325 38.24 24.44 7.08
N GLU A 326 39.57 24.50 6.90
CA GLU A 326 40.24 25.63 6.26
C GLU A 326 39.53 26.01 4.96
N ARG A 327 39.39 25.03 4.07
CA ARG A 327 38.74 25.21 2.78
C ARG A 327 37.37 25.87 2.87
N ILE A 328 36.63 25.63 3.95
CA ILE A 328 35.30 26.23 4.06
C ILE A 328 35.16 27.44 4.97
N GLY A 329 36.29 28.07 5.31
CA GLY A 329 36.27 29.29 6.08
C GLY A 329 36.15 29.04 7.57
N LEU A 330 36.76 27.96 8.04
CA LEU A 330 36.88 27.71 9.47
C LEU A 330 38.29 27.24 9.83
N GLY A 331 39.29 27.80 9.14
CA GLY A 331 40.67 27.51 9.45
C GLY A 331 41.01 27.76 10.91
N HIS A 332 39.99 28.05 11.71
CA HIS A 332 40.19 28.69 13.01
C HIS A 332 39.74 27.76 14.14
N ARG A 333 39.11 26.65 13.78
CA ARG A 333 38.65 25.69 14.76
C ARG A 333 39.56 24.47 14.92
N GLU A 334 39.60 23.93 16.14
CA GLU A 334 40.42 22.76 16.43
C GLU A 334 40.04 21.64 15.48
N GLU A 335 41.01 20.85 15.03
CA GLU A 335 40.68 19.77 14.09
C GLU A 335 39.66 18.82 14.70
N ASN A 336 38.69 18.41 13.90
CA ASN A 336 37.69 17.46 14.33
C ASN A 336 36.67 18.08 15.27
N ASP A 337 36.72 19.41 15.39
CA ASP A 337 35.64 20.15 16.02
C ASP A 337 34.58 20.58 15.01
N LEU A 338 33.45 19.89 15.02
CA LEU A 338 32.63 19.73 13.82
C LEU A 338 31.59 20.84 13.70
N GLY A 339 31.40 21.57 14.80
CA GLY A 339 30.43 22.66 14.83
C GLY A 339 29.09 22.21 15.39
N PRO A 340 28.16 23.15 15.51
CA PRO A 340 26.86 22.86 16.14
C PRO A 340 26.06 21.97 15.20
N ILE A 341 26.50 20.79 14.91
CA ILE A 341 25.94 19.96 13.85
C ILE A 341 24.97 19.09 14.63
N TYR A 342 24.54 17.99 14.01
CA TYR A 342 23.37 17.24 14.44
C TYR A 342 23.09 17.03 15.92
N GLY A 343 24.09 16.52 16.64
CA GLY A 343 24.00 16.35 18.07
C GLY A 343 23.64 17.64 18.78
N PHE A 344 24.30 18.73 18.39
CA PHE A 344 24.06 20.01 19.00
C PHE A 344 22.63 20.48 18.79
N GLN A 345 22.14 20.38 17.56
CA GLN A 345 20.78 20.84 17.29
C GLN A 345 19.73 19.95 17.99
N TRP A 346 20.03 18.66 18.14
CA TRP A 346 19.11 17.74 18.81
C TRP A 346 18.92 18.08 20.28
N ARG A 347 20.02 18.39 20.97
CA ARG A 347 19.96 18.69 22.40
C ARG A 347 20.15 20.15 22.78
N HIS A 348 20.78 20.92 21.89
CA HIS A 348 21.26 22.24 22.24
C HIS A 348 20.90 23.26 21.17
N TYR A 349 19.70 23.13 20.61
CA TYR A 349 19.33 23.84 19.40
C TYR A 349 19.24 25.36 19.55
N ASN A 350 19.86 26.08 18.62
CA ASN A 350 19.90 27.53 18.68
C ASN A 350 20.66 28.03 19.90
N GLY A 351 21.31 27.11 20.60
CA GLY A 351 22.24 27.46 21.65
C GLY A 351 23.34 28.14 20.92
N GLU A 352 24.15 28.95 21.61
CA GLU A 352 25.24 29.63 20.97
C GLU A 352 26.50 28.77 20.98
N TYR A 353 26.96 28.37 19.80
CA TYR A 353 28.15 27.52 19.74
C TYR A 353 29.45 28.27 19.84
N LYS A 354 30.41 27.63 20.50
CA LYS A 354 31.74 28.20 20.70
C LYS A 354 32.74 27.18 20.17
N THR A 355 32.95 26.11 20.92
CA THR A 355 33.84 25.02 20.52
C THR A 355 33.25 23.77 21.15
N MET A 356 33.83 22.63 20.85
CA MET A 356 33.32 21.39 21.41
C MET A 356 33.55 21.21 22.90
N HIS A 357 34.65 21.74 23.41
CA HIS A 357 34.96 21.57 24.82
C HIS A 357 34.06 22.32 25.81
N ASP A 358 33.33 23.32 25.34
CA ASP A 358 32.46 24.08 26.23
C ASP A 358 31.34 23.23 26.83
N ASP A 359 30.82 23.68 27.97
CA ASP A 359 29.74 22.95 28.64
C ASP A 359 28.41 23.60 28.28
N TYR A 360 27.59 22.89 27.52
CA TYR A 360 26.31 23.43 27.08
C TYR A 360 25.07 23.01 27.86
N THR A 361 25.24 22.45 29.05
CA THR A 361 24.07 22.05 29.80
C THR A 361 23.18 23.26 30.05
N GLY A 362 21.90 23.12 29.77
CA GLY A 362 20.98 24.22 30.00
C GLY A 362 20.81 25.16 28.81
N VAL A 363 21.71 25.09 27.84
CA VAL A 363 21.60 25.98 26.67
C VAL A 363 20.93 25.36 25.44
N GLY A 364 20.09 26.14 24.78
CA GLY A 364 19.40 25.68 23.59
C GLY A 364 18.14 24.93 23.98
N VAL A 365 17.43 24.44 22.98
CA VAL A 365 16.21 23.69 23.22
C VAL A 365 16.47 22.19 23.08
N ASP A 366 16.10 21.44 24.12
CA ASP A 366 16.30 20.01 24.11
C ASP A 366 15.12 19.32 23.44
N GLN A 367 15.22 19.21 22.11
CA GLN A 367 14.17 18.58 21.31
C GLN A 367 13.99 17.11 21.68
N LEU A 368 15.12 16.39 21.77
CA LEU A 368 15.06 14.98 22.10
C LEU A 368 14.36 14.75 23.44
N ALA A 369 14.63 15.60 24.41
CA ALA A 369 13.98 15.44 25.70
C ALA A 369 12.49 15.70 25.51
N LYS A 370 12.15 16.80 24.85
CA LYS A 370 10.74 17.13 24.60
C LYS A 370 10.10 15.97 23.87
N LEU A 371 10.80 15.46 22.86
CA LEU A 371 10.30 14.36 22.05
C LEU A 371 9.86 13.21 22.93
N ILE A 372 10.79 12.71 23.74
CA ILE A 372 10.51 11.59 24.60
C ILE A 372 9.37 11.88 25.55
N GLU A 373 9.28 13.11 26.03
CA GLU A 373 8.20 13.40 26.96
C GLU A 373 6.84 13.52 26.30
N THR A 374 6.82 13.97 25.05
CA THR A 374 5.57 14.11 24.33
C THR A 374 5.10 12.74 23.86
N LEU A 375 6.03 11.89 23.44
CA LEU A 375 5.68 10.55 22.98
C LEU A 375 5.02 9.77 24.12
N LYS A 376 5.41 10.10 25.34
CA LYS A 376 4.87 9.42 26.51
C LYS A 376 3.58 10.03 27.01
N ASN A 377 3.63 11.30 27.34
CA ASN A 377 2.48 11.99 27.88
C ASN A 377 1.39 12.35 26.89
N ASN A 378 1.78 12.63 25.65
CA ASN A 378 0.82 12.91 24.59
C ASN A 378 1.21 12.25 23.27
N PRO A 379 0.66 11.07 23.02
CA PRO A 379 1.20 10.18 21.99
C PRO A 379 0.55 10.41 20.63
N LYS A 380 -0.77 10.59 20.62
CA LYS A 380 -1.50 10.82 19.38
C LYS A 380 -1.35 12.27 18.93
N ASP A 381 -0.50 13.02 19.62
CA ASP A 381 -0.14 14.36 19.19
C ASP A 381 0.55 14.34 17.84
N ARG A 382 0.29 15.36 17.03
CA ARG A 382 0.79 15.41 15.65
C ARG A 382 1.98 16.35 15.53
N ARG A 383 2.78 16.42 16.58
CA ARG A 383 3.86 17.40 16.67
C ARG A 383 5.13 16.78 17.22
N HIS A 384 5.28 15.47 17.03
CA HIS A 384 6.49 14.77 17.47
C HIS A 384 7.64 14.97 16.48
N ILE A 385 8.19 16.17 16.49
CA ILE A 385 9.15 16.56 15.46
C ILE A 385 10.57 16.75 15.98
N LEU A 386 11.53 16.42 15.13
CA LEU A 386 12.94 16.55 15.43
C LEU A 386 13.59 17.17 14.18
N THR A 387 14.14 18.37 14.34
CA THR A 387 14.78 19.05 13.21
C THR A 387 16.23 19.38 13.50
N ALA A 388 17.03 19.49 12.44
CA ALA A 388 18.44 19.82 12.56
C ALA A 388 18.78 21.01 11.69
N TRP A 389 17.83 21.45 10.87
CA TRP A 389 18.08 22.56 9.97
C TRP A 389 17.85 23.90 10.64
N ASN A 390 18.95 24.59 10.94
CA ASN A 390 18.90 25.88 11.61
C ASN A 390 19.62 26.92 10.75
N PRO A 391 18.87 27.72 9.98
CA PRO A 391 19.49 28.73 9.13
C PRO A 391 20.56 29.56 9.85
N SER A 392 20.38 29.76 11.14
CA SER A 392 21.31 30.55 11.91
C SER A 392 22.65 29.90 12.24
N ALA A 393 22.73 28.58 12.12
CA ALA A 393 23.96 27.89 12.45
C ALA A 393 24.68 27.25 11.26
N LEU A 394 24.00 27.17 10.13
CA LEU A 394 24.57 26.55 8.94
C LEU A 394 26.03 26.88 8.68
N SER A 395 26.37 28.17 8.70
CA SER A 395 27.75 28.57 8.42
C SER A 395 28.79 28.01 9.38
N GLN A 396 28.40 27.67 10.60
CA GLN A 396 29.35 27.13 11.57
C GLN A 396 29.52 25.62 11.48
N MET A 397 28.66 24.97 10.72
CA MET A 397 28.72 23.51 10.60
C MET A 397 29.72 23.02 9.58
N ALA A 398 30.50 22.01 9.96
CA ALA A 398 31.50 21.43 9.07
C ALA A 398 30.77 21.06 7.79
N LEU A 399 29.51 20.69 7.95
CA LEU A 399 28.68 20.23 6.85
C LEU A 399 27.23 20.45 7.26
N PRO A 400 26.41 21.01 6.36
CA PRO A 400 25.00 21.23 6.73
C PRO A 400 24.29 19.89 6.86
N PRO A 401 23.28 19.86 7.72
CA PRO A 401 22.63 18.61 8.06
C PRO A 401 22.00 18.01 6.83
N CYS A 402 22.27 16.73 6.60
CA CYS A 402 21.67 16.02 5.46
C CYS A 402 20.34 15.38 5.86
N HIS A 403 20.36 14.64 6.96
CA HIS A 403 19.13 14.21 7.62
C HIS A 403 18.63 15.28 8.58
N VAL A 404 17.47 15.84 8.29
CA VAL A 404 17.23 17.27 8.51
C VAL A 404 15.98 17.48 9.36
N LEU A 405 15.03 16.55 9.27
CA LEU A 405 13.82 16.61 10.07
C LEU A 405 13.07 15.28 10.04
N SER A 406 12.69 14.79 11.21
CA SER A 406 12.05 13.51 11.32
C SER A 406 10.84 13.68 12.23
N GLN A 407 9.84 12.85 12.01
CA GLN A 407 8.60 12.92 12.79
C GLN A 407 8.15 11.53 13.23
N TYR A 408 7.44 11.48 14.36
CA TYR A 408 7.30 10.25 15.12
C TYR A 408 5.86 10.02 15.53
N TYR A 409 5.42 8.76 15.50
CA TYR A 409 4.01 8.43 15.38
C TYR A 409 3.68 7.17 16.17
N VAL A 410 2.86 7.33 17.21
CA VAL A 410 2.49 6.20 18.08
C VAL A 410 1.16 5.67 17.53
N THR A 411 1.16 4.43 17.05
CA THR A 411 -0.03 3.80 16.50
C THR A 411 -0.99 3.41 17.60
N ASN A 412 -2.23 3.12 17.26
CA ASN A 412 -3.22 2.70 18.25
C ASN A 412 -2.76 1.35 18.77
N ASP A 413 -1.97 0.71 17.93
CA ASP A 413 -1.34 -0.60 18.11
C ASP A 413 -0.24 -0.53 19.17
N ASN A 414 0.17 0.68 19.53
CA ASN A 414 1.24 0.95 20.48
C ASN A 414 2.65 0.73 19.96
N CYS A 415 2.81 1.04 18.67
CA CYS A 415 4.12 0.93 18.00
C CYS A 415 4.55 2.34 17.67
N LEU A 416 5.86 2.51 17.48
CA LEU A 416 6.42 3.81 17.16
C LEU A 416 6.97 3.80 15.74
N SER A 417 6.34 4.58 14.86
CA SER A 417 6.82 4.67 13.48
C SER A 417 7.60 5.97 13.30
N CYS A 418 8.49 5.97 12.31
CA CYS A 418 9.32 7.14 12.03
C CYS A 418 9.34 7.56 10.56
N ASN A 419 9.30 8.87 10.33
CA ASN A 419 9.41 9.47 8.99
C ASN A 419 10.64 10.38 9.02
N LEU A 420 11.48 10.30 7.99
CA LEU A 420 12.67 11.15 7.92
C LEU A 420 12.79 11.78 6.54
N TYR A 421 13.00 13.10 6.48
CA TYR A 421 13.18 13.77 5.20
C TYR A 421 14.67 14.01 5.17
N GLN A 422 15.31 13.66 4.06
CA GLN A 422 16.74 13.81 3.92
C GLN A 422 17.03 14.56 2.62
N ARG A 423 17.45 15.82 2.75
CA ARG A 423 17.73 16.68 1.60
C ARG A 423 18.72 16.13 0.57
N SER A 424 19.78 15.50 1.05
CA SER A 424 20.80 14.95 0.15
C SER A 424 21.07 13.53 0.60
N CYS A 425 21.13 12.61 -0.34
CA CYS A 425 21.35 11.22 0.01
C CYS A 425 22.27 10.47 -0.93
N ASP A 426 23.41 10.04 -0.38
CA ASP A 426 24.39 9.28 -1.11
C ASP A 426 23.89 7.84 -1.04
N LEU A 427 23.28 7.37 -2.11
CA LEU A 427 22.72 6.03 -2.12
C LEU A 427 23.74 4.93 -1.87
N GLY A 428 24.98 5.15 -2.31
CA GLY A 428 26.00 4.14 -2.12
C GLY A 428 26.54 4.00 -0.70
N LEU A 429 26.87 5.12 -0.08
CA LEU A 429 27.44 5.13 1.27
C LEU A 429 26.52 5.56 2.41
N GLY A 430 25.91 6.74 2.27
CA GLY A 430 25.05 7.24 3.33
C GLY A 430 23.73 6.53 3.59
N SER A 431 22.89 6.43 2.56
CA SER A 431 21.59 5.80 2.70
C SER A 431 21.57 4.52 3.55
N PRO A 432 22.43 3.56 3.23
CA PRO A 432 22.65 2.40 4.07
C PRO A 432 22.78 2.79 5.54
N PHE A 433 23.52 3.86 5.81
CA PHE A 433 23.83 4.25 7.18
C PHE A 433 22.62 4.88 7.86
N ASN A 434 21.84 5.62 7.09
CA ASN A 434 20.70 6.36 7.64
C ASN A 434 19.50 5.46 7.89
N ILE A 435 19.28 4.49 7.01
CA ILE A 435 18.23 3.50 7.20
C ILE A 435 18.38 2.80 8.54
N ALA A 436 19.55 2.20 8.77
CA ALA A 436 19.85 1.53 10.04
C ALA A 436 19.84 2.51 11.21
N SER A 437 20.41 3.68 10.98
CA SER A 437 20.53 4.66 12.03
C SER A 437 19.21 5.12 12.61
N TYR A 438 18.33 5.63 11.76
CA TYR A 438 17.04 6.11 12.27
C TYR A 438 16.14 4.97 12.71
N ALA A 439 16.44 3.75 12.26
CA ALA A 439 15.68 2.58 12.68
C ALA A 439 16.03 2.31 14.14
N ILE A 440 17.33 2.28 14.42
CA ILE A 440 17.79 2.04 15.78
C ILE A 440 17.22 3.11 16.69
N LEU A 441 17.37 4.37 16.30
CA LEU A 441 16.87 5.48 17.10
C LEU A 441 15.40 5.31 17.45
N THR A 442 14.63 4.76 16.51
CA THR A 442 13.21 4.57 16.74
C THR A 442 12.95 3.49 17.76
N MET A 443 13.76 2.44 17.72
CA MET A 443 13.61 1.35 18.66
C MET A 443 14.01 1.82 20.06
N MET A 444 15.04 2.65 20.13
CA MET A 444 15.49 3.18 21.40
C MET A 444 14.39 4.04 21.96
N LEU A 445 13.87 4.94 21.13
CA LEU A 445 12.79 5.81 21.57
C LEU A 445 11.59 4.98 22.03
N ALA A 446 11.40 3.81 21.41
CA ALA A 446 10.26 2.96 21.76
C ALA A 446 10.42 2.24 23.09
N GLN A 447 11.60 1.70 23.33
CA GLN A 447 11.86 1.01 24.57
C GLN A 447 11.69 2.01 25.71
N VAL A 448 12.35 3.15 25.54
CA VAL A 448 12.32 4.21 26.51
C VAL A 448 10.93 4.77 26.78
N CYS A 449 10.04 4.70 25.78
CA CYS A 449 8.68 5.24 25.95
C CYS A 449 7.62 4.17 26.14
N GLY A 450 8.03 2.91 26.15
CA GLY A 450 7.09 1.82 26.36
C GLY A 450 6.32 1.31 25.14
N TYR A 451 6.89 1.46 23.94
CA TYR A 451 6.21 1.01 22.74
C TYR A 451 7.01 -0.04 22.03
N GLU A 452 6.45 -0.55 20.93
CA GLU A 452 7.14 -1.52 20.11
C GLU A 452 7.49 -0.79 18.81
N PRO A 453 8.46 -1.31 18.04
CA PRO A 453 8.85 -0.67 16.79
C PRO A 453 7.71 -0.67 15.77
N GLY A 454 7.59 0.44 15.03
CA GLY A 454 6.55 0.55 14.01
C GLY A 454 7.12 0.38 12.61
N GLU A 455 6.98 1.40 11.78
CA GLU A 455 7.51 1.35 10.42
C GLU A 455 8.42 2.54 10.25
N LEU A 456 9.29 2.46 9.25
CA LEU A 456 10.22 3.55 8.95
C LEU A 456 10.04 3.99 7.51
N ALA A 457 9.76 5.27 7.29
CA ALA A 457 9.61 5.78 5.93
C ALA A 457 10.63 6.88 5.71
N ILE A 458 11.34 6.82 4.58
CA ILE A 458 12.35 7.83 4.27
C ILE A 458 12.08 8.59 2.98
N PHE A 459 11.90 9.90 3.10
CA PHE A 459 11.63 10.75 1.94
C PHE A 459 12.92 11.48 1.58
N ILE A 460 13.31 11.33 0.32
CA ILE A 460 14.54 11.90 -0.19
C ILE A 460 14.40 13.02 -1.21
N GLY A 461 15.22 14.05 -1.01
CA GLY A 461 15.23 15.16 -1.95
C GLY A 461 16.17 14.71 -3.05
N ASP A 462 17.44 15.09 -2.94
CA ASP A 462 18.44 14.74 -3.95
C ASP A 462 19.02 13.33 -3.81
N ALA A 463 18.39 12.36 -4.47
CA ALA A 463 18.87 10.98 -4.42
C ALA A 463 19.91 10.81 -5.50
N HIS A 464 21.14 10.53 -5.11
CA HIS A 464 22.22 10.40 -6.09
C HIS A 464 23.24 9.30 -5.84
N ILE A 465 23.96 8.92 -6.89
CA ILE A 465 25.05 7.97 -6.78
C ILE A 465 26.34 8.55 -7.37
N TYR A 466 27.41 8.52 -6.58
CA TYR A 466 28.69 9.08 -7.00
C TYR A 466 29.34 8.21 -8.09
N GLU A 467 29.81 8.87 -9.14
CA GLU A 467 30.16 8.17 -10.38
C GLU A 467 31.25 7.13 -10.14
N ASN A 468 31.93 7.25 -8.99
CA ASN A 468 32.95 6.28 -8.61
C ASN A 468 32.36 5.07 -7.88
N HIS A 469 31.03 5.02 -7.78
CA HIS A 469 30.36 3.90 -7.13
C HIS A 469 29.62 3.01 -8.13
N LEU A 470 29.56 3.43 -9.39
CA LEU A 470 28.84 2.68 -10.41
C LEU A 470 29.14 1.20 -10.51
N THR A 471 30.42 0.84 -10.49
CA THR A 471 30.80 -0.57 -10.59
C THR A 471 30.38 -1.34 -9.33
N GLN A 472 30.64 -0.74 -8.18
CA GLN A 472 30.31 -1.36 -6.90
C GLN A 472 28.81 -1.60 -6.76
N LEU A 473 28.02 -0.57 -7.07
CA LEU A 473 26.57 -0.67 -6.98
C LEU A 473 25.97 -1.67 -7.96
N LYS A 474 26.58 -1.83 -9.12
CA LYS A 474 26.05 -2.78 -10.08
C LYS A 474 26.35 -4.19 -9.59
N GLU A 475 27.47 -4.32 -8.89
CA GLU A 475 27.88 -5.58 -8.30
C GLU A 475 26.80 -5.92 -7.25
N GLN A 476 26.46 -4.93 -6.43
CA GLN A 476 25.46 -5.13 -5.40
C GLN A 476 24.13 -5.57 -6.02
N LEU A 477 23.69 -4.82 -7.03
CA LEU A 477 22.44 -5.12 -7.72
C LEU A 477 22.38 -6.52 -8.32
N SER A 478 23.51 -7.21 -8.35
CA SER A 478 23.53 -8.56 -8.91
C SER A 478 23.30 -9.62 -7.84
N ARG A 479 23.20 -9.21 -6.58
CA ARG A 479 22.98 -10.15 -5.49
C ARG A 479 21.52 -10.20 -5.06
N THR A 480 20.94 -11.40 -5.01
CA THR A 480 19.55 -11.52 -4.60
C THR A 480 19.53 -11.35 -3.07
N PRO A 481 18.60 -10.54 -2.55
CA PRO A 481 18.48 -10.29 -1.11
C PRO A 481 18.19 -11.53 -0.25
N ARG A 482 18.57 -11.44 1.02
CA ARG A 482 18.34 -12.52 1.97
C ARG A 482 17.54 -11.90 3.10
N PRO A 483 16.85 -12.72 3.90
CA PRO A 483 16.05 -12.14 4.99
C PRO A 483 16.81 -11.17 5.89
N PHE A 484 16.15 -10.11 6.33
CA PHE A 484 16.77 -9.15 7.22
C PHE A 484 17.03 -9.86 8.54
N PRO A 485 18.00 -9.37 9.32
CA PRO A 485 18.30 -10.00 10.62
C PRO A 485 17.35 -9.42 11.66
N GLN A 486 17.65 -9.64 12.92
CA GLN A 486 16.83 -9.09 14.01
C GLN A 486 17.79 -8.28 14.85
N LEU A 487 17.26 -7.32 15.60
CA LEU A 487 18.10 -6.50 16.45
C LEU A 487 17.38 -6.35 17.77
N LYS A 488 18.01 -6.82 18.84
CA LYS A 488 17.40 -6.76 20.18
C LYS A 488 18.30 -6.10 21.19
N PHE A 489 17.70 -5.49 22.21
CA PHE A 489 18.45 -4.85 23.28
C PHE A 489 18.55 -5.84 24.44
N LYS A 490 19.73 -5.96 25.02
CA LYS A 490 19.95 -6.88 26.12
C LYS A 490 19.41 -6.39 27.48
N ARG A 491 19.23 -5.08 27.63
CA ARG A 491 18.69 -4.55 28.88
C ARG A 491 17.75 -3.38 28.61
N LYS A 492 17.02 -2.97 29.65
CA LYS A 492 16.11 -1.84 29.49
C LYS A 492 16.82 -0.65 30.14
N VAL A 493 17.31 0.28 29.33
CA VAL A 493 18.01 1.45 29.85
C VAL A 493 17.10 2.41 30.63
N GLU A 494 17.70 3.28 31.44
CA GLU A 494 16.95 4.25 32.22
C GLU A 494 16.65 5.43 31.30
N ASN A 495 17.73 6.04 30.83
CA ASN A 495 17.67 7.18 29.93
C ASN A 495 18.23 6.72 28.57
N ILE A 496 17.73 7.30 27.49
CA ILE A 496 18.18 6.93 26.16
C ILE A 496 19.68 7.13 25.96
N GLU A 497 20.32 7.90 26.83
CA GLU A 497 21.77 8.15 26.71
C GLU A 497 22.60 6.99 27.24
N ASP A 498 21.94 6.05 27.91
CA ASP A 498 22.62 4.91 28.51
C ASP A 498 22.99 3.73 27.61
N PHE A 499 22.49 3.70 26.37
CA PHE A 499 22.79 2.59 25.48
C PHE A 499 24.26 2.44 25.18
N LYS A 500 24.73 1.18 25.18
CA LYS A 500 26.12 0.86 24.88
C LYS A 500 26.11 -0.24 23.84
N TRP A 501 27.14 -0.24 23.00
CA TRP A 501 27.28 -1.24 21.93
C TRP A 501 26.94 -2.65 22.42
N GLU A 502 27.40 -2.97 23.62
CA GLU A 502 27.19 -4.27 24.25
C GLU A 502 25.72 -4.62 24.49
N ASP A 503 24.89 -3.59 24.58
CA ASP A 503 23.47 -3.81 24.81
C ASP A 503 22.76 -4.36 23.57
N ILE A 504 23.39 -4.17 22.41
CA ILE A 504 22.82 -4.60 21.14
C ILE A 504 23.14 -6.02 20.70
N GLU A 505 22.09 -6.77 20.37
CA GLU A 505 22.24 -8.13 19.92
C GLU A 505 21.71 -8.28 18.49
N LEU A 506 22.62 -8.36 17.53
CA LEU A 506 22.27 -8.51 16.12
C LEU A 506 22.17 -10.00 15.80
N ILE A 507 20.94 -10.50 15.71
CA ILE A 507 20.70 -11.91 15.46
C ILE A 507 20.37 -12.30 14.04
N GLY A 508 21.10 -13.28 13.51
CA GLY A 508 20.85 -13.79 12.17
C GLY A 508 21.14 -12.91 10.96
N TYR A 509 22.26 -12.20 10.96
CA TYR A 509 22.64 -11.36 9.84
C TYR A 509 23.63 -12.15 8.98
N TYR A 510 23.25 -12.49 7.77
CA TYR A 510 24.11 -13.25 6.86
C TYR A 510 24.28 -12.50 5.54
N PRO A 511 24.99 -11.38 5.58
CA PRO A 511 25.23 -10.55 4.40
C PRO A 511 26.19 -11.07 3.34
N TYR A 512 26.19 -10.41 2.19
CA TYR A 512 27.11 -10.76 1.12
C TYR A 512 28.36 -9.98 1.47
N PRO A 513 29.47 -10.29 0.81
CA PRO A 513 30.75 -9.62 1.04
C PRO A 513 30.72 -8.10 1.04
N THR A 514 31.58 -7.52 1.87
CA THR A 514 31.67 -6.07 1.93
C THR A 514 32.03 -5.57 0.54
N ILE A 515 31.52 -4.40 0.20
CA ILE A 515 31.80 -3.78 -1.10
C ILE A 515 32.42 -2.43 -0.78
N LYS A 516 33.68 -2.26 -1.16
CA LYS A 516 34.40 -1.04 -0.87
C LYS A 516 34.02 0.19 -1.70
N MET A 517 33.65 1.27 -1.01
CA MET A 517 33.28 2.51 -1.68
C MET A 517 33.94 3.72 -1.03
N ASP A 518 34.53 4.57 -1.85
CA ASP A 518 35.22 5.76 -1.38
C ASP A 518 34.30 6.96 -1.27
N MET A 519 34.34 7.61 -0.12
CA MET A 519 33.51 8.77 0.17
C MET A 519 34.06 10.03 -0.48
N ALA A 520 33.17 10.83 -1.04
CA ALA A 520 33.56 12.09 -1.67
C ALA A 520 33.56 13.17 -0.58
N VAL A 521 34.68 13.88 -0.43
CA VAL A 521 34.79 14.91 0.60
C VAL A 521 34.18 16.27 0.22
N GLU B 3 -11.89 -11.61 -35.67
CA GLU B 3 -13.06 -10.80 -35.27
C GLU B 3 -12.97 -9.34 -35.70
N LYS B 4 -11.81 -8.71 -35.45
CA LYS B 4 -11.56 -7.30 -35.82
C LYS B 4 -12.14 -6.21 -34.93
N ASN B 5 -11.35 -5.71 -34.03
CA ASN B 5 -11.66 -4.54 -33.22
C ASN B 5 -12.17 -3.26 -33.90
N VAL B 6 -13.21 -2.65 -33.33
CA VAL B 6 -13.77 -1.41 -33.84
C VAL B 6 -13.63 -0.35 -32.76
N SER B 7 -12.81 0.66 -33.02
CA SER B 7 -12.60 1.71 -32.04
C SER B 7 -12.98 3.06 -32.57
N ILE B 8 -13.61 3.85 -31.70
CA ILE B 8 -13.99 5.20 -32.03
C ILE B 8 -12.78 6.04 -31.66
N VAL B 9 -12.55 7.13 -32.38
CA VAL B 9 -11.45 8.03 -32.05
C VAL B 9 -12.05 9.42 -32.13
N VAL B 10 -12.03 10.15 -31.03
CA VAL B 10 -12.63 11.48 -31.03
C VAL B 10 -11.97 12.46 -30.05
N ALA B 11 -12.23 13.75 -30.27
CA ALA B 11 -11.73 14.80 -29.39
C ALA B 11 -12.92 15.71 -29.10
N ALA B 12 -13.37 15.76 -27.85
CA ALA B 12 -14.52 16.58 -27.48
C ALA B 12 -14.24 17.46 -26.28
N SER B 13 -14.92 18.59 -26.17
CA SER B 13 -14.67 19.47 -25.03
C SER B 13 -15.07 18.75 -23.75
N VAL B 14 -14.37 19.09 -22.67
CA VAL B 14 -14.59 18.43 -21.40
C VAL B 14 -15.98 18.50 -20.80
N LEU B 15 -16.68 19.63 -20.91
CA LEU B 15 -18.01 19.71 -20.32
C LEU B 15 -19.19 19.41 -21.22
N SER B 16 -19.18 19.89 -22.46
CA SER B 16 -20.31 19.65 -23.36
C SER B 16 -20.03 18.72 -24.54
N SER B 17 -18.79 18.26 -24.65
CA SER B 17 -18.42 17.34 -25.73
C SER B 17 -18.55 17.95 -27.10
N GLY B 18 -18.21 19.22 -27.25
CA GLY B 18 -18.29 19.83 -28.55
C GLY B 18 -17.13 19.38 -29.42
N ILE B 19 -17.41 18.94 -30.64
CA ILE B 19 -16.36 18.39 -31.48
C ILE B 19 -16.16 19.14 -32.80
N GLY B 20 -17.10 20.02 -33.15
CA GLY B 20 -16.96 20.75 -34.40
C GLY B 20 -17.77 22.03 -34.45
N ILE B 21 -17.35 22.95 -35.31
CA ILE B 21 -18.08 24.20 -35.47
C ILE B 21 -17.92 24.65 -36.91
N ASN B 22 -19.04 24.93 -37.56
CA ASN B 22 -19.05 25.37 -38.96
C ASN B 22 -18.13 24.54 -39.83
N GLY B 23 -18.23 23.22 -39.72
CA GLY B 23 -17.42 22.35 -40.55
C GLY B 23 -15.97 22.21 -40.15
N GLN B 24 -15.59 22.69 -38.96
CA GLN B 24 -14.21 22.57 -38.55
C GLN B 24 -14.07 22.20 -37.09
N LEU B 25 -12.82 21.96 -36.69
CA LEU B 25 -12.52 21.65 -35.30
C LEU B 25 -12.61 22.96 -34.53
N PRO B 26 -13.03 22.91 -33.27
CA PRO B 26 -13.13 24.14 -32.49
C PRO B 26 -11.78 24.61 -31.96
N TRP B 27 -10.72 23.91 -32.33
CA TRP B 27 -9.39 24.25 -31.81
C TRP B 27 -8.29 23.70 -32.71
N SER B 28 -7.06 24.11 -32.45
CA SER B 28 -5.94 23.61 -33.21
C SER B 28 -4.89 23.07 -32.24
N ILE B 29 -4.85 21.75 -32.11
CA ILE B 29 -3.91 21.09 -31.22
C ILE B 29 -3.24 20.01 -32.04
N SER B 30 -2.01 20.25 -32.49
CA SER B 30 -1.33 19.27 -33.32
C SER B 30 -0.93 17.97 -32.63
N GLU B 31 -0.70 18.04 -31.33
CA GLU B 31 -0.41 16.85 -30.54
C GLU B 31 -1.54 15.84 -30.62
N ASP B 32 -2.77 16.33 -30.61
CA ASP B 32 -3.95 15.47 -30.74
C ASP B 32 -4.06 14.91 -32.15
N LEU B 33 -3.53 15.64 -33.12
CA LEU B 33 -3.53 15.20 -34.51
C LEU B 33 -2.48 14.10 -34.73
N LYS B 34 -1.35 14.22 -34.05
CA LYS B 34 -0.31 13.20 -34.11
C LYS B 34 -0.83 11.96 -33.42
N PHE B 35 -1.54 12.17 -32.32
CA PHE B 35 -2.10 11.05 -31.60
C PHE B 35 -3.07 10.30 -32.50
N PHE B 36 -3.91 11.05 -33.22
CA PHE B 36 -4.87 10.43 -34.12
C PHE B 36 -4.12 9.59 -35.16
N SER B 37 -3.08 10.19 -35.72
CA SER B 37 -2.26 9.53 -36.71
C SER B 37 -1.65 8.24 -36.18
N LYS B 38 -0.97 8.34 -35.06
CA LYS B 38 -0.34 7.18 -34.43
C LYS B 38 -1.31 6.06 -34.13
N ILE B 39 -2.42 6.38 -33.47
CA ILE B 39 -3.38 5.37 -33.11
C ILE B 39 -4.05 4.67 -34.31
N THR B 40 -4.40 5.42 -35.34
CA THR B 40 -5.07 4.83 -36.51
C THR B 40 -4.13 4.08 -37.43
N ASN B 41 -2.84 4.34 -37.32
CA ASN B 41 -1.84 3.67 -38.15
C ASN B 41 -1.27 2.45 -37.47
N ASN B 42 -1.48 2.36 -36.17
CA ASN B 42 -0.97 1.26 -35.35
C ASN B 42 -1.50 -0.12 -35.73
N LYS B 43 -0.60 -0.98 -36.17
CA LYS B 43 -0.98 -2.34 -36.54
C LYS B 43 0.16 -3.36 -36.39
N CYS B 44 -0.18 -4.64 -36.58
CA CYS B 44 0.79 -5.74 -36.48
C CYS B 44 1.27 -6.17 -37.86
N ASP B 45 0.34 -6.66 -38.68
CA ASP B 45 0.66 -7.15 -40.02
C ASP B 45 1.02 -6.04 -41.03
N SER B 46 2.24 -6.10 -41.56
CA SER B 46 2.69 -5.12 -42.52
C SER B 46 1.91 -5.20 -43.84
N ASN B 47 1.38 -6.38 -44.15
CA ASN B 47 0.63 -6.57 -45.39
C ASN B 47 -0.83 -6.17 -45.29
N LYS B 48 -1.21 -5.61 -44.14
CA LYS B 48 -2.57 -5.16 -43.96
C LYS B 48 -2.59 -3.67 -43.66
N LYS B 49 -3.78 -3.08 -43.79
CA LYS B 49 -3.98 -1.66 -43.52
C LYS B 49 -5.17 -1.52 -42.57
N ASN B 50 -5.27 -0.38 -41.91
CA ASN B 50 -6.41 -0.13 -41.05
C ASN B 50 -7.41 0.67 -41.89
N ALA B 51 -8.67 0.65 -41.50
CA ALA B 51 -9.72 1.37 -42.20
C ALA B 51 -10.35 2.41 -41.28
N LEU B 52 -10.49 3.64 -41.77
CA LEU B 52 -11.09 4.72 -41.01
C LEU B 52 -12.44 5.09 -41.62
N ILE B 53 -13.51 4.86 -40.88
CA ILE B 53 -14.86 5.17 -41.35
C ILE B 53 -15.23 6.58 -40.89
N MET B 54 -15.81 7.37 -41.79
CA MET B 54 -16.19 8.72 -41.45
C MET B 54 -17.36 9.18 -42.30
N GLY B 55 -18.14 10.13 -41.77
CA GLY B 55 -19.28 10.67 -42.47
C GLY B 55 -18.80 11.57 -43.60
N ARG B 56 -19.68 11.83 -44.56
CA ARG B 56 -19.32 12.67 -45.70
C ARG B 56 -18.83 14.07 -45.35
N LYS B 57 -19.48 14.70 -44.39
CA LYS B 57 -19.07 16.04 -44.01
C LYS B 57 -17.64 16.09 -43.46
N THR B 58 -17.25 15.05 -42.71
CA THR B 58 -15.91 14.98 -42.14
C THR B 58 -14.94 14.74 -43.30
N TRP B 59 -15.40 13.96 -44.27
CA TRP B 59 -14.60 13.68 -45.46
C TRP B 59 -14.41 15.05 -46.12
N ASP B 60 -15.45 15.88 -46.10
CA ASP B 60 -15.37 17.24 -46.62
C ASP B 60 -14.32 18.06 -45.86
N SER B 61 -14.31 17.91 -44.54
CA SER B 61 -13.61 18.84 -43.67
C SER B 61 -12.11 18.54 -43.63
N ILE B 62 -11.73 17.37 -44.14
CA ILE B 62 -10.33 17.01 -44.28
C ILE B 62 -9.85 17.16 -45.72
N GLY B 63 -10.63 17.88 -46.52
CA GLY B 63 -10.24 18.20 -47.87
C GLY B 63 -10.43 17.14 -48.94
N ARG B 64 -11.17 16.07 -48.63
CA ARG B 64 -11.39 15.00 -49.59
C ARG B 64 -10.08 14.47 -50.19
N ARG B 65 -9.07 14.33 -49.35
CA ARG B 65 -7.78 13.78 -49.76
C ARG B 65 -7.47 12.60 -48.83
N PRO B 66 -6.87 11.54 -49.39
CA PRO B 66 -6.53 10.33 -48.61
C PRO B 66 -5.58 10.50 -47.43
N LEU B 67 -5.66 9.58 -46.48
CA LEU B 67 -4.81 9.56 -45.30
C LEU B 67 -3.77 8.46 -45.50
N LYS B 68 -2.50 8.85 -45.50
CA LYS B 68 -1.42 7.89 -45.75
C LYS B 68 -1.42 6.57 -44.98
N ASN B 69 -1.10 5.50 -45.72
CA ASN B 69 -1.02 4.14 -45.19
C ASN B 69 -2.31 3.58 -44.63
N ARG B 70 -3.40 4.30 -44.82
CA ARG B 70 -4.70 3.83 -44.37
C ARG B 70 -5.77 3.86 -45.46
N ILE B 71 -6.95 3.37 -45.14
CA ILE B 71 -8.02 3.35 -46.09
C ILE B 71 -9.21 4.07 -45.49
N ILE B 72 -9.69 5.09 -46.20
CA ILE B 72 -10.82 5.84 -45.72
C ILE B 72 -12.11 5.25 -46.28
N VAL B 73 -13.10 5.15 -45.41
CA VAL B 73 -14.39 4.62 -45.80
C VAL B 73 -15.39 5.75 -45.54
N VAL B 74 -15.98 6.27 -46.62
CA VAL B 74 -16.95 7.34 -46.47
C VAL B 74 -18.38 6.84 -46.52
N ILE B 75 -19.17 7.25 -45.53
CA ILE B 75 -20.56 6.89 -45.50
C ILE B 75 -21.33 8.06 -46.12
N SER B 76 -21.94 7.81 -47.27
CA SER B 76 -22.69 8.84 -47.97
C SER B 76 -23.80 8.24 -48.80
N SER B 77 -24.92 8.93 -48.86
CA SER B 77 -26.04 8.44 -49.64
C SER B 77 -25.97 9.02 -51.04
N SER B 78 -25.06 9.98 -51.24
CA SER B 78 -24.94 10.63 -52.52
C SER B 78 -23.61 10.49 -53.25
N LEU B 79 -22.49 10.50 -52.52
CA LEU B 79 -21.20 10.38 -53.18
C LEU B 79 -21.14 9.17 -54.10
N PRO B 80 -20.58 9.36 -55.30
CA PRO B 80 -20.48 8.25 -56.24
C PRO B 80 -19.48 7.20 -55.82
N GLN B 81 -19.93 5.95 -55.89
CA GLN B 81 -19.09 4.81 -55.57
C GLN B 81 -18.40 4.51 -56.89
N ASP B 82 -17.09 4.78 -56.95
CA ASP B 82 -16.31 4.52 -58.15
C ASP B 82 -14.97 3.98 -57.68
N GLU B 83 -14.15 3.52 -58.62
CA GLU B 83 -12.85 2.97 -58.28
C GLU B 83 -11.63 3.89 -58.45
N ALA B 84 -11.88 5.18 -58.65
CA ALA B 84 -10.85 6.19 -58.86
C ALA B 84 -9.65 6.16 -57.90
N ASP B 85 -9.92 6.07 -56.60
CA ASP B 85 -8.85 5.99 -55.61
C ASP B 85 -9.08 4.66 -54.90
N PRO B 86 -8.03 3.86 -54.75
CA PRO B 86 -8.16 2.57 -54.07
C PRO B 86 -8.11 2.72 -52.55
N ASN B 87 -7.64 3.87 -52.09
CA ASN B 87 -7.53 4.15 -50.68
C ASN B 87 -8.71 4.93 -50.11
N VAL B 88 -9.77 5.06 -50.90
CA VAL B 88 -10.98 5.76 -50.48
C VAL B 88 -12.17 4.99 -51.02
N VAL B 89 -13.03 4.50 -50.14
CA VAL B 89 -14.20 3.75 -50.56
C VAL B 89 -15.44 4.40 -50.02
N VAL B 90 -16.57 4.23 -50.72
CA VAL B 90 -17.83 4.81 -50.27
C VAL B 90 -18.89 3.76 -50.00
N PHE B 91 -19.72 4.01 -48.99
CA PHE B 91 -20.81 3.12 -48.61
C PHE B 91 -22.10 3.87 -48.32
N ARG B 92 -23.24 3.21 -48.54
CA ARG B 92 -24.54 3.86 -48.34
C ARG B 92 -25.07 3.88 -46.91
N ASN B 93 -24.51 3.04 -46.05
CA ASN B 93 -24.90 2.99 -44.64
C ASN B 93 -23.72 2.42 -43.84
N LEU B 94 -23.72 2.69 -42.54
CA LEU B 94 -22.64 2.23 -41.68
C LEU B 94 -22.56 0.70 -41.56
N GLU B 95 -23.71 0.04 -41.40
CA GLU B 95 -23.71 -1.41 -41.26
C GLU B 95 -23.04 -2.13 -42.42
N ASP B 96 -23.45 -1.79 -43.64
CA ASP B 96 -22.85 -2.45 -44.79
C ASP B 96 -21.35 -2.26 -44.81
N SER B 97 -20.89 -1.05 -44.49
CA SER B 97 -19.45 -0.78 -44.50
C SER B 97 -18.66 -1.44 -43.39
N ILE B 98 -19.36 -1.87 -42.35
CA ILE B 98 -18.72 -2.64 -41.29
C ILE B 98 -18.39 -4.06 -41.82
N GLU B 99 -18.58 -4.27 -43.11
CA GLU B 99 -18.18 -5.51 -43.77
C GLU B 99 -16.71 -5.48 -44.18
N ASN B 100 -15.95 -4.56 -43.61
CA ASN B 100 -14.53 -4.82 -43.39
C ASN B 100 -14.29 -6.10 -42.59
N LEU B 101 -15.20 -6.38 -41.66
CA LEU B 101 -15.08 -7.57 -40.82
C LEU B 101 -15.04 -8.84 -41.68
N MET B 102 -16.21 -9.25 -42.17
CA MET B 102 -16.29 -10.38 -43.09
C MET B 102 -15.43 -10.15 -44.33
N ASN B 103 -14.34 -10.91 -44.45
CA ASN B 103 -13.44 -10.79 -45.57
C ASN B 103 -12.64 -9.49 -45.54
N ASP B 104 -12.05 -9.12 -46.67
CA ASP B 104 -11.19 -7.97 -46.74
C ASP B 104 -10.21 -8.22 -45.63
N ASP B 105 -9.73 -9.45 -45.60
CA ASP B 105 -8.77 -9.88 -44.62
C ASP B 105 -7.55 -8.95 -44.63
N SER B 106 -7.46 -8.11 -45.67
CA SER B 106 -6.34 -7.17 -45.78
C SER B 106 -6.48 -6.02 -44.79
N ILE B 107 -7.64 -5.92 -44.17
CA ILE B 107 -7.91 -4.87 -43.19
C ILE B 107 -7.70 -5.43 -41.78
N GLU B 108 -6.73 -4.89 -41.04
CA GLU B 108 -6.51 -5.40 -39.69
C GLU B 108 -7.49 -4.83 -38.66
N ASN B 109 -7.52 -3.50 -38.52
CA ASN B 109 -8.41 -2.87 -37.55
C ASN B 109 -9.34 -1.83 -38.18
N ILE B 110 -10.40 -1.51 -37.44
CA ILE B 110 -11.39 -0.55 -37.86
C ILE B 110 -11.51 0.60 -36.85
N PHE B 111 -11.62 1.82 -37.36
CA PHE B 111 -11.74 3.01 -36.52
C PHE B 111 -12.93 3.85 -37.00
N VAL B 112 -13.73 4.32 -36.06
CA VAL B 112 -14.85 5.19 -36.40
C VAL B 112 -14.28 6.57 -36.10
N CYS B 113 -13.87 7.27 -37.15
CA CYS B 113 -13.15 8.52 -37.00
C CYS B 113 -14.09 9.72 -37.04
N GLY B 114 -15.39 9.43 -37.10
CA GLY B 114 -16.39 10.29 -36.48
C GLY B 114 -17.20 11.05 -37.51
N GLY B 115 -17.58 12.28 -37.16
CA GLY B 115 -18.88 12.81 -37.53
C GLY B 115 -19.97 12.44 -36.55
N GLU B 116 -20.60 13.45 -35.96
CA GLU B 116 -21.56 13.23 -34.89
C GLU B 116 -22.59 12.17 -35.27
N SER B 117 -23.07 12.24 -36.51
CA SER B 117 -24.06 11.29 -37.00
C SER B 117 -23.50 9.87 -37.02
N ILE B 118 -22.25 9.73 -37.43
CA ILE B 118 -21.63 8.42 -37.49
C ILE B 118 -21.34 7.84 -36.10
N TYR B 119 -20.86 8.69 -35.19
CA TYR B 119 -20.56 8.22 -33.84
C TYR B 119 -21.83 7.70 -33.21
N ARG B 120 -22.85 8.54 -33.25
CA ARG B 120 -24.13 8.22 -32.65
C ARG B 120 -24.70 6.88 -33.14
N ASP B 121 -24.61 6.63 -34.44
CA ASP B 121 -25.13 5.38 -34.99
C ASP B 121 -24.27 4.21 -34.56
N ALA B 122 -22.95 4.39 -34.59
CA ALA B 122 -22.05 3.32 -34.21
C ALA B 122 -22.28 2.89 -32.75
N LEU B 123 -22.52 3.85 -31.87
CA LEU B 123 -22.78 3.54 -30.47
C LEU B 123 -24.16 2.89 -30.34
N LYS B 124 -25.14 3.47 -31.03
CA LYS B 124 -26.52 2.99 -31.01
C LYS B 124 -26.64 1.53 -31.45
N ASP B 125 -26.04 1.21 -32.59
CA ASP B 125 -26.10 -0.14 -33.16
C ASP B 125 -25.08 -1.10 -32.59
N ASN B 126 -24.47 -0.69 -31.48
CA ASN B 126 -23.49 -1.50 -30.78
C ASN B 126 -22.36 -2.08 -31.64
N PHE B 127 -21.70 -1.21 -32.41
CA PHE B 127 -20.60 -1.63 -33.29
C PHE B 127 -19.22 -1.41 -32.72
N VAL B 128 -19.09 -0.60 -31.68
CA VAL B 128 -17.77 -0.33 -31.17
C VAL B 128 -17.37 -1.04 -29.88
N ASP B 129 -16.10 -1.43 -29.85
CA ASP B 129 -15.48 -2.12 -28.74
C ASP B 129 -14.70 -1.17 -27.85
N ARG B 130 -14.09 -0.16 -28.47
CA ARG B 130 -13.26 0.79 -27.74
C ARG B 130 -13.51 2.23 -28.14
N ILE B 131 -13.21 3.14 -27.22
CA ILE B 131 -13.35 4.55 -27.46
C ILE B 131 -12.08 5.26 -26.98
N TYR B 132 -11.37 5.90 -27.91
CA TYR B 132 -10.18 6.68 -27.57
C TYR B 132 -10.71 8.12 -27.52
N LEU B 133 -10.77 8.69 -26.33
CA LEU B 133 -11.30 10.04 -26.17
C LEU B 133 -10.28 11.08 -25.74
N THR B 134 -10.13 12.14 -26.54
CA THR B 134 -9.24 13.22 -26.15
C THR B 134 -10.13 14.32 -25.57
N ARG B 135 -10.03 14.55 -24.27
CA ARG B 135 -10.82 15.58 -23.59
C ARG B 135 -10.10 16.94 -23.67
N VAL B 136 -10.76 17.93 -24.27
CA VAL B 136 -10.19 19.27 -24.41
C VAL B 136 -10.84 20.26 -23.44
N ALA B 137 -10.02 20.97 -22.68
CA ALA B 137 -10.53 21.94 -21.70
C ALA B 137 -10.86 23.27 -22.35
N LEU B 138 -11.95 23.30 -23.10
CA LEU B 138 -12.34 24.49 -23.83
C LEU B 138 -13.85 24.60 -23.93
N GLU B 139 -14.44 25.44 -23.09
CA GLU B 139 -15.87 25.66 -23.08
C GLU B 139 -16.11 27.14 -23.29
N ASP B 140 -17.38 27.56 -23.38
CA ASP B 140 -17.68 28.96 -23.58
C ASP B 140 -17.32 29.44 -24.98
N ILE B 141 -17.47 28.53 -25.93
CA ILE B 141 -17.20 28.82 -27.33
C ILE B 141 -18.24 28.09 -28.13
N GLU B 142 -18.41 28.49 -29.37
CA GLU B 142 -19.42 27.89 -30.20
C GLU B 142 -19.12 26.48 -30.69
N PHE B 143 -20.15 25.64 -30.65
CA PHE B 143 -20.09 24.25 -31.12
C PHE B 143 -21.40 23.95 -31.82
N ASP B 144 -21.36 23.20 -32.91
CA ASP B 144 -22.62 22.85 -33.57
C ASP B 144 -22.68 21.33 -33.80
N THR B 145 -21.64 20.63 -33.35
CA THR B 145 -21.53 19.19 -33.46
C THR B 145 -21.05 18.62 -32.13
N TYR B 146 -21.55 17.44 -31.74
CA TYR B 146 -21.18 16.84 -30.45
C TYR B 146 -20.91 15.34 -30.47
N PHE B 147 -20.22 14.85 -29.43
CA PHE B 147 -19.96 13.42 -29.29
C PHE B 147 -21.08 12.95 -28.36
N PRO B 148 -21.81 11.90 -28.75
CA PRO B 148 -22.91 11.37 -27.93
C PRO B 148 -22.43 11.00 -26.55
N GLU B 149 -23.35 10.88 -25.61
CA GLU B 149 -22.95 10.46 -24.26
C GLU B 149 -22.52 9.00 -24.34
N ILE B 150 -21.40 8.69 -23.71
CA ILE B 150 -20.88 7.34 -23.70
C ILE B 150 -21.84 6.43 -22.94
N PRO B 151 -22.32 5.36 -23.60
CA PRO B 151 -23.25 4.36 -23.06
C PRO B 151 -22.71 3.72 -21.80
N GLU B 152 -23.61 3.33 -20.89
CA GLU B 152 -23.19 2.71 -19.64
C GLU B 152 -22.47 1.39 -19.80
N THR B 153 -22.52 0.82 -21.00
CA THR B 153 -21.85 -0.44 -21.26
C THR B 153 -20.35 -0.23 -21.43
N PHE B 154 -19.92 1.02 -21.36
CA PHE B 154 -18.52 1.37 -21.50
C PHE B 154 -17.89 1.78 -20.17
N LEU B 155 -16.64 1.40 -19.94
CA LEU B 155 -15.98 1.80 -18.72
C LEU B 155 -14.57 2.28 -19.01
N PRO B 156 -14.16 3.35 -18.32
CA PRO B 156 -12.82 3.91 -18.50
C PRO B 156 -11.74 2.98 -17.92
N VAL B 157 -10.66 2.82 -18.67
CA VAL B 157 -9.58 1.97 -18.21
C VAL B 157 -8.25 2.72 -18.21
N TYR B 158 -8.27 3.93 -18.76
CA TYR B 158 -7.09 4.78 -18.84
C TYR B 158 -7.41 6.26 -18.96
N MET B 159 -6.64 7.07 -18.24
CA MET B 159 -6.80 8.52 -18.26
C MET B 159 -5.38 9.04 -18.08
N SER B 160 -4.83 9.65 -19.12
CA SER B 160 -3.47 10.16 -19.05
C SER B 160 -3.36 11.41 -18.21
N GLN B 161 -2.13 11.88 -18.08
CA GLN B 161 -1.86 13.11 -17.35
C GLN B 161 -2.33 14.23 -18.29
N THR B 162 -2.42 15.44 -17.76
CA THR B 162 -2.82 16.58 -18.56
C THR B 162 -1.67 17.14 -19.40
N PHE B 163 -1.98 17.57 -20.62
CA PHE B 163 -0.98 18.17 -21.48
C PHE B 163 -1.44 19.58 -21.83
N CYS B 164 -0.54 20.39 -22.38
CA CYS B 164 -0.89 21.76 -22.73
C CYS B 164 -0.38 22.18 -24.09
N THR B 165 -1.25 22.83 -24.85
CA THR B 165 -0.90 23.35 -26.16
C THR B 165 -1.63 24.67 -26.27
N LYS B 166 -0.88 25.72 -26.54
CA LYS B 166 -1.42 27.07 -26.67
C LYS B 166 -2.31 27.43 -25.49
N ASN B 167 -1.89 27.02 -24.30
CA ASN B 167 -2.62 27.28 -23.05
C ASN B 167 -3.88 26.44 -22.86
N ILE B 168 -4.12 25.51 -23.77
CA ILE B 168 -5.28 24.64 -23.69
C ILE B 168 -4.92 23.30 -23.06
N SER B 169 -5.61 22.93 -21.98
CA SER B 169 -5.34 21.65 -21.32
C SER B 169 -6.13 20.52 -21.96
N TYR B 170 -5.56 19.31 -22.01
CA TYR B 170 -6.25 18.15 -22.55
C TYR B 170 -5.75 16.82 -22.02
N ASP B 171 -6.64 15.82 -22.08
CA ASP B 171 -6.46 14.44 -21.62
C ASP B 171 -6.55 13.48 -22.77
N PHE B 172 -6.28 12.22 -22.44
CA PHE B 172 -6.40 11.12 -23.37
C PHE B 172 -6.97 10.02 -22.50
N MET B 173 -8.13 9.51 -22.88
CA MET B 173 -8.78 8.47 -22.10
C MET B 173 -9.14 7.30 -23.00
N ILE B 174 -9.26 6.11 -22.41
CA ILE B 174 -9.65 4.94 -23.15
C ILE B 174 -10.82 4.29 -22.44
N PHE B 175 -11.88 4.00 -23.20
CA PHE B 175 -13.05 3.35 -22.64
C PHE B 175 -13.16 2.00 -23.29
N GLU B 176 -13.54 0.99 -22.51
CA GLU B 176 -13.70 -0.34 -23.10
C GLU B 176 -15.07 -0.90 -22.80
N LYS B 177 -15.61 -1.59 -23.79
CA LYS B 177 -16.93 -2.21 -23.72
C LYS B 177 -16.91 -3.35 -22.70
N GLN B 178 -17.70 -3.21 -21.65
CA GLN B 178 -17.77 -4.21 -20.60
C GLN B 178 -18.62 -5.40 -21.03
N GLU B 179 -18.13 -6.61 -20.76
CA GLU B 179 -18.74 -7.82 -21.29
C GLU B 179 -18.33 -9.04 -20.47
N LYS B 180 -19.26 -9.57 -19.69
CA LYS B 180 -19.34 -11.01 -19.47
C LYS B 180 -18.68 -11.40 -18.15
N LYS B 181 -19.12 -10.76 -17.06
CA LYS B 181 -18.77 -11.21 -15.73
C LYS B 181 -19.17 -10.18 -14.67
N LEU B 193 0.06 -14.17 -11.56
CA LEU B 193 -0.36 -15.56 -11.46
C LEU B 193 -1.03 -15.81 -10.11
N LYS B 194 -2.09 -16.61 -10.13
CA LYS B 194 -2.85 -16.96 -8.94
C LYS B 194 -1.94 -17.28 -7.74
N SER B 195 -0.90 -18.07 -8.00
CA SER B 195 0.04 -18.48 -6.96
C SER B 195 0.56 -17.37 -6.04
N ILE B 196 1.06 -16.29 -6.63
CA ILE B 196 1.59 -15.20 -5.83
C ILE B 196 0.51 -14.59 -4.95
N ASP B 197 -0.66 -14.36 -5.52
CA ASP B 197 -1.77 -13.79 -4.76
C ASP B 197 -2.24 -14.71 -3.64
N ASP B 198 -2.37 -15.99 -3.96
CA ASP B 198 -2.81 -16.97 -2.99
C ASP B 198 -1.83 -17.07 -1.84
N THR B 199 -0.55 -17.16 -2.19
CA THR B 199 0.49 -17.25 -1.18
C THR B 199 0.41 -16.04 -0.25
N VAL B 200 0.36 -14.85 -0.84
CA VAL B 200 0.27 -13.62 -0.07
C VAL B 200 -0.97 -13.61 0.81
N ASP B 201 -2.12 -14.00 0.25
CA ASP B 201 -3.35 -14.02 1.03
C ASP B 201 -3.19 -14.98 2.20
N LEU B 202 -2.62 -16.15 1.92
CA LEU B 202 -2.39 -17.18 2.92
C LEU B 202 -1.41 -16.71 4.01
N LEU B 203 -0.31 -16.10 3.57
CA LEU B 203 0.69 -15.58 4.46
C LEU B 203 -0.02 -14.53 5.35
N GLY B 204 -0.95 -13.81 4.73
CA GLY B 204 -1.70 -12.77 5.43
C GLY B 204 -2.68 -13.35 6.44
N GLU B 205 -3.09 -14.60 6.23
CA GLU B 205 -3.99 -15.27 7.17
C GLU B 205 -3.25 -15.70 8.43
N ILE B 206 -2.03 -16.18 8.26
CA ILE B 206 -1.21 -16.62 9.38
C ILE B 206 -0.87 -15.45 10.30
N PHE B 207 -0.50 -14.32 9.71
CA PHE B 207 0.44 -13.40 10.35
C PHE B 207 -0.26 -12.13 10.83
N GLY B 208 -1.23 -11.66 10.07
CA GLY B 208 -2.15 -10.64 10.52
C GLY B 208 -1.54 -9.26 10.51
N ILE B 209 -1.76 -8.51 11.60
CA ILE B 209 -1.24 -7.16 11.70
C ILE B 209 0.28 -7.25 11.54
N ARG B 210 0.83 -8.44 11.73
CA ARG B 210 2.25 -8.67 11.64
C ARG B 210 2.82 -8.57 10.23
N LYS B 211 1.96 -8.72 9.24
CA LYS B 211 2.43 -8.59 7.85
C LYS B 211 2.11 -7.15 7.46
N MET B 212 3.15 -6.36 7.17
CA MET B 212 2.96 -4.96 6.82
C MET B 212 1.90 -4.72 5.76
N GLY B 213 1.83 -5.61 4.77
CA GLY B 213 0.83 -5.48 3.75
C GLY B 213 -0.59 -5.40 4.30
N ASN B 214 -0.84 -6.05 5.44
CA ASN B 214 -2.17 -5.99 6.03
C ASN B 214 -2.45 -4.66 6.72
N ARG B 215 -1.42 -3.83 6.83
CA ARG B 215 -1.59 -2.51 7.45
C ARG B 215 -1.76 -1.49 6.32
N HIS B 216 -1.55 -1.96 5.09
CA HIS B 216 -1.67 -1.13 3.90
C HIS B 216 -2.57 -1.89 2.94
N LYS B 217 -3.82 -2.13 3.34
CA LYS B 217 -4.72 -2.87 2.49
C LYS B 217 -5.18 -2.01 1.32
N PHE B 218 -5.25 -2.63 0.14
CA PHE B 218 -5.70 -1.91 -1.04
C PHE B 218 -7.15 -1.49 -0.77
N PRO B 219 -7.51 -0.27 -1.18
CA PRO B 219 -8.88 0.19 -0.93
C PRO B 219 -9.98 -0.63 -1.62
N LYS B 220 -11.07 -0.86 -0.89
CA LYS B 220 -12.24 -1.60 -1.40
C LYS B 220 -12.79 -0.74 -2.51
N GLU B 221 -13.38 -1.35 -3.53
CA GLU B 221 -13.87 -0.55 -4.65
C GLU B 221 -14.94 0.50 -4.34
N GLU B 222 -15.76 0.30 -3.32
CA GLU B 222 -16.77 1.31 -3.02
C GLU B 222 -16.17 2.64 -2.60
N ILE B 223 -14.87 2.64 -2.28
CA ILE B 223 -14.23 3.90 -1.89
C ILE B 223 -13.05 4.23 -2.78
N TYR B 224 -12.94 3.53 -3.91
CA TYR B 224 -11.87 3.77 -4.86
C TYR B 224 -12.52 4.57 -5.99
N ASN B 225 -11.89 5.68 -6.35
CA ASN B 225 -12.41 6.55 -7.41
C ASN B 225 -12.24 5.94 -8.80
N THR B 226 -13.31 5.98 -9.60
CA THR B 226 -13.33 5.44 -10.97
C THR B 226 -12.59 4.10 -10.99
N PRO B 227 -13.04 3.15 -10.17
CA PRO B 227 -12.46 1.82 -10.04
C PRO B 227 -12.14 1.05 -11.29
N SER B 228 -12.82 1.34 -12.40
CA SER B 228 -12.54 0.63 -13.63
C SER B 228 -11.16 0.94 -14.20
N ILE B 229 -10.58 2.06 -13.79
CA ILE B 229 -9.23 2.39 -14.26
C ILE B 229 -8.28 1.75 -13.26
N ARG B 230 -7.79 0.57 -13.60
CA ARG B 230 -6.90 -0.19 -12.73
C ARG B 230 -5.43 0.04 -13.00
N PHE B 231 -5.03 -0.09 -14.26
CA PHE B 231 -3.64 0.08 -14.64
C PHE B 231 -3.33 1.38 -15.37
N GLY B 232 -4.31 2.25 -15.49
CA GLY B 232 -4.06 3.49 -16.20
C GLY B 232 -4.39 4.78 -15.47
N ARG B 233 -4.32 4.79 -14.13
CA ARG B 233 -4.63 6.03 -13.44
C ARG B 233 -3.40 6.91 -13.43
N GLU B 234 -3.13 7.50 -14.60
CA GLU B 234 -1.99 8.36 -14.85
C GLU B 234 -2.26 9.83 -14.47
N HIS B 235 -3.50 10.26 -14.63
CA HIS B 235 -3.85 11.62 -14.26
C HIS B 235 -3.36 11.85 -12.81
N TYR B 236 -2.41 12.77 -12.64
CA TYR B 236 -1.83 13.03 -11.33
C TYR B 236 -2.80 13.46 -10.23
N GLU B 237 -4.08 13.60 -10.55
CA GLU B 237 -5.02 13.95 -9.50
C GLU B 237 -5.41 12.66 -8.73
N PHE B 238 -5.11 11.50 -9.32
CA PHE B 238 -5.40 10.24 -8.66
C PHE B 238 -4.46 10.10 -7.46
N GLN B 239 -3.39 10.89 -7.46
CA GLN B 239 -2.45 10.86 -6.37
C GLN B 239 -3.15 11.38 -5.12
N TYR B 240 -4.00 12.39 -5.27
CA TYR B 240 -4.72 12.93 -4.12
C TYR B 240 -5.90 12.04 -3.77
N LEU B 241 -6.67 11.67 -4.79
CA LEU B 241 -7.85 10.83 -4.58
C LEU B 241 -7.50 9.47 -3.96
N ASP B 242 -6.43 8.84 -4.43
CA ASP B 242 -6.05 7.54 -3.89
C ASP B 242 -5.54 7.60 -2.46
N LEU B 243 -5.02 8.75 -2.05
CA LEU B 243 -4.56 8.92 -0.68
C LEU B 243 -5.82 8.92 0.19
N LEU B 244 -6.84 9.65 -0.26
CA LEU B 244 -8.13 9.73 0.43
C LEU B 244 -8.64 8.29 0.63
N SER B 245 -8.58 7.50 -0.43
CA SER B 245 -9.04 6.11 -0.40
C SER B 245 -8.23 5.27 0.58
N ARG B 246 -6.90 5.42 0.56
CA ARG B 246 -6.08 4.62 1.46
C ARG B 246 -6.38 4.91 2.92
N VAL B 247 -6.71 6.16 3.26
CA VAL B 247 -7.00 6.41 4.64
C VAL B 247 -8.44 6.00 4.96
N LEU B 248 -9.35 6.04 3.99
CA LEU B 248 -10.69 5.58 4.33
C LEU B 248 -10.61 4.08 4.58
N GLU B 249 -9.72 3.40 3.86
CA GLU B 249 -9.54 1.97 4.02
C GLU B 249 -8.75 1.55 5.25
N ASN B 250 -7.64 2.24 5.55
CA ASN B 250 -6.78 1.84 6.67
C ASN B 250 -6.74 2.81 7.85
N GLY B 251 -7.33 3.98 7.69
CA GLY B 251 -7.30 4.99 8.75
C GLY B 251 -7.66 4.55 10.16
N ALA B 252 -6.77 4.84 11.11
CA ALA B 252 -7.05 4.49 12.49
C ALA B 252 -7.88 5.62 13.06
N TYR B 253 -8.86 5.28 13.89
CA TYR B 253 -9.71 6.29 14.47
C TYR B 253 -9.02 6.83 15.70
N ARG B 254 -8.83 8.15 15.75
CA ARG B 254 -8.16 8.75 16.90
C ARG B 254 -8.56 10.17 17.26
N GLU B 255 -8.63 10.43 18.57
CA GLU B 255 -8.96 11.74 19.11
C GLU B 255 -7.78 12.70 18.91
N ASN B 256 -8.03 14.00 19.02
CA ASN B 256 -6.97 15.00 18.89
C ASN B 256 -7.38 16.35 19.52
N ARG B 257 -6.40 17.24 19.65
CA ARG B 257 -6.60 18.56 20.23
C ARG B 257 -7.89 19.30 19.88
N THR B 258 -8.41 19.12 18.67
CA THR B 258 -9.60 19.84 18.27
C THR B 258 -10.92 19.29 18.81
N GLY B 259 -10.96 18.02 19.15
CA GLY B 259 -12.22 17.49 19.65
C GLY B 259 -12.99 16.79 18.54
N ILE B 260 -12.51 16.93 17.31
CA ILE B 260 -13.13 16.26 16.19
C ILE B 260 -12.12 15.21 15.75
N SER B 261 -12.47 13.95 16.01
CA SER B 261 -11.59 12.84 15.71
C SER B 261 -11.37 12.64 14.22
N THR B 262 -10.31 11.93 13.87
CA THR B 262 -9.96 11.70 12.46
C THR B 262 -9.68 10.22 12.20
N TYR B 263 -9.49 9.89 10.93
CA TYR B 263 -8.91 8.60 10.56
C TYR B 263 -7.55 8.77 9.90
N SER B 264 -6.52 8.23 10.55
CA SER B 264 -5.15 8.69 10.33
C SER B 264 -4.24 7.52 9.97
N ILE B 265 -3.40 7.73 8.95
CA ILE B 265 -2.34 6.77 8.62
C ILE B 265 -1.08 7.65 8.58
N PHE B 266 0.09 7.03 8.65
CA PHE B 266 1.34 7.79 8.74
C PHE B 266 2.38 7.46 7.68
N GLY B 267 2.84 8.48 6.96
CA GLY B 267 3.85 8.28 5.93
C GLY B 267 3.23 7.99 4.58
N GLN B 268 2.90 9.03 3.82
CA GLN B 268 2.30 8.88 2.51
C GLN B 268 2.87 9.95 1.59
N MET B 269 2.72 9.79 0.28
CA MET B 269 3.23 10.81 -0.64
C MET B 269 2.32 11.02 -1.85
N MET B 270 2.53 12.15 -2.53
CA MET B 270 1.76 12.50 -3.73
C MET B 270 2.72 13.28 -4.61
N ARG B 271 2.67 13.05 -5.91
CA ARG B 271 3.52 13.83 -6.79
C ARG B 271 2.67 14.35 -7.95
N PHE B 272 2.89 15.61 -8.33
CA PHE B 272 2.15 16.25 -9.40
C PHE B 272 3.12 16.84 -10.41
N ASP B 273 2.73 16.83 -11.67
CA ASP B 273 3.55 17.44 -12.70
C ASP B 273 3.20 18.91 -12.76
N MET B 274 4.14 19.78 -12.98
CA MET B 274 3.85 21.17 -13.30
C MET B 274 4.32 21.71 -14.62
N ARG B 275 4.95 20.86 -15.43
CA ARG B 275 5.41 21.30 -16.73
C ARG B 275 4.26 21.49 -17.72
N GLU B 276 3.37 20.51 -17.81
CA GLU B 276 2.36 20.48 -18.85
C GLU B 276 0.97 20.76 -18.30
N SER B 277 0.93 21.31 -17.08
CA SER B 277 -0.32 21.73 -16.46
C SER B 277 -0.13 22.12 -15.01
N PHE B 278 -1.23 22.40 -14.32
CA PHE B 278 -1.17 22.92 -12.96
C PHE B 278 -2.20 22.23 -12.06
N PRO B 279 -1.74 21.74 -10.92
CA PRO B 279 -2.53 20.84 -10.08
C PRO B 279 -3.59 21.43 -9.17
N LEU B 280 -4.65 21.97 -9.76
CA LEU B 280 -5.75 22.52 -8.97
C LEU B 280 -6.83 21.44 -9.10
N LEU B 281 -7.19 20.79 -7.99
CA LEU B 281 -8.19 19.73 -8.04
C LEU B 281 -9.43 20.06 -8.86
N THR B 282 -9.87 19.11 -9.67
CA THR B 282 -11.04 19.30 -10.50
C THR B 282 -12.28 18.64 -9.90
N THR B 283 -12.09 17.63 -9.05
CA THR B 283 -13.23 16.93 -8.44
C THR B 283 -14.08 17.80 -7.52
N LYS B 284 -13.59 18.93 -7.11
CA LYS B 284 -14.38 19.93 -6.39
C LYS B 284 -13.82 21.32 -6.67
N LYS B 285 -14.66 22.34 -6.60
CA LYS B 285 -14.18 23.68 -6.85
C LYS B 285 -13.23 24.12 -5.75
N VAL B 286 -12.05 24.58 -6.14
CA VAL B 286 -11.05 25.03 -5.17
C VAL B 286 -10.85 26.54 -5.25
N PHE B 287 -10.77 27.18 -4.09
CA PHE B 287 -10.95 28.63 -4.00
C PHE B 287 -9.62 29.36 -4.14
N ILE B 288 -9.17 29.52 -5.38
CA ILE B 288 -7.74 29.70 -5.65
C ILE B 288 -7.29 31.10 -5.29
N ARG B 289 -8.24 32.02 -5.18
CA ARG B 289 -7.94 33.40 -4.79
C ARG B 289 -7.43 33.40 -3.35
N SER B 290 -8.13 32.69 -2.48
CA SER B 290 -7.74 32.60 -1.07
C SER B 290 -6.36 31.97 -0.93
N ILE B 291 -6.05 30.99 -1.77
CA ILE B 291 -4.76 30.35 -1.75
C ILE B 291 -3.69 31.38 -2.10
N PHE B 292 -3.90 32.20 -3.13
CA PHE B 292 -2.90 33.18 -3.48
C PHE B 292 -2.74 34.29 -2.47
N GLU B 293 -3.84 34.78 -1.94
CA GLU B 293 -3.69 35.83 -0.96
C GLU B 293 -2.88 35.36 0.24
N GLU B 294 -3.11 34.12 0.66
CA GLU B 294 -2.38 33.58 1.78
C GLU B 294 -0.90 33.40 1.38
N LEU B 295 -0.66 33.01 0.14
CA LEU B 295 0.72 32.79 -0.30
C LEU B 295 1.50 34.10 -0.31
N ILE B 296 0.89 35.14 -0.86
CA ILE B 296 1.58 36.41 -0.93
C ILE B 296 1.70 36.96 0.47
N TRP B 297 0.76 36.56 1.32
CA TRP B 297 0.73 36.99 2.71
C TRP B 297 2.02 36.46 3.33
N PHE B 298 2.26 35.17 3.10
CA PHE B 298 3.44 34.53 3.60
C PHE B 298 4.65 35.23 3.03
N ILE B 299 4.82 35.13 1.72
CA ILE B 299 5.95 35.72 1.02
C ILE B 299 6.40 37.07 1.57
N LYS B 300 5.46 37.90 1.97
CA LYS B 300 5.79 39.22 2.53
C LYS B 300 6.17 39.20 4.01
N GLY B 301 6.16 38.01 4.62
CA GLY B 301 6.49 37.88 6.03
C GLY B 301 5.40 38.40 6.95
N ASP B 302 4.21 38.59 6.39
CA ASP B 302 3.07 39.12 7.14
C ASP B 302 2.43 38.08 8.07
N THR B 303 2.06 38.51 9.28
CA THR B 303 1.42 37.62 10.25
C THR B 303 0.14 38.25 10.81
N ASN B 304 -0.30 39.38 10.24
CA ASN B 304 -1.51 40.02 10.71
C ASN B 304 -2.73 39.40 10.00
N GLY B 305 -3.55 38.67 10.76
CA GLY B 305 -4.72 38.03 10.19
C GLY B 305 -5.74 38.96 9.57
N ASN B 306 -5.77 40.21 10.02
CA ASN B 306 -6.71 41.17 9.48
C ASN B 306 -6.44 41.46 8.02
N HIS B 307 -5.18 41.48 7.63
CA HIS B 307 -4.85 41.77 6.24
C HIS B 307 -5.48 40.74 5.31
N LEU B 308 -5.68 39.53 5.82
CA LEU B 308 -6.29 38.48 5.04
C LEU B 308 -7.80 38.72 5.08
N ILE B 309 -8.34 38.83 6.29
CA ILE B 309 -9.75 39.08 6.47
C ILE B 309 -10.20 40.30 5.64
N GLU B 310 -9.32 41.30 5.53
CA GLU B 310 -9.66 42.51 4.78
C GLU B 310 -9.90 42.24 3.30
N LYS B 311 -9.19 41.28 2.74
CA LYS B 311 -9.36 40.92 1.34
C LYS B 311 -10.39 39.82 1.24
N LYS B 312 -11.22 39.70 2.27
CA LYS B 312 -12.28 38.70 2.31
C LYS B 312 -11.81 37.25 2.21
N VAL B 313 -10.71 36.94 2.88
CA VAL B 313 -10.16 35.60 2.92
C VAL B 313 -10.20 35.25 4.41
N TYR B 314 -10.98 34.25 4.78
CA TYR B 314 -11.13 33.92 6.19
C TYR B 314 -10.52 32.62 6.71
N ILE B 315 -9.69 31.97 5.92
CA ILE B 315 -9.10 30.72 6.35
C ILE B 315 -8.33 30.75 7.68
N TRP B 316 -7.85 31.92 8.11
CA TRP B 316 -7.13 32.00 9.39
C TRP B 316 -7.92 32.62 10.55
N SER B 317 -9.20 32.93 10.32
CA SER B 317 -10.02 33.51 11.37
C SER B 317 -10.13 32.58 12.57
N GLY B 318 -10.39 31.31 12.29
CA GLY B 318 -10.55 30.32 13.33
C GLY B 318 -9.45 30.30 14.36
N ASN B 319 -8.22 30.17 13.89
CA ASN B 319 -7.11 30.11 14.82
C ASN B 319 -6.54 31.46 15.21
N GLY B 320 -7.33 32.52 15.01
CA GLY B 320 -6.89 33.85 15.35
C GLY B 320 -7.89 34.59 16.22
N SER B 321 -9.01 33.94 16.53
CA SER B 321 -10.03 34.57 17.36
C SER B 321 -9.56 34.70 18.80
N LYS B 322 -10.23 35.56 19.57
CA LYS B 322 -9.90 35.76 20.97
C LYS B 322 -10.08 34.49 21.78
N GLU B 323 -11.25 33.88 21.68
CA GLU B 323 -11.58 32.67 22.41
C GLU B 323 -10.50 31.61 22.23
N TYR B 324 -10.03 31.45 21.00
CA TYR B 324 -9.00 30.45 20.69
C TYR B 324 -7.61 30.82 21.25
N LEU B 325 -7.15 32.03 20.95
CA LEU B 325 -5.86 32.49 21.45
C LEU B 325 -5.86 32.42 22.98
N GLU B 326 -7.02 32.67 23.58
CA GLU B 326 -7.17 32.59 25.03
C GLU B 326 -6.96 31.14 25.47
N ARG B 327 -7.63 30.22 24.78
CA ARG B 327 -7.55 28.80 25.07
C ARG B 327 -6.14 28.23 25.01
N ILE B 328 -5.38 28.62 24.00
CA ILE B 328 -4.02 28.09 23.90
C ILE B 328 -3.00 28.89 24.68
N GLY B 329 -3.48 29.85 25.48
CA GLY B 329 -2.57 30.65 26.30
C GLY B 329 -1.94 31.90 25.72
N LEU B 330 -2.50 32.45 24.65
CA LEU B 330 -1.97 33.66 24.04
C LEU B 330 -3.03 34.75 24.14
N GLY B 331 -3.74 34.75 25.27
CA GLY B 331 -4.81 35.71 25.52
C GLY B 331 -4.38 37.15 25.50
N HIS B 332 -3.07 37.39 25.55
CA HIS B 332 -2.55 38.73 25.52
C HIS B 332 -2.51 39.27 24.09
N ARG B 333 -2.62 38.37 23.11
CA ARG B 333 -2.60 38.79 21.70
C ARG B 333 -3.84 39.56 21.30
N GLU B 334 -3.68 40.40 20.30
CA GLU B 334 -4.78 41.17 19.75
C GLU B 334 -5.42 40.18 18.78
N GLU B 335 -6.73 40.24 18.65
CA GLU B 335 -7.41 39.32 17.76
C GLU B 335 -6.71 39.29 16.41
N ASN B 336 -6.46 38.08 15.92
CA ASN B 336 -5.82 37.86 14.64
C ASN B 336 -4.31 38.07 14.58
N ASP B 337 -3.67 38.25 15.73
CA ASP B 337 -2.21 38.37 15.73
C ASP B 337 -1.77 36.92 15.94
N LEU B 338 -1.46 36.26 14.84
CA LEU B 338 -1.08 34.85 14.82
C LEU B 338 0.30 34.50 15.37
N GLY B 339 1.13 35.50 15.63
CA GLY B 339 2.45 35.19 16.13
C GLY B 339 3.43 34.88 15.01
N PRO B 340 4.65 34.47 15.34
CA PRO B 340 5.70 34.14 14.36
C PRO B 340 5.47 32.87 13.53
N ILE B 341 4.44 32.90 12.71
CA ILE B 341 4.13 31.75 11.90
C ILE B 341 4.80 31.84 10.53
N TYR B 342 4.27 31.14 9.55
CA TYR B 342 5.08 30.76 8.40
C TYR B 342 5.79 31.97 7.80
N GLY B 343 5.02 33.00 7.46
CA GLY B 343 5.57 34.21 6.87
C GLY B 343 6.76 34.75 7.65
N PHE B 344 6.59 34.88 8.96
CA PHE B 344 7.65 35.32 9.83
C PHE B 344 8.87 34.42 9.77
N GLN B 345 8.66 33.11 9.73
CA GLN B 345 9.79 32.20 9.68
C GLN B 345 10.50 32.24 8.34
N TRP B 346 9.78 32.58 7.27
CA TRP B 346 10.38 32.63 5.94
C TRP B 346 11.27 33.86 5.74
N ARG B 347 10.83 35.01 6.25
CA ARG B 347 11.57 36.25 6.09
C ARG B 347 12.41 36.68 7.29
N HIS B 348 12.03 36.21 8.48
CA HIS B 348 12.66 36.64 9.71
C HIS B 348 12.81 35.49 10.68
N TYR B 349 13.29 34.35 10.19
CA TYR B 349 13.55 33.19 11.04
C TYR B 349 14.36 33.56 12.26
N ASN B 350 13.95 33.06 13.43
CA ASN B 350 14.70 33.25 14.66
C ASN B 350 14.56 34.67 15.20
N GLY B 351 13.81 35.51 14.49
CA GLY B 351 13.56 36.87 14.92
C GLY B 351 12.76 36.90 16.22
N GLU B 352 13.01 37.91 17.05
CA GLU B 352 12.29 38.04 18.30
C GLU B 352 10.94 38.65 17.95
N TYR B 353 9.89 37.86 18.07
CA TYR B 353 8.56 38.34 17.74
C TYR B 353 7.99 39.17 18.87
N LYS B 354 7.47 40.35 18.53
CA LYS B 354 6.84 41.19 19.53
C LYS B 354 5.35 41.09 19.24
N THR B 355 4.88 41.83 18.23
CA THR B 355 3.48 41.80 17.83
C THR B 355 3.44 41.96 16.31
N MET B 356 2.25 41.89 15.75
CA MET B 356 2.10 42.02 14.31
C MET B 356 2.25 43.47 13.82
N HIS B 357 2.33 44.41 14.75
CA HIS B 357 2.45 45.82 14.38
C HIS B 357 3.88 46.31 14.22
N ASP B 358 4.83 45.56 14.75
CA ASP B 358 6.21 45.98 14.69
C ASP B 358 6.89 45.83 13.35
N ASP B 359 7.94 46.63 13.15
CA ASP B 359 8.71 46.61 11.93
C ASP B 359 9.87 45.65 12.10
N TYR B 360 9.86 44.58 11.31
CA TYR B 360 10.88 43.56 11.41
C TYR B 360 11.87 43.59 10.27
N THR B 361 11.88 44.65 9.48
CA THR B 361 12.82 44.67 8.36
C THR B 361 14.20 44.54 8.98
N GLY B 362 15.02 43.65 8.43
CA GLY B 362 16.36 43.47 8.95
C GLY B 362 16.52 42.42 10.04
N VAL B 363 15.46 42.12 10.78
CA VAL B 363 15.60 41.12 11.83
C VAL B 363 15.37 39.68 11.35
N GLY B 364 16.16 38.76 11.89
CA GLY B 364 16.06 37.37 11.54
C GLY B 364 16.69 37.02 10.21
N VAL B 365 16.78 35.73 9.91
CA VAL B 365 17.35 35.26 8.65
C VAL B 365 16.32 35.20 7.50
N ASP B 366 16.60 35.90 6.42
CA ASP B 366 15.70 35.90 5.28
C ASP B 366 15.97 34.67 4.40
N GLN B 367 15.26 33.59 4.70
CA GLN B 367 15.42 32.35 3.97
C GLN B 367 14.98 32.47 2.53
N LEU B 368 13.84 33.11 2.31
CA LEU B 368 13.32 33.24 0.96
C LEU B 368 14.32 33.98 0.07
N ALA B 369 14.88 35.08 0.57
CA ALA B 369 15.85 35.83 -0.21
C ALA B 369 17.07 34.94 -0.54
N LYS B 370 17.65 34.32 0.48
CA LYS B 370 18.79 33.44 0.25
C LYS B 370 18.43 32.34 -0.75
N LEU B 371 17.19 31.88 -0.68
CA LEU B 371 16.71 30.82 -1.57
C LEU B 371 16.83 31.23 -3.03
N ILE B 372 16.25 32.40 -3.31
CA ILE B 372 16.25 32.94 -4.65
C ILE B 372 17.67 33.17 -5.13
N GLU B 373 18.54 33.62 -4.23
CA GLU B 373 19.92 33.86 -4.60
C GLU B 373 20.62 32.55 -4.91
N THR B 374 20.48 31.56 -4.02
CA THR B 374 21.13 30.29 -4.27
C THR B 374 20.56 29.57 -5.49
N LEU B 375 19.27 29.74 -5.78
CA LEU B 375 18.71 29.06 -6.97
C LEU B 375 19.30 29.67 -8.24
N LYS B 376 19.52 30.98 -8.22
CA LYS B 376 20.07 31.67 -9.37
C LYS B 376 21.57 31.44 -9.51
N ASN B 377 22.31 31.71 -8.44
CA ASN B 377 23.78 31.60 -8.47
C ASN B 377 24.34 30.19 -8.43
N ASN B 378 23.84 29.35 -7.54
CA ASN B 378 24.25 27.96 -7.50
C ASN B 378 22.97 27.16 -7.62
N PRO B 379 22.64 26.74 -8.86
CA PRO B 379 21.46 25.90 -9.06
C PRO B 379 21.59 24.44 -8.71
N LYS B 380 22.73 23.84 -9.01
CA LYS B 380 22.91 22.41 -8.73
C LYS B 380 23.30 22.11 -7.29
N ASP B 381 23.27 23.15 -6.47
CA ASP B 381 23.57 23.03 -5.05
C ASP B 381 22.47 22.17 -4.43
N ARG B 382 22.83 21.30 -3.50
CA ARG B 382 21.85 20.44 -2.86
C ARG B 382 21.33 20.96 -1.54
N ARG B 383 21.40 22.27 -1.33
CA ARG B 383 20.94 22.85 -0.07
C ARG B 383 19.85 23.91 -0.18
N HIS B 384 19.03 23.85 -1.22
CA HIS B 384 17.95 24.83 -1.42
C HIS B 384 16.80 24.51 -0.47
N ILE B 385 16.91 24.92 0.78
CA ILE B 385 15.89 24.61 1.77
C ILE B 385 15.19 25.81 2.41
N LEU B 386 13.95 25.57 2.83
CA LEU B 386 13.11 26.56 3.48
C LEU B 386 12.37 25.80 4.61
N THR B 387 12.42 26.32 5.84
CA THR B 387 11.77 25.65 6.97
C THR B 387 10.97 26.63 7.81
N ALA B 388 10.00 26.11 8.55
CA ALA B 388 9.18 26.94 9.42
C ALA B 388 9.23 26.38 10.82
N TRP B 389 9.88 25.23 10.97
CA TRP B 389 9.95 24.61 12.28
C TRP B 389 11.05 25.20 13.15
N ASN B 390 10.64 26.05 14.09
CA ASN B 390 11.56 26.72 15.00
C ASN B 390 11.18 26.36 16.44
N PRO B 391 11.86 25.37 17.04
CA PRO B 391 11.56 24.96 18.41
C PRO B 391 11.42 26.13 19.38
N SER B 392 12.21 27.16 19.17
CA SER B 392 12.17 28.34 20.03
C SER B 392 10.90 29.17 19.88
N ALA B 393 10.28 29.11 18.71
CA ALA B 393 9.09 29.91 18.46
C ALA B 393 7.73 29.21 18.56
N LEU B 394 7.73 27.88 18.58
CA LEU B 394 6.48 27.13 18.62
C LEU B 394 5.40 27.57 19.59
N SER B 395 5.78 27.90 20.82
CA SER B 395 4.78 28.30 21.81
C SER B 395 4.08 29.62 21.52
N GLN B 396 4.71 30.49 20.73
CA GLN B 396 4.12 31.78 20.42
C GLN B 396 3.20 31.72 19.21
N MET B 397 3.27 30.63 18.46
CA MET B 397 2.47 30.45 17.25
C MET B 397 1.04 30.05 17.54
N ALA B 398 0.11 30.63 16.79
CA ALA B 398 -1.31 30.33 16.95
C ALA B 398 -1.49 28.85 16.61
N LEU B 399 -0.58 28.36 15.78
CA LEU B 399 -0.60 26.97 15.34
C LEU B 399 0.81 26.63 14.91
N PRO B 400 1.28 25.41 15.23
CA PRO B 400 2.65 25.02 14.82
C PRO B 400 2.62 24.80 13.31
N PRO B 401 3.71 25.12 12.64
CA PRO B 401 3.68 24.89 11.19
C PRO B 401 3.40 23.46 10.72
N CYS B 402 2.50 23.33 9.76
CA CYS B 402 2.16 22.03 9.17
C CYS B 402 3.03 21.80 7.94
N HIS B 403 3.11 22.78 7.04
CA HIS B 403 4.01 22.61 5.91
C HIS B 403 5.34 23.15 6.41
N VAL B 404 5.98 22.22 7.10
CA VAL B 404 7.22 22.34 7.83
C VAL B 404 8.55 22.60 7.11
N LEU B 405 8.74 21.97 5.96
CA LEU B 405 9.99 22.15 5.26
C LEU B 405 9.88 21.81 3.78
N SER B 406 10.51 22.64 2.95
CA SER B 406 10.50 22.42 1.51
C SER B 406 11.89 22.56 0.92
N GLN B 407 12.18 21.75 -0.09
CA GLN B 407 13.48 21.78 -0.74
C GLN B 407 13.33 21.84 -2.27
N TYR B 408 14.31 22.46 -2.92
CA TYR B 408 14.12 22.95 -4.28
C TYR B 408 15.30 22.58 -5.17
N TYR B 409 15.02 22.29 -6.43
CA TYR B 409 15.89 21.45 -7.26
C TYR B 409 15.94 21.96 -8.69
N VAL B 410 17.11 22.41 -9.13
CA VAL B 410 17.28 22.92 -10.47
C VAL B 410 17.61 21.81 -11.47
N THR B 411 16.67 21.53 -12.37
CA THR B 411 16.84 20.49 -13.34
C THR B 411 17.88 20.84 -14.40
N ASN B 412 18.48 19.83 -15.02
CA ASN B 412 19.45 20.12 -16.07
C ASN B 412 18.70 20.75 -17.25
N ASP B 413 17.42 20.39 -17.33
CA ASP B 413 16.40 20.82 -18.31
C ASP B 413 16.01 22.28 -18.02
N ASN B 414 16.52 22.81 -16.90
CA ASN B 414 16.26 24.19 -16.53
C ASN B 414 14.90 24.44 -15.90
N CYS B 415 14.37 23.42 -15.21
CA CYS B 415 13.06 23.55 -14.55
C CYS B 415 13.26 23.53 -13.04
N LEU B 416 12.28 24.06 -12.33
CA LEU B 416 12.33 24.11 -10.89
C LEU B 416 11.34 23.13 -10.27
N SER B 417 11.84 22.17 -9.49
CA SER B 417 10.95 21.22 -8.83
C SER B 417 10.92 21.51 -7.34
N CYS B 418 9.88 21.03 -6.66
CA CYS B 418 9.71 21.26 -5.24
C CYS B 418 9.23 20.05 -4.45
N ASN B 419 9.88 19.79 -3.32
CA ASN B 419 9.50 18.71 -2.40
C ASN B 419 9.08 19.41 -1.11
N LEU B 420 8.02 18.91 -0.47
CA LEU B 420 7.59 19.45 0.81
C LEU B 420 7.17 18.34 1.76
N TYR B 421 7.72 18.35 2.97
CA TYR B 421 7.18 17.55 4.06
C TYR B 421 6.09 18.29 4.83
N GLN B 422 4.88 17.73 4.81
CA GLN B 422 3.86 18.08 5.80
C GLN B 422 3.90 17.11 6.97
N ARG B 423 3.89 17.65 8.19
CA ARG B 423 3.82 16.84 9.39
C ARG B 423 2.37 16.44 9.70
N SER B 424 1.45 17.36 9.44
CA SER B 424 0.03 17.07 9.62
C SER B 424 -0.80 17.63 8.46
N CYS B 425 -1.60 16.78 7.85
CA CYS B 425 -2.31 17.13 6.65
C CYS B 425 -3.78 16.76 6.68
N ASP B 426 -4.62 17.78 6.76
CA ASP B 426 -6.06 17.60 6.75
C ASP B 426 -6.42 17.37 5.28
N LEU B 427 -6.60 16.10 4.91
CA LEU B 427 -6.90 15.74 3.54
C LEU B 427 -8.07 16.45 2.86
N GLY B 428 -9.15 16.69 3.61
CA GLY B 428 -10.30 17.34 3.00
C GLY B 428 -10.23 18.83 2.80
N LEU B 429 -9.67 19.53 3.77
CA LEU B 429 -9.61 20.97 3.69
C LEU B 429 -8.22 21.53 3.37
N GLY B 430 -7.20 21.09 4.10
CA GLY B 430 -5.86 21.60 3.87
C GLY B 430 -5.10 21.17 2.62
N SER B 431 -4.97 19.86 2.43
CA SER B 431 -4.24 19.33 1.29
C SER B 431 -4.45 20.01 -0.07
N PRO B 432 -5.71 20.15 -0.46
CA PRO B 432 -6.07 20.91 -1.67
C PRO B 432 -5.38 22.28 -1.68
N PHE B 433 -5.39 22.97 -0.54
CA PHE B 433 -4.72 24.25 -0.42
C PHE B 433 -3.21 24.10 -0.53
N ASN B 434 -2.68 23.05 0.09
CA ASN B 434 -1.23 22.85 0.20
C ASN B 434 -0.61 22.46 -1.13
N ILE B 435 -1.34 21.70 -1.93
CA ILE B 435 -0.90 21.34 -3.26
C ILE B 435 -0.80 22.56 -4.19
N ALA B 436 -1.90 23.31 -4.29
CA ALA B 436 -1.93 24.48 -5.17
C ALA B 436 -0.98 25.58 -4.75
N SER B 437 -0.89 25.78 -3.44
CA SER B 437 -0.06 26.82 -2.87
C SER B 437 1.40 26.66 -3.23
N TYR B 438 2.00 25.54 -2.83
CA TYR B 438 3.40 25.30 -3.12
C TYR B 438 3.68 25.15 -4.62
N ALA B 439 2.62 25.04 -5.41
CA ALA B 439 2.78 24.91 -6.85
C ALA B 439 2.93 26.31 -7.40
N ILE B 440 2.11 27.21 -6.86
CA ILE B 440 2.17 28.62 -7.26
C ILE B 440 3.53 29.16 -6.85
N LEU B 441 3.93 28.87 -5.63
CA LEU B 441 5.19 29.33 -5.07
C LEU B 441 6.37 28.91 -5.95
N THR B 442 6.36 27.63 -6.32
CA THR B 442 7.42 27.10 -7.15
C THR B 442 7.42 27.81 -8.49
N MET B 443 6.24 28.15 -9.00
CA MET B 443 6.18 28.83 -10.27
C MET B 443 6.72 30.27 -10.16
N MET B 444 6.38 30.95 -9.07
CA MET B 444 6.86 32.31 -8.86
C MET B 444 8.38 32.29 -8.74
N LEU B 445 8.90 31.36 -7.93
CA LEU B 445 10.34 31.26 -7.77
C LEU B 445 10.98 31.04 -9.14
N ALA B 446 10.37 30.17 -9.95
CA ALA B 446 10.91 29.89 -11.28
C ALA B 446 10.93 31.12 -12.18
N GLN B 447 9.91 31.96 -12.09
CA GLN B 447 9.86 33.14 -12.93
C GLN B 447 10.99 34.09 -12.52
N VAL B 448 11.11 34.39 -11.24
CA VAL B 448 12.16 35.29 -10.79
C VAL B 448 13.57 34.71 -10.91
N CYS B 449 13.70 33.40 -11.09
CA CYS B 449 15.04 32.83 -11.21
C CYS B 449 15.36 32.40 -12.63
N GLY B 450 14.44 32.67 -13.54
CA GLY B 450 14.65 32.33 -14.95
C GLY B 450 14.44 30.89 -15.34
N TYR B 451 13.62 30.16 -14.60
CA TYR B 451 13.37 28.75 -14.92
C TYR B 451 11.94 28.46 -15.28
N GLU B 452 11.70 27.20 -15.63
CA GLU B 452 10.37 26.72 -15.97
C GLU B 452 9.89 25.83 -14.82
N PRO B 453 8.56 25.65 -14.69
CA PRO B 453 8.01 24.82 -13.62
C PRO B 453 8.44 23.38 -13.85
N GLY B 454 8.71 22.66 -12.77
CA GLY B 454 9.14 21.28 -12.87
C GLY B 454 8.12 20.30 -12.32
N GLU B 455 8.47 19.64 -11.21
CA GLU B 455 7.57 18.66 -10.58
C GLU B 455 7.35 19.04 -9.12
N LEU B 456 6.25 18.57 -8.57
CA LEU B 456 5.92 18.84 -7.17
C LEU B 456 5.72 17.52 -6.43
N ALA B 457 6.45 17.33 -5.34
CA ALA B 457 6.27 16.11 -4.54
C ALA B 457 5.96 16.47 -3.10
N ILE B 458 4.91 15.86 -2.55
CA ILE B 458 4.50 16.12 -1.18
C ILE B 458 4.60 14.88 -0.30
N PHE B 459 5.38 14.99 0.77
CA PHE B 459 5.57 13.90 1.71
C PHE B 459 4.80 14.24 2.99
N ILE B 460 3.90 13.35 3.36
CA ILE B 460 3.04 13.56 4.51
C ILE B 460 3.30 12.65 5.69
N GLY B 461 3.22 13.24 6.87
CA GLY B 461 3.38 12.48 8.08
C GLY B 461 2.01 11.94 8.45
N ASP B 462 1.27 12.72 9.24
CA ASP B 462 -0.05 12.30 9.68
C ASP B 462 -1.10 12.69 8.64
N ALA B 463 -1.46 11.74 7.78
CA ALA B 463 -2.46 11.99 6.74
C ALA B 463 -3.82 11.56 7.29
N HIS B 464 -4.73 12.51 7.50
CA HIS B 464 -6.01 12.15 8.10
C HIS B 464 -7.25 12.80 7.49
N ILE B 465 -8.42 12.31 7.89
CA ILE B 465 -9.68 12.90 7.47
C ILE B 465 -10.61 13.12 8.66
N TYR B 466 -10.97 14.38 8.91
CA TYR B 466 -11.83 14.74 10.02
C TYR B 466 -13.22 14.15 9.86
N GLU B 467 -13.72 13.53 10.93
CA GLU B 467 -14.80 12.56 10.81
C GLU B 467 -16.07 13.20 10.26
N ASN B 468 -16.11 14.53 10.25
CA ASN B 468 -17.26 15.26 9.74
C ASN B 468 -17.08 15.64 8.26
N HIS B 469 -16.13 14.97 7.62
CA HIS B 469 -15.82 15.18 6.20
C HIS B 469 -16.07 13.90 5.40
N LEU B 470 -16.45 12.83 6.10
CA LEU B 470 -16.67 11.52 5.49
C LEU B 470 -17.69 11.45 4.38
N THR B 471 -18.89 11.99 4.59
CA THR B 471 -19.85 11.90 3.51
C THR B 471 -19.45 12.85 2.37
N GLN B 472 -18.81 13.97 2.71
CA GLN B 472 -18.37 14.92 1.70
C GLN B 472 -17.26 14.39 0.80
N LEU B 473 -16.31 13.66 1.39
CA LEU B 473 -15.22 13.12 0.59
C LEU B 473 -15.66 11.90 -0.21
N LYS B 474 -16.69 11.22 0.26
CA LYS B 474 -17.18 10.07 -0.49
C LYS B 474 -17.92 10.61 -1.71
N GLU B 475 -18.52 11.77 -1.55
CA GLU B 475 -19.21 12.43 -2.64
C GLU B 475 -18.12 12.75 -3.67
N GLN B 476 -17.07 13.41 -3.20
CA GLN B 476 -15.97 13.78 -4.07
C GLN B 476 -15.40 12.56 -4.80
N LEU B 477 -15.25 11.46 -4.07
CA LEU B 477 -14.69 10.24 -4.65
C LEU B 477 -15.58 9.58 -5.68
N SER B 478 -16.80 10.09 -5.84
CA SER B 478 -17.72 9.53 -6.83
C SER B 478 -17.57 10.33 -8.12
N ARG B 479 -16.84 11.44 -8.05
CA ARG B 479 -16.64 12.29 -9.23
C ARG B 479 -15.38 11.93 -10.02
N THR B 480 -15.52 11.66 -11.32
CA THR B 480 -14.34 11.32 -12.11
C THR B 480 -13.60 12.60 -12.45
N PRO B 481 -12.29 12.65 -12.18
CA PRO B 481 -11.49 13.84 -12.45
C PRO B 481 -11.43 14.28 -13.91
N ARG B 482 -11.28 15.59 -14.11
CA ARG B 482 -11.19 16.19 -15.44
C ARG B 482 -9.77 16.72 -15.64
N PRO B 483 -9.43 17.17 -16.85
CA PRO B 483 -8.07 17.69 -17.07
C PRO B 483 -7.72 18.88 -16.17
N PHE B 484 -6.50 18.90 -15.66
CA PHE B 484 -6.08 20.01 -14.82
C PHE B 484 -6.06 21.27 -15.65
N PRO B 485 -6.21 22.43 -15.01
CA PRO B 485 -6.19 23.69 -15.76
C PRO B 485 -4.75 24.14 -16.06
N GLN B 486 -4.60 25.37 -16.51
CA GLN B 486 -3.29 25.96 -16.79
C GLN B 486 -3.28 27.25 -15.98
N LEU B 487 -2.12 27.60 -15.44
CA LEU B 487 -1.97 28.83 -14.67
C LEU B 487 -0.81 29.59 -15.25
N LYS B 488 -1.05 30.84 -15.64
CA LYS B 488 -0.01 31.68 -16.22
C LYS B 488 0.03 33.08 -15.63
N PHE B 489 1.20 33.70 -15.66
CA PHE B 489 1.39 35.05 -15.13
C PHE B 489 1.29 36.07 -16.28
N LYS B 490 0.56 37.15 -16.06
CA LYS B 490 0.38 38.17 -17.09
C LYS B 490 1.61 39.05 -17.31
N ARG B 491 2.37 39.31 -16.25
CA ARG B 491 3.56 40.14 -16.37
C ARG B 491 4.71 39.44 -15.67
N LYS B 492 5.93 39.84 -15.99
CA LYS B 492 7.09 39.26 -15.34
C LYS B 492 7.44 40.26 -14.24
N VAL B 493 7.19 39.89 -13.00
CA VAL B 493 7.50 40.78 -11.89
C VAL B 493 9.01 40.82 -11.71
N GLU B 494 9.51 41.83 -11.02
CA GLU B 494 10.95 41.92 -10.80
C GLU B 494 11.29 41.55 -9.36
N ASN B 495 10.26 41.34 -8.55
CA ASN B 495 10.46 40.97 -7.17
C ASN B 495 9.30 40.07 -6.73
N ILE B 496 9.64 38.89 -6.22
CA ILE B 496 8.63 37.95 -5.80
C ILE B 496 7.53 38.57 -4.94
N GLU B 497 7.82 39.65 -4.22
CA GLU B 497 6.81 40.27 -3.37
C GLU B 497 5.81 41.11 -4.17
N ASP B 498 6.09 41.38 -5.43
CA ASP B 498 5.22 42.21 -6.26
C ASP B 498 4.04 41.54 -6.96
N PHE B 499 3.91 40.23 -6.82
CA PHE B 499 2.80 39.53 -7.46
C PHE B 499 1.47 40.00 -6.90
N LYS B 500 0.50 40.17 -7.79
CA LYS B 500 -0.86 40.61 -7.43
C LYS B 500 -1.84 39.61 -8.04
N TRP B 501 -3.01 39.49 -7.43
CA TRP B 501 -4.03 38.56 -7.91
C TRP B 501 -4.26 38.75 -9.40
N GLU B 502 -4.42 40.02 -9.78
CA GLU B 502 -4.64 40.41 -11.17
C GLU B 502 -3.62 39.81 -12.14
N ASP B 503 -2.41 39.57 -11.65
CA ASP B 503 -1.32 39.01 -12.46
C ASP B 503 -1.54 37.55 -12.85
N ILE B 504 -2.38 36.85 -12.08
CA ILE B 504 -2.65 35.44 -12.32
C ILE B 504 -3.76 35.21 -13.34
N GLU B 505 -3.57 34.19 -14.17
CA GLU B 505 -4.56 33.84 -15.16
C GLU B 505 -4.80 32.32 -15.14
N LEU B 506 -5.98 31.92 -14.65
CA LEU B 506 -6.35 30.51 -14.58
C LEU B 506 -7.06 30.14 -15.88
N ILE B 507 -6.47 29.27 -16.67
CA ILE B 507 -7.06 28.92 -17.95
C ILE B 507 -7.59 27.51 -18.12
N GLY B 508 -8.90 27.38 -18.34
CA GLY B 508 -9.51 26.08 -18.62
C GLY B 508 -9.79 25.31 -17.35
N TYR B 509 -10.18 26.02 -16.29
CA TYR B 509 -10.51 25.38 -15.02
C TYR B 509 -12.01 25.14 -14.91
N TYR B 510 -12.41 23.87 -14.93
CA TYR B 510 -13.82 23.51 -15.02
C TYR B 510 -14.18 22.45 -13.99
N PRO B 511 -14.32 22.86 -12.73
CA PRO B 511 -14.39 21.92 -11.62
C PRO B 511 -15.83 21.49 -11.33
N TYR B 512 -15.98 20.41 -10.56
CA TYR B 512 -17.28 19.96 -10.13
C TYR B 512 -17.65 20.96 -9.04
N PRO B 513 -18.91 20.98 -8.63
CA PRO B 513 -19.38 21.90 -7.59
C PRO B 513 -18.55 21.85 -6.32
N THR B 514 -18.50 22.97 -5.61
CA THR B 514 -17.75 22.99 -4.38
C THR B 514 -18.48 22.08 -3.38
N ILE B 515 -17.73 21.54 -2.44
CA ILE B 515 -18.29 20.67 -1.41
C ILE B 515 -18.00 21.31 -0.05
N LYS B 516 -19.06 21.74 0.63
CA LYS B 516 -18.88 22.38 1.93
C LYS B 516 -18.26 21.50 3.00
N MET B 517 -17.19 21.97 3.61
CA MET B 517 -16.54 21.23 4.68
C MET B 517 -16.10 22.17 5.81
N ASP B 518 -16.47 21.81 7.04
CA ASP B 518 -16.13 22.59 8.22
C ASP B 518 -14.74 22.29 8.74
N MET B 519 -14.06 23.35 9.16
CA MET B 519 -12.71 23.24 9.68
C MET B 519 -12.70 23.05 11.19
N ALA B 520 -11.88 22.11 11.66
CA ALA B 520 -11.78 21.86 13.10
C ALA B 520 -10.81 22.88 13.70
N VAL B 521 -11.29 23.69 14.65
CA VAL B 521 -10.45 24.70 15.28
C VAL B 521 -9.54 24.12 16.37
N GLU C 3 -27.76 65.31 87.65
CA GLU C 3 -28.39 64.57 86.52
C GLU C 3 -28.23 63.07 86.68
N LYS C 4 -29.34 62.34 86.53
CA LYS C 4 -29.30 60.88 86.68
C LYS C 4 -29.77 60.11 85.47
N ASN C 5 -29.27 58.87 85.37
CA ASN C 5 -29.58 57.99 84.25
C ASN C 5 -30.87 57.20 84.40
N VAL C 6 -31.59 57.05 83.29
CA VAL C 6 -32.84 56.29 83.28
C VAL C 6 -32.82 55.32 82.11
N SER C 7 -32.66 54.03 82.41
CA SER C 7 -32.62 53.03 81.36
C SER C 7 -33.65 51.92 81.53
N ILE C 8 -34.13 51.43 80.40
CA ILE C 8 -35.10 50.36 80.37
C ILE C 8 -34.42 49.00 80.55
N VAL C 9 -35.16 48.04 81.06
CA VAL C 9 -34.67 46.67 81.23
C VAL C 9 -35.86 45.82 80.80
N VAL C 10 -35.63 44.89 79.87
CA VAL C 10 -36.70 44.05 79.36
C VAL C 10 -36.21 42.80 78.62
N ALA C 11 -37.10 41.84 78.49
CA ALA C 11 -36.82 40.58 77.78
C ALA C 11 -38.00 40.33 76.83
N ALA C 12 -37.73 40.25 75.54
CA ALA C 12 -38.79 40.01 74.56
C ALA C 12 -38.41 38.95 73.53
N SER C 13 -39.41 38.38 72.87
CA SER C 13 -39.13 37.37 71.86
C SER C 13 -38.31 37.99 70.75
N VAL C 14 -37.37 37.22 70.20
CA VAL C 14 -36.49 37.71 69.16
C VAL C 14 -37.16 38.30 67.93
N LEU C 15 -38.22 37.67 67.44
CA LEU C 15 -38.90 38.16 66.25
C LEU C 15 -40.00 39.18 66.48
N SER C 16 -41.03 38.84 67.25
CA SER C 16 -42.13 39.77 67.47
C SER C 16 -42.07 40.60 68.74
N SER C 17 -41.03 40.41 69.54
CA SER C 17 -40.84 41.19 70.76
C SER C 17 -41.89 40.98 71.86
N GLY C 18 -42.53 39.81 71.87
CA GLY C 18 -43.52 39.54 72.90
C GLY C 18 -42.84 39.47 74.26
N ILE C 19 -43.43 40.13 75.26
CA ILE C 19 -42.84 40.12 76.60
C ILE C 19 -43.74 39.49 77.66
N GLY C 20 -44.96 39.12 77.29
CA GLY C 20 -45.85 38.52 78.27
C GLY C 20 -47.14 37.87 77.76
N ILE C 21 -47.75 37.08 78.62
CA ILE C 21 -48.99 36.38 78.29
C ILE C 21 -49.77 36.14 79.58
N ASN C 22 -51.07 36.44 79.54
CA ASN C 22 -51.95 36.26 80.69
C ASN C 22 -51.31 36.65 82.02
N GLY C 23 -50.75 37.86 82.07
CA GLY C 23 -50.14 38.35 83.29
C GLY C 23 -48.88 37.63 83.72
N GLN C 24 -48.24 36.90 82.80
CA GLN C 24 -47.02 36.19 83.12
C GLN C 24 -45.97 36.27 82.03
N LEU C 25 -44.76 35.85 82.38
CA LEU C 25 -43.66 35.81 81.44
C LEU C 25 -43.96 34.59 80.59
N PRO C 26 -43.60 34.63 79.29
CA PRO C 26 -43.86 33.50 78.40
C PRO C 26 -42.82 32.38 78.53
N TRP C 27 -41.91 32.54 79.47
CA TRP C 27 -40.83 31.56 79.64
C TRP C 27 -40.26 31.66 81.04
N SER C 28 -39.49 30.65 81.44
CA SER C 28 -38.87 30.68 82.75
C SER C 28 -37.34 30.51 82.66
N ILE C 29 -36.62 31.62 82.80
CA ILE C 29 -35.16 31.60 82.71
C ILE C 29 -34.51 32.27 83.92
N SER C 30 -33.95 31.46 84.80
CA SER C 30 -33.28 31.94 86.01
C SER C 30 -32.25 33.02 85.72
N GLU C 31 -31.25 32.65 84.93
CA GLU C 31 -30.18 33.55 84.57
C GLU C 31 -30.69 34.93 84.18
N ASP C 32 -31.80 34.99 83.46
CA ASP C 32 -32.31 36.29 83.06
C ASP C 32 -32.80 37.10 84.24
N LEU C 33 -33.45 36.45 85.20
CA LEU C 33 -33.91 37.18 86.37
C LEU C 33 -32.69 37.54 87.21
N LYS C 34 -31.74 36.61 87.28
CA LYS C 34 -30.52 36.88 88.04
C LYS C 34 -29.86 38.09 87.37
N PHE C 35 -30.08 38.22 86.07
CA PHE C 35 -29.52 39.35 85.33
C PHE C 35 -30.26 40.60 85.81
N PHE C 36 -31.57 40.62 85.59
CA PHE C 36 -32.42 41.72 86.01
C PHE C 36 -32.00 42.17 87.41
N SER C 37 -31.76 41.23 88.30
CA SER C 37 -31.38 41.59 89.66
C SER C 37 -30.02 42.30 89.67
N LYS C 38 -29.01 41.67 89.08
CA LYS C 38 -27.65 42.22 89.04
C LYS C 38 -27.55 43.64 88.49
N ILE C 39 -28.08 43.85 87.29
CA ILE C 39 -28.03 45.15 86.64
C ILE C 39 -28.90 46.18 87.35
N THR C 40 -29.98 45.70 87.94
CA THR C 40 -30.94 46.56 88.65
C THR C 40 -30.46 47.06 90.02
N ASN C 41 -29.58 46.29 90.67
CA ASN C 41 -29.04 46.69 91.95
C ASN C 41 -27.71 47.39 91.78
N ASN C 42 -27.20 47.37 90.56
CA ASN C 42 -25.91 47.97 90.25
C ASN C 42 -25.84 49.48 90.55
N LYS C 43 -24.99 49.83 91.51
CA LYS C 43 -24.79 51.22 91.93
C LYS C 43 -23.49 51.29 92.72
N CYS C 44 -22.89 52.48 92.83
CA CYS C 44 -21.64 52.62 93.56
C CYS C 44 -21.70 53.42 94.86
N ASP C 45 -22.88 53.95 95.20
CA ASP C 45 -23.03 54.70 96.45
C ASP C 45 -23.82 53.86 97.45
N SER C 46 -23.12 53.36 98.47
CA SER C 46 -23.74 52.53 99.50
C SER C 46 -24.97 53.18 100.09
N ASN C 47 -24.84 54.47 100.41
CA ASN C 47 -25.91 55.23 101.01
C ASN C 47 -27.12 55.51 100.11
N LYS C 48 -26.98 55.19 98.83
CA LYS C 48 -28.07 55.40 97.88
C LYS C 48 -28.70 54.09 97.41
N LYS C 49 -29.82 54.21 96.71
CA LYS C 49 -30.54 53.05 96.17
C LYS C 49 -31.04 53.34 94.76
N ASN C 50 -31.41 52.30 94.02
CA ASN C 50 -31.95 52.49 92.69
C ASN C 50 -33.46 52.42 92.74
N ALA C 51 -34.11 53.03 91.76
CA ALA C 51 -35.56 53.05 91.70
C ALA C 51 -36.02 52.27 90.47
N LEU C 52 -37.06 51.47 90.64
CA LEU C 52 -37.58 50.69 89.52
C LEU C 52 -39.04 51.02 89.25
N ILE C 53 -39.27 51.74 88.16
CA ILE C 53 -40.61 52.14 87.75
C ILE C 53 -41.29 50.98 87.03
N MET C 54 -42.58 50.78 87.27
CA MET C 54 -43.32 49.71 86.61
C MET C 54 -44.82 49.95 86.61
N GLY C 55 -45.49 49.45 85.59
CA GLY C 55 -46.93 49.61 85.50
C GLY C 55 -47.59 48.83 86.62
N ARG C 56 -48.86 49.10 86.87
CA ARG C 56 -49.58 48.41 87.93
C ARG C 56 -49.68 46.91 87.68
N LYS C 57 -50.08 46.52 86.47
CA LYS C 57 -50.22 45.10 86.16
C LYS C 57 -48.93 44.30 86.38
N THR C 58 -47.79 44.94 86.13
CA THR C 58 -46.50 44.28 86.32
C THR C 58 -46.30 44.11 87.83
N TRP C 59 -46.78 45.10 88.58
CA TRP C 59 -46.71 45.09 90.03
C TRP C 59 -47.51 43.88 90.52
N ASP C 60 -48.62 43.60 89.85
CA ASP C 60 -49.46 42.46 90.22
C ASP C 60 -48.72 41.16 89.94
N SER C 61 -47.98 41.13 88.84
CA SER C 61 -47.22 39.95 88.46
C SER C 61 -46.06 39.68 89.42
N ILE C 62 -45.43 40.74 89.90
CA ILE C 62 -44.33 40.60 90.86
C ILE C 62 -44.85 40.11 92.21
N GLY C 63 -46.17 40.06 92.36
CA GLY C 63 -46.78 39.60 93.59
C GLY C 63 -46.87 40.67 94.68
N ARG C 64 -46.69 41.92 94.29
CA ARG C 64 -46.88 43.09 95.15
C ARG C 64 -46.01 43.04 96.38
N ARG C 65 -44.85 42.40 96.26
CA ARG C 65 -43.89 42.32 97.36
C ARG C 65 -42.73 43.18 96.88
N PRO C 66 -42.03 43.85 97.80
CA PRO C 66 -40.91 44.70 97.41
C PRO C 66 -39.70 43.91 96.88
N LEU C 67 -38.78 44.60 96.21
CA LEU C 67 -37.57 43.99 95.70
C LEU C 67 -36.42 44.48 96.56
N LYS C 68 -35.68 43.55 97.16
CA LYS C 68 -34.59 43.90 98.07
C LYS C 68 -33.60 44.94 97.56
N ASN C 69 -33.22 45.85 98.45
CA ASN C 69 -32.26 46.92 98.20
C ASN C 69 -32.69 47.95 97.16
N ARG C 70 -33.94 47.91 96.76
CA ARG C 70 -34.44 48.84 95.76
C ARG C 70 -35.75 49.49 96.18
N ILE C 71 -36.14 50.52 95.45
CA ILE C 71 -37.37 51.21 95.78
C ILE C 71 -38.32 51.23 94.59
N ILE C 72 -39.19 50.23 94.54
CA ILE C 72 -40.18 50.13 93.46
C ILE C 72 -41.00 51.41 93.39
N VAL C 73 -41.52 51.69 92.19
CA VAL C 73 -42.32 52.87 91.94
C VAL C 73 -43.46 52.47 91.00
N VAL C 74 -44.68 52.41 91.51
CA VAL C 74 -45.81 52.01 90.67
C VAL C 74 -46.57 53.16 90.05
N ILE C 75 -46.98 52.98 88.80
CA ILE C 75 -47.77 53.98 88.11
C ILE C 75 -49.19 53.41 88.08
N SER C 76 -50.10 54.10 88.75
CA SER C 76 -51.48 53.65 88.82
C SER C 76 -52.42 54.83 89.02
N SER C 77 -53.63 54.71 88.51
CA SER C 77 -54.63 55.76 88.65
C SER C 77 -55.21 55.65 90.05
N SER C 78 -55.46 54.41 90.47
CA SER C 78 -56.04 54.16 91.78
C SER C 78 -55.20 53.30 92.72
N LEU C 79 -54.42 53.91 93.56
CA LEU C 79 -53.77 53.25 94.68
C LEU C 79 -53.32 54.27 95.72
N PRO C 80 -53.34 53.86 97.00
CA PRO C 80 -52.93 54.72 98.12
C PRO C 80 -51.47 55.18 98.13
N GLN C 81 -51.24 56.42 98.61
CA GLN C 81 -49.90 56.98 98.69
C GLN C 81 -49.31 56.85 100.11
N ASP C 82 -49.82 55.90 100.88
CA ASP C 82 -49.36 55.69 102.24
C ASP C 82 -47.93 55.15 102.31
N GLU C 83 -47.32 55.27 103.48
CA GLU C 83 -45.97 54.81 103.70
C GLU C 83 -45.93 53.48 104.43
N ALA C 84 -46.98 52.67 104.24
CA ALA C 84 -47.02 51.35 104.88
C ALA C 84 -45.67 50.70 104.64
N ASP C 85 -45.17 50.88 103.42
CA ASP C 85 -43.87 50.36 103.01
C ASP C 85 -43.08 51.53 102.45
N PRO C 86 -41.93 51.84 103.08
CA PRO C 86 -41.07 52.95 102.66
C PRO C 86 -40.41 52.67 101.32
N ASN C 87 -40.25 51.39 101.00
CA ASN C 87 -39.61 50.97 99.76
C ASN C 87 -40.55 50.80 98.58
N VAL C 88 -41.67 51.49 98.62
CA VAL C 88 -42.64 51.43 97.53
C VAL C 88 -43.47 52.70 97.52
N VAL C 89 -43.51 53.36 96.37
CA VAL C 89 -44.25 54.60 96.21
C VAL C 89 -45.13 54.50 94.97
N VAL C 90 -46.13 55.36 94.89
CA VAL C 90 -47.02 55.36 93.74
C VAL C 90 -47.20 56.75 93.17
N PHE C 91 -47.38 56.81 91.85
CA PHE C 91 -47.57 58.07 91.14
C PHE C 91 -48.73 57.90 90.17
N ARG C 92 -49.41 58.99 89.87
CA ARG C 92 -50.56 58.96 88.97
C ARG C 92 -50.20 58.90 87.49
N ASN C 93 -48.99 59.35 87.15
CA ASN C 93 -48.56 59.32 85.75
C ASN C 93 -47.05 59.17 85.68
N LEU C 94 -46.54 58.78 84.51
CA LEU C 94 -45.12 58.59 84.33
C LEU C 94 -44.34 59.92 84.31
N GLU C 95 -44.93 60.94 83.68
CA GLU C 95 -44.27 62.24 83.63
C GLU C 95 -43.81 62.59 85.04
N ASP C 96 -44.77 62.63 85.97
CA ASP C 96 -44.52 62.95 87.37
C ASP C 96 -43.59 61.94 88.04
N SER C 97 -43.73 60.67 87.69
CA SER C 97 -42.89 59.63 88.26
C SER C 97 -41.41 59.98 88.15
N ILE C 98 -41.03 60.57 87.02
CA ILE C 98 -39.75 61.25 86.90
C ILE C 98 -39.71 62.50 87.77
N GLU C 99 -38.50 62.86 88.22
CA GLU C 99 -38.36 63.79 89.33
C GLU C 99 -37.76 63.10 90.55
N ASN C 100 -37.45 61.82 90.41
CA ASN C 100 -36.42 61.18 91.21
C ASN C 100 -35.06 61.86 91.03
N LEU C 101 -34.84 62.44 89.85
CA LEU C 101 -33.72 63.34 89.65
C LEU C 101 -33.87 64.61 90.49
N MET C 102 -34.94 65.36 90.23
CA MET C 102 -35.19 66.60 90.94
C MET C 102 -34.94 66.44 92.44
N ASN C 103 -35.34 65.29 92.98
CA ASN C 103 -35.19 65.02 94.40
C ASN C 103 -34.39 63.75 94.65
N ASP C 104 -34.29 63.35 95.91
CA ASP C 104 -33.77 62.05 96.30
C ASP C 104 -32.31 61.82 95.94
N ASP C 105 -31.43 62.64 96.50
CA ASP C 105 -30.01 62.49 96.27
C ASP C 105 -29.66 61.09 96.80
N SER C 106 -30.69 60.39 97.25
CA SER C 106 -30.59 59.02 97.77
C SER C 106 -30.76 58.02 96.64
N ILE C 107 -31.30 58.49 95.52
CA ILE C 107 -31.50 57.65 94.34
C ILE C 107 -30.38 57.91 93.33
N GLU C 108 -29.62 56.87 93.02
CA GLU C 108 -28.51 57.01 92.07
C GLU C 108 -28.94 56.82 90.61
N ASN C 109 -29.67 55.75 90.33
CA ASN C 109 -30.11 55.46 88.96
C ASN C 109 -31.57 55.02 88.87
N ILE C 110 -32.15 55.23 87.69
CA ILE C 110 -33.55 54.86 87.45
C ILE C 110 -33.65 53.79 86.35
N PHE C 111 -34.60 52.86 86.54
CA PHE C 111 -34.83 51.78 85.60
C PHE C 111 -36.31 51.64 85.29
N VAL C 112 -36.65 51.44 84.03
CA VAL C 112 -38.04 51.26 83.67
C VAL C 112 -38.21 49.74 83.48
N CYS C 113 -38.79 49.08 84.47
CA CYS C 113 -39.05 47.65 84.41
C CYS C 113 -40.42 47.37 83.80
N GLY C 114 -41.11 48.42 83.38
CA GLY C 114 -41.98 48.36 82.22
C GLY C 114 -43.36 47.83 82.57
N GLY C 115 -43.82 46.84 81.80
CA GLY C 115 -45.18 46.84 81.29
C GLY C 115 -45.30 47.59 79.98
N GLU C 116 -45.96 46.97 79.01
CA GLU C 116 -46.00 47.51 77.65
C GLU C 116 -46.36 48.98 77.66
N SER C 117 -47.45 49.32 78.33
CA SER C 117 -47.93 50.70 78.38
C SER C 117 -46.82 51.62 78.91
N ILE C 118 -46.14 51.18 79.96
CA ILE C 118 -45.08 52.00 80.54
C ILE C 118 -43.86 52.15 79.64
N TYR C 119 -43.53 51.11 78.88
CA TYR C 119 -42.39 51.18 77.98
C TYR C 119 -42.73 52.18 76.88
N ARG C 120 -43.87 51.96 76.24
CA ARG C 120 -44.36 52.78 75.14
C ARG C 120 -44.49 54.27 75.47
N ASP C 121 -44.44 54.61 76.75
CA ASP C 121 -44.54 56.00 77.17
C ASP C 121 -43.19 56.55 77.58
N ALA C 122 -42.36 55.70 78.19
CA ALA C 122 -41.03 56.11 78.61
C ALA C 122 -40.25 56.45 77.34
N LEU C 123 -40.55 55.70 76.29
CA LEU C 123 -39.93 55.90 75.00
C LEU C 123 -40.49 57.14 74.30
N LYS C 124 -41.81 57.13 74.11
CA LYS C 124 -42.54 58.25 73.50
C LYS C 124 -42.15 59.64 74.00
N ASP C 125 -41.90 59.74 75.30
CA ASP C 125 -41.56 61.03 75.90
C ASP C 125 -40.06 61.33 76.05
N ASN C 126 -39.24 60.53 75.40
CA ASN C 126 -37.79 60.71 75.44
C ASN C 126 -37.23 60.67 76.85
N PHE C 127 -37.85 59.87 77.71
CA PHE C 127 -37.41 59.74 79.10
C PHE C 127 -36.20 58.81 79.28
N VAL C 128 -36.14 57.74 78.48
CA VAL C 128 -35.08 56.75 78.56
C VAL C 128 -33.77 57.13 77.84
N ASP C 129 -32.65 56.86 78.49
CA ASP C 129 -31.32 56.91 77.91
C ASP C 129 -30.73 55.63 77.31
N ARG C 130 -30.80 54.55 78.09
CA ARG C 130 -30.25 53.27 77.70
C ARG C 130 -31.32 52.18 77.64
N ILE C 131 -30.95 51.02 77.11
CA ILE C 131 -31.87 49.90 77.02
C ILE C 131 -31.16 48.56 77.16
N TYR C 132 -31.49 47.81 78.21
CA TYR C 132 -30.92 46.49 78.41
C TYR C 132 -32.00 45.55 77.88
N LEU C 133 -31.70 44.88 76.77
CA LEU C 133 -32.67 43.99 76.15
C LEU C 133 -32.22 42.56 76.09
N THR C 134 -33.07 41.65 76.57
CA THR C 134 -32.77 40.24 76.54
C THR C 134 -33.63 39.61 75.47
N ARG C 135 -32.99 39.15 74.39
CA ARG C 135 -33.70 38.52 73.27
C ARG C 135 -33.86 37.04 73.55
N VAL C 136 -35.09 36.54 73.47
CA VAL C 136 -35.35 35.13 73.73
C VAL C 136 -35.81 34.44 72.45
N ALA C 137 -35.17 33.33 72.12
CA ALA C 137 -35.49 32.60 70.91
C ALA C 137 -36.83 31.84 70.99
N LEU C 138 -37.72 32.28 71.88
CA LEU C 138 -39.01 31.62 71.99
C LEU C 138 -39.98 32.46 71.20
N GLU C 139 -40.52 31.87 70.14
CA GLU C 139 -41.15 32.65 69.07
C GLU C 139 -42.61 32.23 68.88
N ASP C 140 -42.84 30.92 68.80
CA ASP C 140 -44.08 30.40 68.24
C ASP C 140 -45.07 30.04 69.34
N ILE C 141 -45.83 31.04 69.80
CA ILE C 141 -46.38 31.01 71.15
C ILE C 141 -47.09 32.32 71.47
N GLU C 142 -48.10 32.24 72.35
CA GLU C 142 -49.10 33.29 72.46
C GLU C 142 -48.56 34.46 73.28
N PHE C 143 -48.52 35.63 72.65
CA PHE C 143 -48.28 36.88 73.38
C PHE C 143 -49.48 37.82 73.38
N ASP C 144 -49.70 38.48 74.51
CA ASP C 144 -50.70 39.54 74.58
C ASP C 144 -50.01 40.88 74.83
N THR C 145 -48.76 40.83 75.31
CA THR C 145 -47.98 42.03 75.61
C THR C 145 -46.65 42.07 74.83
N TYR C 146 -46.38 43.18 74.16
CA TYR C 146 -45.15 43.32 73.37
C TYR C 146 -44.31 44.52 73.78
N PHE C 147 -43.03 44.47 73.43
CA PHE C 147 -42.15 45.59 73.73
C PHE C 147 -42.23 46.55 72.53
N PRO C 148 -42.36 47.86 72.79
CA PRO C 148 -42.45 48.82 71.70
C PRO C 148 -41.24 48.82 70.78
N GLU C 149 -41.50 49.04 69.50
CA GLU C 149 -40.44 49.10 68.49
C GLU C 149 -39.44 50.15 68.94
N ILE C 150 -38.16 49.79 68.97
CA ILE C 150 -37.14 50.74 69.42
C ILE C 150 -36.99 51.91 68.46
N PRO C 151 -37.13 53.14 68.99
CA PRO C 151 -37.01 54.35 68.17
C PRO C 151 -35.60 54.45 67.58
N GLU C 152 -35.48 55.03 66.39
CA GLU C 152 -34.24 55.05 65.62
C GLU C 152 -33.18 55.94 66.26
N THR C 153 -33.53 56.57 67.36
CA THR C 153 -32.59 57.40 68.07
C THR C 153 -31.64 56.58 68.95
N PHE C 154 -31.87 55.27 68.93
CA PHE C 154 -31.07 54.31 69.70
C PHE C 154 -30.21 53.45 68.79
N LEU C 155 -29.01 53.11 69.27
CA LEU C 155 -28.10 52.28 68.52
C LEU C 155 -27.50 51.21 69.41
N PRO C 156 -27.48 49.96 68.94
CA PRO C 156 -26.92 48.85 69.74
C PRO C 156 -25.42 49.05 69.93
N VAL C 157 -24.92 48.75 71.13
CA VAL C 157 -23.51 48.93 71.39
C VAL C 157 -22.89 47.68 71.97
N TYR C 158 -23.73 46.68 72.25
CA TYR C 158 -23.29 45.40 72.81
C TYR C 158 -24.27 44.28 72.51
N MET C 159 -23.72 43.11 72.21
CA MET C 159 -24.50 41.92 71.90
C MET C 159 -23.66 40.78 72.46
N SER C 160 -24.21 40.06 73.45
CA SER C 160 -23.48 38.97 74.07
C SER C 160 -23.56 37.70 73.25
N GLN C 161 -22.77 36.72 73.67
CA GLN C 161 -22.79 35.43 73.03
C GLN C 161 -24.17 34.86 73.34
N THR C 162 -24.51 33.75 72.71
CA THR C 162 -25.80 33.13 72.97
C THR C 162 -25.67 32.27 74.22
N PHE C 163 -26.75 32.18 74.99
CA PHE C 163 -26.76 31.35 76.18
C PHE C 163 -27.93 30.38 76.11
N CYS C 164 -27.84 29.31 76.90
CA CYS C 164 -28.90 28.31 76.91
C CYS C 164 -29.47 27.94 78.27
N THR C 165 -30.80 27.83 78.31
CA THR C 165 -31.52 27.44 79.52
C THR C 165 -32.74 26.66 79.06
N LYS C 166 -32.85 25.42 79.52
CA LYS C 166 -33.96 24.56 79.16
C LYS C 166 -34.11 24.47 77.63
N ASN C 167 -32.97 24.52 76.94
CA ASN C 167 -32.90 24.46 75.48
C ASN C 167 -33.38 25.74 74.79
N ILE C 168 -33.47 26.83 75.53
CA ILE C 168 -33.90 28.10 74.95
C ILE C 168 -32.70 29.02 74.81
N SER C 169 -32.51 29.55 73.61
CA SER C 169 -31.40 30.45 73.34
C SER C 169 -31.80 31.89 73.66
N TYR C 170 -30.81 32.69 74.07
CA TYR C 170 -31.05 34.08 74.43
C TYR C 170 -29.74 34.84 74.60
N ASP C 171 -29.85 36.10 75.01
CA ASP C 171 -29.07 37.17 74.40
C ASP C 171 -29.24 38.49 75.14
N PHE C 172 -28.12 39.11 75.50
CA PHE C 172 -28.16 40.41 76.17
C PHE C 172 -27.63 41.51 75.26
N MET C 173 -28.48 42.49 74.97
CA MET C 173 -28.07 43.65 74.19
C MET C 173 -28.24 44.96 74.95
N ILE C 174 -27.47 45.96 74.55
CA ILE C 174 -27.54 47.28 75.16
C ILE C 174 -27.65 48.33 74.05
N PHE C 175 -28.61 49.24 74.19
CA PHE C 175 -28.76 50.30 73.21
C PHE C 175 -28.58 51.63 73.90
N GLU C 176 -28.22 52.66 73.14
CA GLU C 176 -28.04 53.98 73.71
C GLU C 176 -28.51 55.06 72.75
N LYS C 177 -28.85 56.23 73.29
CA LYS C 177 -29.32 57.33 72.47
C LYS C 177 -28.14 58.13 71.92
N GLN C 178 -28.34 58.77 70.78
CA GLN C 178 -27.27 59.51 70.11
C GLN C 178 -27.23 60.94 70.60
N GLU C 179 -26.03 61.53 70.57
CA GLU C 179 -25.79 62.81 71.24
C GLU C 179 -24.67 63.58 70.56
N LYS C 180 -24.54 64.85 70.92
CA LYS C 180 -24.05 65.86 69.98
C LYS C 180 -22.52 65.83 69.88
N LYS C 181 -21.99 66.59 68.93
CA LYS C 181 -20.55 66.63 68.72
C LYS C 181 -19.99 65.23 68.45
N LEU C 193 -6.13 58.38 73.06
CA LEU C 193 -5.18 59.47 72.96
C LEU C 193 -4.60 59.55 71.54
N LYS C 194 -4.84 60.68 70.90
CA LYS C 194 -4.39 60.99 69.53
C LYS C 194 -2.95 60.58 69.24
N SER C 195 -2.07 60.76 70.22
CA SER C 195 -0.64 60.46 70.06
C SER C 195 -0.34 59.16 69.33
N ILE C 196 -1.00 58.08 69.72
CA ILE C 196 -0.75 56.79 69.10
C ILE C 196 -1.36 56.72 67.71
N ASP C 197 -2.64 57.01 67.58
CA ASP C 197 -3.30 56.97 66.29
C ASP C 197 -2.59 57.86 65.26
N ASP C 198 -2.19 59.05 65.69
CA ASP C 198 -1.51 59.99 64.80
C ASP C 198 -0.17 59.43 64.35
N THR C 199 0.64 58.99 65.31
CA THR C 199 1.92 58.43 64.99
C THR C 199 1.77 57.25 64.01
N VAL C 200 0.85 56.34 64.31
CA VAL C 200 0.63 55.18 63.44
C VAL C 200 0.18 55.63 62.05
N ASP C 201 -0.69 56.63 61.98
CA ASP C 201 -1.16 57.15 60.70
C ASP C 201 0.00 57.67 59.86
N LEU C 202 0.79 58.54 60.47
CA LEU C 202 1.94 59.13 59.80
C LEU C 202 2.92 58.05 59.37
N LEU C 203 3.17 57.11 60.26
CA LEU C 203 4.06 56.01 59.96
C LEU C 203 3.47 55.25 58.77
N GLY C 204 2.15 55.28 58.64
CA GLY C 204 1.47 54.62 57.54
C GLY C 204 1.66 55.37 56.23
N GLU C 205 1.68 56.69 56.30
CA GLU C 205 1.89 57.52 55.12
C GLU C 205 3.29 57.34 54.57
N ILE C 206 4.27 57.27 55.47
CA ILE C 206 5.65 57.09 55.09
C ILE C 206 5.94 55.75 54.43
N PHE C 207 5.44 54.68 55.03
CA PHE C 207 5.71 53.32 54.54
C PHE C 207 4.75 52.63 53.57
N GLY C 208 3.54 53.13 53.44
CA GLY C 208 2.61 52.46 52.54
C GLY C 208 2.43 51.01 52.93
N ILE C 209 2.31 50.14 51.95
CA ILE C 209 2.11 48.73 52.24
C ILE C 209 3.33 48.02 52.80
N ARG C 210 4.38 48.77 53.09
CA ARG C 210 5.54 48.21 53.75
C ARG C 210 5.28 48.04 55.24
N LYS C 211 4.21 48.67 55.71
CA LYS C 211 3.80 48.57 57.11
C LYS C 211 2.62 47.61 57.12
N MET C 212 2.84 46.41 57.63
CA MET C 212 1.83 45.35 57.65
C MET C 212 0.42 45.86 57.99
N GLY C 213 0.32 46.77 58.95
CA GLY C 213 -0.96 47.33 59.28
C GLY C 213 -1.74 47.82 58.08
N ASN C 214 -1.06 48.36 57.06
CA ASN C 214 -1.75 48.83 55.87
C ASN C 214 -2.25 47.70 55.00
N ARG C 215 -1.71 46.50 55.23
CA ARG C 215 -2.09 45.32 54.48
C ARG C 215 -3.32 44.70 55.15
N HIS C 216 -3.60 45.16 56.36
CA HIS C 216 -4.74 44.68 57.15
C HIS C 216 -5.51 45.91 57.61
N LYS C 217 -6.10 46.65 56.68
CA LYS C 217 -6.83 47.85 57.05
C LYS C 217 -8.16 47.48 57.67
N PHE C 218 -8.53 48.16 58.76
CA PHE C 218 -9.80 47.91 59.44
C PHE C 218 -10.94 48.21 58.48
N PRO C 219 -11.95 47.34 58.44
CA PRO C 219 -13.10 47.53 57.54
C PRO C 219 -13.78 48.88 57.69
N LYS C 220 -14.11 49.50 56.56
CA LYS C 220 -14.82 50.78 56.57
C LYS C 220 -16.23 50.46 57.03
N GLU C 221 -16.88 51.40 57.69
CA GLU C 221 -18.21 51.13 58.21
C GLU C 221 -19.32 50.78 57.21
N GLU C 222 -19.24 51.28 55.99
CA GLU C 222 -20.28 50.97 55.02
C GLU C 222 -20.33 49.46 54.73
N ILE C 223 -19.30 48.76 55.16
CA ILE C 223 -19.25 47.31 54.99
C ILE C 223 -19.09 46.61 56.34
N TYR C 224 -19.04 47.39 57.41
CA TYR C 224 -19.04 46.85 58.76
C TYR C 224 -20.47 46.57 59.24
N ASN C 225 -20.73 45.33 59.64
CA ASN C 225 -22.01 44.95 60.21
C ASN C 225 -22.24 45.81 61.46
N THR C 226 -23.50 46.13 61.73
CA THR C 226 -23.90 46.76 62.98
C THR C 226 -22.76 47.63 63.50
N PRO C 227 -22.34 48.59 62.67
CA PRO C 227 -21.23 49.49 63.02
C PRO C 227 -21.26 50.05 64.44
N SER C 228 -22.44 50.45 64.91
CA SER C 228 -22.58 51.03 66.24
C SER C 228 -22.01 50.16 67.37
N ILE C 229 -21.96 48.85 67.16
CA ILE C 229 -21.39 47.97 68.18
C ILE C 229 -19.88 47.96 67.94
N ARG C 230 -19.19 48.81 68.67
CA ARG C 230 -17.75 48.92 68.52
C ARG C 230 -16.97 48.03 69.46
N PHE C 231 -17.24 48.13 70.76
CA PHE C 231 -16.51 47.33 71.71
C PHE C 231 -17.30 46.17 72.31
N GLY C 232 -18.44 45.87 71.69
CA GLY C 232 -19.38 44.91 72.26
C GLY C 232 -19.75 43.81 71.29
N ARG C 233 -18.82 43.50 70.38
CA ARG C 233 -19.04 42.44 69.41
C ARG C 233 -18.70 41.07 69.98
N GLU C 234 -19.61 40.53 70.78
CA GLU C 234 -19.34 39.31 71.53
C GLU C 234 -20.02 38.11 70.89
N HIS C 235 -21.16 38.35 70.24
CA HIS C 235 -21.82 37.32 69.44
C HIS C 235 -20.75 36.76 68.50
N TYR C 236 -20.55 35.45 68.57
CA TYR C 236 -19.47 34.82 67.83
C TYR C 236 -19.85 34.61 66.36
N GLU C 237 -21.07 35.00 66.02
CA GLU C 237 -21.45 35.14 64.62
C GLU C 237 -20.68 36.28 63.94
N PHE C 238 -20.20 37.21 64.75
CA PHE C 238 -19.43 38.34 64.24
C PHE C 238 -18.05 37.87 63.81
N GLN C 239 -17.68 36.66 64.21
CA GLN C 239 -16.40 36.09 63.84
C GLN C 239 -16.45 35.79 62.36
N TYR C 240 -17.64 35.49 61.86
CA TYR C 240 -17.81 35.21 60.45
C TYR C 240 -18.15 36.47 59.66
N LEU C 241 -19.04 37.29 60.18
CA LEU C 241 -19.42 38.52 59.50
C LEU C 241 -18.22 39.45 59.33
N ASP C 242 -17.38 39.53 60.36
CA ASP C 242 -16.22 40.40 60.31
C ASP C 242 -15.12 39.90 59.38
N LEU C 243 -15.09 38.60 59.11
CA LEU C 243 -14.08 38.08 58.20
C LEU C 243 -14.53 38.56 56.83
N LEU C 244 -15.83 38.43 56.57
CA LEU C 244 -16.43 38.88 55.33
C LEU C 244 -16.01 40.35 55.08
N SER C 245 -16.18 41.18 56.11
CA SER C 245 -15.82 42.60 56.03
C SER C 245 -14.34 42.79 55.74
N ARG C 246 -13.52 42.04 56.48
CA ARG C 246 -12.09 42.12 56.33
C ARG C 246 -11.63 41.86 54.91
N VAL C 247 -12.26 40.90 54.21
CA VAL C 247 -11.83 40.65 52.85
C VAL C 247 -12.48 41.63 51.89
N LEU C 248 -13.66 42.11 52.21
CA LEU C 248 -14.32 43.09 51.35
C LEU C 248 -13.44 44.33 51.35
N GLU C 249 -12.72 44.52 52.45
CA GLU C 249 -11.86 45.67 52.61
C GLU C 249 -10.44 45.47 52.07
N ASN C 250 -9.87 44.30 52.29
CA ASN C 250 -8.49 44.05 51.88
C ASN C 250 -8.31 43.04 50.76
N GLY C 251 -9.33 42.23 50.51
CA GLY C 251 -9.25 41.21 49.48
C GLY C 251 -8.69 41.60 48.13
N ALA C 252 -7.59 40.98 47.75
CA ALA C 252 -6.97 41.24 46.46
C ALA C 252 -7.74 40.48 45.40
N TYR C 253 -7.97 41.13 44.26
CA TYR C 253 -8.70 40.55 43.14
C TYR C 253 -7.83 39.50 42.43
N ARG C 254 -8.36 38.30 42.24
CA ARG C 254 -7.56 37.29 41.56
C ARG C 254 -8.34 36.21 40.81
N GLU C 255 -7.75 35.78 39.70
CA GLU C 255 -8.32 34.75 38.86
C GLU C 255 -8.11 33.38 39.52
N ASN C 256 -8.87 32.37 39.08
CA ASN C 256 -8.72 31.01 39.63
C ASN C 256 -9.31 29.98 38.66
N ARG C 257 -8.99 28.72 38.90
CA ARG C 257 -9.45 27.60 38.06
C ARG C 257 -10.92 27.63 37.60
N THR C 258 -11.80 28.21 38.41
CA THR C 258 -13.21 28.26 38.05
C THR C 258 -13.57 29.29 36.99
N GLY C 259 -12.74 30.31 36.81
CA GLY C 259 -13.07 31.32 35.82
C GLY C 259 -13.88 32.45 36.43
N ILE C 260 -14.19 32.31 37.72
CA ILE C 260 -14.93 33.33 38.46
C ILE C 260 -13.97 33.88 39.52
N SER C 261 -13.50 35.10 39.31
CA SER C 261 -12.54 35.71 40.22
C SER C 261 -13.07 35.98 41.63
N THR C 262 -12.15 36.14 42.58
CA THR C 262 -12.52 36.39 43.96
C THR C 262 -11.75 37.58 44.53
N TYR C 263 -12.07 37.95 45.76
CA TYR C 263 -11.21 38.83 46.55
C TYR C 263 -10.68 38.10 47.79
N SER C 264 -9.36 37.94 47.84
CA SER C 264 -8.74 36.94 48.72
C SER C 264 -7.75 37.58 49.68
N ILE C 265 -7.83 37.19 50.94
CA ILE C 265 -6.72 37.35 51.87
C ILE C 265 -6.29 36.01 52.47
N PHE C 266 -5.06 35.97 52.96
CA PHE C 266 -4.44 34.70 53.34
C PHE C 266 -4.18 34.64 54.83
N GLY C 267 -4.73 33.62 55.48
CA GLY C 267 -4.52 33.41 56.91
C GLY C 267 -5.45 34.11 57.90
N GLN C 268 -6.67 33.61 58.05
CA GLN C 268 -7.61 34.22 59.00
C GLN C 268 -8.05 33.19 60.04
N MET C 269 -8.90 33.62 60.97
CA MET C 269 -9.37 32.76 62.05
C MET C 269 -10.80 33.09 62.50
N MET C 270 -11.47 32.09 63.08
CA MET C 270 -12.84 32.21 63.60
C MET C 270 -13.04 31.25 64.78
N ARG C 271 -13.59 31.73 65.89
CA ARG C 271 -13.85 30.86 67.04
C ARG C 271 -15.35 30.85 67.24
N PHE C 272 -15.86 29.74 67.76
CA PHE C 272 -17.28 29.60 68.04
C PHE C 272 -17.41 28.77 69.29
N ASP C 273 -18.39 29.11 70.12
CA ASP C 273 -18.65 28.37 71.34
C ASP C 273 -19.69 27.31 70.98
N MET C 274 -19.59 26.13 71.59
CA MET C 274 -20.58 25.10 71.33
C MET C 274 -21.18 24.63 72.66
N ARG C 275 -20.68 25.19 73.75
CA ARG C 275 -21.18 24.84 75.06
C ARG C 275 -22.60 25.37 75.26
N GLU C 276 -22.81 26.65 75.01
CA GLU C 276 -24.12 27.27 75.18
C GLU C 276 -25.01 27.39 73.94
N SER C 277 -24.49 27.06 72.76
CA SER C 277 -25.32 27.13 71.55
C SER C 277 -24.67 26.45 70.35
N PHE C 278 -25.39 26.44 69.23
CA PHE C 278 -24.93 25.83 68.00
C PHE C 278 -24.73 26.92 66.94
N PRO C 279 -23.50 27.06 66.43
CA PRO C 279 -23.17 28.07 65.42
C PRO C 279 -23.75 27.94 64.03
N LEU C 280 -25.07 28.05 63.92
CA LEU C 280 -25.73 27.99 62.63
C LEU C 280 -26.09 29.45 62.36
N LEU C 281 -25.45 30.05 61.36
CA LEU C 281 -25.67 31.45 61.01
C LEU C 281 -27.13 31.88 60.96
N THR C 282 -27.41 33.05 61.52
CA THR C 282 -28.77 33.57 61.53
C THR C 282 -28.97 34.64 60.48
N THR C 283 -27.91 35.35 60.12
CA THR C 283 -28.04 36.42 59.12
C THR C 283 -28.52 35.96 57.74
N LYS C 284 -28.70 34.66 57.58
CA LYS C 284 -29.22 34.09 56.35
C LYS C 284 -29.66 32.67 56.68
N LYS C 285 -30.62 32.15 55.95
CA LYS C 285 -31.09 30.80 56.23
C LYS C 285 -30.09 29.76 55.72
N VAL C 286 -29.56 28.97 56.64
CA VAL C 286 -28.60 27.91 56.29
C VAL C 286 -29.27 26.55 56.31
N PHE C 287 -29.02 25.76 55.26
CA PHE C 287 -29.81 24.56 55.00
C PHE C 287 -29.16 23.34 55.64
N ILE C 288 -29.58 23.02 56.86
CA ILE C 288 -28.82 22.13 57.73
C ILE C 288 -29.13 20.67 57.42
N ARG C 289 -30.19 20.44 56.66
CA ARG C 289 -30.49 19.11 56.13
C ARG C 289 -29.35 18.59 55.27
N SER C 290 -28.62 19.52 54.64
CA SER C 290 -27.60 19.16 53.66
C SER C 290 -26.24 18.99 54.32
N ILE C 291 -26.03 19.70 55.42
CA ILE C 291 -24.75 19.66 56.12
C ILE C 291 -24.59 18.35 56.88
N PHE C 292 -25.63 17.95 57.60
CA PHE C 292 -25.63 16.68 58.33
C PHE C 292 -25.54 15.50 57.37
N GLU C 293 -26.37 15.53 56.32
CA GLU C 293 -26.38 14.49 55.34
C GLU C 293 -25.00 14.29 54.67
N GLU C 294 -24.29 15.38 54.39
CA GLU C 294 -22.98 15.25 53.78
C GLU C 294 -22.02 14.72 54.86
N LEU C 295 -22.33 15.03 56.11
CA LEU C 295 -21.50 14.60 57.23
C LEU C 295 -21.50 13.08 57.47
N ILE C 296 -22.66 12.44 57.64
CA ILE C 296 -22.62 10.99 57.86
C ILE C 296 -22.12 10.33 56.59
N TRP C 297 -22.37 10.99 55.48
CA TRP C 297 -21.90 10.51 54.18
C TRP C 297 -20.37 10.42 54.28
N PHE C 298 -19.75 11.41 54.93
CA PHE C 298 -18.30 11.39 55.11
C PHE C 298 -17.99 10.30 56.12
N ILE C 299 -18.64 10.40 57.28
CA ILE C 299 -18.43 9.44 58.38
C ILE C 299 -18.46 7.98 57.96
N LYS C 300 -19.37 7.65 57.03
CA LYS C 300 -19.49 6.29 56.54
C LYS C 300 -18.42 5.95 55.51
N GLY C 301 -17.59 6.92 55.14
CA GLY C 301 -16.54 6.72 54.16
C GLY C 301 -17.04 6.59 52.74
N ASP C 302 -18.24 7.12 52.49
CA ASP C 302 -18.88 7.04 51.19
C ASP C 302 -18.42 8.14 50.23
N THR C 303 -18.11 7.74 49.00
CA THR C 303 -17.67 8.69 48.00
C THR C 303 -18.61 8.66 46.79
N ASN C 304 -19.74 7.99 46.93
CA ASN C 304 -20.69 7.91 45.83
C ASN C 304 -21.67 9.07 45.94
N GLY C 305 -21.49 10.06 45.06
CA GLY C 305 -22.34 11.23 45.08
C GLY C 305 -23.81 11.00 44.75
N ASN C 306 -24.15 9.80 44.32
CA ASN C 306 -25.55 9.52 44.00
C ASN C 306 -26.38 9.37 45.26
N HIS C 307 -25.76 8.81 46.29
CA HIS C 307 -26.43 8.61 47.56
C HIS C 307 -26.89 9.93 48.13
N LEU C 308 -26.15 10.98 47.81
CA LEU C 308 -26.48 12.32 48.27
C LEU C 308 -27.64 12.86 47.44
N ILE C 309 -27.47 12.84 46.12
CA ILE C 309 -28.51 13.30 45.22
C ILE C 309 -29.83 12.57 45.53
N GLU C 310 -29.72 11.31 45.94
CA GLU C 310 -30.88 10.47 46.27
C GLU C 310 -31.64 11.00 47.48
N LYS C 311 -30.93 11.69 48.36
CA LYS C 311 -31.56 12.28 49.53
C LYS C 311 -31.82 13.76 49.23
N LYS C 312 -31.93 14.07 47.94
CA LYS C 312 -32.19 15.43 47.47
C LYS C 312 -31.22 16.50 47.98
N VAL C 313 -29.94 16.12 48.03
CA VAL C 313 -28.87 17.03 48.46
C VAL C 313 -27.95 17.13 47.25
N TYR C 314 -27.91 18.30 46.64
CA TYR C 314 -27.12 18.49 45.43
C TYR C 314 -25.79 19.25 45.51
N ILE C 315 -25.27 19.47 46.71
CA ILE C 315 -24.03 20.22 46.82
C ILE C 315 -22.80 19.64 46.11
N TRP C 316 -22.84 18.36 45.73
CA TRP C 316 -21.69 17.79 45.03
C TRP C 316 -21.93 17.47 43.57
N SER C 317 -23.11 17.84 43.05
CA SER C 317 -23.42 17.59 41.65
C SER C 317 -22.43 18.27 40.70
N GLY C 318 -22.19 19.55 40.96
CA GLY C 318 -21.29 20.32 40.13
C GLY C 318 -19.95 19.68 39.90
N ASN C 319 -19.33 19.21 40.98
CA ASN C 319 -18.02 18.61 40.86
C ASN C 319 -18.12 17.10 40.65
N GLY C 320 -19.25 16.66 40.13
CA GLY C 320 -19.46 15.26 39.87
C GLY C 320 -19.85 15.01 38.42
N SER C 321 -20.38 16.03 37.76
CA SER C 321 -20.82 15.91 36.37
C SER C 321 -19.81 15.27 35.42
N LYS C 322 -20.32 14.72 34.32
CA LYS C 322 -19.49 14.08 33.29
C LYS C 322 -18.45 15.06 32.74
N GLU C 323 -18.91 16.25 32.38
CA GLU C 323 -18.04 17.24 31.74
C GLU C 323 -16.85 17.59 32.62
N TYR C 324 -17.14 18.03 33.84
CA TYR C 324 -16.09 18.47 34.75
C TYR C 324 -15.08 17.38 35.01
N LEU C 325 -15.56 16.19 35.37
CA LEU C 325 -14.70 15.03 35.52
C LEU C 325 -13.84 14.81 34.26
N GLU C 326 -14.46 14.98 33.10
CA GLU C 326 -13.76 14.84 31.83
C GLU C 326 -12.74 15.98 31.72
N ARG C 327 -13.19 17.17 32.08
CA ARG C 327 -12.36 18.37 32.03
C ARG C 327 -11.10 18.27 32.87
N ILE C 328 -11.21 17.66 34.05
CA ILE C 328 -10.05 17.53 34.93
C ILE C 328 -9.32 16.20 34.77
N GLY C 329 -9.62 15.48 33.69
CA GLY C 329 -8.94 14.23 33.41
C GLY C 329 -9.42 12.95 34.07
N LEU C 330 -10.66 12.93 34.51
CA LEU C 330 -11.21 11.74 35.14
C LEU C 330 -12.40 11.24 34.33
N GLY C 331 -12.32 11.46 33.02
CA GLY C 331 -13.38 11.07 32.11
C GLY C 331 -13.80 9.61 32.17
N HIS C 332 -12.97 8.78 32.81
CA HIS C 332 -13.27 7.35 32.93
C HIS C 332 -14.29 7.08 34.02
N ARG C 333 -14.33 7.92 35.05
CA ARG C 333 -15.27 7.77 36.17
C ARG C 333 -16.72 7.74 35.71
N GLU C 334 -17.57 7.25 36.58
CA GLU C 334 -19.01 7.20 36.33
C GLU C 334 -19.52 8.60 36.70
N GLU C 335 -20.71 8.95 36.23
CA GLU C 335 -21.31 10.26 36.53
C GLU C 335 -21.11 10.86 37.91
N ASN C 336 -21.08 10.08 38.99
CA ASN C 336 -20.79 10.77 40.26
C ASN C 336 -19.74 10.18 41.19
N ASP C 337 -18.84 9.37 40.61
CA ASP C 337 -17.79 8.76 41.41
C ASP C 337 -16.71 9.83 41.67
N LEU C 338 -16.84 10.49 42.83
CA LEU C 338 -15.94 11.56 43.22
C LEU C 338 -14.51 11.16 43.54
N GLY C 339 -14.21 9.88 43.53
CA GLY C 339 -12.84 9.47 43.86
C GLY C 339 -12.60 9.43 45.36
N PRO C 340 -11.39 9.08 45.80
CA PRO C 340 -11.04 9.00 47.23
C PRO C 340 -11.03 10.32 48.00
N ILE C 341 -12.15 11.03 47.99
CA ILE C 341 -12.22 12.30 48.72
C ILE C 341 -12.45 12.11 50.22
N TYR C 342 -12.97 13.11 50.89
CA TYR C 342 -13.04 13.24 52.35
C TYR C 342 -13.44 11.95 53.07
N GLY C 343 -14.57 11.36 52.67
CA GLY C 343 -15.04 10.14 53.31
C GLY C 343 -14.01 9.04 53.28
N PHE C 344 -13.56 8.74 52.08
CA PHE C 344 -12.58 7.71 51.88
C PHE C 344 -11.32 7.91 52.74
N GLN C 345 -10.78 9.12 52.75
CA GLN C 345 -9.57 9.36 53.53
C GLN C 345 -9.82 9.17 55.02
N TRP C 346 -10.99 9.60 55.49
CA TRP C 346 -11.33 9.47 56.90
C TRP C 346 -11.35 8.00 57.34
N ARG C 347 -12.06 7.17 56.57
CA ARG C 347 -12.19 5.76 56.90
C ARG C 347 -11.09 4.84 56.35
N HIS C 348 -10.53 5.18 55.18
CA HIS C 348 -9.49 4.35 54.57
C HIS C 348 -8.32 5.17 54.07
N TYR C 349 -7.63 5.85 54.97
CA TYR C 349 -6.50 6.64 54.56
C TYR C 349 -5.56 5.72 53.80
N ASN C 350 -5.08 6.18 52.66
CA ASN C 350 -4.15 5.39 51.85
C ASN C 350 -4.72 4.13 51.24
N GLY C 351 -6.04 4.03 51.13
CA GLY C 351 -6.60 2.85 50.50
C GLY C 351 -6.38 2.98 49.01
N GLU C 352 -6.22 1.87 48.30
CA GLU C 352 -6.02 1.94 46.86
C GLU C 352 -7.43 1.99 46.29
N TYR C 353 -7.78 3.14 45.71
CA TYR C 353 -9.11 3.36 45.18
C TYR C 353 -9.42 2.84 43.77
N LYS C 354 -10.49 2.08 43.64
CA LYS C 354 -10.92 1.56 42.34
C LYS C 354 -12.09 2.40 41.84
N THR C 355 -13.28 2.11 42.35
CA THR C 355 -14.47 2.85 41.96
C THR C 355 -15.31 3.00 43.22
N MET C 356 -16.39 3.75 43.15
CA MET C 356 -17.22 3.92 44.32
C MET C 356 -18.06 2.68 44.61
N HIS C 357 -18.05 1.71 43.71
CA HIS C 357 -18.81 0.48 43.88
C HIS C 357 -18.07 -0.59 44.64
N ASP C 358 -16.77 -0.46 44.75
CA ASP C 358 -16.00 -1.49 45.43
C ASP C 358 -16.11 -1.48 46.95
N ASP C 359 -15.88 -2.64 47.54
CA ASP C 359 -15.94 -2.79 49.00
C ASP C 359 -14.57 -2.50 49.57
N TYR C 360 -14.50 -1.51 50.45
CA TYR C 360 -13.24 -1.13 51.04
C TYR C 360 -13.10 -1.52 52.50
N THR C 361 -13.95 -2.44 52.93
CA THR C 361 -13.92 -2.90 54.30
C THR C 361 -12.52 -3.37 54.67
N GLY C 362 -11.95 -2.79 55.72
CA GLY C 362 -10.63 -3.21 56.13
C GLY C 362 -9.45 -2.63 55.37
N VAL C 363 -9.69 -1.97 54.23
CA VAL C 363 -8.55 -1.40 53.50
C VAL C 363 -8.28 0.03 53.97
N GLY C 364 -7.00 0.38 54.04
CA GLY C 364 -6.61 1.70 54.48
C GLY C 364 -6.67 1.86 55.98
N VAL C 365 -6.19 3.00 56.47
CA VAL C 365 -6.19 3.30 57.90
C VAL C 365 -7.49 3.99 58.30
N ASP C 366 -8.20 3.40 59.26
CA ASP C 366 -9.45 4.01 59.71
C ASP C 366 -9.11 5.04 60.80
N GLN C 367 -9.01 6.30 60.40
CA GLN C 367 -8.67 7.37 61.33
C GLN C 367 -9.80 7.75 62.27
N LEU C 368 -11.02 7.73 61.77
CA LEU C 368 -12.15 8.10 62.60
C LEU C 368 -12.27 7.11 63.74
N ALA C 369 -12.14 5.84 63.41
CA ALA C 369 -12.24 4.79 64.42
C ALA C 369 -11.15 5.03 65.46
N LYS C 370 -9.92 5.27 64.99
CA LYS C 370 -8.82 5.50 65.90
C LYS C 370 -9.01 6.76 66.73
N LEU C 371 -9.56 7.78 66.11
CA LEU C 371 -9.77 9.05 66.79
C LEU C 371 -10.63 8.80 68.02
N ILE C 372 -11.73 8.10 67.79
CA ILE C 372 -12.68 7.78 68.83
C ILE C 372 -12.05 6.90 69.90
N GLU C 373 -11.32 5.85 69.51
CA GLU C 373 -10.71 5.02 70.52
C GLU C 373 -9.66 5.80 71.30
N THR C 374 -9.03 6.77 70.66
CA THR C 374 -8.01 7.56 71.37
C THR C 374 -8.62 8.61 72.28
N LEU C 375 -9.69 9.27 71.81
CA LEU C 375 -10.35 10.29 72.63
C LEU C 375 -10.85 9.73 73.95
N LYS C 376 -11.28 8.47 73.91
CA LYS C 376 -11.78 7.77 75.09
C LYS C 376 -10.65 7.32 76.03
N ASN C 377 -9.73 6.55 75.47
CA ASN C 377 -8.64 6.00 76.26
C ASN C 377 -7.56 6.98 76.68
N ASN C 378 -7.03 7.75 75.75
CA ASN C 378 -6.04 8.74 76.11
C ASN C 378 -6.60 10.08 75.66
N PRO C 379 -7.33 10.76 76.56
CA PRO C 379 -7.96 12.04 76.25
C PRO C 379 -7.01 13.24 76.17
N LYS C 380 -6.02 13.28 77.06
CA LYS C 380 -5.08 14.40 77.08
C LYS C 380 -3.92 14.21 76.11
N ASP C 381 -4.06 13.19 75.25
CA ASP C 381 -3.07 12.89 74.24
C ASP C 381 -3.10 14.08 73.26
N ARG C 382 -1.94 14.49 72.79
CA ARG C 382 -1.87 15.63 71.87
C ARG C 382 -1.81 15.23 70.40
N ARG C 383 -2.32 14.04 70.10
CA ARG C 383 -2.30 13.54 68.73
C ARG C 383 -3.67 13.26 68.15
N HIS C 384 -4.72 13.80 68.74
CA HIS C 384 -6.06 13.58 68.21
C HIS C 384 -6.20 14.32 66.89
N ILE C 385 -5.70 13.69 65.82
CA ILE C 385 -5.69 14.28 64.49
C ILE C 385 -6.47 13.48 63.44
N LEU C 386 -7.04 14.21 62.50
CA LEU C 386 -7.81 13.65 61.40
C LEU C 386 -7.40 14.44 60.12
N THR C 387 -6.86 13.75 59.12
CA THR C 387 -6.44 14.44 57.90
C THR C 387 -7.06 13.89 56.64
N ALA C 388 -7.22 14.76 55.65
CA ALA C 388 -7.78 14.36 54.37
C ALA C 388 -6.77 14.66 53.28
N TRP C 389 -5.63 15.20 53.66
CA TRP C 389 -4.63 15.56 52.66
C TRP C 389 -3.66 14.44 52.33
N ASN C 390 -3.94 13.72 51.25
CA ASN C 390 -3.09 12.61 50.81
C ASN C 390 -2.43 12.93 49.48
N PRO C 391 -1.14 13.28 49.50
CA PRO C 391 -0.39 13.60 48.28
C PRO C 391 -0.50 12.52 47.20
N SER C 392 -0.52 11.27 47.63
CA SER C 392 -0.60 10.13 46.72
C SER C 392 -1.92 9.99 45.99
N ALA C 393 -2.99 10.57 46.55
CA ALA C 393 -4.32 10.45 45.94
C ALA C 393 -4.94 11.71 45.33
N LEU C 394 -4.30 12.86 45.51
CA LEU C 394 -4.83 14.12 45.01
C LEU C 394 -5.37 14.13 43.59
N SER C 395 -4.70 13.44 42.67
CA SER C 395 -5.13 13.42 41.28
C SER C 395 -6.41 12.63 41.01
N GLN C 396 -6.76 11.72 41.91
CA GLN C 396 -7.96 10.91 41.74
C GLN C 396 -9.20 11.59 42.31
N MET C 397 -8.99 12.67 43.06
CA MET C 397 -10.09 13.39 43.69
C MET C 397 -10.80 14.39 42.78
N ALA C 398 -12.14 14.42 42.84
CA ALA C 398 -12.90 15.34 42.01
C ALA C 398 -12.44 16.74 42.39
N LEU C 399 -11.98 16.86 43.63
CA LEU C 399 -11.50 18.13 44.17
C LEU C 399 -10.58 17.80 45.33
N PRO C 400 -9.42 18.48 45.42
CA PRO C 400 -8.56 18.15 46.56
C PRO C 400 -9.19 18.78 47.81
N PRO C 401 -9.10 18.10 48.96
CA PRO C 401 -9.67 18.57 50.21
C PRO C 401 -9.39 20.02 50.64
N CYS C 402 -10.45 20.74 50.97
CA CYS C 402 -10.34 22.16 51.30
C CYS C 402 -10.16 22.38 52.79
N HIS C 403 -10.99 21.71 53.58
CA HIS C 403 -10.76 21.62 55.02
C HIS C 403 -9.88 20.43 55.37
N VAL C 404 -8.61 20.70 55.68
CA VAL C 404 -7.53 19.84 55.24
C VAL C 404 -7.15 18.91 56.38
N LEU C 405 -7.16 19.40 57.60
CA LEU C 405 -6.93 18.58 58.78
C LEU C 405 -7.48 19.20 60.06
N SER C 406 -7.97 18.35 60.96
CA SER C 406 -8.63 18.81 62.16
C SER C 406 -8.01 18.15 63.39
N GLN C 407 -7.91 18.90 64.47
CA GLN C 407 -7.34 18.39 65.70
C GLN C 407 -8.37 18.49 66.81
N TYR C 408 -8.41 17.47 67.68
CA TYR C 408 -9.41 17.39 68.72
C TYR C 408 -8.78 17.32 70.10
N TYR C 409 -9.46 17.89 71.09
CA TYR C 409 -8.83 18.28 72.35
C TYR C 409 -9.81 18.22 73.51
N VAL C 410 -9.53 17.35 74.47
CA VAL C 410 -10.43 17.15 75.60
C VAL C 410 -10.02 18.01 76.79
N THR C 411 -10.94 18.86 77.25
CA THR C 411 -10.66 19.76 78.35
C THR C 411 -10.67 19.03 79.68
N ASN C 412 -10.14 19.69 80.69
CA ASN C 412 -10.10 19.11 82.02
C ASN C 412 -11.51 18.99 82.53
N ASP C 413 -12.37 19.93 82.16
CA ASP C 413 -13.78 19.89 82.55
C ASP C 413 -14.61 19.13 81.52
N ASN C 414 -13.95 18.27 80.76
CA ASN C 414 -14.63 17.16 80.09
C ASN C 414 -15.45 17.62 78.89
N CYS C 415 -14.96 18.65 78.20
CA CYS C 415 -15.54 19.08 76.94
C CYS C 415 -14.62 18.72 75.77
N LEU C 416 -15.21 18.60 74.58
CA LEU C 416 -14.45 18.25 73.39
C LEU C 416 -14.40 19.44 72.44
N SER C 417 -13.20 20.00 72.28
CA SER C 417 -13.04 21.13 71.36
C SER C 417 -12.40 20.67 70.05
N CYS C 418 -12.63 21.43 68.98
CA CYS C 418 -12.10 21.10 67.67
C CYS C 418 -11.43 22.24 66.94
N ASN C 419 -10.30 21.96 66.33
CA ASN C 419 -9.55 22.94 65.53
C ASN C 419 -9.55 22.39 64.10
N LEU C 420 -9.74 23.26 63.12
CA LEU C 420 -9.74 22.86 61.72
C LEU C 420 -9.03 23.87 60.83
N TYR C 421 -7.99 23.44 60.12
CA TYR C 421 -7.30 24.34 59.20
C TYR C 421 -7.99 24.07 57.89
N GLN C 422 -8.30 25.13 57.16
CA GLN C 422 -9.00 25.01 55.89
C GLN C 422 -8.28 25.81 54.79
N ARG C 423 -7.50 25.10 53.96
CA ARG C 423 -6.72 25.71 52.87
C ARG C 423 -7.48 26.68 51.96
N SER C 424 -8.69 26.29 51.55
CA SER C 424 -9.47 27.15 50.67
C SER C 424 -10.88 27.28 51.24
N CYS C 425 -11.33 28.51 51.37
CA CYS C 425 -12.65 28.73 51.94
C CYS C 425 -13.49 29.78 51.22
N ASP C 426 -14.57 29.31 50.62
CA ASP C 426 -15.52 30.15 49.93
C ASP C 426 -16.40 30.73 51.03
N LEU C 427 -16.12 31.97 51.45
CA LEU C 427 -16.87 32.60 52.52
C LEU C 427 -18.37 32.66 52.34
N GLY C 428 -18.84 32.81 51.12
CA GLY C 428 -20.27 32.89 50.90
C GLY C 428 -21.04 31.58 50.96
N LEU C 429 -20.51 30.57 50.28
CA LEU C 429 -21.16 29.26 50.20
C LEU C 429 -20.56 28.19 51.10
N GLY C 430 -19.28 28.14 51.27
CA GLY C 430 -18.63 26.97 51.83
C GLY C 430 -18.60 27.14 53.32
N SER C 431 -18.02 28.24 53.77
CA SER C 431 -17.85 28.52 55.18
C SER C 431 -19.04 28.26 56.10
N PRO C 432 -20.22 28.83 55.79
CA PRO C 432 -21.36 28.56 56.68
C PRO C 432 -21.53 27.05 56.88
N PHE C 433 -21.45 26.31 55.79
CA PHE C 433 -21.55 24.85 55.84
C PHE C 433 -20.44 24.26 56.71
N ASN C 434 -19.20 24.69 56.46
CA ASN C 434 -18.07 24.16 57.21
C ASN C 434 -18.18 24.35 58.71
N ILE C 435 -18.70 25.51 59.10
CA ILE C 435 -18.85 25.83 60.52
C ILE C 435 -19.84 24.87 61.17
N ALA C 436 -21.04 24.78 60.59
CA ALA C 436 -22.07 23.91 61.12
C ALA C 436 -21.62 22.45 61.15
N SER C 437 -20.95 22.04 60.08
CA SER C 437 -20.45 20.67 59.94
C SER C 437 -19.51 20.22 61.04
N TYR C 438 -18.37 20.87 61.16
CA TYR C 438 -17.41 20.50 62.19
C TYR C 438 -17.93 20.72 63.61
N ALA C 439 -19.07 21.41 63.73
CA ALA C 439 -19.64 21.63 65.05
C ALA C 439 -20.44 20.36 65.33
N ILE C 440 -21.22 19.94 64.35
CA ILE C 440 -21.99 18.73 64.46
C ILE C 440 -21.06 17.55 64.67
N LEU C 441 -20.02 17.46 63.86
CA LEU C 441 -19.08 16.35 64.00
C LEU C 441 -18.50 16.28 65.41
N THR C 442 -18.16 17.42 65.98
CA THR C 442 -17.57 17.44 67.32
C THR C 442 -18.60 16.95 68.34
N MET C 443 -19.84 17.37 68.15
CA MET C 443 -20.90 16.96 69.06
C MET C 443 -21.08 15.45 68.99
N MET C 444 -21.19 14.93 67.77
CA MET C 444 -21.34 13.50 67.59
C MET C 444 -20.18 12.83 68.29
N LEU C 445 -18.96 13.29 68.00
CA LEU C 445 -17.78 12.72 68.63
C LEU C 445 -17.89 12.76 70.15
N ALA C 446 -18.39 13.88 70.67
CA ALA C 446 -18.53 14.05 72.12
C ALA C 446 -19.49 13.04 72.75
N GLN C 447 -20.70 12.91 72.19
CA GLN C 447 -21.67 11.98 72.73
C GLN C 447 -21.11 10.57 72.78
N VAL C 448 -20.55 10.15 71.66
CA VAL C 448 -19.96 8.82 71.51
C VAL C 448 -18.78 8.59 72.46
N CYS C 449 -18.10 9.65 72.87
CA CYS C 449 -16.95 9.49 73.77
C CYS C 449 -17.27 9.91 75.19
N GLY C 450 -18.54 10.27 75.43
CA GLY C 450 -18.98 10.68 76.75
C GLY C 450 -18.50 12.04 77.18
N TYR C 451 -18.61 13.03 76.29
CA TYR C 451 -18.19 14.40 76.61
C TYR C 451 -19.25 15.39 76.23
N GLU C 452 -19.00 16.64 76.61
CA GLU C 452 -19.88 17.76 76.27
C GLU C 452 -19.17 18.57 75.19
N PRO C 453 -19.93 19.33 74.39
CA PRO C 453 -19.34 20.15 73.34
C PRO C 453 -18.43 21.21 73.93
N GLY C 454 -17.33 21.50 73.25
CA GLY C 454 -16.40 22.50 73.74
C GLY C 454 -16.42 23.75 72.89
N GLU C 455 -15.28 24.08 72.29
CA GLU C 455 -15.14 25.25 71.43
C GLU C 455 -14.76 24.82 70.01
N LEU C 456 -15.04 25.70 69.05
CA LEU C 456 -14.71 25.45 67.65
C LEU C 456 -13.86 26.58 67.09
N ALA C 457 -12.68 26.24 66.59
CA ALA C 457 -11.80 27.25 66.04
C ALA C 457 -11.41 26.84 64.62
N ILE C 458 -11.64 27.74 63.67
CA ILE C 458 -11.32 27.46 62.28
C ILE C 458 -10.24 28.39 61.75
N PHE C 459 -9.16 27.80 61.27
CA PHE C 459 -8.04 28.56 60.72
C PHE C 459 -8.08 28.45 59.21
N ILE C 460 -8.16 29.61 58.55
CA ILE C 460 -8.27 29.65 57.12
C ILE C 460 -7.05 30.14 56.37
N GLY C 461 -6.76 29.47 55.26
CA GLY C 461 -5.65 29.86 54.41
C GLY C 461 -6.16 30.92 53.44
N ASP C 462 -6.62 30.50 52.28
CA ASP C 462 -7.13 31.44 51.27
C ASP C 462 -8.59 31.73 51.54
N ALA C 463 -8.86 32.82 52.25
CA ALA C 463 -10.22 33.23 52.56
C ALA C 463 -10.68 34.16 51.46
N HIS C 464 -11.68 33.75 50.69
CA HIS C 464 -12.14 34.57 49.57
C HIS C 464 -13.64 34.73 49.39
N ILE C 465 -14.02 35.68 48.55
CA ILE C 465 -15.42 35.89 48.21
C ILE C 465 -15.60 36.07 46.70
N TYR C 466 -16.20 35.08 46.06
CA TYR C 466 -16.37 35.10 44.61
C TYR C 466 -17.18 36.31 44.16
N GLU C 467 -16.82 36.86 43.00
CA GLU C 467 -17.20 38.23 42.65
C GLU C 467 -18.67 38.30 42.27
N ASN C 468 -19.32 37.14 42.15
CA ASN C 468 -20.73 37.07 41.81
C ASN C 468 -21.55 36.81 43.07
N HIS C 469 -20.93 37.06 44.23
CA HIS C 469 -21.56 36.89 45.54
C HIS C 469 -21.54 38.24 46.25
N LEU C 470 -20.92 39.22 45.60
CA LEU C 470 -20.73 40.57 46.13
C LEU C 470 -21.96 41.33 46.61
N THR C 471 -23.01 41.35 45.82
CA THR C 471 -24.19 42.07 46.24
C THR C 471 -24.99 41.27 47.28
N GLN C 472 -24.97 39.94 47.18
CA GLN C 472 -25.68 39.10 48.13
C GLN C 472 -25.07 39.19 49.53
N LEU C 473 -23.74 39.20 49.63
CA LEU C 473 -23.07 39.28 50.92
C LEU C 473 -23.22 40.69 51.51
N LYS C 474 -23.34 41.67 50.63
CA LYS C 474 -23.53 43.04 51.07
C LYS C 474 -24.90 43.06 51.76
N GLU C 475 -25.84 42.33 51.17
CA GLU C 475 -27.19 42.21 51.71
C GLU C 475 -27.12 41.60 53.10
N GLN C 476 -26.48 40.45 53.20
CA GLN C 476 -26.36 39.77 54.48
C GLN C 476 -25.69 40.67 55.52
N LEU C 477 -24.68 41.42 55.11
CA LEU C 477 -23.98 42.29 56.05
C LEU C 477 -24.83 43.42 56.60
N SER C 478 -26.00 43.63 56.02
CA SER C 478 -26.88 44.70 56.47
C SER C 478 -27.87 44.22 57.54
N ARG C 479 -27.88 42.91 57.79
CA ARG C 479 -28.78 42.31 58.77
C ARG C 479 -28.09 42.07 60.12
N THR C 480 -28.72 42.52 61.20
CA THR C 480 -28.11 42.32 62.52
C THR C 480 -28.39 40.91 63.01
N PRO C 481 -27.33 40.19 63.42
CA PRO C 481 -27.46 38.82 63.89
C PRO C 481 -28.42 38.61 65.06
N ARG C 482 -29.10 37.46 65.05
CA ARG C 482 -30.04 37.05 66.10
C ARG C 482 -29.33 35.95 66.90
N PRO C 483 -29.95 35.46 67.99
CA PRO C 483 -29.29 34.40 68.79
C PRO C 483 -29.18 33.06 68.07
N PHE C 484 -28.05 32.37 68.27
CA PHE C 484 -27.86 31.07 67.64
C PHE C 484 -28.89 30.12 68.22
N PRO C 485 -29.31 29.12 67.42
CA PRO C 485 -30.29 28.15 67.92
C PRO C 485 -29.56 27.11 68.76
N GLN C 486 -30.29 26.06 69.15
CA GLN C 486 -29.68 24.99 69.93
C GLN C 486 -29.81 23.73 69.12
N LEU C 487 -28.90 22.79 69.33
CA LEU C 487 -28.95 21.54 68.60
C LEU C 487 -28.79 20.38 69.58
N LYS C 488 -29.74 19.45 69.54
CA LYS C 488 -29.72 18.30 70.43
C LYS C 488 -30.01 16.99 69.69
N PHE C 489 -29.47 15.91 70.23
CA PHE C 489 -29.68 14.57 69.68
C PHE C 489 -30.81 13.93 70.48
N LYS C 490 -31.81 13.40 69.78
CA LYS C 490 -32.95 12.78 70.46
C LYS C 490 -32.62 11.46 71.16
N ARG C 491 -31.54 10.81 70.75
CA ARG C 491 -31.14 9.55 71.35
C ARG C 491 -29.63 9.41 71.39
N LYS C 492 -29.14 8.60 72.33
CA LYS C 492 -27.71 8.36 72.43
C LYS C 492 -27.44 7.12 71.60
N VAL C 493 -26.61 7.24 70.57
CA VAL C 493 -26.30 6.11 69.72
C VAL C 493 -24.99 5.46 70.18
N GLU C 494 -24.78 4.20 69.83
CA GLU C 494 -23.56 3.51 70.24
C GLU C 494 -22.46 3.62 69.21
N ASN C 495 -22.85 3.71 67.94
CA ASN C 495 -21.86 3.86 66.88
C ASN C 495 -22.08 5.16 66.12
N ILE C 496 -21.03 5.96 66.01
CA ILE C 496 -21.13 7.25 65.33
C ILE C 496 -21.74 7.18 63.95
N GLU C 497 -21.54 6.06 63.25
CA GLU C 497 -22.09 5.92 61.91
C GLU C 497 -23.60 5.61 61.91
N ASP C 498 -24.22 5.68 63.09
CA ASP C 498 -25.65 5.38 63.25
C ASP C 498 -26.59 6.58 63.20
N PHE C 499 -26.07 7.77 63.43
CA PHE C 499 -26.90 8.98 63.42
C PHE C 499 -27.74 9.11 62.17
N LYS C 500 -28.95 9.63 62.34
CA LYS C 500 -29.90 9.84 61.25
C LYS C 500 -30.42 11.26 61.41
N TRP C 501 -30.96 11.82 60.34
CA TRP C 501 -31.50 13.18 60.34
C TRP C 501 -32.56 13.34 61.43
N GLU C 502 -33.42 12.33 61.54
CA GLU C 502 -34.51 12.30 62.51
C GLU C 502 -34.01 12.38 63.95
N ASP C 503 -32.77 11.98 64.17
CA ASP C 503 -32.17 12.02 65.50
C ASP C 503 -31.83 13.45 65.91
N ILE C 504 -31.79 14.35 64.93
CA ILE C 504 -31.45 15.75 65.16
C ILE C 504 -32.61 16.68 65.44
N GLU C 505 -32.44 17.52 66.47
CA GLU C 505 -33.46 18.50 66.85
C GLU C 505 -32.83 19.90 66.96
N LEU C 506 -33.25 20.79 66.05
CA LEU C 506 -32.78 22.17 66.00
C LEU C 506 -33.83 23.02 66.70
N ILE C 507 -33.45 23.62 67.83
CA ILE C 507 -34.37 24.41 68.64
C ILE C 507 -34.13 25.92 68.70
N GLY C 508 -35.07 26.70 68.19
CA GLY C 508 -34.96 28.14 68.24
C GLY C 508 -34.14 28.82 67.17
N TYR C 509 -34.19 28.29 65.95
CA TYR C 509 -33.45 28.88 64.84
C TYR C 509 -34.40 29.83 64.11
N TYR C 510 -34.12 31.13 64.15
CA TYR C 510 -34.95 32.13 63.46
C TYR C 510 -34.08 32.99 62.56
N PRO C 511 -33.59 32.38 61.48
CA PRO C 511 -32.70 33.08 60.55
C PRO C 511 -33.43 34.17 59.77
N TYR C 512 -32.68 35.13 59.25
CA TYR C 512 -33.14 35.92 58.11
C TYR C 512 -33.32 35.05 56.87
N PRO C 513 -33.90 35.63 55.82
CA PRO C 513 -34.28 34.87 54.64
C PRO C 513 -33.08 34.30 53.91
N THR C 514 -33.29 33.23 53.13
CA THR C 514 -32.21 32.61 52.38
C THR C 514 -31.73 33.62 51.34
N ILE C 515 -30.46 33.53 50.97
CA ILE C 515 -29.88 34.41 49.96
C ILE C 515 -29.25 33.55 48.88
N LYS C 516 -29.82 33.57 47.69
CA LYS C 516 -29.30 32.79 46.57
C LYS C 516 -27.87 33.15 46.17
N MET C 517 -27.02 32.14 46.07
CA MET C 517 -25.63 32.32 45.67
C MET C 517 -25.15 31.14 44.83
N ASP C 518 -24.80 31.42 43.57
CA ASP C 518 -24.33 30.38 42.67
C ASP C 518 -22.94 29.91 43.04
N MET C 519 -22.75 28.59 43.08
CA MET C 519 -21.43 28.01 43.28
C MET C 519 -20.63 28.00 41.99
N ALA C 520 -19.31 28.13 42.12
CA ALA C 520 -18.41 28.10 40.96
C ALA C 520 -17.80 26.72 40.79
N VAL C 521 -18.14 26.06 39.70
CA VAL C 521 -17.61 24.73 39.41
C VAL C 521 -16.15 24.82 39.02
N GLU D 3 0.80 76.40 79.59
CA GLU D 3 0.43 75.01 79.19
C GLU D 3 0.26 74.80 77.68
N LYS D 4 1.12 73.93 77.16
CA LYS D 4 1.17 73.58 75.75
C LYS D 4 2.00 72.29 75.73
N ASN D 5 1.80 71.43 74.75
CA ASN D 5 2.54 70.18 74.73
C ASN D 5 4.02 70.26 74.34
N VAL D 6 4.86 69.54 75.08
CA VAL D 6 6.30 69.51 74.84
C VAL D 6 6.79 68.07 74.66
N SER D 7 7.16 67.72 73.44
CA SER D 7 7.64 66.36 73.17
C SER D 7 9.07 66.32 72.66
N ILE D 8 9.75 65.24 72.98
CA ILE D 8 11.10 65.04 72.52
C ILE D 8 11.01 64.15 71.28
N VAL D 9 11.95 64.30 70.35
CA VAL D 9 12.00 63.50 69.16
C VAL D 9 13.46 63.14 69.04
N VAL D 10 13.76 61.85 69.04
CA VAL D 10 15.15 61.44 68.95
C VAL D 10 15.26 60.07 68.28
N ALA D 11 16.45 59.80 67.75
CA ALA D 11 16.74 58.52 67.12
C ALA D 11 18.06 58.07 67.72
N ALA D 12 18.02 57.05 68.57
CA ALA D 12 19.24 56.58 69.22
C ALA D 12 19.43 55.10 68.95
N SER D 13 20.64 54.59 69.13
CA SER D 13 20.88 53.17 68.89
C SER D 13 20.22 52.35 69.99
N VAL D 14 19.69 51.19 69.60
CA VAL D 14 19.00 50.28 70.48
C VAL D 14 19.66 49.94 71.82
N LEU D 15 20.96 49.64 71.81
CA LEU D 15 21.64 49.26 73.05
C LEU D 15 22.36 50.34 73.86
N SER D 16 23.14 51.19 73.21
CA SER D 16 23.87 52.21 73.97
C SER D 16 23.31 53.61 73.85
N SER D 17 22.19 53.75 73.16
CA SER D 17 21.55 55.05 72.99
C SER D 17 22.40 56.08 72.26
N GLY D 18 23.31 55.62 71.40
CA GLY D 18 24.14 56.54 70.64
C GLY D 18 23.29 57.36 69.68
N ILE D 19 23.48 58.68 69.66
CA ILE D 19 22.68 59.52 68.78
C ILE D 19 23.50 60.38 67.81
N GLY D 20 24.82 60.37 67.98
CA GLY D 20 25.66 61.18 67.10
C GLY D 20 27.13 60.81 67.04
N ILE D 21 27.78 61.25 65.99
CA ILE D 21 29.20 61.00 65.80
C ILE D 21 29.80 62.12 64.95
N ASN D 22 30.86 62.72 65.46
CA ASN D 22 31.56 63.82 64.79
C ASN D 22 30.62 64.85 64.15
N GLY D 23 29.68 65.35 64.94
CA GLY D 23 28.76 66.36 64.46
C GLY D 23 27.67 65.96 63.49
N GLN D 24 27.53 64.67 63.23
CA GLN D 24 26.48 64.23 62.31
C GLN D 24 25.91 62.89 62.77
N LEU D 25 24.76 62.52 62.21
CA LEU D 25 24.11 61.27 62.55
C LEU D 25 25.02 60.10 62.24
N PRO D 26 24.90 59.01 63.01
CA PRO D 26 25.74 57.83 62.79
C PRO D 26 25.16 56.79 61.82
N TRP D 27 24.18 57.21 61.03
CA TRP D 27 23.53 56.34 60.06
C TRP D 27 22.70 57.23 59.15
N SER D 28 22.28 56.71 58.00
CA SER D 28 21.48 57.47 57.05
C SER D 28 20.16 56.77 56.77
N ILE D 29 19.10 57.19 57.46
CA ILE D 29 17.80 56.55 57.28
C ILE D 29 16.75 57.54 56.85
N SER D 30 16.49 57.55 55.55
CA SER D 30 15.52 58.43 54.93
C SER D 30 14.16 58.46 55.65
N GLU D 31 13.56 57.28 55.80
CA GLU D 31 12.26 57.18 56.44
C GLU D 31 12.18 57.86 57.81
N ASP D 32 13.26 57.75 58.59
CA ASP D 32 13.27 58.35 59.91
C ASP D 32 13.18 59.87 59.83
N LEU D 33 13.86 60.47 58.86
CA LEU D 33 13.78 61.91 58.71
C LEU D 33 12.37 62.28 58.31
N LYS D 34 11.79 61.50 57.39
CA LYS D 34 10.42 61.77 56.96
C LYS D 34 9.52 61.74 58.19
N PHE D 35 9.85 60.87 59.14
CA PHE D 35 9.08 60.77 60.37
C PHE D 35 9.23 62.08 61.13
N PHE D 36 10.48 62.42 61.43
CA PHE D 36 10.80 63.65 62.14
C PHE D 36 10.04 64.80 61.53
N SER D 37 10.05 64.87 60.21
CA SER D 37 9.37 65.95 59.51
C SER D 37 7.87 65.91 59.71
N LYS D 38 7.28 64.72 59.59
CA LYS D 38 5.84 64.60 59.76
C LYS D 38 5.38 64.83 61.19
N ILE D 39 6.09 64.26 62.14
CA ILE D 39 5.70 64.41 63.53
C ILE D 39 5.83 65.88 64.00
N THR D 40 6.93 66.55 63.64
CA THR D 40 7.15 67.93 64.06
C THR D 40 6.35 68.94 63.26
N ASN D 41 5.70 68.49 62.20
CA ASN D 41 4.88 69.37 61.36
C ASN D 41 3.39 69.19 61.68
N ASN D 42 3.08 68.14 62.42
CA ASN D 42 1.72 67.79 62.79
C ASN D 42 1.04 68.79 63.73
N LYS D 43 0.00 69.47 63.24
CA LYS D 43 -0.72 70.47 64.04
C LYS D 43 -2.19 70.62 63.66
N CYS D 44 -2.99 71.15 64.59
CA CYS D 44 -4.42 71.35 64.38
C CYS D 44 -4.78 72.69 63.71
N ASP D 45 -4.25 73.77 64.25
CA ASP D 45 -4.52 75.12 63.73
C ASP D 45 -3.56 75.58 62.63
N SER D 46 -4.11 75.86 61.45
CA SER D 46 -3.30 76.29 60.31
C SER D 46 -2.64 77.66 60.51
N ASN D 47 -3.25 78.50 61.34
CA ASN D 47 -2.71 79.83 61.61
C ASN D 47 -1.54 79.80 62.59
N LYS D 48 -1.40 78.69 63.29
CA LYS D 48 -0.31 78.54 64.26
C LYS D 48 0.81 77.72 63.62
N LYS D 49 1.91 77.54 64.33
CA LYS D 49 3.02 76.69 63.92
C LYS D 49 3.64 75.98 65.10
N ASN D 50 4.45 74.96 64.85
CA ASN D 50 5.11 74.26 65.94
C ASN D 50 6.53 74.84 66.08
N ALA D 51 7.13 74.66 67.25
CA ALA D 51 8.48 75.17 67.48
C ALA D 51 9.41 74.03 67.82
N LEU D 52 10.60 74.04 67.22
CA LEU D 52 11.58 72.98 67.46
C LEU D 52 12.82 73.56 68.14
N ILE D 53 13.06 73.10 69.36
CA ILE D 53 14.20 73.55 70.15
C ILE D 53 15.39 72.64 69.91
N MET D 54 16.57 73.22 69.77
CA MET D 54 17.77 72.43 69.56
C MET D 54 19.01 73.19 70.02
N GLY D 55 20.08 72.44 70.29
CA GLY D 55 21.32 73.07 70.72
C GLY D 55 21.99 73.68 69.49
N ARG D 56 23.01 74.50 69.72
CA ARG D 56 23.74 75.16 68.64
C ARG D 56 24.41 74.17 67.70
N LYS D 57 25.03 73.15 68.27
CA LYS D 57 25.70 72.16 67.45
C LYS D 57 24.72 71.45 66.51
N THR D 58 23.48 71.25 66.96
CA THR D 58 22.50 70.60 66.13
C THR D 58 22.09 71.59 65.05
N TRP D 59 22.07 72.86 65.43
CA TRP D 59 21.73 73.93 64.49
C TRP D 59 22.81 73.91 63.41
N ASP D 60 24.04 73.63 63.82
CA ASP D 60 25.16 73.56 62.89
C ASP D 60 24.99 72.43 61.90
N SER D 61 24.90 71.22 62.46
CA SER D 61 24.74 70.01 61.65
C SER D 61 23.52 70.06 60.75
N ILE D 62 22.55 70.91 61.08
CA ILE D 62 21.34 71.05 60.29
C ILE D 62 21.53 72.00 59.11
N GLY D 63 22.75 72.50 58.95
CA GLY D 63 23.04 73.41 57.85
C GLY D 63 22.87 74.88 58.21
N ARG D 64 22.20 75.15 59.32
CA ARG D 64 21.98 76.51 59.78
C ARG D 64 20.97 77.22 58.88
N ARG D 65 20.07 76.44 58.28
CA ARG D 65 19.00 76.98 57.42
C ARG D 65 17.69 76.57 58.11
N PRO D 66 16.60 77.32 57.89
CA PRO D 66 15.31 77.01 58.52
C PRO D 66 14.58 75.77 58.00
N LEU D 67 13.73 75.21 58.85
CA LEU D 67 12.92 74.04 58.51
C LEU D 67 11.52 74.53 58.11
N LYS D 68 11.17 74.28 56.85
CA LYS D 68 9.90 74.71 56.29
C LYS D 68 8.66 74.50 57.16
N ASN D 69 7.86 75.55 57.32
CA ASN D 69 6.60 75.50 58.09
C ASN D 69 6.75 75.49 59.60
N ARG D 70 7.96 75.51 60.10
CA ARG D 70 8.17 75.49 61.52
C ARG D 70 9.14 76.58 61.98
N ILE D 71 9.15 76.83 63.28
CA ILE D 71 10.02 77.85 63.83
C ILE D 71 11.08 77.19 64.66
N ILE D 72 12.34 77.41 64.31
CA ILE D 72 13.44 76.82 65.03
C ILE D 72 13.87 77.73 66.16
N VAL D 73 14.22 77.13 67.28
CA VAL D 73 14.66 77.85 68.46
C VAL D 73 16.02 77.31 68.88
N VAL D 74 17.05 78.12 68.70
CA VAL D 74 18.40 77.70 69.03
C VAL D 74 18.80 78.14 70.43
N ILE D 75 19.28 77.20 71.23
CA ILE D 75 19.75 77.52 72.57
C ILE D 75 21.26 77.70 72.47
N SER D 76 21.72 78.93 72.67
CA SER D 76 23.14 79.23 72.57
C SER D 76 23.51 80.40 73.46
N SER D 77 24.70 80.35 74.04
CA SER D 77 25.19 81.41 74.91
C SER D 77 25.87 82.51 74.11
N SER D 78 26.10 82.25 72.83
CA SER D 78 27.05 83.04 72.04
C SER D 78 26.39 83.56 70.76
N LEU D 79 25.56 82.72 70.14
CA LEU D 79 24.86 83.11 68.92
C LEU D 79 24.13 84.44 69.05
N PRO D 80 24.29 85.29 68.04
CA PRO D 80 23.85 86.69 68.13
C PRO D 80 22.33 86.81 68.02
N GLN D 81 21.69 87.28 69.09
CA GLN D 81 20.25 87.44 69.10
C GLN D 81 19.82 88.58 68.18
N ASP D 82 20.04 88.39 66.88
CA ASP D 82 19.53 89.32 65.87
C ASP D 82 18.01 89.25 65.78
N GLU D 83 17.48 89.70 64.64
CA GLU D 83 16.03 89.77 64.45
C GLU D 83 15.65 89.39 63.03
N ALA D 84 16.54 88.68 62.34
CA ALA D 84 16.64 88.77 60.90
C ALA D 84 15.73 87.77 60.21
N ASP D 85 15.93 86.49 60.53
CA ASP D 85 15.03 85.42 60.10
C ASP D 85 13.88 85.31 61.07
N PRO D 86 12.65 85.52 60.59
CA PRO D 86 11.48 85.44 61.46
C PRO D 86 11.23 84.03 61.94
N ASN D 87 11.63 83.06 61.12
CA ASN D 87 11.44 81.64 61.43
C ASN D 87 12.55 80.96 62.22
N VAL D 88 13.40 81.75 62.87
CA VAL D 88 14.50 81.22 63.68
C VAL D 88 14.79 82.23 64.78
N VAL D 89 14.95 81.73 66.00
CA VAL D 89 15.23 82.61 67.14
C VAL D 89 16.26 81.97 68.06
N VAL D 90 16.94 82.79 68.84
CA VAL D 90 17.96 82.28 69.74
C VAL D 90 17.64 82.68 71.18
N PHE D 91 17.99 81.82 72.11
CA PHE D 91 17.79 82.05 73.54
C PHE D 91 19.07 81.67 74.28
N ARG D 92 19.27 82.18 75.49
CA ARG D 92 20.50 81.91 76.24
C ARG D 92 20.43 80.73 77.19
N ASN D 93 19.24 80.17 77.37
CA ASN D 93 19.05 79.02 78.24
C ASN D 93 17.67 78.39 78.08
N LEU D 94 17.55 77.13 78.48
CA LEU D 94 16.33 76.36 78.24
C LEU D 94 15.12 77.03 78.90
N GLU D 95 15.20 77.22 80.22
CA GLU D 95 14.12 77.84 80.96
C GLU D 95 13.43 78.93 80.15
N ASP D 96 14.23 79.85 79.60
CA ASP D 96 13.70 81.05 78.98
C ASP D 96 12.92 80.73 77.73
N SER D 97 13.43 79.82 76.91
CA SER D 97 12.75 79.43 75.69
C SER D 97 11.30 79.04 75.96
N ILE D 98 11.11 78.16 76.94
CA ILE D 98 9.81 78.01 77.59
C ILE D 98 9.39 79.41 78.00
N GLU D 99 8.18 79.80 77.63
CA GLU D 99 8.08 81.15 77.12
C GLU D 99 7.68 81.14 75.64
N ASN D 100 7.95 80.03 74.97
CA ASN D 100 7.02 79.49 73.98
C ASN D 100 5.67 79.15 74.59
N LEU D 101 5.68 78.58 75.79
CA LEU D 101 4.47 78.09 76.42
C LEU D 101 3.51 79.23 76.74
N MET D 102 4.05 80.41 76.98
CA MET D 102 3.30 81.49 77.61
C MET D 102 2.67 82.40 76.56
N ASN D 103 3.19 82.34 75.34
CA ASN D 103 2.64 83.11 74.23
C ASN D 103 3.44 82.93 72.95
N ASP D 104 2.98 83.56 71.88
CA ASP D 104 2.98 82.94 70.56
C ASP D 104 1.86 81.93 70.31
N ASP D 105 0.89 81.89 71.22
CA ASP D 105 -0.35 81.26 70.81
C ASP D 105 -0.35 80.95 69.31
N SER D 106 0.50 81.66 68.57
CA SER D 106 0.90 81.22 67.24
C SER D 106 1.56 79.84 67.29
N ILE D 107 2.26 79.57 68.38
CA ILE D 107 3.00 78.32 68.52
C ILE D 107 2.12 77.29 69.23
N GLU D 108 1.60 76.34 68.44
CA GLU D 108 0.73 75.29 68.95
C GLU D 108 1.41 74.21 69.79
N ASN D 109 2.45 73.59 69.25
CA ASN D 109 3.14 72.53 69.98
C ASN D 109 4.65 72.75 70.07
N ILE D 110 5.28 72.08 71.02
CA ILE D 110 6.71 72.23 71.21
C ILE D 110 7.45 70.89 71.11
N PHE D 111 8.65 70.94 70.54
CA PHE D 111 9.49 69.76 70.36
C PHE D 111 10.93 70.06 70.73
N VAL D 112 11.55 69.16 71.48
CA VAL D 112 12.93 69.31 71.85
C VAL D 112 13.69 68.37 70.91
N CYS D 113 14.34 68.95 69.90
CA CYS D 113 15.05 68.16 68.91
C CYS D 113 16.52 67.99 69.30
N GLY D 114 16.88 68.54 70.46
CA GLY D 114 17.90 67.92 71.30
C GLY D 114 19.30 68.38 70.96
N GLY D 115 20.21 67.43 70.84
CA GLY D 115 21.56 67.60 71.37
C GLY D 115 21.70 67.03 72.76
N GLU D 116 22.74 66.21 72.96
CA GLU D 116 22.90 65.48 74.22
C GLU D 116 22.65 66.38 75.42
N SER D 117 23.15 67.62 75.34
CA SER D 117 23.01 68.57 76.43
C SER D 117 21.58 69.07 76.57
N ILE D 118 20.92 69.29 75.44
CA ILE D 118 19.55 69.78 75.49
C ILE D 118 18.57 68.71 75.94
N TYR D 119 18.75 67.49 75.47
CA TYR D 119 17.84 66.42 75.87
C TYR D 119 17.95 66.25 77.38
N ARG D 120 19.20 66.15 77.85
CA ARG D 120 19.49 65.97 79.26
C ARG D 120 18.86 67.03 80.15
N ASP D 121 18.75 68.25 79.65
CA ASP D 121 18.17 69.33 80.44
C ASP D 121 16.66 69.38 80.37
N ALA D 122 16.09 69.08 79.21
CA ALA D 122 14.64 69.11 79.06
C ALA D 122 14.05 68.08 80.03
N LEU D 123 14.79 67.00 80.23
CA LEU D 123 14.38 65.92 81.11
C LEU D 123 14.62 66.27 82.58
N LYS D 124 15.86 66.63 82.90
CA LYS D 124 16.24 66.97 84.27
C LYS D 124 15.33 68.01 84.91
N ASP D 125 14.74 68.88 84.10
CA ASP D 125 13.86 69.92 84.62
C ASP D 125 12.37 69.65 84.44
N ASN D 126 12.01 68.39 84.18
CA ASN D 126 10.60 68.04 84.06
C ASN D 126 9.88 68.86 82.98
N PHE D 127 10.54 69.07 81.87
CA PHE D 127 9.99 69.89 80.79
C PHE D 127 9.16 69.11 79.78
N VAL D 128 9.53 67.86 79.51
CA VAL D 128 8.85 67.05 78.50
C VAL D 128 7.71 66.15 78.97
N ASP D 129 6.65 66.14 78.17
CA ASP D 129 5.46 65.36 78.42
C ASP D 129 5.57 64.02 77.70
N ARG D 130 6.15 64.05 76.50
CA ARG D 130 6.26 62.87 75.67
C ARG D 130 7.62 62.69 75.03
N ILE D 131 7.92 61.46 74.64
CA ILE D 131 9.17 61.11 73.98
C ILE D 131 8.92 60.22 72.76
N TYR D 132 9.26 60.73 71.57
CA TYR D 132 9.13 59.95 70.35
C TYR D 132 10.55 59.42 70.15
N LEU D 133 10.69 58.10 70.23
CA LEU D 133 12.00 57.47 70.11
C LEU D 133 12.17 56.45 68.98
N THR D 134 13.10 56.73 68.08
CA THR D 134 13.37 55.79 67.01
C THR D 134 14.57 54.95 67.43
N ARG D 135 14.36 53.65 67.64
CA ARG D 135 15.43 52.75 68.03
C ARG D 135 16.07 52.22 66.75
N VAL D 136 17.38 52.39 66.62
CA VAL D 136 18.09 51.94 65.43
C VAL D 136 18.96 50.77 65.87
N ALA D 137 18.87 49.66 65.16
CA ALA D 137 19.62 48.46 65.51
C ALA D 137 21.08 48.43 65.07
N LEU D 138 21.78 49.51 65.31
CA LEU D 138 23.19 49.63 64.94
C LEU D 138 24.08 49.84 66.15
N GLU D 139 24.94 48.88 66.47
CA GLU D 139 25.87 49.02 67.58
C GLU D 139 27.24 48.65 67.06
N ASP D 140 28.26 48.71 67.92
CA ASP D 140 29.62 48.38 67.50
C ASP D 140 30.15 49.37 66.47
N ILE D 141 29.86 50.65 66.70
CA ILE D 141 30.30 51.75 65.86
C ILE D 141 30.45 52.92 66.82
N GLU D 142 31.40 53.81 66.55
CA GLU D 142 31.61 54.93 67.44
C GLU D 142 30.46 55.91 67.56
N PHE D 143 30.35 56.49 68.75
CA PHE D 143 29.34 57.48 69.10
C PHE D 143 30.04 58.40 70.07
N ASP D 144 29.81 59.70 69.97
CA ASP D 144 30.42 60.60 70.93
C ASP D 144 29.30 61.43 71.55
N THR D 145 28.07 61.06 71.24
CA THR D 145 26.91 61.73 71.78
C THR D 145 25.85 60.69 72.09
N TYR D 146 25.11 60.89 73.17
CA TYR D 146 24.09 59.93 73.56
C TYR D 146 22.81 60.59 74.02
N PHE D 147 21.72 59.82 73.98
CA PHE D 147 20.45 60.30 74.46
C PHE D 147 20.44 59.89 75.93
N PRO D 148 19.98 60.77 76.82
CA PRO D 148 19.99 60.36 78.23
C PRO D 148 19.07 59.19 78.49
N GLU D 149 19.23 58.61 79.67
CA GLU D 149 18.45 57.48 80.13
C GLU D 149 17.02 57.94 80.42
N ILE D 150 16.04 57.20 79.94
CA ILE D 150 14.64 57.57 80.15
C ILE D 150 14.24 57.53 81.63
N PRO D 151 13.68 58.63 82.13
CA PRO D 151 13.24 58.73 83.54
C PRO D 151 12.16 57.70 83.87
N GLU D 152 12.09 57.28 85.12
CA GLU D 152 11.09 56.30 85.53
C GLU D 152 9.68 56.85 85.47
N THR D 153 9.57 58.18 85.39
CA THR D 153 8.26 58.82 85.34
C THR D 153 7.64 58.62 83.96
N PHE D 154 8.41 58.03 83.06
CA PHE D 154 7.98 57.77 81.69
C PHE D 154 7.70 56.28 81.47
N LEU D 155 6.59 55.99 80.80
CA LEU D 155 6.27 54.62 80.49
C LEU D 155 5.90 54.49 79.01
N PRO D 156 6.41 53.44 78.36
CA PRO D 156 6.12 53.19 76.94
C PRO D 156 4.63 52.92 76.68
N VAL D 157 4.10 53.51 75.62
CA VAL D 157 2.70 53.33 75.28
C VAL D 157 2.50 52.83 73.85
N TYR D 158 3.60 52.79 73.09
CA TYR D 158 3.56 52.32 71.71
C TYR D 158 4.90 51.81 71.24
N MET D 159 4.86 50.80 70.39
CA MET D 159 6.07 50.20 69.81
C MET D 159 5.65 49.65 68.46
N SER D 160 6.15 50.27 67.39
CA SER D 160 5.82 49.86 66.04
C SER D 160 6.49 48.55 65.69
N GLN D 161 6.17 48.04 64.51
CA GLN D 161 6.77 46.81 64.02
C GLN D 161 8.18 47.21 63.63
N THR D 162 9.02 46.22 63.33
CA THR D 162 10.36 46.54 62.91
C THR D 162 10.32 46.95 61.44
N PHE D 163 11.12 47.95 61.09
CA PHE D 163 11.20 48.43 59.72
C PHE D 163 12.62 48.25 59.22
N CYS D 164 12.79 48.26 57.90
CA CYS D 164 14.11 48.07 57.31
C CYS D 164 14.52 49.09 56.25
N THR D 165 15.73 49.60 56.41
CA THR D 165 16.29 50.52 55.44
C THR D 165 17.78 50.26 55.31
N LYS D 166 18.23 50.04 54.09
CA LYS D 166 19.61 49.70 53.82
C LYS D 166 20.10 48.64 54.77
N ASN D 167 19.26 47.62 54.95
CA ASN D 167 19.53 46.46 55.81
C ASN D 167 19.61 46.74 57.30
N ILE D 168 19.21 47.93 57.68
CA ILE D 168 19.24 48.32 59.08
C ILE D 168 17.87 48.20 59.72
N SER D 169 17.80 47.44 60.82
CA SER D 169 16.54 47.27 61.53
C SER D 169 16.29 48.45 62.45
N TYR D 170 15.04 48.90 62.52
CA TYR D 170 14.68 50.00 63.40
C TYR D 170 13.17 50.04 63.65
N ASP D 171 12.76 50.66 64.76
CA ASP D 171 11.34 50.81 65.05
C ASP D 171 11.01 52.14 65.74
N PHE D 172 9.73 52.36 66.02
CA PHE D 172 9.29 53.60 66.64
C PHE D 172 8.53 53.41 67.95
N MET D 173 8.94 54.15 68.98
CA MET D 173 8.29 54.06 70.28
C MET D 173 7.80 55.41 70.80
N ILE D 174 6.87 55.36 71.73
CA ILE D 174 6.34 56.57 72.34
C ILE D 174 6.30 56.37 73.84
N PHE D 175 6.72 57.37 74.60
CA PHE D 175 6.70 57.30 76.06
C PHE D 175 5.88 58.45 76.60
N GLU D 176 4.99 58.13 77.54
CA GLU D 176 4.13 59.14 78.15
C GLU D 176 4.59 59.36 79.58
N LYS D 177 4.16 60.47 80.16
CA LYS D 177 4.53 60.76 81.53
C LYS D 177 3.37 60.41 82.44
N GLN D 178 3.66 60.08 83.69
CA GLN D 178 2.62 59.71 84.63
C GLN D 178 2.13 60.83 85.56
N GLU D 179 0.92 60.72 86.03
CA GLU D 179 0.39 61.60 87.07
C GLU D 179 -0.07 60.86 88.32
N LYS D 180 -1.32 61.06 88.71
CA LYS D 180 -1.95 60.29 89.76
C LYS D 180 -2.40 58.87 89.39
N LEU D 193 -16.61 53.62 78.39
CA LEU D 193 -17.89 53.61 79.09
C LEU D 193 -18.10 52.28 79.82
N LYS D 194 -17.92 52.32 81.13
CA LYS D 194 -18.08 51.14 81.98
C LYS D 194 -19.42 50.46 81.73
N SER D 195 -20.32 51.18 81.07
CA SER D 195 -21.64 50.67 80.75
C SER D 195 -21.57 49.24 80.19
N ILE D 196 -20.78 49.05 79.14
CA ILE D 196 -20.63 47.74 78.52
C ILE D 196 -19.83 46.77 79.39
N ASP D 197 -18.72 47.25 79.94
CA ASP D 197 -17.86 46.42 80.78
C ASP D 197 -18.57 45.93 82.04
N ASP D 198 -19.46 46.75 82.58
CA ASP D 198 -20.20 46.36 83.78
C ASP D 198 -21.12 45.19 83.45
N THR D 199 -21.85 45.32 82.36
CA THR D 199 -22.76 44.28 81.92
C THR D 199 -22.02 42.96 81.74
N VAL D 200 -20.88 43.01 81.06
CA VAL D 200 -20.09 41.81 80.83
C VAL D 200 -19.64 41.18 82.15
N ASP D 201 -19.19 42.01 83.10
CA ASP D 201 -18.76 41.50 84.40
C ASP D 201 -19.89 40.74 85.08
N LEU D 202 -21.02 41.42 85.24
CA LEU D 202 -22.21 40.82 85.86
C LEU D 202 -22.62 39.53 85.16
N LEU D 203 -22.64 39.57 83.83
CA LEU D 203 -23.02 38.41 83.03
C LEU D 203 -22.00 37.29 83.28
N GLY D 204 -20.78 37.67 83.62
CA GLY D 204 -19.74 36.70 83.90
C GLY D 204 -20.02 36.05 85.24
N GLU D 205 -20.45 36.87 86.20
CA GLU D 205 -20.79 36.39 87.53
C GLU D 205 -21.89 35.37 87.43
N ILE D 206 -22.93 35.70 86.68
CA ILE D 206 -24.06 34.81 86.51
C ILE D 206 -23.70 33.48 85.87
N PHE D 207 -23.01 33.51 84.73
CA PHE D 207 -22.67 32.29 84.00
C PHE D 207 -21.33 31.58 84.26
N GLY D 208 -20.37 32.25 84.88
CA GLY D 208 -19.08 31.64 85.13
C GLY D 208 -18.46 30.99 83.90
N ILE D 209 -17.88 29.81 84.08
CA ILE D 209 -17.25 29.10 82.99
C ILE D 209 -18.18 28.84 81.80
N ARG D 210 -19.46 29.17 81.92
CA ARG D 210 -20.36 28.94 80.80
C ARG D 210 -20.20 30.02 79.74
N LYS D 211 -19.85 31.22 80.16
CA LYS D 211 -19.63 32.33 79.22
C LYS D 211 -18.20 32.14 78.68
N MET D 212 -18.07 31.92 77.37
CA MET D 212 -16.76 31.68 76.75
C MET D 212 -15.68 32.66 77.19
N GLY D 213 -16.06 33.93 77.32
CA GLY D 213 -15.12 34.94 77.76
C GLY D 213 -14.39 34.55 79.05
N ASN D 214 -15.05 33.84 79.97
CA ASN D 214 -14.38 33.47 81.20
C ASN D 214 -13.32 32.39 81.00
N ARG D 215 -13.40 31.70 79.86
CA ARG D 215 -12.45 30.64 79.55
C ARG D 215 -11.22 31.24 78.88
N HIS D 216 -11.35 32.50 78.47
CA HIS D 216 -10.28 33.24 77.82
C HIS D 216 -10.11 34.54 78.56
N LYS D 217 -9.58 34.47 79.78
CA LYS D 217 -9.43 35.69 80.57
C LYS D 217 -8.23 36.48 80.13
N PHE D 218 -8.36 37.81 80.18
CA PHE D 218 -7.26 38.68 79.82
C PHE D 218 -6.18 38.48 80.89
N PRO D 219 -4.91 38.35 80.48
CA PRO D 219 -3.83 38.14 81.45
C PRO D 219 -3.71 39.26 82.49
N LYS D 220 -3.37 38.90 83.73
CA LYS D 220 -3.17 39.91 84.76
C LYS D 220 -1.88 40.61 84.38
N GLU D 221 -1.79 41.89 84.69
CA GLU D 221 -0.59 42.63 84.31
C GLU D 221 0.72 42.14 84.92
N GLU D 222 0.64 41.29 85.94
CA GLU D 222 1.85 40.79 86.58
C GLU D 222 2.59 39.84 85.66
N ILE D 223 1.90 39.37 84.62
CA ILE D 223 2.50 38.45 83.67
C ILE D 223 2.42 38.95 82.22
N TYR D 224 1.94 40.18 82.05
CA TYR D 224 1.82 40.82 80.75
C TYR D 224 3.13 41.56 80.49
N ASN D 225 3.78 41.30 79.36
CA ASN D 225 5.04 41.97 79.02
C ASN D 225 4.79 43.44 78.70
N THR D 226 5.59 44.31 79.32
CA THR D 226 5.48 45.76 79.11
C THR D 226 4.04 46.27 79.13
N PRO D 227 3.34 46.06 80.26
CA PRO D 227 1.95 46.43 80.54
C PRO D 227 1.51 47.82 80.10
N SER D 228 2.41 48.78 80.20
CA SER D 228 2.10 50.17 79.83
C SER D 228 1.61 50.31 78.39
N ILE D 229 2.11 49.44 77.51
CA ILE D 229 1.69 49.49 76.11
C ILE D 229 0.41 48.68 76.00
N ARG D 230 -0.70 49.38 76.09
CA ARG D 230 -2.01 48.76 76.03
C ARG D 230 -2.54 48.66 74.60
N PHE D 231 -2.67 49.81 73.95
CA PHE D 231 -3.19 49.86 72.59
C PHE D 231 -2.11 50.01 71.53
N GLY D 232 -0.85 49.83 71.91
CA GLY D 232 0.20 50.00 70.93
C GLY D 232 1.19 48.87 70.77
N ARG D 233 0.80 47.66 71.15
CA ARG D 233 1.71 46.53 71.01
C ARG D 233 1.68 46.05 69.57
N GLU D 234 2.37 46.79 68.71
CA GLU D 234 2.41 46.51 67.29
C GLU D 234 3.63 45.65 66.94
N HIS D 235 4.66 45.74 67.77
CA HIS D 235 5.82 44.87 67.64
C HIS D 235 5.45 43.40 67.84
N TYR D 236 5.66 42.60 66.79
CA TYR D 236 5.01 41.31 66.68
C TYR D 236 5.78 40.23 67.44
N GLU D 237 6.87 40.64 68.06
CA GLU D 237 7.39 39.95 69.25
C GLU D 237 6.29 39.77 70.29
N PHE D 238 5.28 40.63 70.24
CA PHE D 238 4.17 40.56 71.18
C PHE D 238 3.22 39.41 70.84
N GLN D 239 3.17 39.05 69.56
CA GLN D 239 2.38 37.91 69.12
C GLN D 239 2.76 36.65 69.88
N TYR D 240 4.06 36.46 70.10
CA TYR D 240 4.56 35.32 70.86
C TYR D 240 4.47 35.57 72.36
N LEU D 241 5.04 36.70 72.80
CA LEU D 241 5.04 37.05 74.21
C LEU D 241 3.65 37.03 74.82
N ASP D 242 2.64 37.46 74.05
CA ASP D 242 1.27 37.49 74.55
C ASP D 242 0.56 36.14 74.55
N LEU D 243 0.95 35.24 73.67
CA LEU D 243 0.34 33.92 73.65
C LEU D 243 0.88 33.24 74.92
N LEU D 244 2.10 33.63 75.28
CA LEU D 244 2.78 33.09 76.43
C LEU D 244 2.01 33.43 77.68
N SER D 245 1.74 34.71 77.87
CA SER D 245 1.02 35.14 79.06
C SER D 245 -0.44 34.73 79.00
N ARG D 246 -0.94 34.47 77.81
CA ARG D 246 -2.32 34.06 77.67
C ARG D 246 -2.50 32.63 78.20
N VAL D 247 -1.49 31.77 78.07
CA VAL D 247 -1.63 30.42 78.60
C VAL D 247 -1.30 30.49 80.09
N LEU D 248 -0.38 31.38 80.44
CA LEU D 248 -0.01 31.54 81.83
C LEU D 248 -1.23 31.92 82.66
N GLU D 249 -2.21 32.55 82.02
CA GLU D 249 -3.42 32.97 82.69
C GLU D 249 -4.55 31.94 82.66
N ASN D 250 -4.67 31.19 81.56
CA ASN D 250 -5.77 30.23 81.43
C ASN D 250 -5.35 28.77 81.29
N GLY D 251 -4.05 28.54 81.12
CA GLY D 251 -3.55 27.19 80.94
C GLY D 251 -4.01 26.18 81.96
N ALA D 252 -4.65 25.10 81.50
CA ALA D 252 -5.13 24.06 82.39
C ALA D 252 -3.98 23.13 82.72
N TYR D 253 -3.75 22.86 84.00
CA TYR D 253 -2.66 21.96 84.39
C TYR D 253 -2.99 20.54 83.95
N ARG D 254 -2.08 19.93 83.21
CA ARG D 254 -2.31 18.58 82.72
C ARG D 254 -1.06 17.77 82.40
N GLU D 255 -1.11 16.48 82.71
CA GLU D 255 0.03 15.59 82.50
C GLU D 255 0.15 15.17 81.05
N ASN D 256 1.28 14.57 80.70
CA ASN D 256 1.60 14.28 79.30
C ASN D 256 2.63 13.17 79.16
N ARG D 257 2.67 12.55 77.98
CA ARG D 257 3.54 11.40 77.75
C ARG D 257 4.80 11.47 78.60
N THR D 258 5.41 12.65 78.65
CA THR D 258 6.63 12.86 79.43
C THR D 258 6.36 12.76 80.92
N GLY D 259 7.38 13.02 81.72
CA GLY D 259 7.23 13.09 83.16
C GLY D 259 6.81 14.47 83.64
N ILE D 260 7.00 15.47 82.78
CA ILE D 260 6.77 16.86 83.16
C ILE D 260 5.39 17.33 82.72
N SER D 261 4.57 17.75 83.68
CA SER D 261 3.23 18.22 83.39
C SER D 261 3.31 19.53 82.64
N THR D 262 2.19 19.97 82.11
CA THR D 262 2.17 21.19 81.32
C THR D 262 0.95 22.09 81.60
N TYR D 263 1.02 23.35 81.18
CA TYR D 263 -0.12 24.26 81.35
C TYR D 263 -0.53 24.56 79.92
N SER D 264 -1.78 24.28 79.57
CA SER D 264 -2.18 24.50 78.18
C SER D 264 -3.60 24.92 77.85
N ILE D 265 -3.71 25.57 76.70
CA ILE D 265 -4.97 26.02 76.15
C ILE D 265 -4.95 25.48 74.72
N PHE D 266 -6.11 25.48 74.06
CA PHE D 266 -6.22 24.92 72.72
C PHE D 266 -6.67 25.92 71.67
N GLY D 267 -5.98 25.96 70.53
CA GLY D 267 -6.35 26.87 69.45
C GLY D 267 -5.93 28.32 69.56
N GLN D 268 -4.69 28.60 69.18
CA GLN D 268 -4.16 29.96 69.22
C GLN D 268 -3.48 30.29 67.90
N MET D 269 -3.11 31.55 67.70
CA MET D 269 -2.46 31.96 66.47
C MET D 269 -1.50 33.14 66.66
N MET D 270 -0.50 33.23 65.79
CA MET D 270 0.49 34.31 65.82
C MET D 270 0.80 34.76 64.40
N ARG D 271 0.97 36.07 64.22
CA ARG D 271 1.30 36.65 62.92
C ARG D 271 2.69 37.24 62.99
N PHE D 272 3.37 37.30 61.86
CA PHE D 272 4.70 37.87 61.79
C PHE D 272 4.92 38.45 60.40
N ASP D 273 5.44 39.66 60.34
CA ASP D 273 5.73 40.26 59.05
C ASP D 273 7.13 39.81 58.71
N MET D 274 7.37 39.47 57.44
CA MET D 274 8.69 39.05 57.00
C MET D 274 9.20 39.96 55.88
N ARG D 275 8.45 41.02 55.60
CA ARG D 275 8.84 41.96 54.56
C ARG D 275 9.95 42.90 55.04
N GLU D 276 9.76 43.51 56.21
CA GLU D 276 10.74 44.43 56.74
C GLU D 276 11.68 43.85 57.81
N SER D 277 11.47 42.58 58.21
CA SER D 277 12.31 41.99 59.26
C SER D 277 12.16 40.47 59.38
N PHE D 278 13.07 39.85 60.11
CA PHE D 278 13.07 38.40 60.33
C PHE D 278 12.68 38.15 61.78
N PRO D 279 11.56 37.46 62.01
CA PRO D 279 11.05 37.16 63.34
C PRO D 279 11.92 36.27 64.24
N LEU D 280 13.08 36.76 64.63
CA LEU D 280 13.94 35.98 65.52
C LEU D 280 13.80 36.64 66.88
N LEU D 281 13.30 35.93 67.86
CA LEU D 281 12.94 36.51 69.15
C LEU D 281 14.12 37.25 69.76
N THR D 282 13.85 38.44 70.29
CA THR D 282 14.89 39.26 70.89
C THR D 282 14.91 39.17 72.41
N THR D 283 13.78 38.86 73.02
CA THR D 283 13.70 38.79 74.47
C THR D 283 14.52 37.66 75.09
N LYS D 284 15.10 36.82 74.23
CA LYS D 284 15.94 35.70 74.65
C LYS D 284 16.81 35.32 73.45
N LYS D 285 18.08 35.03 73.68
CA LYS D 285 18.94 34.67 72.56
C LYS D 285 18.53 33.36 71.90
N VAL D 286 18.13 33.41 70.64
CA VAL D 286 17.73 32.21 69.94
C VAL D 286 18.88 31.73 69.05
N PHE D 287 19.16 30.44 69.08
CA PHE D 287 20.25 29.88 68.29
C PHE D 287 19.74 29.44 66.94
N ILE D 288 19.79 30.39 66.01
CA ILE D 288 19.32 30.20 64.66
C ILE D 288 20.14 29.18 63.87
N ARG D 289 21.41 29.00 64.24
CA ARG D 289 22.24 28.05 63.52
C ARG D 289 21.72 26.61 63.58
N SER D 290 21.27 26.18 64.76
CA SER D 290 20.73 24.83 64.92
C SER D 290 19.47 24.74 64.07
N ILE D 291 18.72 25.84 64.06
CA ILE D 291 17.50 25.95 63.29
C ILE D 291 17.79 25.71 61.82
N PHE D 292 18.74 26.46 61.29
CA PHE D 292 19.11 26.33 59.88
C PHE D 292 19.48 24.88 59.57
N GLU D 293 20.46 24.37 60.29
CA GLU D 293 20.93 23.00 60.08
C GLU D 293 19.80 21.95 60.14
N GLU D 294 18.77 22.20 60.94
CA GLU D 294 17.67 21.25 61.01
C GLU D 294 16.81 21.39 59.76
N LEU D 295 16.69 22.61 59.26
CA LEU D 295 15.88 22.86 58.08
C LEU D 295 16.44 22.22 56.81
N ILE D 296 17.70 22.46 56.45
CA ILE D 296 18.24 21.84 55.24
C ILE D 296 18.20 20.34 55.41
N TRP D 297 18.41 19.90 56.65
CA TRP D 297 18.36 18.48 56.95
C TRP D 297 16.98 17.96 56.50
N PHE D 298 15.92 18.68 56.86
CA PHE D 298 14.58 18.30 56.46
C PHE D 298 14.49 18.36 54.95
N ILE D 299 14.90 19.50 54.41
CA ILE D 299 14.86 19.73 52.97
C ILE D 299 15.53 18.64 52.15
N LYS D 300 16.65 18.13 52.65
CA LYS D 300 17.38 17.09 51.97
C LYS D 300 16.59 15.77 52.01
N GLY D 301 15.66 15.67 52.96
CA GLY D 301 14.88 14.46 53.13
C GLY D 301 15.64 13.52 54.07
N ASP D 302 16.59 14.08 54.78
CA ASP D 302 17.43 13.31 55.68
C ASP D 302 16.77 13.05 57.02
N THR D 303 16.89 11.81 57.48
CA THR D 303 16.30 11.39 58.76
C THR D 303 17.36 10.85 59.71
N ASN D 304 18.62 11.06 59.34
CA ASN D 304 19.74 10.59 60.13
C ASN D 304 20.15 11.56 61.25
N GLY D 305 19.84 11.19 62.49
CA GLY D 305 20.17 12.04 63.62
C GLY D 305 21.66 12.25 63.83
N ASN D 306 22.47 11.39 63.23
CA ASN D 306 23.91 11.49 63.35
C ASN D 306 24.37 12.72 62.59
N HIS D 307 23.94 12.81 61.33
CA HIS D 307 24.30 13.94 60.48
C HIS D 307 24.09 15.26 61.20
N LEU D 308 23.11 15.29 62.10
CA LEU D 308 22.80 16.49 62.86
C LEU D 308 23.77 16.65 64.02
N ILE D 309 24.02 15.55 64.72
CA ILE D 309 24.94 15.55 65.85
C ILE D 309 26.33 15.87 65.30
N GLU D 310 26.54 15.48 64.04
CA GLU D 310 27.79 15.70 63.34
C GLU D 310 28.18 17.17 63.46
N LYS D 311 27.25 18.04 63.10
CA LYS D 311 27.51 19.47 63.11
C LYS D 311 27.32 20.15 64.46
N LYS D 312 27.31 19.37 65.54
CA LYS D 312 27.15 19.94 66.87
C LYS D 312 25.73 20.41 67.19
N VAL D 313 24.75 19.83 66.49
CA VAL D 313 23.34 20.16 66.71
C VAL D 313 22.72 18.95 67.38
N TYR D 314 22.36 19.11 68.65
CA TYR D 314 21.82 18.01 69.44
C TYR D 314 20.30 18.04 69.72
N ILE D 315 19.59 19.00 69.15
CA ILE D 315 18.15 19.10 69.40
C ILE D 315 17.34 17.82 69.18
N TRP D 316 17.91 16.84 68.48
CA TRP D 316 17.20 15.58 68.24
C TRP D 316 17.80 14.35 68.92
N SER D 317 18.91 14.52 69.63
CA SER D 317 19.54 13.38 70.31
C SER D 317 18.61 12.82 71.37
N GLY D 318 17.93 13.72 72.08
CA GLY D 318 17.01 13.32 73.13
C GLY D 318 16.04 12.24 72.70
N ASN D 319 15.46 12.40 71.52
CA ASN D 319 14.51 11.43 71.00
C ASN D 319 15.18 10.45 70.03
N GLY D 320 16.51 10.41 70.06
CA GLY D 320 17.24 9.50 69.19
C GLY D 320 18.00 8.43 69.97
N SER D 321 18.00 8.55 71.29
CA SER D 321 18.68 7.61 72.18
C SER D 321 18.03 6.22 72.21
N LYS D 322 18.85 5.19 72.31
CA LYS D 322 18.35 3.81 72.35
C LYS D 322 17.40 3.59 73.50
N GLU D 323 17.61 4.29 74.61
CA GLU D 323 16.77 4.17 75.79
C GLU D 323 15.37 4.69 75.44
N TYR D 324 15.31 5.62 74.50
CA TYR D 324 14.05 6.21 74.06
C TYR D 324 13.43 5.36 72.95
N LEU D 325 14.26 4.96 71.98
CA LEU D 325 13.78 4.14 70.88
C LEU D 325 13.27 2.83 71.45
N GLU D 326 13.93 2.35 72.51
CA GLU D 326 13.55 1.11 73.18
C GLU D 326 12.17 1.29 73.80
N ARG D 327 12.06 2.32 74.65
CA ARG D 327 10.83 2.65 75.35
C ARG D 327 9.58 2.73 74.49
N ILE D 328 9.70 3.21 73.25
CA ILE D 328 8.53 3.30 72.38
C ILE D 328 8.41 2.12 71.41
N GLY D 329 9.20 1.09 71.66
CA GLY D 329 9.14 -0.09 70.82
C GLY D 329 9.82 0.03 69.47
N LEU D 330 10.94 0.75 69.43
CA LEU D 330 11.69 0.91 68.20
C LEU D 330 13.15 0.54 68.39
N GLY D 331 13.45 -0.08 69.52
CA GLY D 331 14.82 -0.49 69.80
C GLY D 331 15.38 -1.41 68.73
N HIS D 332 14.54 -1.76 67.76
CA HIS D 332 14.95 -2.65 66.68
C HIS D 332 15.90 -1.98 65.69
N ARG D 333 16.04 -0.66 65.79
CA ARG D 333 16.90 0.06 64.86
C ARG D 333 18.10 0.74 65.50
N GLU D 334 19.01 1.18 64.65
CA GLU D 334 20.27 1.80 65.05
C GLU D 334 19.97 3.08 65.80
N GLU D 335 20.95 3.58 66.55
CA GLU D 335 20.75 4.82 67.30
C GLU D 335 20.68 5.99 66.35
N ASN D 336 19.70 6.85 66.60
CA ASN D 336 19.48 8.05 65.81
C ASN D 336 18.82 7.84 64.44
N ASP D 337 18.27 6.65 64.21
CA ASP D 337 17.57 6.39 62.96
C ASP D 337 16.15 6.71 63.33
N LEU D 338 15.78 7.98 63.21
CA LEU D 338 14.47 8.47 63.58
C LEU D 338 13.27 7.97 62.77
N GLY D 339 13.51 7.36 61.62
CA GLY D 339 12.39 6.87 60.85
C GLY D 339 11.89 7.87 59.84
N PRO D 340 10.74 7.59 59.24
CA PRO D 340 10.17 8.44 58.19
C PRO D 340 9.56 9.72 58.77
N ILE D 341 10.40 10.57 59.35
CA ILE D 341 9.94 11.82 59.94
C ILE D 341 10.08 12.99 58.97
N TYR D 342 10.10 14.20 59.52
CA TYR D 342 9.83 15.39 58.71
C TYR D 342 10.41 15.27 57.31
N GLY D 343 11.72 15.12 57.23
CA GLY D 343 12.42 15.16 55.97
C GLY D 343 11.92 14.09 55.00
N PHE D 344 11.70 12.88 55.52
CA PHE D 344 11.25 11.77 54.71
C PHE D 344 9.86 12.02 54.12
N GLN D 345 8.96 12.60 54.91
CA GLN D 345 7.62 12.85 54.40
C GLN D 345 7.61 14.00 53.38
N TRP D 346 8.51 14.96 53.55
CA TRP D 346 8.62 16.10 52.65
C TRP D 346 9.07 15.73 51.23
N ARG D 347 10.11 14.91 51.16
CA ARG D 347 10.66 14.47 49.87
C ARG D 347 10.11 13.14 49.41
N HIS D 348 9.62 12.34 50.34
CA HIS D 348 9.33 10.93 50.07
C HIS D 348 8.05 10.49 50.78
N TYR D 349 7.04 11.33 50.73
CA TYR D 349 5.76 11.04 51.37
C TYR D 349 5.19 9.71 50.89
N ASN D 350 4.81 8.85 51.82
CA ASN D 350 4.25 7.55 51.48
C ASN D 350 5.29 6.59 50.92
N GLY D 351 6.56 6.95 51.09
CA GLY D 351 7.65 6.10 50.64
C GLY D 351 7.80 5.01 51.67
N GLU D 352 8.21 3.82 51.29
CA GLU D 352 8.34 2.76 52.27
C GLU D 352 9.67 2.81 52.98
N TYR D 353 9.66 3.27 54.22
CA TYR D 353 10.88 3.41 54.99
C TYR D 353 11.49 2.07 55.39
N LYS D 354 12.82 2.03 55.37
CA LYS D 354 13.59 0.85 55.75
C LYS D 354 14.51 1.22 56.90
N THR D 355 15.58 1.93 56.56
CA THR D 355 16.57 2.40 57.53
C THR D 355 17.08 3.76 57.06
N MET D 356 17.77 4.47 57.93
CA MET D 356 18.29 5.78 57.57
C MET D 356 19.37 5.73 56.49
N HIS D 357 19.77 4.54 56.09
CA HIS D 357 20.83 4.42 55.09
C HIS D 357 20.41 4.15 53.66
N ASP D 358 19.34 3.40 53.46
CA ASP D 358 18.91 3.08 52.10
C ASP D 358 18.78 4.29 51.19
N ASP D 359 18.79 4.03 49.88
CA ASP D 359 18.66 5.10 48.89
C ASP D 359 17.20 5.22 48.49
N TYR D 360 16.59 6.35 48.84
CA TYR D 360 15.19 6.57 48.55
C TYR D 360 14.91 7.35 47.28
N THR D 361 15.92 7.53 46.45
CA THR D 361 15.76 8.26 45.21
C THR D 361 14.60 7.70 44.38
N GLY D 362 13.57 8.52 44.18
CA GLY D 362 12.43 8.08 43.40
C GLY D 362 11.27 7.50 44.17
N VAL D 363 11.49 7.16 45.44
CA VAL D 363 10.42 6.57 46.23
C VAL D 363 9.55 7.59 46.96
N GLY D 364 8.24 7.44 46.81
CA GLY D 364 7.32 8.35 47.46
C GLY D 364 7.10 9.62 46.67
N VAL D 365 6.12 10.41 47.09
CA VAL D 365 5.81 11.66 46.42
C VAL D 365 6.67 12.79 46.94
N ASP D 366 7.27 13.51 46.01
CA ASP D 366 8.13 14.61 46.39
C ASP D 366 7.32 15.91 46.47
N GLN D 367 6.82 16.19 47.67
CA GLN D 367 6.01 17.39 47.89
C GLN D 367 6.81 18.67 47.71
N LEU D 368 8.00 18.71 48.30
CA LEU D 368 8.82 19.90 48.21
C LEU D 368 9.09 20.28 46.76
N ALA D 369 9.34 19.28 45.94
CA ALA D 369 9.59 19.52 44.53
C ALA D 369 8.31 20.08 43.90
N LYS D 370 7.21 19.37 44.07
CA LYS D 370 5.92 19.80 43.54
C LYS D 370 5.62 21.23 43.97
N LEU D 371 5.89 21.52 45.24
CA LEU D 371 5.63 22.83 45.81
C LEU D 371 6.27 23.95 44.99
N ILE D 372 7.58 23.83 44.80
CA ILE D 372 8.36 24.81 44.07
C ILE D 372 7.87 24.94 42.64
N GLU D 373 7.51 23.82 42.05
CA GLU D 373 7.04 23.83 40.69
C GLU D 373 5.69 24.53 40.59
N THR D 374 4.86 24.38 41.63
CA THR D 374 3.54 24.98 41.61
C THR D 374 3.58 26.47 41.92
N LEU D 375 4.45 26.86 42.85
CA LEU D 375 4.57 28.27 43.21
C LEU D 375 5.08 29.04 42.00
N LYS D 376 5.92 28.39 41.20
CA LYS D 376 6.46 29.02 40.01
C LYS D 376 5.50 29.05 38.84
N ASN D 377 4.91 27.89 38.53
CA ASN D 377 4.11 27.74 37.33
C ASN D 377 2.67 28.20 37.53
N ASN D 378 2.13 27.93 38.72
CA ASN D 378 0.79 28.38 39.08
C ASN D 378 0.75 29.03 40.46
N PRO D 379 0.89 30.34 40.50
CA PRO D 379 1.11 31.06 41.76
C PRO D 379 -0.19 31.33 42.49
N LYS D 380 -1.23 31.70 41.74
CA LYS D 380 -2.55 31.97 42.33
C LYS D 380 -3.27 30.70 42.78
N ASP D 381 -2.73 29.53 42.43
CA ASP D 381 -3.32 28.25 42.82
C ASP D 381 -3.55 28.17 44.34
N ARG D 382 -4.73 27.70 44.75
CA ARG D 382 -5.06 27.60 46.17
C ARG D 382 -4.72 26.24 46.77
N ARG D 383 -3.70 25.60 46.23
CA ARG D 383 -3.36 24.23 46.64
C ARG D 383 -1.90 24.03 46.99
N HIS D 384 -1.17 25.10 47.23
CA HIS D 384 0.25 25.00 47.61
C HIS D 384 0.36 24.46 49.03
N ILE D 385 0.26 23.15 49.21
CA ILE D 385 0.30 22.52 50.54
C ILE D 385 1.46 21.57 50.75
N LEU D 386 1.96 21.55 51.98
CA LEU D 386 3.05 20.68 52.36
C LEU D 386 2.58 19.99 53.66
N THR D 387 2.63 18.67 53.69
CA THR D 387 2.19 17.97 54.90
C THR D 387 3.15 16.92 55.42
N ALA D 388 3.03 16.61 56.70
CA ALA D 388 3.89 15.63 57.29
C ALA D 388 3.08 14.57 58.01
N TRP D 389 1.78 14.79 58.15
CA TRP D 389 0.95 13.83 58.87
C TRP D 389 0.53 12.66 57.99
N ASN D 390 1.20 11.52 58.19
CA ASN D 390 0.90 10.31 57.43
C ASN D 390 0.51 9.21 58.40
N PRO D 391 -0.80 8.94 58.53
CA PRO D 391 -1.32 7.90 59.44
C PRO D 391 -0.59 6.57 59.31
N SER D 392 -0.28 6.17 58.09
CA SER D 392 0.41 4.91 57.86
C SER D 392 1.84 4.85 58.41
N ALA D 393 2.49 6.00 58.57
CA ALA D 393 3.88 6.01 59.05
C ALA D 393 4.08 6.37 60.52
N LEU D 394 3.06 6.91 61.17
CA LEU D 394 3.14 7.34 62.57
C LEU D 394 3.81 6.40 63.56
N SER D 395 3.70 5.09 63.33
CA SER D 395 4.28 4.11 64.24
C SER D 395 5.80 3.98 64.15
N GLN D 396 6.36 4.27 62.98
CA GLN D 396 7.80 4.17 62.76
C GLN D 396 8.56 5.43 63.12
N MET D 397 7.84 6.48 63.52
CA MET D 397 8.50 7.74 63.84
C MET D 397 8.95 7.86 65.29
N ALA D 398 10.18 8.32 65.48
CA ALA D 398 10.72 8.50 66.83
C ALA D 398 9.75 9.40 67.56
N LEU D 399 9.08 10.25 66.80
CA LEU D 399 8.13 11.19 67.35
C LEU D 399 7.17 11.59 66.23
N PRO D 400 5.87 11.68 66.53
CA PRO D 400 4.94 12.07 65.45
C PRO D 400 5.10 13.56 65.13
N PRO D 401 4.92 13.93 63.85
CA PRO D 401 5.09 15.35 63.49
C PRO D 401 4.31 16.35 64.32
N CYS D 402 4.98 17.42 64.73
CA CYS D 402 4.36 18.45 65.56
C CYS D 402 3.97 19.73 64.83
N HIS D 403 4.89 20.22 63.99
CA HIS D 403 4.56 21.21 62.98
C HIS D 403 4.16 20.52 61.68
N VAL D 404 2.85 20.47 61.43
CA VAL D 404 2.23 19.27 60.87
C VAL D 404 1.96 19.47 59.39
N LEU D 405 1.52 20.67 59.03
CA LEU D 405 1.20 20.98 57.64
C LEU D 405 1.19 22.49 57.41
N SER D 406 1.68 22.91 56.25
CA SER D 406 1.80 24.32 55.95
C SER D 406 1.23 24.64 54.58
N GLN D 407 0.86 25.89 54.39
CA GLN D 407 0.32 26.35 53.11
C GLN D 407 1.11 27.58 52.72
N TYR D 408 1.30 27.75 51.41
CA TYR D 408 2.13 28.84 50.90
C TYR D 408 1.38 29.64 49.84
N TYR D 409 1.65 30.95 49.82
CA TYR D 409 0.71 31.90 49.21
C TYR D 409 1.46 33.04 48.51
N VAL D 410 1.18 33.22 47.23
CA VAL D 410 1.83 34.26 46.44
C VAL D 410 0.91 35.46 46.25
N THR D 411 1.26 36.58 46.88
CA THR D 411 0.45 37.79 46.81
C THR D 411 0.49 38.34 45.39
N ASN D 412 -0.37 39.31 45.12
CA ASN D 412 -0.39 39.93 43.80
C ASN D 412 0.84 40.79 43.63
N ASP D 413 1.45 41.19 44.74
CA ASP D 413 2.66 41.99 44.71
C ASP D 413 3.90 41.14 44.98
N ASN D 414 3.79 39.84 44.70
CA ASN D 414 4.96 39.02 44.44
C ASN D 414 5.75 38.71 45.70
N CYS D 415 5.06 38.72 46.84
CA CYS D 415 5.62 38.16 48.07
C CYS D 415 5.04 36.78 48.35
N LEU D 416 5.79 35.97 49.09
CA LEU D 416 5.36 34.62 49.42
C LEU D 416 5.02 34.52 50.89
N SER D 417 3.76 34.21 51.20
CA SER D 417 3.33 34.07 52.59
C SER D 417 3.21 32.60 52.97
N CYS D 418 3.29 32.32 54.26
CA CYS D 418 3.20 30.95 54.74
C CYS D 418 2.32 30.84 55.97
N ASN D 419 1.55 29.76 56.01
CA ASN D 419 0.70 29.42 57.14
C ASN D 419 1.15 28.08 57.69
N LEU D 420 1.23 27.97 59.01
CA LEU D 420 1.67 26.72 59.62
C LEU D 420 0.70 26.29 60.69
N TYR D 421 0.50 24.98 60.84
CA TYR D 421 -0.36 24.46 61.91
C TYR D 421 0.45 23.51 62.76
N GLN D 422 0.63 23.83 64.03
CA GLN D 422 1.37 22.97 64.94
C GLN D 422 0.27 22.35 65.76
N ARG D 423 0.24 21.02 65.85
CA ARG D 423 -0.77 20.33 66.63
C ARG D 423 -0.34 20.45 68.08
N SER D 424 0.95 20.29 68.28
CA SER D 424 1.53 20.39 69.60
C SER D 424 2.59 21.47 69.54
N CYS D 425 2.67 22.29 70.57
CA CYS D 425 3.66 23.36 70.58
C CYS D 425 4.16 23.74 71.96
N ASP D 426 5.43 23.43 72.20
CA ASP D 426 6.09 23.77 73.45
C ASP D 426 6.50 25.24 73.31
N LEU D 427 5.73 26.13 73.93
CA LEU D 427 6.00 27.55 73.85
C LEU D 427 7.41 28.01 74.24
N GLY D 428 7.95 27.44 75.30
CA GLY D 428 9.27 27.85 75.75
C GLY D 428 10.44 27.40 74.90
N LEU D 429 10.36 26.18 74.37
CA LEU D 429 11.46 25.64 73.59
C LEU D 429 11.24 25.50 72.09
N GLY D 430 10.15 24.84 71.72
CA GLY D 430 9.86 24.63 70.31
C GLY D 430 9.40 25.83 69.52
N SER D 431 8.37 26.50 70.00
CA SER D 431 7.80 27.65 69.32
C SER D 431 8.83 28.64 68.75
N PRO D 432 9.78 29.11 69.58
CA PRO D 432 10.77 30.06 69.05
C PRO D 432 11.48 29.50 67.82
N PHE D 433 11.77 28.20 67.87
CA PHE D 433 12.44 27.51 66.77
C PHE D 433 11.56 27.41 65.54
N ASN D 434 10.30 27.03 65.72
CA ASN D 434 9.38 26.89 64.60
C ASN D 434 9.20 28.19 63.83
N ILE D 435 9.08 29.29 64.55
CA ILE D 435 8.90 30.59 63.93
C ILE D 435 10.08 30.87 62.99
N ALA D 436 11.29 30.84 63.53
CA ALA D 436 12.48 31.10 62.74
C ALA D 436 12.61 30.12 61.58
N SER D 437 12.48 28.84 61.89
CA SER D 437 12.59 27.78 60.89
C SER D 437 11.73 28.08 59.67
N TYR D 438 10.46 28.39 59.90
CA TYR D 438 9.55 28.66 58.80
C TYR D 438 9.69 30.04 58.17
N ALA D 439 10.34 30.95 58.88
CA ALA D 439 10.56 32.27 58.30
C ALA D 439 11.65 32.05 57.27
N ILE D 440 12.58 31.15 57.60
CA ILE D 440 13.67 30.84 56.71
C ILE D 440 13.16 30.08 55.50
N LEU D 441 12.50 28.95 55.75
CA LEU D 441 11.98 28.13 54.68
C LEU D 441 11.19 28.95 53.67
N THR D 442 10.43 29.92 54.15
CA THR D 442 9.63 30.72 53.26
C THR D 442 10.51 31.65 52.44
N MET D 443 11.56 32.17 53.07
CA MET D 443 12.47 33.06 52.37
C MET D 443 13.22 32.26 51.30
N MET D 444 13.61 31.04 51.64
CA MET D 444 14.31 30.20 50.69
C MET D 444 13.40 29.94 49.50
N LEU D 445 12.20 29.44 49.75
CA LEU D 445 11.26 29.17 48.68
C LEU D 445 11.08 30.40 47.81
N ALA D 446 10.91 31.55 48.46
CA ALA D 446 10.71 32.79 47.71
C ALA D 446 11.90 33.14 46.82
N GLN D 447 13.12 32.89 47.30
CA GLN D 447 14.31 33.21 46.52
C GLN D 447 14.35 32.27 45.30
N VAL D 448 14.16 30.99 45.58
CA VAL D 448 14.16 29.95 44.57
C VAL D 448 13.04 30.15 43.54
N CYS D 449 11.93 30.74 43.96
CA CYS D 449 10.81 30.94 43.05
C CYS D 449 10.71 32.37 42.53
N GLY D 450 11.70 33.19 42.87
CA GLY D 450 11.73 34.57 42.42
C GLY D 450 10.71 35.48 43.07
N TYR D 451 10.48 35.32 44.37
CA TYR D 451 9.52 36.15 45.09
C TYR D 451 10.16 36.85 46.28
N GLU D 452 9.39 37.73 46.90
CA GLU D 452 9.86 38.44 48.07
C GLU D 452 9.16 37.84 49.29
N PRO D 453 9.76 37.93 50.46
CA PRO D 453 9.15 37.38 51.69
C PRO D 453 7.84 38.11 51.97
N GLY D 454 6.84 37.37 52.47
CA GLY D 454 5.55 37.95 52.78
C GLY D 454 5.24 37.94 54.27
N GLU D 455 4.15 37.29 54.66
CA GLU D 455 3.76 37.20 56.08
C GLU D 455 3.77 35.74 56.55
N LEU D 456 3.95 35.55 57.85
CA LEU D 456 3.96 34.23 58.45
C LEU D 456 2.92 34.11 59.56
N ALA D 457 2.02 33.14 59.45
CA ALA D 457 1.01 32.93 60.47
C ALA D 457 1.09 31.51 61.02
N ILE D 458 1.15 31.38 62.33
CA ILE D 458 1.22 30.07 62.95
C ILE D 458 -0.05 29.80 63.76
N PHE D 459 -0.75 28.72 63.38
CA PHE D 459 -1.97 28.32 64.06
C PHE D 459 -1.63 27.14 64.95
N ILE D 460 -1.97 27.25 66.23
CA ILE D 460 -1.64 26.22 67.18
C ILE D 460 -2.81 25.44 67.79
N GLY D 461 -2.55 24.16 68.04
CA GLY D 461 -3.55 23.32 68.65
C GLY D 461 -3.32 23.37 70.14
N ASP D 462 -2.47 22.48 70.65
CA ASP D 462 -2.18 22.45 72.07
C ASP D 462 -1.02 23.36 72.41
N ALA D 463 -1.35 24.61 72.75
CA ALA D 463 -0.33 25.56 73.12
C ALA D 463 -0.08 25.33 74.60
N HIS D 464 1.15 24.95 74.95
CA HIS D 464 1.47 24.67 76.34
C HIS D 464 2.84 25.14 76.83
N ILE D 465 2.97 25.19 78.16
CA ILE D 465 4.21 25.59 78.83
C ILE D 465 4.54 24.49 79.84
N TYR D 466 5.69 23.85 79.68
CA TYR D 466 6.10 22.79 80.60
C TYR D 466 6.37 23.44 81.96
N GLU D 467 5.84 22.83 83.01
CA GLU D 467 5.97 23.36 84.36
C GLU D 467 7.37 23.71 84.80
N ASN D 468 8.37 23.08 84.20
CA ASN D 468 9.76 23.38 84.56
C ASN D 468 10.34 24.55 83.76
N HIS D 469 9.45 25.35 83.18
CA HIS D 469 9.85 26.51 82.39
C HIS D 469 9.27 27.78 82.98
N LEU D 470 8.32 27.64 83.91
CA LEU D 470 7.67 28.79 84.53
C LEU D 470 8.56 29.96 84.91
N THR D 471 9.53 29.70 85.79
CA THR D 471 10.39 30.79 86.23
C THR D 471 11.22 31.39 85.09
N GLN D 472 11.60 30.57 84.12
CA GLN D 472 12.39 31.06 83.00
C GLN D 472 11.54 31.95 82.08
N LEU D 473 10.34 31.50 81.74
CA LEU D 473 9.46 32.29 80.87
C LEU D 473 9.00 33.59 81.52
N LYS D 474 8.95 33.64 82.84
CA LYS D 474 8.55 34.88 83.51
C LYS D 474 9.75 35.80 83.47
N GLU D 475 10.93 35.22 83.39
CA GLU D 475 12.15 35.98 83.29
C GLU D 475 12.12 36.63 81.90
N GLN D 476 11.75 35.84 80.89
CA GLN D 476 11.67 36.36 79.53
C GLN D 476 10.62 37.47 79.44
N LEU D 477 9.46 37.24 80.03
CA LEU D 477 8.40 38.23 80.00
C LEU D 477 8.75 39.52 80.72
N SER D 478 9.88 39.55 81.41
CA SER D 478 10.26 40.75 82.15
C SER D 478 11.00 41.75 81.28
N ARG D 479 11.50 41.32 80.13
CA ARG D 479 12.24 42.24 79.26
C ARG D 479 11.47 42.79 78.08
N THR D 480 11.56 44.12 77.89
CA THR D 480 10.88 44.78 76.80
C THR D 480 11.56 44.38 75.49
N PRO D 481 10.78 43.94 74.50
CA PRO D 481 11.30 43.52 73.20
C PRO D 481 12.04 44.60 72.41
N ARG D 482 13.06 44.17 71.66
CA ARG D 482 13.87 45.06 70.82
C ARG D 482 13.56 44.77 69.36
N PRO D 483 13.88 45.71 68.47
CA PRO D 483 13.61 45.54 67.03
C PRO D 483 14.11 44.20 66.49
N PHE D 484 13.34 43.60 65.59
CA PHE D 484 13.74 42.33 65.00
C PHE D 484 14.92 42.58 64.10
N PRO D 485 15.77 41.58 63.89
CA PRO D 485 16.92 41.81 63.01
C PRO D 485 16.51 41.59 61.54
N GLN D 486 17.51 41.43 60.69
CA GLN D 486 17.28 41.19 59.29
C GLN D 486 18.01 39.91 58.96
N LEU D 487 17.53 39.17 57.98
CA LEU D 487 18.20 37.93 57.58
C LEU D 487 18.34 37.97 56.07
N LYS D 488 19.57 37.94 55.59
CA LYS D 488 19.84 37.98 54.15
C LYS D 488 20.65 36.80 53.64
N PHE D 489 20.41 36.44 52.39
CA PHE D 489 21.13 35.35 51.75
C PHE D 489 22.29 35.98 51.00
N LYS D 490 23.47 35.40 51.11
CA LYS D 490 24.65 35.92 50.45
C LYS D 490 24.69 35.64 48.95
N ARG D 491 24.01 34.59 48.50
CA ARG D 491 24.01 34.27 47.08
C ARG D 491 22.70 33.64 46.64
N LYS D 492 22.46 33.62 45.34
CA LYS D 492 21.25 33.01 44.81
C LYS D 492 21.61 31.54 44.53
N VAL D 493 20.79 30.61 45.02
CA VAL D 493 21.09 29.21 44.81
C VAL D 493 20.33 28.62 43.63
N GLU D 494 20.84 27.51 43.10
CA GLU D 494 20.23 26.83 41.98
C GLU D 494 19.08 25.97 42.49
N ASN D 495 19.41 25.04 43.38
CA ASN D 495 18.41 24.17 43.98
C ASN D 495 18.25 24.63 45.43
N ILE D 496 17.03 24.55 45.94
CA ILE D 496 16.81 24.96 47.31
C ILE D 496 17.66 24.19 48.31
N GLU D 497 18.19 23.03 47.93
CA GLU D 497 19.01 22.26 48.86
C GLU D 497 20.50 22.58 48.80
N ASP D 498 20.84 23.64 48.08
CA ASP D 498 22.22 24.09 47.97
C ASP D 498 22.57 25.11 49.05
N PHE D 499 21.56 25.57 49.78
CA PHE D 499 21.78 26.55 50.83
C PHE D 499 22.76 26.01 51.85
N LYS D 500 23.64 26.90 52.30
CA LYS D 500 24.64 26.55 53.29
C LYS D 500 24.62 27.59 54.39
N TRP D 501 25.13 27.23 55.55
CA TRP D 501 25.16 28.15 56.69
C TRP D 501 25.84 29.49 56.41
N GLU D 502 26.97 29.46 55.70
CA GLU D 502 27.70 30.69 55.39
C GLU D 502 26.92 31.57 54.44
N ASP D 503 25.94 30.98 53.76
CA ASP D 503 25.11 31.71 52.83
C ASP D 503 24.19 32.68 53.56
N ILE D 504 23.99 32.43 54.85
CA ILE D 504 23.10 33.24 55.68
C ILE D 504 23.78 34.39 56.41
N GLU D 505 23.14 35.55 56.41
CA GLU D 505 23.67 36.73 57.06
C GLU D 505 22.64 37.36 58.02
N LEU D 506 22.88 37.22 59.32
CA LEU D 506 21.98 37.78 60.33
C LEU D 506 22.44 39.18 60.70
N ILE D 507 21.69 40.19 60.27
CA ILE D 507 22.06 41.58 60.51
C ILE D 507 21.25 42.36 61.53
N GLY D 508 21.93 42.82 62.58
CA GLY D 508 21.29 43.61 63.60
C GLY D 508 20.54 42.85 64.68
N TYR D 509 21.10 41.74 65.12
CA TYR D 509 20.46 40.94 66.14
C TYR D 509 21.07 41.25 67.50
N TYR D 510 20.34 41.99 68.33
CA TYR D 510 20.78 42.29 69.68
C TYR D 510 19.79 41.79 70.72
N PRO D 511 19.95 40.53 71.11
CA PRO D 511 19.01 39.90 72.06
C PRO D 511 19.45 40.10 73.51
N TYR D 512 18.50 40.00 74.43
CA TYR D 512 18.82 39.75 75.83
C TYR D 512 19.54 38.42 76.00
N PRO D 513 20.19 38.24 77.15
CA PRO D 513 20.91 37.00 77.45
C PRO D 513 20.08 35.74 77.21
N THR D 514 20.74 34.65 76.85
CA THR D 514 20.04 33.40 76.64
C THR D 514 19.39 32.93 77.94
N ILE D 515 18.36 32.10 77.83
CA ILE D 515 17.66 31.57 79.01
C ILE D 515 17.61 30.05 78.95
N LYS D 516 18.37 29.39 79.82
CA LYS D 516 18.45 27.94 79.87
C LYS D 516 17.13 27.22 80.18
N MET D 517 16.72 26.33 79.29
CA MET D 517 15.48 25.54 79.46
C MET D 517 15.67 24.08 79.01
N ASP D 518 15.28 23.15 79.87
CA ASP D 518 15.43 21.72 79.60
C ASP D 518 14.27 21.11 78.81
N MET D 519 14.63 20.32 77.80
CA MET D 519 13.64 19.66 76.95
C MET D 519 13.07 18.42 77.63
N ALA D 520 11.76 18.23 77.50
CA ALA D 520 11.11 17.07 78.10
C ALA D 520 11.16 15.93 77.08
N VAL D 521 11.96 14.91 77.37
CA VAL D 521 12.11 13.76 76.48
C VAL D 521 10.84 12.93 76.38
N GLU E 3 32.85 -67.96 -105.05
CA GLU E 3 33.01 -68.61 -106.38
C GLU E 3 31.68 -68.65 -107.16
N LYS E 4 31.77 -68.60 -108.48
CA LYS E 4 30.61 -68.59 -109.37
C LYS E 4 30.15 -69.95 -109.91
N ASN E 5 29.04 -69.89 -110.65
CA ASN E 5 28.41 -71.08 -111.23
C ASN E 5 29.11 -71.69 -112.45
N VAL E 6 28.96 -73.00 -112.60
CA VAL E 6 29.57 -73.73 -113.70
C VAL E 6 28.54 -74.68 -114.29
N SER E 7 27.95 -74.31 -115.42
CA SER E 7 26.95 -75.19 -116.02
C SER E 7 27.20 -75.60 -117.46
N ILE E 8 26.84 -76.85 -117.73
CA ILE E 8 26.95 -77.49 -119.04
C ILE E 8 25.84 -77.08 -120.00
N VAL E 9 26.16 -77.02 -121.29
CA VAL E 9 25.18 -76.70 -122.32
C VAL E 9 25.40 -77.79 -123.37
N VAL E 10 24.34 -78.46 -123.79
CA VAL E 10 24.46 -79.42 -124.88
C VAL E 10 23.13 -79.81 -125.53
N ALA E 11 23.24 -80.46 -126.68
CA ALA E 11 22.08 -80.94 -127.42
C ALA E 11 22.42 -82.36 -127.84
N ALA E 12 21.56 -83.32 -127.48
CA ALA E 12 21.79 -84.71 -127.83
C ALA E 12 20.49 -85.41 -128.23
N SER E 13 20.61 -86.51 -128.97
CA SER E 13 19.43 -87.26 -129.40
C SER E 13 18.71 -87.80 -128.17
N VAL E 14 17.39 -87.85 -128.25
CA VAL E 14 16.55 -88.32 -127.15
C VAL E 14 16.93 -89.66 -126.54
N LEU E 15 17.22 -90.64 -127.38
CA LEU E 15 17.55 -91.97 -126.88
C LEU E 15 19.02 -92.28 -126.65
N SER E 16 19.84 -92.18 -127.69
CA SER E 16 21.26 -92.50 -127.57
C SER E 16 22.18 -91.38 -127.10
N SER E 17 21.64 -90.17 -126.99
CA SER E 17 22.42 -89.01 -126.54
C SER E 17 23.59 -88.67 -127.48
N GLY E 18 23.36 -88.85 -128.78
CA GLY E 18 24.39 -88.55 -129.77
C GLY E 18 24.49 -87.05 -129.91
N ILE E 19 25.70 -86.52 -129.95
CA ILE E 19 25.86 -85.07 -130.07
C ILE E 19 26.73 -84.63 -131.25
N GLY E 20 27.37 -85.58 -131.92
CA GLY E 20 28.22 -85.21 -133.03
C GLY E 20 28.45 -86.28 -134.07
N ILE E 21 28.83 -85.84 -135.26
CA ILE E 21 29.12 -86.74 -136.37
C ILE E 21 30.12 -86.09 -137.33
N ASN E 22 31.15 -86.86 -137.67
CA ASN E 22 32.21 -86.38 -138.55
C ASN E 22 32.61 -84.94 -138.24
N GLY E 23 32.84 -84.66 -136.96
CA GLY E 23 33.26 -83.33 -136.54
C GLY E 23 32.21 -82.23 -136.67
N GLN E 24 30.94 -82.63 -136.72
CA GLN E 24 29.86 -81.66 -136.84
C GLN E 24 28.58 -82.17 -136.19
N LEU E 25 27.63 -81.26 -136.04
CA LEU E 25 26.34 -81.59 -135.44
C LEU E 25 25.60 -82.54 -136.36
N PRO E 26 24.73 -83.38 -135.78
CA PRO E 26 23.96 -84.33 -136.59
C PRO E 26 22.67 -83.71 -137.11
N TRP E 27 22.51 -82.41 -136.88
CA TRP E 27 21.30 -81.71 -137.27
C TRP E 27 21.53 -80.21 -137.37
N SER E 28 20.59 -79.51 -138.00
CA SER E 28 20.67 -78.06 -138.13
C SER E 28 19.40 -77.41 -137.58
N ILE E 29 19.54 -76.73 -136.45
CA ILE E 29 18.40 -76.07 -135.81
C ILE E 29 18.84 -74.70 -135.29
N SER E 30 18.45 -73.65 -135.98
CA SER E 30 18.85 -72.30 -135.59
C SER E 30 18.35 -71.89 -134.20
N GLU E 31 17.08 -72.18 -133.91
CA GLU E 31 16.52 -71.82 -132.61
C GLU E 31 17.41 -72.33 -131.48
N ASP E 32 17.92 -73.54 -131.63
CA ASP E 32 18.77 -74.10 -130.60
C ASP E 32 20.07 -73.32 -130.51
N LEU E 33 20.59 -72.89 -131.65
CA LEU E 33 21.82 -72.11 -131.65
C LEU E 33 21.54 -70.76 -130.98
N LYS E 34 20.33 -70.24 -131.19
CA LYS E 34 19.94 -68.98 -130.57
C LYS E 34 19.83 -69.21 -129.07
N PHE E 35 19.43 -70.43 -128.69
CA PHE E 35 19.33 -70.76 -127.28
C PHE E 35 20.74 -70.71 -126.72
N PHE E 36 21.62 -71.53 -127.28
CA PHE E 36 23.00 -71.57 -126.83
C PHE E 36 23.51 -70.15 -126.70
N SER E 37 23.26 -69.33 -127.72
CA SER E 37 23.73 -67.96 -127.69
C SER E 37 23.15 -67.20 -126.51
N LYS E 38 21.84 -67.24 -126.34
CA LYS E 38 21.22 -66.51 -125.24
C LYS E 38 21.59 -67.03 -123.85
N ILE E 39 21.63 -68.35 -123.69
CA ILE E 39 21.96 -68.91 -122.40
C ILE E 39 23.41 -68.57 -122.01
N THR E 40 24.31 -68.51 -123.00
CA THR E 40 25.71 -68.22 -122.73
C THR E 40 26.02 -66.72 -122.65
N ASN E 41 25.09 -65.90 -123.16
CA ASN E 41 25.26 -64.45 -123.13
C ASN E 41 24.46 -63.85 -121.98
N ASN E 42 23.81 -64.72 -121.21
CA ASN E 42 22.98 -64.31 -120.09
C ASN E 42 23.85 -63.87 -118.91
N LYS E 43 23.75 -62.61 -118.49
CA LYS E 43 24.55 -62.11 -117.37
C LYS E 43 23.96 -60.89 -116.64
N CYS E 44 24.32 -60.76 -115.35
CA CYS E 44 23.84 -59.67 -114.49
C CYS E 44 24.67 -58.39 -114.50
N ASP E 45 25.97 -58.53 -114.23
CA ASP E 45 26.90 -57.42 -114.31
C ASP E 45 27.28 -57.29 -115.78
N SER E 46 26.91 -56.17 -116.41
CA SER E 46 27.22 -55.96 -117.81
C SER E 46 28.67 -55.55 -118.02
N ASN E 47 29.41 -55.43 -116.91
CA ASN E 47 30.82 -55.06 -116.96
C ASN E 47 31.70 -56.29 -116.86
N LYS E 48 31.07 -57.45 -117.00
CA LYS E 48 31.77 -58.73 -116.95
C LYS E 48 31.35 -59.55 -118.18
N LYS E 49 32.04 -60.67 -118.39
CA LYS E 49 31.74 -61.57 -119.51
C LYS E 49 31.68 -63.02 -119.01
N ASN E 50 31.04 -63.89 -119.80
CA ASN E 50 30.98 -65.28 -119.41
C ASN E 50 32.12 -65.99 -120.12
N ALA E 51 32.49 -67.17 -119.64
CA ALA E 51 33.56 -67.95 -120.24
C ALA E 51 32.99 -69.28 -120.71
N LEU E 52 33.40 -69.72 -121.89
CA LEU E 52 32.92 -70.98 -122.44
C LEU E 52 34.06 -71.96 -122.65
N ILE E 53 34.00 -73.08 -121.95
CA ILE E 53 35.03 -74.12 -122.05
C ILE E 53 34.64 -75.13 -123.11
N MET E 54 35.62 -75.61 -123.88
CA MET E 54 35.37 -76.59 -124.93
C MET E 54 36.64 -77.33 -125.33
N GLY E 55 36.45 -78.52 -125.88
CA GLY E 55 37.59 -79.31 -126.32
C GLY E 55 38.23 -78.62 -127.51
N ARG E 56 39.40 -79.09 -127.93
CA ARG E 56 40.08 -78.49 -129.06
C ARG E 56 39.38 -78.81 -130.37
N LYS E 57 38.76 -79.98 -130.45
CA LYS E 57 38.06 -80.34 -131.68
C LYS E 57 36.80 -79.52 -131.85
N THR E 58 36.21 -79.08 -130.74
CA THR E 58 35.00 -78.26 -130.81
C THR E 58 35.45 -76.87 -131.27
N TRP E 59 36.66 -76.50 -130.88
CA TRP E 59 37.24 -75.23 -131.28
C TRP E 59 37.29 -75.28 -132.81
N ASP E 60 37.66 -76.44 -133.35
CA ASP E 60 37.74 -76.60 -134.79
C ASP E 60 36.36 -76.45 -135.43
N SER E 61 35.44 -77.33 -135.04
CA SER E 61 34.10 -77.31 -135.59
C SER E 61 33.41 -75.94 -135.65
N ILE E 62 33.84 -74.99 -134.81
CA ILE E 62 33.19 -73.68 -134.87
C ILE E 62 34.01 -72.67 -135.67
N GLY E 63 35.10 -73.15 -136.28
CA GLY E 63 35.91 -72.29 -137.11
C GLY E 63 37.01 -71.48 -136.43
N ARG E 64 37.46 -71.92 -135.26
CA ARG E 64 38.51 -71.23 -134.54
C ARG E 64 38.42 -69.71 -134.65
N ARG E 65 37.20 -69.20 -134.46
CA ARG E 65 36.91 -67.77 -134.48
C ARG E 65 36.17 -67.48 -133.19
N PRO E 66 36.44 -66.33 -132.56
CA PRO E 66 35.80 -65.95 -131.30
C PRO E 66 34.29 -65.79 -131.35
N LEU E 67 33.64 -66.03 -130.21
CA LEU E 67 32.19 -65.88 -130.08
C LEU E 67 31.97 -64.51 -129.46
N LYS E 68 31.06 -63.74 -130.03
CA LYS E 68 30.79 -62.38 -129.56
C LYS E 68 30.38 -62.22 -128.09
N ASN E 69 30.98 -61.23 -127.44
CA ASN E 69 30.69 -60.88 -126.05
C ASN E 69 31.09 -61.92 -125.03
N ARG E 70 31.69 -63.01 -125.48
CA ARG E 70 32.10 -64.07 -124.57
C ARG E 70 33.59 -64.36 -124.71
N ILE E 71 34.12 -65.16 -123.80
CA ILE E 71 35.52 -65.53 -123.86
C ILE E 71 35.65 -67.04 -123.95
N ILE E 72 36.16 -67.50 -125.09
CA ILE E 72 36.33 -68.93 -125.30
C ILE E 72 37.59 -69.44 -124.61
N VAL E 73 37.45 -70.60 -123.96
CA VAL E 73 38.55 -71.24 -123.26
C VAL E 73 38.74 -72.62 -123.89
N VAL E 74 39.89 -72.82 -124.53
CA VAL E 74 40.16 -74.08 -125.19
C VAL E 74 41.09 -74.99 -124.39
N ILE E 75 40.67 -76.23 -124.22
CA ILE E 75 41.47 -77.20 -123.50
C ILE E 75 42.18 -78.03 -124.56
N SER E 76 43.48 -77.81 -124.69
CA SER E 76 44.28 -78.53 -125.67
C SER E 76 45.67 -78.73 -125.11
N SER E 77 46.28 -79.85 -125.45
CA SER E 77 47.62 -80.13 -124.97
C SER E 77 48.62 -79.42 -125.88
N SER E 78 48.33 -79.42 -127.19
CA SER E 78 49.28 -78.93 -128.18
C SER E 78 49.05 -77.47 -128.56
N LEU E 79 47.79 -77.06 -128.63
CA LEU E 79 47.41 -75.76 -129.16
C LEU E 79 48.06 -74.76 -128.21
N PRO E 80 48.52 -73.65 -128.75
CA PRO E 80 49.62 -72.85 -128.20
C PRO E 80 49.12 -71.57 -127.55
N GLN E 81 49.68 -71.22 -126.40
CA GLN E 81 48.97 -70.44 -125.40
C GLN E 81 48.97 -68.95 -125.75
N ASP E 82 49.56 -68.62 -126.90
CA ASP E 82 49.87 -67.23 -127.23
C ASP E 82 48.81 -66.19 -126.89
N GLU E 83 49.26 -64.99 -126.55
CA GLU E 83 48.37 -63.93 -126.10
C GLU E 83 47.58 -63.34 -127.28
N ALA E 84 47.38 -64.15 -128.31
CA ALA E 84 47.24 -63.63 -129.67
C ALA E 84 45.85 -63.02 -129.88
N ASP E 85 44.87 -63.55 -129.14
CA ASP E 85 43.53 -62.96 -129.15
C ASP E 85 42.96 -62.90 -127.73
N PRO E 86 42.49 -61.71 -127.34
CA PRO E 86 42.04 -61.47 -125.97
C PRO E 86 40.79 -62.25 -125.57
N ASN E 87 39.93 -62.53 -126.55
CA ASN E 87 38.69 -63.26 -126.28
C ASN E 87 38.87 -64.78 -126.36
N VAL E 88 40.12 -65.22 -126.42
CA VAL E 88 40.42 -66.64 -126.50
C VAL E 88 41.69 -66.97 -125.72
N VAL E 89 41.66 -68.11 -125.02
CA VAL E 89 42.80 -68.55 -124.24
C VAL E 89 42.88 -70.06 -124.23
N VAL E 90 44.07 -70.59 -123.95
CA VAL E 90 44.27 -72.02 -123.94
C VAL E 90 44.82 -72.53 -122.62
N PHE E 91 44.30 -73.67 -122.19
CA PHE E 91 44.72 -74.33 -120.95
C PHE E 91 45.04 -75.79 -121.24
N ARG E 92 46.01 -76.33 -120.51
CA ARG E 92 46.43 -77.71 -120.71
C ARG E 92 45.48 -78.80 -120.24
N ASN E 93 44.66 -78.49 -119.23
CA ASN E 93 43.70 -79.48 -118.73
C ASN E 93 42.48 -78.80 -118.13
N LEU E 94 41.38 -79.54 -118.07
CA LEU E 94 40.13 -79.02 -117.53
C LEU E 94 40.29 -78.48 -116.11
N GLU E 95 41.08 -79.16 -115.29
CA GLU E 95 41.30 -78.73 -113.91
C GLU E 95 41.83 -77.30 -113.85
N ASP E 96 43.00 -77.07 -114.45
CA ASP E 96 43.60 -75.74 -114.44
C ASP E 96 42.66 -74.65 -114.95
N SER E 97 41.94 -74.96 -116.02
CA SER E 97 41.01 -74.00 -116.61
C SER E 97 40.04 -73.42 -115.59
N ILE E 98 39.65 -74.20 -114.59
CA ILE E 98 38.78 -73.65 -113.56
C ILE E 98 39.67 -72.90 -112.57
N GLU E 99 40.09 -71.71 -112.97
CA GLU E 99 40.70 -70.76 -112.05
C GLU E 99 40.18 -69.35 -112.30
N ASN E 100 39.39 -69.19 -113.35
CA ASN E 100 38.62 -67.96 -113.55
C ASN E 100 37.45 -67.86 -112.59
N LEU E 101 37.10 -68.99 -111.96
CA LEU E 101 36.62 -68.97 -110.58
C LEU E 101 37.67 -68.40 -109.64
N MET E 102 38.79 -69.10 -109.51
CA MET E 102 39.88 -68.66 -108.66
C MET E 102 40.17 -67.18 -108.85
N ASN E 103 39.46 -66.56 -109.79
CA ASN E 103 39.58 -65.12 -110.02
C ASN E 103 38.98 -64.70 -111.36
N ASP E 104 39.47 -63.59 -111.90
CA ASP E 104 39.00 -63.09 -113.18
C ASP E 104 37.59 -62.57 -112.92
N ASP E 105 37.43 -61.85 -111.81
CA ASP E 105 36.07 -61.52 -111.39
C ASP E 105 35.28 -60.90 -112.54
N SER E 106 35.97 -60.60 -113.63
CA SER E 106 35.31 -60.15 -114.85
C SER E 106 34.50 -61.28 -115.47
N ILE E 107 34.72 -62.49 -114.95
CA ILE E 107 34.00 -63.66 -115.41
C ILE E 107 32.88 -63.92 -114.41
N GLU E 108 31.65 -63.64 -114.83
CA GLU E 108 30.49 -63.83 -113.97
C GLU E 108 30.11 -65.30 -113.86
N ASN E 109 29.94 -65.97 -114.99
CA ASN E 109 29.58 -67.38 -114.99
C ASN E 109 30.47 -68.21 -115.90
N ILE E 110 30.36 -69.53 -115.79
CA ILE E 110 31.15 -70.44 -116.59
C ILE E 110 30.28 -71.52 -117.24
N PHE E 111 30.63 -71.91 -118.46
CA PHE E 111 29.88 -72.91 -119.20
C PHE E 111 30.77 -73.97 -119.82
N VAL E 112 30.34 -75.22 -119.75
CA VAL E 112 31.09 -76.30 -120.35
C VAL E 112 30.34 -76.51 -121.65
N CYS E 113 30.93 -76.03 -122.73
CA CYS E 113 30.35 -76.10 -124.04
C CYS E 113 30.53 -77.33 -124.90
N GLY E 114 31.25 -78.36 -124.49
CA GLY E 114 31.34 -79.48 -125.42
C GLY E 114 32.64 -80.23 -125.63
N GLY E 115 32.37 -81.42 -126.12
CA GLY E 115 33.41 -82.37 -126.38
C GLY E 115 33.12 -83.54 -125.51
N GLU E 116 32.81 -84.70 -126.08
CA GLU E 116 32.53 -85.87 -125.29
C GLU E 116 33.61 -86.07 -124.25
N SER E 117 34.83 -85.67 -124.57
CA SER E 117 35.93 -85.83 -123.66
C SER E 117 35.89 -84.79 -122.55
N ILE E 118 35.44 -83.59 -122.88
CA ILE E 118 35.38 -82.52 -121.88
C ILE E 118 34.13 -82.66 -121.02
N TYR E 119 33.07 -83.25 -121.58
CA TYR E 119 31.86 -83.43 -120.79
C TYR E 119 32.14 -84.47 -119.72
N ARG E 120 32.63 -85.64 -120.12
CA ARG E 120 32.92 -86.69 -119.16
C ARG E 120 33.84 -86.25 -118.03
N ASP E 121 34.84 -85.44 -118.36
CA ASP E 121 35.78 -84.96 -117.35
C ASP E 121 35.13 -83.91 -116.45
N ALA E 122 34.19 -83.17 -117.00
CA ALA E 122 33.50 -82.13 -116.24
C ALA E 122 32.66 -82.74 -115.12
N LEU E 123 31.93 -83.81 -115.46
CA LEU E 123 31.09 -84.49 -114.49
C LEU E 123 31.92 -85.32 -113.51
N LYS E 124 32.86 -86.10 -114.05
CA LYS E 124 33.74 -86.94 -113.24
C LYS E 124 34.38 -86.23 -112.06
N ASP E 125 34.52 -84.91 -112.15
CA ASP E 125 35.13 -84.16 -111.06
C ASP E 125 34.20 -83.13 -110.43
N ASN E 126 32.91 -83.38 -110.55
CA ASN E 126 31.89 -82.50 -109.98
C ASN E 126 32.06 -81.00 -110.10
N PHE E 127 32.40 -80.55 -111.31
CA PHE E 127 32.74 -79.14 -111.56
C PHE E 127 31.45 -78.43 -112.00
N VAL E 128 30.51 -79.22 -112.52
CA VAL E 128 29.25 -78.70 -113.04
C VAL E 128 28.09 -78.71 -112.04
N ASP E 129 27.48 -77.54 -111.90
CA ASP E 129 26.34 -77.34 -111.00
C ASP E 129 25.03 -77.57 -111.73
N ARG E 130 24.93 -77.07 -112.96
CA ARG E 130 23.72 -77.17 -113.76
C ARG E 130 23.99 -77.81 -115.13
N ILE E 131 22.92 -78.23 -115.80
CA ILE E 131 23.01 -78.82 -117.12
C ILE E 131 21.84 -78.38 -117.99
N TYR E 132 22.14 -77.67 -119.08
CA TYR E 132 21.12 -77.24 -120.03
C TYR E 132 21.18 -78.27 -121.14
N LEU E 133 20.16 -79.11 -121.22
CA LEU E 133 20.12 -80.19 -122.21
C LEU E 133 19.00 -80.09 -123.23
N THR E 134 19.38 -80.04 -124.51
CA THR E 134 18.40 -79.97 -125.57
C THR E 134 18.20 -81.37 -126.11
N ARG E 135 16.99 -81.89 -125.98
CA ARG E 135 16.67 -83.24 -126.47
C ARG E 135 16.21 -83.18 -127.92
N VAL E 136 17.01 -83.75 -128.81
CA VAL E 136 16.68 -83.76 -130.23
C VAL E 136 16.15 -85.14 -130.60
N ALA E 137 15.02 -85.17 -131.30
CA ALA E 137 14.38 -86.41 -131.70
C ALA E 137 14.89 -87.10 -132.96
N LEU E 138 16.22 -87.20 -133.09
CA LEU E 138 16.81 -87.89 -134.23
C LEU E 138 17.60 -89.07 -133.73
N GLU E 139 17.15 -90.27 -134.10
CA GLU E 139 17.80 -91.52 -133.66
C GLU E 139 18.44 -92.43 -134.69
N ASP E 140 17.79 -92.56 -135.83
CA ASP E 140 18.29 -93.42 -136.89
C ASP E 140 19.27 -92.69 -137.78
N ILE E 141 20.42 -92.31 -137.21
CA ILE E 141 21.46 -91.61 -137.93
C ILE E 141 22.82 -91.87 -137.29
N GLU E 142 23.89 -91.57 -138.02
CA GLU E 142 25.26 -91.78 -137.54
C GLU E 142 25.73 -90.81 -136.47
N PHE E 143 26.33 -91.38 -135.42
CA PHE E 143 26.88 -90.61 -134.31
C PHE E 143 28.26 -91.17 -133.96
N ASP E 144 29.22 -90.30 -133.69
CA ASP E 144 30.55 -90.75 -133.29
C ASP E 144 30.99 -90.05 -132.01
N THR E 145 30.11 -89.19 -131.49
CA THR E 145 30.39 -88.46 -130.26
C THR E 145 29.11 -88.39 -129.43
N TYR E 146 29.16 -88.94 -128.23
CA TYR E 146 27.98 -88.94 -127.37
C TYR E 146 28.16 -88.13 -126.10
N PHE E 147 27.03 -87.74 -125.51
CA PHE E 147 27.05 -87.01 -124.26
C PHE E 147 26.97 -88.06 -123.16
N PRO E 148 27.88 -88.01 -122.17
CA PRO E 148 27.83 -89.00 -121.10
C PRO E 148 26.46 -88.99 -120.45
N GLU E 149 26.06 -90.08 -119.82
CA GLU E 149 24.75 -90.11 -119.17
C GLU E 149 24.83 -89.34 -117.85
N ILE E 150 23.78 -88.58 -117.57
CA ILE E 150 23.71 -87.76 -116.38
C ILE E 150 23.78 -88.48 -115.04
N PRO E 151 24.68 -88.02 -114.15
CA PRO E 151 24.87 -88.59 -112.81
C PRO E 151 23.58 -88.49 -111.99
N GLU E 152 23.35 -89.46 -111.11
CA GLU E 152 22.13 -89.44 -110.30
C GLU E 152 22.14 -88.27 -109.33
N THR E 153 23.32 -87.70 -109.11
CA THR E 153 23.45 -86.56 -108.22
C THR E 153 22.75 -85.36 -108.85
N PHE E 154 22.28 -85.55 -110.08
CA PHE E 154 21.58 -84.52 -110.85
C PHE E 154 20.10 -84.85 -111.00
N LEU E 155 19.25 -83.84 -110.84
CA LEU E 155 17.82 -84.03 -110.98
C LEU E 155 17.20 -83.00 -111.89
N PRO E 156 16.32 -83.45 -112.80
CA PRO E 156 15.65 -82.55 -113.73
C PRO E 156 14.73 -81.57 -113.00
N VAL E 157 14.72 -80.30 -113.40
CA VAL E 157 13.87 -79.31 -112.75
C VAL E 157 13.02 -78.52 -113.74
N TYR E 158 13.21 -78.77 -115.03
CA TYR E 158 12.46 -78.08 -116.07
C TYR E 158 12.47 -78.86 -117.37
N MET E 159 11.30 -78.91 -118.03
CA MET E 159 11.16 -79.59 -119.31
C MET E 159 10.17 -78.78 -120.15
N SER E 160 10.72 -78.04 -121.12
CA SER E 160 9.92 -77.19 -122.00
C SER E 160 8.97 -78.00 -122.86
N GLN E 161 8.06 -77.28 -123.50
CA GLN E 161 7.10 -77.90 -124.40
C GLN E 161 7.91 -78.38 -125.59
N THR E 162 7.30 -79.18 -126.46
CA THR E 162 8.00 -79.66 -127.62
C THR E 162 7.94 -78.59 -128.72
N PHE E 163 9.07 -78.41 -129.42
CA PHE E 163 9.15 -77.43 -130.50
C PHE E 163 9.42 -78.13 -131.82
N CYS E 164 9.24 -77.41 -132.92
CA CYS E 164 9.48 -77.98 -134.24
C CYS E 164 10.29 -77.11 -135.20
N THR E 165 11.26 -77.75 -135.85
CA THR E 165 12.10 -77.10 -136.84
C THR E 165 12.40 -78.13 -137.91
N LYS E 166 11.96 -77.85 -139.13
CA LYS E 166 12.17 -78.76 -140.25
C LYS E 166 11.62 -80.14 -139.92
N ASN E 167 10.49 -80.16 -139.22
CA ASN E 167 9.82 -81.41 -138.84
C ASN E 167 10.54 -82.21 -137.74
N ILE E 168 11.51 -81.60 -137.07
CA ILE E 168 12.23 -82.29 -136.00
C ILE E 168 11.72 -81.79 -134.66
N SER E 169 11.37 -82.71 -133.76
CA SER E 169 10.88 -82.32 -132.44
C SER E 169 12.04 -82.21 -131.45
N TYR E 170 11.98 -81.21 -130.57
CA TYR E 170 13.02 -81.03 -129.55
C TYR E 170 12.56 -80.35 -128.27
N ASP E 171 13.22 -80.71 -127.16
CA ASP E 171 12.91 -80.19 -125.82
C ASP E 171 14.02 -79.35 -125.24
N PHE E 172 13.72 -78.78 -124.09
CA PHE E 172 14.67 -77.96 -123.34
C PHE E 172 14.52 -78.36 -121.87
N MET E 173 15.61 -78.84 -121.28
CA MET E 173 15.61 -79.27 -119.89
C MET E 173 16.78 -78.70 -119.08
N ILE E 174 16.58 -78.62 -117.76
CA ILE E 174 17.63 -78.14 -116.88
C ILE E 174 17.85 -79.17 -115.78
N PHE E 175 19.10 -79.35 -115.37
CA PHE E 175 19.42 -80.32 -114.31
C PHE E 175 20.24 -79.66 -113.21
N GLU E 176 19.75 -79.76 -111.99
CA GLU E 176 20.43 -79.17 -110.85
C GLU E 176 21.20 -80.22 -110.09
N LYS E 177 22.20 -79.79 -109.34
CA LYS E 177 22.98 -80.68 -108.50
C LYS E 177 22.66 -80.49 -107.02
N GLN E 178 22.81 -81.57 -106.25
CA GLN E 178 21.83 -81.91 -105.22
C GLN E 178 22.28 -81.40 -103.84
N GLU E 179 21.41 -81.57 -102.85
CA GLU E 179 21.41 -80.69 -101.69
C GLU E 179 22.08 -81.35 -100.50
N LYS E 180 22.20 -80.60 -99.40
CA LYS E 180 22.28 -81.23 -98.09
C LYS E 180 21.02 -81.15 -97.23
N LYS E 181 20.93 -80.12 -96.41
CA LYS E 181 19.62 -79.71 -95.92
C LYS E 181 18.57 -79.82 -97.03
N LEU E 193 5.73 -67.83 -97.75
CA LEU E 193 6.13 -67.61 -96.35
C LEU E 193 5.39 -68.61 -95.48
N LYS E 194 6.00 -68.97 -94.35
CA LYS E 194 5.42 -69.94 -93.41
C LYS E 194 3.94 -69.67 -93.17
N SER E 195 3.60 -68.43 -92.83
CA SER E 195 2.21 -68.05 -92.57
C SER E 195 1.16 -68.72 -93.44
N ILE E 196 1.21 -68.45 -94.74
CA ILE E 196 0.52 -69.28 -95.73
C ILE E 196 1.13 -70.68 -95.81
N ASP E 197 0.27 -71.69 -95.76
CA ASP E 197 0.73 -73.08 -95.79
C ASP E 197 0.72 -73.68 -94.39
N ASP E 198 0.83 -72.83 -93.37
CA ASP E 198 0.44 -73.19 -92.02
C ASP E 198 -1.03 -72.89 -91.76
N THR E 199 -1.45 -71.68 -92.14
CA THR E 199 -2.85 -71.28 -91.98
C THR E 199 -3.78 -72.23 -92.73
N VAL E 200 -3.37 -72.64 -93.92
CA VAL E 200 -4.19 -73.52 -94.74
C VAL E 200 -4.19 -74.94 -94.19
N ASP E 201 -3.06 -75.38 -93.65
CA ASP E 201 -2.97 -76.71 -93.07
C ASP E 201 -3.90 -76.75 -91.87
N LEU E 202 -3.73 -75.78 -90.98
CA LEU E 202 -4.54 -75.66 -89.79
C LEU E 202 -6.02 -75.62 -90.15
N LEU E 203 -6.35 -74.74 -91.09
CA LEU E 203 -7.73 -74.58 -91.55
C LEU E 203 -8.25 -75.91 -92.07
N GLY E 204 -7.34 -76.73 -92.59
CA GLY E 204 -7.70 -78.03 -93.13
C GLY E 204 -8.00 -79.04 -92.02
N GLU E 205 -7.22 -78.97 -90.94
CA GLU E 205 -7.42 -79.86 -89.80
C GLU E 205 -8.80 -79.58 -89.23
N ILE E 206 -9.14 -78.29 -89.15
CA ILE E 206 -10.40 -77.86 -88.61
C ILE E 206 -11.60 -78.26 -89.48
N PHE E 207 -11.47 -78.14 -90.79
CA PHE E 207 -12.59 -78.44 -91.68
C PHE E 207 -12.65 -79.77 -92.43
N GLY E 208 -11.49 -80.41 -92.65
CA GLY E 208 -11.48 -81.67 -93.38
C GLY E 208 -12.24 -81.54 -94.69
N ILE E 209 -13.04 -82.54 -95.02
CA ILE E 209 -13.82 -82.54 -96.26
C ILE E 209 -14.62 -81.24 -96.47
N ARG E 210 -14.84 -80.48 -95.40
CA ARG E 210 -15.59 -79.22 -95.50
C ARG E 210 -14.88 -78.27 -96.46
N LYS E 211 -13.55 -78.23 -96.35
CA LYS E 211 -12.72 -77.36 -97.18
C LYS E 211 -12.43 -78.04 -98.53
N MET E 212 -12.87 -77.41 -99.62
CA MET E 212 -12.68 -77.98 -100.95
C MET E 212 -11.24 -78.43 -101.20
N GLY E 213 -10.28 -77.58 -100.80
CA GLY E 213 -8.90 -77.94 -100.98
C GLY E 213 -8.59 -79.37 -100.55
N ASN E 214 -9.29 -79.85 -99.53
CA ASN E 214 -9.02 -81.20 -99.06
C ASN E 214 -9.56 -82.28 -99.98
N ARG E 215 -10.52 -81.90 -100.83
CA ARG E 215 -11.10 -82.84 -101.78
C ARG E 215 -10.22 -82.90 -103.02
N HIS E 216 -9.29 -81.96 -103.10
CA HIS E 216 -8.34 -81.88 -104.20
C HIS E 216 -6.95 -81.83 -103.61
N LYS E 217 -6.52 -82.94 -103.00
CA LYS E 217 -5.20 -82.96 -102.38
C LYS E 217 -4.12 -83.09 -103.43
N PHE E 218 -2.97 -82.48 -103.17
CA PHE E 218 -1.87 -82.54 -104.11
C PHE E 218 -1.29 -83.96 -104.04
N PRO E 219 -0.94 -84.54 -105.20
CA PRO E 219 -0.38 -85.89 -105.25
C PRO E 219 0.92 -86.09 -104.45
N LYS E 220 1.00 -87.21 -103.73
CA LYS E 220 2.19 -87.54 -102.95
C LYS E 220 3.21 -87.92 -104.01
N GLU E 221 4.49 -87.60 -103.80
CA GLU E 221 5.48 -87.89 -104.83
C GLU E 221 5.68 -89.31 -105.33
N GLU E 222 5.30 -90.32 -104.55
CA GLU E 222 5.48 -91.69 -105.05
C GLU E 222 4.52 -91.96 -106.21
N ILE E 223 3.55 -91.12 -106.43
CA ILE E 223 2.71 -91.19 -107.63
C ILE E 223 2.75 -90.00 -108.61
N TYR E 224 3.68 -89.07 -108.38
CA TYR E 224 3.82 -87.89 -109.22
C TYR E 224 5.00 -88.12 -110.18
N ASN E 225 4.74 -88.02 -111.49
CA ASN E 225 5.79 -88.24 -112.49
C ASN E 225 6.93 -87.23 -112.42
N THR E 226 8.16 -87.72 -112.34
CA THR E 226 9.37 -86.88 -112.27
C THR E 226 9.21 -85.76 -111.23
N PRO E 227 8.97 -86.15 -109.97
CA PRO E 227 8.80 -85.21 -108.85
C PRO E 227 9.79 -84.05 -108.78
N SER E 228 11.05 -84.29 -109.16
CA SER E 228 12.06 -83.24 -109.11
C SER E 228 11.65 -81.97 -109.88
N ILE E 229 10.84 -82.12 -110.92
CA ILE E 229 10.38 -80.98 -111.69
C ILE E 229 9.12 -80.41 -111.05
N ARG E 230 9.33 -79.43 -110.17
CA ARG E 230 8.26 -78.80 -109.44
C ARG E 230 7.54 -77.59 -110.02
N PHE E 231 8.32 -76.65 -110.53
CA PHE E 231 7.78 -75.50 -111.23
C PHE E 231 8.00 -75.51 -112.74
N GLY E 232 8.70 -76.53 -113.24
CA GLY E 232 8.98 -76.59 -114.65
C GLY E 232 8.27 -77.64 -115.49
N ARG E 233 7.12 -78.13 -115.03
CA ARG E 233 6.42 -79.12 -115.84
C ARG E 233 5.64 -78.41 -116.94
N GLU E 234 6.37 -77.99 -117.97
CA GLU E 234 5.78 -77.21 -119.05
C GLU E 234 5.56 -78.06 -120.30
N HIS E 235 6.35 -79.13 -120.43
CA HIS E 235 6.06 -80.19 -121.39
C HIS E 235 4.67 -80.76 -121.17
N TYR E 236 3.87 -80.81 -122.23
CA TYR E 236 2.42 -80.80 -122.09
C TYR E 236 1.86 -82.22 -121.95
N GLU E 237 2.77 -83.19 -121.84
CA GLU E 237 2.38 -84.57 -121.60
C GLU E 237 2.17 -84.73 -120.09
N PHE E 238 2.44 -83.65 -119.36
CA PHE E 238 2.27 -83.65 -117.90
C PHE E 238 0.81 -83.39 -117.63
N GLN E 239 0.16 -82.73 -118.59
CA GLN E 239 -1.25 -82.42 -118.52
C GLN E 239 -2.02 -83.71 -118.34
N TYR E 240 -1.41 -84.80 -118.76
CA TYR E 240 -2.04 -86.11 -118.65
C TYR E 240 -1.44 -86.86 -117.46
N LEU E 241 -0.12 -86.98 -117.43
CA LEU E 241 0.55 -87.69 -116.34
C LEU E 241 0.13 -87.18 -114.97
N ASP E 242 -0.21 -85.90 -114.90
CA ASP E 242 -0.62 -85.32 -113.64
C ASP E 242 -2.10 -85.59 -113.34
N LEU E 243 -2.94 -85.63 -114.36
CA LEU E 243 -4.35 -85.91 -114.14
C LEU E 243 -4.40 -87.35 -113.62
N LEU E 244 -3.43 -88.14 -114.07
CA LEU E 244 -3.31 -89.53 -113.68
C LEU E 244 -3.01 -89.56 -112.19
N SER E 245 -2.03 -88.75 -111.79
CA SER E 245 -1.62 -88.64 -110.40
C SER E 245 -2.75 -88.17 -109.50
N ARG E 246 -3.50 -87.18 -109.97
CA ARG E 246 -4.61 -86.64 -109.20
C ARG E 246 -5.66 -87.70 -108.86
N VAL E 247 -5.99 -88.56 -109.82
CA VAL E 247 -6.97 -89.60 -109.58
C VAL E 247 -6.35 -90.59 -108.60
N LEU E 248 -5.08 -90.92 -108.80
CA LEU E 248 -4.41 -91.84 -107.90
C LEU E 248 -4.37 -91.30 -106.47
N GLU E 249 -4.64 -90.01 -106.31
CA GLU E 249 -4.61 -89.41 -104.98
C GLU E 249 -6.02 -89.20 -104.40
N ASN E 250 -6.90 -88.58 -105.16
CA ASN E 250 -8.25 -88.27 -104.71
C ASN E 250 -9.34 -89.21 -105.23
N GLY E 251 -8.98 -90.08 -106.17
CA GLY E 251 -9.95 -90.99 -106.75
C GLY E 251 -10.78 -91.82 -105.77
N ALA E 252 -12.09 -91.63 -105.82
CA ALA E 252 -12.99 -92.37 -104.94
C ALA E 252 -13.33 -93.71 -105.55
N TYR E 253 -13.02 -94.79 -104.83
CA TYR E 253 -13.30 -96.15 -105.29
C TYR E 253 -14.81 -96.28 -105.50
N ARG E 254 -15.21 -96.81 -106.65
CA ARG E 254 -16.62 -96.97 -106.94
C ARG E 254 -16.97 -97.97 -108.04
N GLU E 255 -18.17 -98.53 -107.97
CA GLU E 255 -18.67 -99.51 -108.92
C GLU E 255 -19.16 -98.86 -110.21
N ASN E 256 -19.48 -99.69 -111.21
CA ASN E 256 -19.98 -99.20 -112.49
C ASN E 256 -20.62 -100.32 -113.33
N ARG E 257 -21.22 -99.95 -114.46
CA ARG E 257 -21.88 -100.92 -115.32
C ARG E 257 -21.03 -102.13 -115.72
N THR E 258 -19.73 -101.95 -115.87
CA THR E 258 -18.87 -103.07 -116.20
C THR E 258 -18.60 -103.76 -114.89
N GLY E 259 -17.95 -104.92 -114.93
CA GLY E 259 -17.68 -105.62 -113.68
C GLY E 259 -16.50 -105.05 -112.91
N ILE E 260 -15.68 -104.26 -113.60
CA ILE E 260 -14.48 -103.67 -113.00
C ILE E 260 -14.73 -102.32 -112.34
N SER E 261 -14.19 -102.15 -111.13
CA SER E 261 -14.35 -100.89 -110.39
C SER E 261 -13.28 -99.89 -110.82
N THR E 262 -13.54 -98.60 -110.58
CA THR E 262 -12.61 -97.55 -110.93
C THR E 262 -12.32 -96.64 -109.74
N TYR E 263 -11.39 -95.72 -109.91
CA TYR E 263 -11.24 -94.58 -109.00
C TYR E 263 -11.57 -93.26 -109.70
N SER E 264 -12.45 -92.49 -109.10
CA SER E 264 -13.24 -91.50 -109.83
C SER E 264 -13.09 -90.11 -109.21
N ILE E 265 -12.91 -89.10 -110.06
CA ILE E 265 -12.93 -87.71 -109.61
C ILE E 265 -13.68 -87.00 -110.74
N PHE E 266 -14.46 -85.97 -110.39
CA PHE E 266 -15.29 -85.28 -111.37
C PHE E 266 -14.84 -83.88 -111.76
N GLY E 267 -14.87 -83.58 -113.06
CA GLY E 267 -14.49 -82.26 -113.55
C GLY E 267 -12.99 -81.96 -113.60
N GLN E 268 -12.36 -82.30 -114.73
CA GLN E 268 -10.93 -82.06 -114.92
C GLN E 268 -10.67 -81.57 -116.34
N MET E 269 -9.45 -81.13 -116.61
CA MET E 269 -9.10 -80.64 -117.96
C MET E 269 -7.62 -80.77 -118.31
N MET E 270 -7.34 -80.94 -119.60
CA MET E 270 -5.97 -81.06 -120.11
C MET E 270 -5.80 -80.12 -121.31
N ARG E 271 -4.61 -79.52 -121.41
CA ARG E 271 -4.31 -78.61 -122.53
C ARG E 271 -3.22 -79.23 -123.39
N PHE E 272 -3.27 -78.95 -124.69
CA PHE E 272 -2.28 -79.49 -125.62
C PHE E 272 -2.01 -78.53 -126.78
N ASP E 273 -0.74 -78.26 -127.04
CA ASP E 273 -0.33 -77.39 -128.14
C ASP E 273 -0.16 -78.26 -129.37
N MET E 274 -0.66 -77.78 -130.51
CA MET E 274 -0.53 -78.53 -131.75
C MET E 274 0.24 -77.73 -132.80
N ARG E 275 0.58 -76.49 -132.44
CA ARG E 275 1.33 -75.63 -133.34
C ARG E 275 2.78 -76.08 -133.52
N GLU E 276 3.35 -76.71 -132.50
CA GLU E 276 4.73 -77.16 -132.57
C GLU E 276 4.96 -78.66 -132.41
N SER E 277 3.90 -79.43 -132.17
CA SER E 277 4.07 -80.87 -132.02
C SER E 277 2.72 -81.59 -132.03
N PHE E 278 2.77 -82.92 -132.02
CA PHE E 278 1.55 -83.74 -132.01
C PHE E 278 1.49 -84.45 -130.67
N PRO E 279 0.43 -84.21 -129.90
CA PRO E 279 0.24 -84.82 -128.58
C PRO E 279 0.01 -86.33 -128.57
N LEU E 280 1.05 -87.10 -128.88
CA LEU E 280 0.97 -88.55 -128.85
C LEU E 280 1.83 -88.96 -127.66
N LEU E 281 1.23 -89.59 -126.65
CA LEU E 281 1.94 -89.98 -125.45
C LEU E 281 3.24 -90.74 -125.65
N THR E 282 4.31 -90.28 -125.01
CA THR E 282 5.62 -90.91 -125.14
C THR E 282 5.96 -91.89 -124.01
N THR E 283 5.26 -91.77 -122.90
CA THR E 283 5.52 -92.65 -121.74
C THR E 283 4.98 -94.06 -121.97
N LYS E 284 4.29 -94.23 -123.09
CA LYS E 284 3.72 -95.51 -123.50
C LYS E 284 3.59 -95.44 -125.01
N LYS E 285 3.78 -96.57 -125.70
CA LYS E 285 3.64 -96.56 -127.14
C LYS E 285 2.16 -96.60 -127.50
N VAL E 286 1.67 -95.53 -128.11
CA VAL E 286 0.27 -95.47 -128.49
C VAL E 286 0.09 -95.91 -129.94
N PHE E 287 -0.75 -96.91 -130.16
CA PHE E 287 -1.00 -97.43 -131.50
C PHE E 287 -1.87 -96.46 -132.29
N ILE E 288 -1.17 -95.54 -132.94
CA ILE E 288 -1.77 -94.49 -133.73
C ILE E 288 -2.64 -94.96 -134.90
N ARG E 289 -2.25 -96.03 -135.58
CA ARG E 289 -3.02 -96.51 -136.73
C ARG E 289 -4.50 -96.71 -136.43
N SER E 290 -4.80 -97.57 -135.46
CA SER E 290 -6.17 -97.84 -135.09
C SER E 290 -6.93 -96.56 -134.74
N ILE E 291 -6.21 -95.57 -134.22
CA ILE E 291 -6.83 -94.29 -133.87
C ILE E 291 -7.35 -93.64 -135.15
N PHE E 292 -6.52 -93.67 -136.19
CA PHE E 292 -6.87 -93.09 -137.47
C PHE E 292 -8.09 -93.76 -138.10
N GLU E 293 -8.03 -95.08 -138.20
CA GLU E 293 -9.11 -95.86 -138.78
C GLU E 293 -10.45 -95.57 -138.10
N GLU E 294 -10.40 -95.37 -136.79
CA GLU E 294 -11.61 -95.07 -136.03
C GLU E 294 -12.13 -93.69 -136.39
N LEU E 295 -11.22 -92.73 -136.48
CA LEU E 295 -11.58 -91.36 -136.81
C LEU E 295 -12.19 -91.28 -138.21
N ILE E 296 -11.45 -91.76 -139.20
CA ILE E 296 -11.91 -91.74 -140.58
C ILE E 296 -13.24 -92.48 -140.68
N TRP E 297 -13.40 -93.48 -139.81
CA TRP E 297 -14.61 -94.29 -139.76
C TRP E 297 -15.78 -93.42 -139.30
N PHE E 298 -15.48 -92.47 -138.42
CA PHE E 298 -16.52 -91.57 -137.92
C PHE E 298 -16.84 -90.57 -139.03
N ILE E 299 -15.80 -89.90 -139.50
CA ILE E 299 -15.93 -88.90 -140.55
C ILE E 299 -16.80 -89.38 -141.70
N LYS E 300 -16.71 -90.66 -142.01
CA LYS E 300 -17.51 -91.22 -143.09
C LYS E 300 -18.97 -91.24 -142.64
N GLY E 301 -19.20 -91.69 -141.41
CA GLY E 301 -20.54 -91.77 -140.87
C GLY E 301 -20.91 -93.23 -140.76
N ASP E 302 -19.91 -94.09 -140.90
CA ASP E 302 -20.09 -95.53 -140.85
C ASP E 302 -20.29 -96.02 -139.41
N THR E 303 -21.27 -96.89 -139.21
CA THR E 303 -21.56 -97.44 -137.89
C THR E 303 -21.37 -98.95 -137.95
N ASN E 304 -20.80 -99.42 -139.07
CA ASN E 304 -20.54 -100.83 -139.30
C ASN E 304 -19.21 -101.25 -138.70
N GLY E 305 -19.25 -101.91 -137.55
CA GLY E 305 -18.03 -102.33 -136.87
C GLY E 305 -17.13 -103.30 -137.62
N ASN E 306 -17.67 -103.92 -138.67
CA ASN E 306 -16.87 -104.86 -139.44
C ASN E 306 -15.73 -104.19 -140.20
N HIS E 307 -16.03 -103.05 -140.81
CA HIS E 307 -15.03 -102.30 -141.55
C HIS E 307 -13.73 -102.18 -140.76
N LEU E 308 -13.86 -101.97 -139.45
CA LEU E 308 -12.70 -101.84 -138.57
C LEU E 308 -12.06 -103.20 -138.32
N ILE E 309 -12.88 -104.18 -137.97
CA ILE E 309 -12.40 -105.52 -137.71
C ILE E 309 -11.65 -105.98 -138.96
N GLU E 310 -12.24 -105.68 -140.11
CA GLU E 310 -11.67 -106.04 -141.41
C GLU E 310 -10.30 -105.42 -141.67
N LYS E 311 -10.00 -104.32 -140.99
CA LYS E 311 -8.71 -103.66 -141.14
C LYS E 311 -7.82 -103.96 -139.94
N LYS E 312 -8.26 -104.93 -139.15
CA LYS E 312 -7.54 -105.37 -137.96
C LYS E 312 -7.49 -104.32 -136.85
N VAL E 313 -8.66 -103.78 -136.52
CA VAL E 313 -8.83 -102.79 -135.46
C VAL E 313 -9.96 -103.34 -134.60
N TYR E 314 -9.58 -103.96 -133.49
CA TYR E 314 -10.55 -104.59 -132.59
C TYR E 314 -10.97 -103.76 -131.38
N ILE E 315 -10.86 -102.45 -131.47
CA ILE E 315 -11.24 -101.60 -130.35
C ILE E 315 -12.74 -101.68 -130.05
N TRP E 316 -13.58 -101.51 -131.08
CA TRP E 316 -15.02 -101.58 -130.90
C TRP E 316 -15.56 -103.00 -131.00
N SER E 317 -14.66 -103.96 -131.04
CA SER E 317 -15.03 -105.37 -131.11
C SER E 317 -15.68 -105.81 -129.82
N GLY E 318 -15.16 -105.32 -128.70
CA GLY E 318 -15.70 -105.68 -127.40
C GLY E 318 -17.18 -105.36 -127.25
N ASN E 319 -17.53 -104.09 -127.42
CA ASN E 319 -18.92 -103.67 -127.30
C ASN E 319 -19.67 -103.88 -128.60
N GLY E 320 -19.24 -104.89 -129.36
CA GLY E 320 -19.89 -105.21 -130.62
C GLY E 320 -20.25 -106.69 -130.72
N SER E 321 -19.87 -107.47 -129.72
CA SER E 321 -20.16 -108.90 -129.70
C SER E 321 -21.65 -109.17 -129.52
N LYS E 322 -22.16 -110.21 -130.17
CA LYS E 322 -23.57 -110.54 -130.06
C LYS E 322 -23.96 -110.86 -128.62
N GLU E 323 -22.99 -111.28 -127.81
CA GLU E 323 -23.25 -111.59 -126.41
C GLU E 323 -23.40 -110.29 -125.62
N TYR E 324 -22.89 -109.20 -126.19
CA TYR E 324 -22.97 -107.89 -125.56
C TYR E 324 -24.30 -107.23 -125.93
N LEU E 325 -24.69 -107.35 -127.20
CA LEU E 325 -25.96 -106.80 -127.66
C LEU E 325 -27.06 -107.59 -126.99
N GLU E 326 -26.66 -108.66 -126.30
CA GLU E 326 -27.57 -109.54 -125.61
C GLU E 326 -27.92 -108.97 -124.23
N ARG E 327 -26.90 -108.73 -123.42
CA ARG E 327 -27.09 -108.29 -122.05
C ARG E 327 -27.87 -106.98 -121.99
N ILE E 328 -27.95 -106.29 -123.14
CA ILE E 328 -28.41 -104.91 -123.18
C ILE E 328 -29.54 -104.73 -124.17
N GLY E 329 -30.15 -105.83 -124.58
CA GLY E 329 -31.48 -105.80 -125.16
C GLY E 329 -31.49 -105.21 -126.56
N LEU E 330 -30.39 -105.41 -127.29
CA LEU E 330 -30.39 -105.21 -128.73
C LEU E 330 -30.13 -106.51 -129.47
N GLY E 331 -30.22 -107.63 -128.75
CA GLY E 331 -29.94 -108.93 -129.32
C GLY E 331 -30.70 -109.24 -130.61
N HIS E 332 -31.30 -108.22 -131.20
CA HIS E 332 -32.05 -108.33 -132.45
C HIS E 332 -31.23 -107.73 -133.58
N ARG E 333 -30.05 -107.23 -133.23
CA ARG E 333 -29.15 -106.61 -134.20
C ARG E 333 -28.17 -107.61 -134.81
N GLU E 334 -27.56 -107.21 -135.92
CA GLU E 334 -26.59 -108.05 -136.61
C GLU E 334 -25.33 -108.09 -135.74
N GLU E 335 -24.37 -108.91 -136.13
CA GLU E 335 -23.14 -109.06 -135.36
C GLU E 335 -22.49 -107.77 -134.84
N ASN E 336 -22.12 -106.87 -135.74
CA ASN E 336 -21.47 -105.64 -135.30
C ASN E 336 -22.23 -104.35 -135.56
N ASP E 337 -23.53 -104.48 -135.79
CA ASP E 337 -24.38 -103.31 -136.02
C ASP E 337 -24.33 -102.62 -134.66
N LEU E 338 -23.47 -101.61 -134.54
CA LEU E 338 -23.28 -100.89 -133.28
C LEU E 338 -24.36 -99.84 -133.02
N GLY E 339 -25.27 -99.67 -133.97
CA GLY E 339 -26.31 -98.68 -133.81
C GLY E 339 -25.86 -97.31 -134.27
N PRO E 340 -26.72 -96.30 -134.21
CA PRO E 340 -26.42 -94.92 -134.63
C PRO E 340 -25.44 -94.21 -133.69
N ILE E 341 -24.22 -94.71 -133.60
CA ILE E 341 -23.23 -94.09 -132.73
C ILE E 341 -22.56 -92.86 -133.35
N TYR E 342 -21.38 -92.51 -132.81
CA TYR E 342 -20.61 -91.35 -133.25
C TYR E 342 -20.66 -90.98 -134.73
N GLY E 343 -20.30 -91.91 -135.60
CA GLY E 343 -20.31 -91.65 -137.02
C GLY E 343 -21.67 -91.22 -137.52
N PHE E 344 -22.69 -92.00 -137.17
CA PHE E 344 -24.04 -91.71 -137.60
C PHE E 344 -24.48 -90.32 -137.16
N GLN E 345 -24.30 -90.01 -135.89
CA GLN E 345 -24.69 -88.71 -135.35
C GLN E 345 -23.94 -87.56 -136.01
N TRP E 346 -22.70 -87.84 -136.43
CA TRP E 346 -21.87 -86.83 -137.07
C TRP E 346 -22.37 -86.43 -138.45
N ARG E 347 -22.71 -87.41 -139.28
CA ARG E 347 -23.17 -87.13 -140.64
C ARG E 347 -24.69 -86.99 -140.68
N HIS E 348 -25.42 -87.91 -140.02
CA HIS E 348 -26.87 -87.89 -140.11
C HIS E 348 -27.39 -87.81 -138.67
N TYR E 349 -27.65 -86.59 -138.21
CA TYR E 349 -28.11 -86.35 -136.86
C TYR E 349 -29.63 -86.51 -136.86
N ASN E 350 -30.16 -87.28 -135.90
CA ASN E 350 -31.61 -87.51 -135.80
C ASN E 350 -32.16 -88.31 -136.96
N GLY E 351 -31.32 -89.16 -137.56
CA GLY E 351 -31.77 -89.94 -138.68
C GLY E 351 -32.64 -91.10 -138.29
N GLU E 352 -33.55 -91.48 -139.18
CA GLU E 352 -34.44 -92.60 -138.92
C GLU E 352 -33.53 -93.77 -139.16
N TYR E 353 -32.86 -94.21 -138.10
CA TYR E 353 -31.93 -95.31 -138.21
C TYR E 353 -32.59 -96.68 -138.42
N LYS E 354 -32.16 -97.37 -139.47
CA LYS E 354 -32.65 -98.71 -139.78
C LYS E 354 -31.60 -99.70 -139.24
N THR E 355 -30.55 -99.91 -140.03
CA THR E 355 -29.45 -100.79 -139.64
C THR E 355 -28.18 -100.29 -140.31
N MET E 356 -27.06 -100.96 -140.04
CA MET E 356 -25.76 -100.57 -140.58
C MET E 356 -25.62 -100.78 -142.08
N HIS E 357 -26.56 -101.50 -142.67
CA HIS E 357 -26.50 -101.77 -144.10
C HIS E 357 -27.40 -100.93 -144.98
N ASP E 358 -28.17 -100.03 -144.38
CA ASP E 358 -29.08 -99.19 -145.15
C ASP E 358 -28.24 -98.00 -145.61
N ASP E 359 -28.78 -97.28 -146.58
CA ASP E 359 -28.11 -96.09 -147.12
C ASP E 359 -28.81 -94.87 -146.54
N TYR E 360 -28.03 -93.93 -146.02
CA TYR E 360 -28.60 -92.74 -145.41
C TYR E 360 -28.23 -91.48 -146.16
N THR E 361 -27.59 -91.63 -147.30
CA THR E 361 -27.00 -90.51 -148.01
C THR E 361 -28.07 -89.42 -148.01
N GLY E 362 -27.68 -88.23 -147.56
CA GLY E 362 -28.61 -87.12 -147.53
C GLY E 362 -29.82 -87.25 -146.59
N VAL E 363 -29.69 -88.00 -145.51
CA VAL E 363 -30.80 -88.15 -144.56
C VAL E 363 -30.37 -87.72 -143.15
N GLY E 364 -31.20 -86.90 -142.53
CA GLY E 364 -30.89 -86.42 -141.19
C GLY E 364 -30.22 -85.06 -141.28
N VAL E 365 -29.28 -84.80 -140.37
CA VAL E 365 -28.56 -83.52 -140.38
C VAL E 365 -27.06 -83.78 -140.34
N ASP E 366 -26.33 -83.28 -141.34
CA ASP E 366 -24.88 -83.47 -141.40
C ASP E 366 -24.15 -82.28 -140.79
N GLN E 367 -23.66 -82.47 -139.57
CA GLN E 367 -22.95 -81.42 -138.85
C GLN E 367 -21.55 -81.19 -139.38
N LEU E 368 -20.80 -82.27 -139.57
CA LEU E 368 -19.45 -82.15 -140.08
C LEU E 368 -19.40 -81.32 -141.34
N ALA E 369 -20.39 -81.52 -142.21
CA ALA E 369 -20.47 -80.77 -143.45
C ALA E 369 -20.68 -79.30 -143.15
N LYS E 370 -21.77 -79.01 -142.43
CA LYS E 370 -22.12 -77.64 -142.07
C LYS E 370 -20.98 -76.98 -141.29
N LEU E 371 -20.31 -77.75 -140.45
CA LEU E 371 -19.21 -77.26 -139.65
C LEU E 371 -18.07 -76.76 -140.52
N ILE E 372 -17.64 -77.59 -141.46
CA ILE E 372 -16.55 -77.24 -142.36
C ILE E 372 -16.82 -75.94 -143.11
N GLU E 373 -17.97 -75.83 -143.75
CA GLU E 373 -18.26 -74.61 -144.49
C GLU E 373 -18.46 -73.41 -143.58
N THR E 374 -18.90 -73.64 -142.35
CA THR E 374 -19.10 -72.53 -141.43
C THR E 374 -17.74 -72.04 -140.96
N LEU E 375 -16.80 -72.96 -140.79
CA LEU E 375 -15.46 -72.60 -140.35
C LEU E 375 -14.72 -71.72 -141.35
N LYS E 376 -15.01 -71.91 -142.63
CA LYS E 376 -14.37 -71.14 -143.69
C LYS E 376 -15.15 -69.88 -144.10
N ASN E 377 -16.46 -70.00 -144.22
CA ASN E 377 -17.30 -68.86 -144.61
C ASN E 377 -17.40 -67.78 -143.53
N ASN E 378 -17.74 -68.18 -142.33
CA ASN E 378 -17.74 -67.28 -141.17
C ASN E 378 -16.89 -67.94 -140.09
N PRO E 379 -15.61 -67.56 -139.99
CA PRO E 379 -14.70 -68.14 -138.99
C PRO E 379 -14.88 -67.65 -137.55
N LYS E 380 -15.05 -66.34 -137.36
CA LYS E 380 -15.22 -65.80 -136.01
C LYS E 380 -16.57 -66.15 -135.39
N ASP E 381 -17.42 -66.80 -136.17
CA ASP E 381 -18.74 -67.22 -135.68
C ASP E 381 -18.49 -68.06 -134.42
N ARG E 382 -19.28 -67.82 -133.38
CA ARG E 382 -19.10 -68.55 -132.14
C ARG E 382 -19.92 -69.84 -132.03
N ARG E 383 -20.41 -70.34 -133.15
CA ARG E 383 -21.23 -71.54 -133.12
C ARG E 383 -20.65 -72.82 -133.74
N HIS E 384 -19.33 -72.88 -133.93
CA HIS E 384 -18.72 -74.07 -134.54
C HIS E 384 -18.83 -75.26 -133.58
N ILE E 385 -20.02 -75.86 -133.53
CA ILE E 385 -20.28 -76.95 -132.60
C ILE E 385 -20.49 -78.30 -133.26
N LEU E 386 -20.07 -79.35 -132.57
CA LEU E 386 -20.19 -80.72 -133.05
C LEU E 386 -20.65 -81.64 -131.91
N THR E 387 -21.93 -81.99 -131.90
CA THR E 387 -22.47 -82.85 -130.83
C THR E 387 -22.91 -84.25 -131.21
N ALA E 388 -22.78 -85.17 -130.25
CA ALA E 388 -23.06 -86.58 -130.50
C ALA E 388 -24.16 -87.08 -129.55
N TRP E 389 -24.53 -86.27 -128.58
CA TRP E 389 -25.55 -86.69 -127.63
C TRP E 389 -26.98 -86.49 -128.14
N ASN E 390 -27.62 -87.60 -128.47
CA ASN E 390 -28.97 -87.60 -128.98
C ASN E 390 -29.83 -88.38 -127.98
N PRO E 391 -30.55 -87.67 -127.10
CA PRO E 391 -31.40 -88.35 -126.11
C PRO E 391 -32.40 -89.30 -126.77
N SER E 392 -32.81 -88.95 -127.98
CA SER E 392 -33.78 -89.76 -128.72
C SER E 392 -33.19 -91.08 -129.20
N ALA E 393 -31.95 -91.02 -129.67
CA ALA E 393 -31.28 -92.21 -130.21
C ALA E 393 -30.47 -93.07 -129.23
N LEU E 394 -30.19 -92.56 -128.04
CA LEU E 394 -29.41 -93.31 -127.05
C LEU E 394 -29.72 -94.81 -126.96
N SER E 395 -30.98 -95.13 -126.68
CA SER E 395 -31.44 -96.51 -126.55
C SER E 395 -31.00 -97.44 -127.69
N GLN E 396 -30.87 -96.88 -128.89
CA GLN E 396 -30.48 -97.66 -130.07
C GLN E 396 -28.98 -97.87 -130.22
N MET E 397 -28.19 -97.15 -129.42
CA MET E 397 -26.73 -97.25 -129.51
C MET E 397 -26.16 -98.46 -128.76
N ALA E 398 -24.96 -98.86 -129.13
CA ALA E 398 -24.29 -99.98 -128.49
C ALA E 398 -23.65 -99.47 -127.20
N LEU E 399 -23.32 -98.18 -127.20
CA LEU E 399 -22.71 -97.52 -126.06
C LEU E 399 -22.96 -96.02 -126.23
N PRO E 400 -23.30 -95.33 -125.13
CA PRO E 400 -23.54 -93.88 -125.24
C PRO E 400 -22.27 -93.10 -125.57
N PRO E 401 -22.42 -91.91 -126.16
CA PRO E 401 -21.28 -91.07 -126.53
C PRO E 401 -20.45 -90.60 -125.33
N CYS E 402 -19.14 -90.86 -125.37
CA CYS E 402 -18.26 -90.44 -124.30
C CYS E 402 -17.70 -89.05 -124.58
N HIS E 403 -17.04 -88.93 -125.75
CA HIS E 403 -16.58 -87.62 -126.20
C HIS E 403 -17.79 -86.93 -126.84
N VAL E 404 -18.52 -86.15 -126.04
CA VAL E 404 -19.92 -85.88 -126.30
C VAL E 404 -20.09 -84.71 -127.25
N LEU E 405 -19.36 -83.63 -126.98
CA LEU E 405 -19.51 -82.39 -127.74
C LEU E 405 -18.16 -81.74 -128.01
N SER E 406 -17.99 -81.21 -129.21
CA SER E 406 -16.77 -80.53 -129.59
C SER E 406 -17.13 -79.12 -130.04
N GLN E 407 -16.22 -78.19 -129.85
CA GLN E 407 -16.41 -76.83 -130.29
C GLN E 407 -15.12 -76.40 -130.95
N TYR E 408 -15.24 -75.67 -132.04
CA TYR E 408 -14.08 -75.27 -132.83
C TYR E 408 -14.07 -73.77 -133.08
N TYR E 409 -12.86 -73.22 -133.23
CA TYR E 409 -12.63 -71.81 -132.95
C TYR E 409 -11.37 -71.30 -133.63
N VAL E 410 -11.52 -70.25 -134.43
CA VAL E 410 -10.46 -69.82 -135.35
C VAL E 410 -9.76 -68.57 -134.82
N THR E 411 -8.45 -68.70 -134.57
CA THR E 411 -7.67 -67.60 -134.02
C THR E 411 -7.57 -66.46 -135.04
N ASN E 412 -7.13 -65.29 -134.59
CA ASN E 412 -7.00 -64.16 -135.50
C ASN E 412 -5.81 -64.33 -136.44
N ASP E 413 -4.95 -65.28 -136.12
CA ASP E 413 -3.77 -65.55 -136.96
C ASP E 413 -3.92 -66.84 -137.77
N ASN E 414 -5.18 -67.20 -138.03
CA ASN E 414 -5.54 -68.38 -138.82
C ASN E 414 -5.19 -69.75 -138.30
N CYS E 415 -5.52 -70.00 -137.03
CA CYS E 415 -5.26 -71.29 -136.41
C CYS E 415 -6.59 -71.85 -135.93
N LEU E 416 -6.75 -73.16 -136.05
CA LEU E 416 -7.99 -73.80 -135.62
C LEU E 416 -7.77 -74.54 -134.31
N SER E 417 -8.44 -74.08 -133.26
CA SER E 417 -8.34 -74.72 -131.96
C SER E 417 -9.55 -75.60 -131.71
N CYS E 418 -9.45 -76.48 -130.71
CA CYS E 418 -10.54 -77.40 -130.40
C CYS E 418 -10.77 -77.61 -128.91
N ASN E 419 -12.04 -77.65 -128.54
CA ASN E 419 -12.47 -77.91 -127.17
C ASN E 419 -13.37 -79.12 -127.19
N LEU E 420 -13.10 -80.07 -126.31
CA LEU E 420 -13.93 -81.26 -126.23
C LEU E 420 -14.34 -81.55 -124.80
N TYR E 421 -15.65 -81.65 -124.56
CA TYR E 421 -16.09 -82.01 -123.22
C TYR E 421 -16.43 -83.48 -123.35
N GLN E 422 -15.83 -84.29 -122.49
CA GLN E 422 -16.07 -85.72 -122.51
C GLN E 422 -16.64 -86.18 -121.18
N ARG E 423 -17.84 -86.76 -121.23
CA ARG E 423 -18.55 -87.20 -120.03
C ARG E 423 -17.84 -88.26 -119.20
N SER E 424 -17.44 -89.35 -119.86
CA SER E 424 -16.76 -90.45 -119.17
C SER E 424 -15.41 -90.66 -119.86
N CYS E 425 -14.37 -90.88 -119.06
CA CYS E 425 -13.02 -91.08 -119.61
C CYS E 425 -12.18 -92.11 -118.88
N ASP E 426 -11.73 -93.12 -119.63
CA ASP E 426 -10.86 -94.16 -119.09
C ASP E 426 -9.43 -93.65 -119.25
N LEU E 427 -8.88 -93.09 -118.17
CA LEU E 427 -7.52 -92.53 -118.21
C LEU E 427 -6.42 -93.47 -118.67
N GLY E 428 -6.63 -94.76 -118.57
CA GLY E 428 -5.59 -95.68 -118.99
C GLY E 428 -5.66 -96.06 -120.45
N LEU E 429 -6.85 -96.40 -120.91
CA LEU E 429 -7.07 -96.83 -122.28
C LEU E 429 -7.63 -95.82 -123.26
N GLY E 430 -8.77 -95.24 -122.91
CA GLY E 430 -9.43 -94.29 -123.78
C GLY E 430 -8.91 -92.87 -123.94
N SER E 431 -8.42 -92.28 -122.85
CA SER E 431 -7.94 -90.91 -122.94
C SER E 431 -6.79 -90.70 -123.93
N PRO E 432 -5.73 -91.52 -123.86
CA PRO E 432 -4.62 -91.33 -124.80
C PRO E 432 -5.14 -91.32 -126.24
N PHE E 433 -6.10 -92.20 -126.51
CA PHE E 433 -6.70 -92.29 -127.83
C PHE E 433 -7.42 -91.01 -128.22
N ASN E 434 -8.28 -90.51 -127.34
CA ASN E 434 -9.03 -89.28 -127.63
C ASN E 434 -8.12 -88.06 -127.86
N ILE E 435 -7.02 -87.98 -127.12
CA ILE E 435 -6.10 -86.86 -127.26
C ILE E 435 -5.57 -86.81 -128.69
N ALA E 436 -5.03 -87.94 -129.14
CA ALA E 436 -4.48 -88.04 -130.48
C ALA E 436 -5.59 -87.91 -131.52
N SER E 437 -6.71 -88.57 -131.26
CA SER E 437 -7.86 -88.55 -132.16
C SER E 437 -8.37 -87.14 -132.54
N TYR E 438 -8.92 -86.42 -131.57
CA TYR E 438 -9.44 -85.07 -131.83
C TYR E 438 -8.34 -84.08 -132.24
N ALA E 439 -7.10 -84.49 -132.05
CA ALA E 439 -5.96 -83.64 -132.43
C ALA E 439 -5.83 -83.77 -133.94
N ILE E 440 -5.81 -85.00 -134.41
CA ILE E 440 -5.73 -85.26 -135.84
C ILE E 440 -6.93 -84.61 -136.52
N LEU E 441 -8.12 -84.88 -135.99
CA LEU E 441 -9.35 -84.33 -136.54
C LEU E 441 -9.28 -82.81 -136.69
N THR E 442 -8.60 -82.15 -135.76
CA THR E 442 -8.50 -80.70 -135.85
C THR E 442 -7.54 -80.33 -136.97
N MET E 443 -6.42 -81.07 -137.07
CA MET E 443 -5.44 -80.81 -138.11
C MET E 443 -6.11 -80.99 -139.47
N MET E 444 -6.90 -82.05 -139.61
CA MET E 444 -7.61 -82.29 -140.86
C MET E 444 -8.49 -81.09 -141.16
N LEU E 445 -9.45 -80.83 -140.28
CA LEU E 445 -10.35 -79.70 -140.47
C LEU E 445 -9.58 -78.43 -140.82
N ALA E 446 -8.40 -78.28 -140.25
CA ALA E 446 -7.57 -77.11 -140.51
C ALA E 446 -7.10 -77.06 -141.97
N GLN E 447 -6.63 -78.20 -142.47
CA GLN E 447 -6.15 -78.30 -143.84
C GLN E 447 -7.27 -78.03 -144.83
N VAL E 448 -8.40 -78.71 -144.62
CA VAL E 448 -9.57 -78.58 -145.46
C VAL E 448 -10.19 -77.18 -145.43
N CYS E 449 -9.90 -76.43 -144.37
CA CYS E 449 -10.47 -75.09 -144.26
C CYS E 449 -9.44 -73.99 -144.51
N GLY E 450 -8.18 -74.39 -144.68
CA GLY E 450 -7.13 -73.42 -144.94
C GLY E 450 -6.54 -72.76 -143.71
N TYR E 451 -6.40 -73.54 -142.64
CA TYR E 451 -5.83 -73.00 -141.42
C TYR E 451 -4.69 -73.85 -140.90
N GLU E 452 -4.06 -73.37 -139.83
CA GLU E 452 -2.97 -74.07 -139.20
C GLU E 452 -3.48 -74.62 -137.87
N PRO E 453 -2.93 -75.77 -137.43
CA PRO E 453 -3.38 -76.35 -136.17
C PRO E 453 -3.09 -75.41 -135.00
N GLY E 454 -4.02 -75.35 -134.05
CA GLY E 454 -3.86 -74.49 -132.89
C GLY E 454 -3.69 -75.24 -131.58
N GLU E 455 -4.63 -75.03 -130.65
CA GLU E 455 -4.58 -75.67 -129.35
C GLU E 455 -5.68 -76.68 -129.14
N LEU E 456 -5.46 -77.58 -128.18
CA LEU E 456 -6.42 -78.62 -127.84
C LEU E 456 -6.68 -78.63 -126.34
N ALA E 457 -7.95 -78.62 -125.97
CA ALA E 457 -8.32 -78.64 -124.56
C ALA E 457 -9.39 -79.69 -124.31
N ILE E 458 -9.06 -80.69 -123.51
CA ILE E 458 -9.99 -81.75 -123.17
C ILE E 458 -10.60 -81.51 -121.79
N PHE E 459 -11.92 -81.34 -121.74
CA PHE E 459 -12.62 -81.14 -120.47
C PHE E 459 -13.24 -82.48 -120.10
N ILE E 460 -13.00 -82.93 -118.88
CA ILE E 460 -13.52 -84.21 -118.48
C ILE E 460 -14.49 -84.20 -117.29
N GLY E 461 -15.48 -85.08 -117.38
CA GLY E 461 -16.46 -85.22 -116.32
C GLY E 461 -15.95 -86.29 -115.37
N ASP E 462 -16.32 -87.53 -115.62
CA ASP E 462 -15.90 -88.63 -114.77
C ASP E 462 -14.56 -89.18 -115.26
N ALA E 463 -13.48 -88.66 -114.69
CA ALA E 463 -12.13 -89.09 -115.02
C ALA E 463 -11.78 -90.24 -114.07
N HIS E 464 -11.74 -91.45 -114.62
CA HIS E 464 -11.45 -92.63 -113.79
C HIS E 464 -10.29 -93.51 -114.25
N ILE E 465 -9.89 -94.43 -113.36
CA ILE E 465 -8.83 -95.39 -113.62
C ILE E 465 -9.32 -96.76 -113.15
N TYR E 466 -9.43 -97.71 -114.06
CA TYR E 466 -9.91 -99.02 -113.67
C TYR E 466 -8.89 -99.78 -112.84
N GLU E 467 -9.37 -100.34 -111.75
CA GLU E 467 -8.54 -101.02 -110.75
C GLU E 467 -7.43 -101.96 -111.24
N ASN E 468 -7.59 -102.57 -112.41
CA ASN E 468 -6.55 -103.46 -112.92
C ASN E 468 -5.39 -102.68 -113.54
N HIS E 469 -5.70 -101.57 -114.20
CA HIS E 469 -4.70 -100.71 -114.84
C HIS E 469 -3.78 -100.07 -113.79
N LEU E 470 -4.10 -100.27 -112.51
CA LEU E 470 -3.33 -99.69 -111.42
C LEU E 470 -1.84 -100.00 -111.47
N THR E 471 -1.51 -101.27 -111.66
CA THR E 471 -0.12 -101.68 -111.73
C THR E 471 0.55 -101.04 -112.94
N GLN E 472 -0.16 -101.06 -114.07
CA GLN E 472 0.31 -100.52 -115.32
C GLN E 472 0.59 -99.02 -115.28
N LEU E 473 -0.42 -98.24 -114.93
CA LEU E 473 -0.29 -96.79 -114.87
C LEU E 473 0.80 -96.32 -113.93
N LYS E 474 1.12 -97.11 -112.91
CA LYS E 474 2.16 -96.73 -111.98
C LYS E 474 3.48 -96.99 -112.70
N GLU E 475 3.44 -97.95 -113.61
CA GLU E 475 4.59 -98.31 -114.42
C GLU E 475 4.85 -97.14 -115.37
N GLN E 476 3.77 -96.66 -115.99
CA GLN E 476 3.87 -95.56 -116.92
C GLN E 476 4.35 -94.28 -116.22
N LEU E 477 3.95 -94.10 -114.97
CA LEU E 477 4.32 -92.92 -114.20
C LEU E 477 5.77 -92.88 -113.74
N SER E 478 6.46 -94.00 -113.87
CA SER E 478 7.86 -94.06 -113.46
C SER E 478 8.73 -93.62 -114.62
N ARG E 479 8.10 -93.47 -115.79
CA ARG E 479 8.79 -93.05 -117.02
C ARG E 479 8.73 -91.55 -117.29
N THR E 480 9.90 -90.93 -117.39
CA THR E 480 9.98 -89.49 -117.66
C THR E 480 9.58 -89.26 -119.12
N PRO E 481 8.72 -88.26 -119.36
CA PRO E 481 8.29 -87.97 -120.74
C PRO E 481 9.43 -87.61 -121.69
N ARG E 482 9.20 -87.85 -122.98
CA ARG E 482 10.17 -87.52 -124.04
C ARG E 482 9.46 -86.51 -124.94
N PRO E 483 10.21 -85.79 -125.79
CA PRO E 483 9.57 -84.81 -126.66
C PRO E 483 8.53 -85.38 -127.62
N PHE E 484 7.37 -84.72 -127.69
CA PHE E 484 6.29 -85.15 -128.56
C PHE E 484 6.79 -85.24 -129.98
N PRO E 485 6.16 -86.11 -130.79
CA PRO E 485 6.59 -86.23 -132.17
C PRO E 485 5.95 -85.15 -133.02
N GLN E 486 6.03 -85.32 -134.33
CA GLN E 486 5.44 -84.40 -135.29
C GLN E 486 4.55 -85.29 -136.14
N LEU E 487 3.40 -84.78 -136.55
CA LEU E 487 2.52 -85.57 -137.40
C LEU E 487 2.09 -84.68 -138.55
N LYS E 488 2.49 -85.07 -139.76
CA LYS E 488 2.16 -84.30 -140.94
C LYS E 488 1.46 -85.09 -142.06
N PHE E 489 0.66 -84.36 -142.85
CA PHE E 489 -0.08 -84.94 -143.96
C PHE E 489 0.81 -84.87 -145.20
N LYS E 490 0.65 -85.83 -146.11
CA LYS E 490 1.47 -85.88 -147.32
C LYS E 490 0.83 -85.19 -148.53
N ARG E 491 -0.49 -85.21 -148.61
CA ARG E 491 -1.20 -84.59 -149.73
C ARG E 491 -2.35 -83.71 -149.27
N LYS E 492 -2.65 -82.68 -150.08
CA LYS E 492 -3.75 -81.78 -149.80
C LYS E 492 -4.97 -82.57 -150.28
N VAL E 493 -6.01 -82.66 -149.46
CA VAL E 493 -7.18 -83.44 -149.86
C VAL E 493 -8.30 -82.64 -150.51
N GLU E 494 -9.25 -83.36 -151.10
CA GLU E 494 -10.40 -82.73 -151.73
C GLU E 494 -11.56 -82.59 -150.74
N ASN E 495 -12.15 -83.71 -150.37
CA ASN E 495 -13.06 -83.75 -149.23
C ASN E 495 -12.41 -84.41 -148.00
N ILE E 496 -12.89 -84.02 -146.82
CA ILE E 496 -12.38 -84.59 -145.57
C ILE E 496 -12.38 -86.11 -145.63
N GLU E 497 -13.43 -86.68 -146.21
CA GLU E 497 -13.56 -88.14 -146.32
C GLU E 497 -12.42 -88.83 -147.09
N ASP E 498 -11.68 -88.07 -147.88
CA ASP E 498 -10.61 -88.60 -148.70
C ASP E 498 -9.33 -89.05 -148.02
N PHE E 499 -9.08 -88.58 -146.80
CA PHE E 499 -7.86 -88.97 -146.11
C PHE E 499 -7.74 -90.48 -146.03
N LYS E 500 -6.49 -90.95 -145.96
CA LYS E 500 -6.19 -92.38 -145.86
C LYS E 500 -4.90 -92.55 -145.04
N TRP E 501 -4.73 -93.70 -144.40
CA TRP E 501 -3.56 -93.96 -143.55
C TRP E 501 -2.21 -93.60 -144.16
N GLU E 502 -1.99 -93.97 -145.42
CA GLU E 502 -0.73 -93.70 -146.11
C GLU E 502 -0.44 -92.19 -146.20
N ASP E 503 -1.49 -91.38 -146.08
CA ASP E 503 -1.36 -89.93 -146.15
C ASP E 503 -0.72 -89.36 -144.89
N ILE E 504 -0.63 -90.19 -143.85
CA ILE E 504 -0.09 -89.76 -142.57
C ILE E 504 1.37 -90.11 -142.31
N GLU E 505 2.13 -89.11 -141.85
CA GLU E 505 3.54 -89.28 -141.56
C GLU E 505 3.88 -88.85 -140.12
N LEU E 506 4.22 -89.82 -139.28
CA LEU E 506 4.57 -89.59 -137.88
C LEU E 506 6.10 -89.47 -137.75
N ILE E 507 6.58 -88.26 -137.51
CA ILE E 507 8.01 -88.00 -137.43
C ILE E 507 8.58 -87.80 -136.02
N GLY E 508 9.59 -88.60 -135.69
CA GLY E 508 10.25 -88.49 -134.40
C GLY E 508 9.53 -89.06 -133.20
N TYR E 509 8.74 -90.11 -133.42
CA TYR E 509 8.03 -90.78 -132.34
C TYR E 509 8.90 -91.85 -131.68
N TYR E 510 9.54 -91.48 -130.58
CA TYR E 510 10.31 -92.43 -129.79
C TYR E 510 9.71 -92.62 -128.40
N PRO E 511 8.82 -93.60 -128.27
CA PRO E 511 8.10 -93.82 -127.01
C PRO E 511 8.71 -94.96 -126.21
N TYR E 512 8.21 -95.17 -124.99
CA TYR E 512 8.67 -96.26 -124.15
C TYR E 512 7.82 -97.47 -124.56
N PRO E 513 8.24 -98.67 -124.17
CA PRO E 513 7.50 -99.90 -124.50
C PRO E 513 6.00 -99.80 -124.24
N THR E 514 5.22 -100.65 -124.91
CA THR E 514 3.78 -100.64 -124.72
C THR E 514 3.45 -101.16 -123.33
N ILE E 515 2.25 -100.85 -122.87
CA ILE E 515 1.78 -101.32 -121.59
C ILE E 515 0.40 -101.88 -121.87
N LYS E 516 0.27 -103.18 -121.63
CA LYS E 516 -0.97 -103.92 -121.85
C LYS E 516 -2.03 -103.67 -120.78
N MET E 517 -3.25 -103.35 -121.23
CA MET E 517 -4.35 -103.08 -120.33
C MET E 517 -5.67 -103.57 -120.94
N ASP E 518 -6.40 -104.39 -120.17
CA ASP E 518 -7.67 -104.92 -120.63
C ASP E 518 -8.77 -103.88 -120.61
N MET E 519 -9.74 -104.03 -121.51
CA MET E 519 -10.85 -103.10 -121.58
C MET E 519 -11.98 -103.66 -120.70
N ALA E 520 -12.89 -102.78 -120.29
CA ALA E 520 -14.01 -103.19 -119.47
C ALA E 520 -15.13 -103.77 -120.33
N VAL E 521 -15.11 -105.09 -120.48
CA VAL E 521 -16.09 -105.84 -121.28
C VAL E 521 -17.09 -104.97 -122.02
N1 UMP F . 25.45 12.42 3.20
C2 UMP F . 24.41 11.48 3.19
N3 UMP F . 23.87 11.01 4.40
C4 UMP F . 24.21 11.62 5.62
C5 UMP F . 25.14 12.83 5.64
C6 UMP F . 26.12 12.81 4.47
O2 UMP F . 24.05 10.98 2.13
O4 UMP F . 23.77 11.17 6.68
C1' UMP F . 26.08 12.84 1.93
C2' UMP F . 25.11 13.61 1.03
C3' UMP F . 26.14 14.17 0.06
C4' UMP F . 27.18 14.68 1.07
O3' UMP F . 26.70 13.13 -0.74
O4' UMP F . 27.12 13.78 2.19
C5' UMP F . 26.76 16.07 1.54
O5' UMP F . 26.87 17.00 0.46
P UMP F . 26.06 18.38 0.46
OP1 UMP F . 26.12 19.11 1.75
OP2 UMP F . 26.64 19.24 -0.77
OP3 UMP F . 24.55 17.99 0.06
N1 CB3 G . 30.05 12.74 2.54
C2 CB3 G . 29.60 12.12 1.44
NA2 CB3 G . 29.91 12.61 0.23
N3 CB3 G . 28.86 11.00 1.53
C4 CB3 G . 28.55 10.49 2.73
O4 CB3 G . 27.80 9.37 2.82
C4A CB3 G . 29.00 11.12 3.88
C5 CB3 G . 28.71 10.61 5.12
C6 CB3 G . 29.17 11.26 6.26
C7 CB3 G . 29.93 12.40 6.15
C8 CB3 G . 30.22 12.90 4.89
C8A CB3 G . 29.76 12.26 3.76
C9 CB3 G . 28.86 10.72 7.63
N10 CB3 G . 28.54 9.31 7.56
C11 CB3 G . 30.86 6.41 5.64
C12 CB3 G . 29.56 6.15 6.02
C13 CB3 G . 28.81 7.13 6.66
C14 CB3 G . 29.34 8.37 6.90
C15 CB3 G . 30.64 8.66 6.53
C16 CB3 G . 31.39 7.67 5.89
C CB3 G . 31.65 5.34 4.97
O CB3 G . 32.68 5.61 4.37
N CB3 G . 31.23 4.08 5.07
CA CB3 G . 31.96 2.98 4.46
CB CB3 G . 33.04 2.58 5.43
CG CB3 G . 32.65 2.87 6.86
CD CB3 G . 33.48 2.01 7.78
OE1 CB3 G . 33.05 1.78 8.93
OE2 CB3 G . 34.58 1.58 7.36
CT CB3 G . 31.09 1.80 4.15
O1 CB3 G . 31.44 1.01 3.26
O2 CB3 G . 30.04 1.64 4.80
CP1 CB3 G . 27.35 8.83 8.22
CP2 CB3 G . 26.25 8.81 7.25
CP3 CB3 G . 25.29 8.81 6.42
N1 DHF H . 8.00 -27.18 4.57
C2 DHF H . 8.16 -26.11 5.35
NA2 DHF H . 8.13 -24.89 4.81
N3 DHF H . 8.31 -26.24 6.68
C4 DHF H . 8.33 -27.45 7.24
O4 DHF H . 8.48 -27.59 8.46
C4A DHF H . 8.18 -28.56 6.45
N5 DHF H . 8.19 -29.76 7.04
C6 DHF H . 8.04 -30.88 6.33
C7 DHF H . 7.86 -30.82 4.83
N8 DHF H . 7.86 -29.46 4.30
C8A DHF H . 8.01 -28.40 5.09
C9 DHF H . 8.06 -32.22 7.01
N10 DHF H . 7.68 -32.03 8.38
C11 DHF H . 3.88 -31.04 9.69
C12 DHF H . 4.92 -31.20 10.59
C13 DHF H . 6.18 -31.54 10.13
C14 DHF H . 6.44 -31.70 8.78
C15 DHF H . 5.40 -31.52 7.88
C16 DHF H . 4.13 -31.18 8.35
C DHF H . 2.53 -30.64 10.19
O DHF H . 2.15 -30.96 11.28
N DHF H . 1.84 -29.87 9.36
CA DHF H . 0.52 -29.29 9.55
CB DHF H . 0.12 -29.16 10.99
CG DHF H . 0.95 -28.07 11.63
CD DHF H . 0.14 -26.84 11.91
OE1 DHF H . -0.94 -26.68 11.32
OE2 DHF H . 0.60 -26.02 12.72
CT DHF H . -0.57 -29.71 8.62
O1 DHF H . -1.68 -29.98 9.09
O2 DHF H . -0.32 -29.72 7.41
PA NDP I . 13.81 -38.92 2.99
O1A NDP I . 14.33 -38.56 1.65
O2A NDP I . 12.67 -38.17 3.55
O5B NDP I . 13.41 -40.48 2.97
C5B NDP I . 14.44 -41.45 2.67
C4B NDP I . 13.74 -42.78 2.35
O4B NDP I . 12.74 -42.59 1.34
C3B NDP I . 14.67 -43.88 1.81
O3B NDP I . 15.33 -44.55 2.89
C2B NDP I . 13.59 -44.80 1.23
O2B NDP I . 12.88 -45.48 2.26
C1B NDP I . 12.71 -43.78 0.53
N9A NDP I . 13.30 -43.50 -0.79
C8A NDP I . 14.03 -42.43 -1.14
N7A NDP I . 14.42 -42.56 -2.41
C5A NDP I . 13.93 -43.72 -2.87
C6A NDP I . 13.99 -44.38 -4.09
N6A NDP I . 14.65 -43.85 -5.12
N1A NDP I . 13.37 -45.56 -4.22
C2A NDP I . 12.69 -46.09 -3.21
N3A NDP I . 12.60 -45.48 -2.04
C4A NDP I . 13.22 -44.30 -1.84
O3 NDP I . 15.00 -38.91 4.07
PN NDP I . 16.14 -37.77 4.11
O1N NDP I . 16.55 -37.41 2.73
O2N NDP I . 17.19 -38.17 5.06
O5D NDP I . 15.32 -36.52 4.73
C5D NDP I . 14.86 -36.57 6.08
C4D NDP I . 15.39 -35.36 6.86
O4D NDP I . 14.87 -34.20 6.18
C3D NDP I . 14.83 -35.31 8.29
O3D NDP I . 15.78 -34.77 9.21
C2D NDP I . 13.62 -34.38 8.13
O2D NDP I . 13.32 -33.71 9.35
C1D NDP I . 14.17 -33.38 7.11
N1N NDP I . 13.09 -32.64 6.42
C2N NDP I . 13.08 -31.24 6.37
C3N NDP I . 12.07 -30.57 5.67
C7N NDP I . 12.06 -29.05 5.61
O7N NDP I . 11.30 -28.45 4.85
N7N NDP I . 12.95 -28.44 6.39
C4N NDP I . 11.08 -31.29 5.03
C5N NDP I . 11.09 -32.69 5.07
C6N NDP I . 12.09 -33.35 5.77
P2B NDP I . 13.11 -47.06 2.46
O1X NDP I . 11.87 -47.76 2.87
O2X NDP I . 13.72 -47.60 1.07
O3X NDP I . 14.29 -47.18 3.54
N1 UMP J . -3.20 22.18 8.55
C2 UMP J . -2.79 21.73 7.28
N3 UMP J . -1.91 22.51 6.52
C4 UMP J . -1.59 23.83 6.89
C5 UMP J . -2.27 24.46 8.11
C6 UMP J . -2.63 23.40 9.15
O2 UMP J . -3.10 20.60 6.91
O4 UMP J . -0.77 24.47 6.25
C1' UMP J . -4.04 21.30 9.39
C2' UMP J . -3.27 20.09 9.90
C3' UMP J . -4.16 19.71 11.08
C4' UMP J . -4.42 21.09 11.68
O3' UMP J . -5.38 19.11 10.64
O4' UMP J . -4.39 22.03 10.58
C5' UMP J . -3.26 21.40 12.63
O5' UMP J . -3.30 20.45 13.70
P UMP J . -2.06 20.20 14.68
OP1 UMP J . -1.19 21.37 14.89
OP2 UMP J . -2.72 19.68 16.07
OP3 UMP J . -1.27 18.96 14.05
N1 CB3 K . -6.91 23.65 10.86
C2 CB3 K . -7.37 22.46 10.46
NA2 CB3 K . -7.83 21.61 11.37
N3 CB3 K . -7.36 22.12 9.17
C4 CB3 K . -6.90 22.97 8.24
O4 CB3 K . -6.90 22.63 6.93
C4A CB3 K . -6.42 24.19 8.64
C5 CB3 K . -5.93 25.09 7.71
C6 CB3 K . -5.46 26.32 8.13
C7 CB3 K . -5.47 26.65 9.47
C8 CB3 K . -5.95 25.75 10.39
C8A CB3 K . -6.43 24.53 9.98
C9 CB3 K . -4.94 27.30 7.14
N10 CB3 K . -5.52 27.06 5.83
C11 CB3 K . -9.56 26.45 4.96
C12 CB3 K . -8.58 26.13 4.05
C13 CB3 K . -7.24 26.34 4.37
C14 CB3 K . -6.88 26.86 5.60
C15 CB3 K . -7.86 27.18 6.52
C16 CB3 K . -9.19 26.97 6.19
C CB3 K . -10.98 26.24 4.60
O CB3 K . -11.85 26.36 5.44
N CB3 K . -11.26 25.95 3.34
CA CB3 K . -12.62 25.74 2.90
CB CB3 K . -13.24 27.11 2.81
CG CB3 K . -12.25 28.14 2.29
CD CB3 K . -13.00 29.21 1.57
OE1 CB3 K . -12.39 29.88 0.72
OE2 CB3 K . -14.21 29.38 1.84
CT CB3 K . -12.68 25.07 1.57
O1 CB3 K . -13.78 24.64 1.17
O2 CB3 K . -11.64 24.96 0.91
CP1 CB3 K . -4.66 27.08 4.68
CP2 CB3 K . -4.08 25.75 4.48
CP3 CB3 K . -3.56 24.61 4.28
N1 DHF L . -9.94 12.49 -33.33
C2 DHF L . -9.13 13.23 -32.56
NA2 DHF L . -8.72 12.74 -31.38
N3 DHF L . -8.73 14.44 -32.94
C4 DHF L . -9.13 14.94 -34.12
O4 DHF L . -8.76 16.06 -34.48
C4A DHF L . -9.95 14.21 -34.93
N5 DHF L . -10.33 14.74 -36.10
C6 DHF L . -11.12 14.06 -36.93
C7 DHF L . -11.63 12.69 -36.57
N8 DHF L . -11.16 12.21 -35.28
C8A DHF L . -10.36 12.96 -34.51
C9 DHF L . -11.52 14.67 -38.23
N10 DHF L . -10.53 15.65 -38.61
C11 DHF L . -6.66 14.61 -39.60
C12 DHF L . -7.07 15.93 -39.60
C13 DHF L . -8.36 16.26 -39.26
C14 DHF L . -9.27 15.29 -38.93
C15 DHF L . -8.88 13.96 -38.92
C16 DHF L . -7.57 13.63 -39.25
C DHF L . -5.24 14.30 -39.94
O DHF L . -4.65 14.99 -40.74
N DHF L . -4.68 13.29 -39.30
CA DHF L . -3.31 12.81 -39.42
CB DHF L . -2.39 13.90 -39.91
CG DHF L . -2.17 14.93 -38.82
CD DHF L . -0.77 14.91 -38.28
OE1 DHF L . -0.08 13.90 -38.45
OE2 DHF L . -0.34 15.92 -37.69
CT DHF L . -3.09 11.51 -40.12
O1 DHF L . -2.21 11.47 -40.98
O2 DHF L . -3.79 10.54 -39.80
PA NDP M . -20.61 13.68 -40.41
O1A NDP M . -21.37 12.84 -39.45
O2A NDP M . -19.15 13.55 -40.57
O5B NDP M . -21.21 13.45 -41.89
C5B NDP M . -22.59 13.72 -42.13
C4B NDP M . -22.94 13.02 -43.44
O4B NDP M . -22.51 11.66 -43.44
C3B NDP M . -24.41 12.98 -43.83
O3B NDP M . -24.81 14.23 -44.39
C2B NDP M . -24.32 11.93 -44.94
O2B NDP M . -23.68 12.45 -46.11
C1B NDP M . -23.44 10.90 -44.24
N9A NDP M . -24.31 9.99 -43.43
C8A NDP M . -24.61 10.03 -42.13
N7A NDP M . -25.49 9.05 -41.86
C5A NDP M . -25.76 8.39 -42.99
C6A NDP M . -26.57 7.31 -43.37
N6A NDP M . -27.30 6.67 -42.46
N1A NDP M . -26.57 6.90 -44.66
C2A NDP M . -25.82 7.51 -45.56
N3A NDP M . -25.04 8.53 -45.26
C4A NDP M . -24.99 8.99 -43.99
O3 NDP M . -20.95 15.23 -40.19
PN NDP M . -21.46 15.82 -38.78
O1N NDP M . -22.22 14.78 -38.03
O2N NDP M . -22.08 17.13 -39.01
O5D NDP M . -20.02 16.04 -38.11
C5D NDP M . -19.04 16.84 -38.79
C4D NDP M . -18.35 17.79 -37.81
O4D NDP M . -17.64 17.00 -36.84
C3D NDP M . -17.34 18.72 -38.48
O3D NDP M . -17.45 20.05 -37.98
C2D NDP M . -16.00 18.08 -38.09
O2D NDP M . -14.97 19.06 -37.99
C1D NDP M . -16.31 17.53 -36.69
N1N NDP M . -15.39 16.45 -36.30
C2N NDP M . -14.74 16.42 -35.06
C3N NDP M . -14.02 15.30 -34.67
C7N NDP M . -13.31 15.28 -33.31
O7N NDP M . -12.77 14.26 -32.88
N7N NDP M . -13.34 16.43 -32.65
C4N NDP M . -13.95 14.18 -35.50
C5N NDP M . -14.58 14.21 -36.74
C6N NDP M . -15.28 15.34 -37.15
P2B NDP M . -24.57 12.63 -47.44
O1X NDP M . -23.76 12.70 -48.67
O2X NDP M . -25.57 11.38 -47.49
O3X NDP M . -25.47 13.94 -47.18
N1 UMP N . -14.59 25.05 49.37
C2 UMP N . -14.90 25.39 50.70
N3 UMP N . -15.02 24.38 51.66
C4 UMP N . -15.10 23.03 51.28
C5 UMP N . -15.10 22.65 49.80
C6 UMP N . -14.31 23.65 48.97
O2 UMP N . -14.90 26.57 51.04
O4 UMP N . -15.16 22.16 52.14
C1' UMP N . -14.33 26.12 48.38
C2' UMP N . -12.91 26.66 48.49
C3' UMP N . -12.77 27.27 47.08
C4' UMP N . -13.31 26.07 46.28
O3' UMP N . -13.64 28.40 46.92
O4' UMP N . -14.40 25.54 47.06
C5' UMP N . -12.19 25.04 46.16
O5' UMP N . -11.34 25.41 45.08
P UMP N . -9.74 25.27 45.14
OP1 UMP N . -9.26 23.88 45.28
OP2 UMP N . -9.22 25.97 43.79
OP3 UMP N . -9.24 26.20 46.35
N1 CB3 O . -16.65 25.06 45.35
C2 CB3 O . -16.59 26.37 45.61
NA2 CB3 O . -16.03 27.18 44.70
N3 CB3 O . -17.10 26.88 46.76
C4 CB3 O . -17.66 26.06 47.65
O4 CB3 O . -18.17 26.56 48.80
C4A CB3 O . -17.74 24.71 47.40
C5 CB3 O . -18.32 23.86 48.32
C6 CB3 O . -18.37 22.51 48.03
C7 CB3 O . -17.85 22.01 46.86
C8 CB3 O . -17.28 22.87 45.95
C8A CB3 O . -17.21 24.22 46.23
C9 CB3 O . -19.00 21.56 49.01
N10 CB3 O . -19.93 22.24 49.87
C11 CB3 O . -22.97 24.75 48.55
C12 CB3 O . -22.63 24.71 49.88
C13 CB3 O . -21.61 23.88 50.29
C14 CB3 O . -20.94 23.08 49.39
C15 CB3 O . -21.30 23.10 48.06
C16 CB3 O . -22.32 23.94 47.63
C CB3 O . -24.11 25.62 48.14
O CB3 O . -24.23 26.04 47.01
N CB3 O . -24.98 25.86 49.10
CA CB3 O . -26.20 26.63 48.95
CB CB3 O . -27.18 25.62 49.51
CG CB3 O . -28.21 25.18 48.48
CD CB3 O . -29.11 24.23 49.21
OE1 CB3 O . -28.66 23.63 50.20
OE2 CB3 O . -30.28 24.09 48.80
CT CB3 O . -26.24 27.78 49.88
O1 CB3 O . -27.00 28.74 49.62
O2 CB3 O . -25.52 27.76 50.90
CP1 CB3 O . -19.88 21.99 51.28
CP2 CB3 O . -19.04 22.99 51.92
CP3 CB3 O . -18.31 23.85 52.49
N1 DHF P . -36.31 42.84 82.60
C2 DHF P . -35.69 41.75 82.14
NA2 DHF P . -34.54 41.87 81.46
N3 DHF P . -36.20 40.52 82.36
C4 DHF P . -37.35 40.38 83.05
O4 DHF P . -37.83 39.25 83.25
C4A DHF P . -38.00 41.49 83.52
N5 DHF P . -39.15 41.35 84.21
C6 DHF P . -39.80 42.41 84.69
C7 DHF P . -39.28 43.81 84.49
N8 DHF P . -38.03 43.85 83.73
C8A DHF P . -37.45 42.74 83.29
C9 DHF P . -41.07 42.24 85.46
N10 DHF P . -41.11 40.95 86.13
C11 DHF P . -38.54 40.00 89.19
C12 DHF P . -39.47 39.09 88.77
C13 DHF P . -40.34 39.42 87.74
C14 DHF P . -40.26 40.66 87.14
C15 DHF P . -39.31 41.58 87.56
C16 DHF P . -38.45 41.24 88.59
C DHF P . -37.62 39.59 90.30
O DHF P . -37.79 38.52 90.82
N DHF P . -36.65 40.38 90.71
CA DHF P . -35.81 39.89 91.77
CB DHF P . -35.38 38.53 91.25
CG DHF P . -34.42 37.87 92.20
CD DHF P . -33.57 36.90 91.43
OE1 DHF P . -32.36 36.81 91.71
OE2 DHF P . -34.11 36.22 90.54
CT DHF P . -34.61 40.76 91.99
O1 DHF P . -33.94 40.61 93.02
O2 DHF P . -34.34 41.59 91.12
PA NDP Q . -48.18 47.59 83.10
O1A NDP Q . -47.71 48.54 82.04
O2A NDP Q . -47.20 46.94 84.03
O5B NDP Q . -49.26 48.38 83.98
C5B NDP Q . -50.16 49.31 83.39
C4B NDP Q . -50.90 50.03 84.53
O4B NDP Q . -50.12 51.10 85.03
C3B NDP Q . -52.22 50.64 84.10
O3B NDP Q . -53.29 49.71 84.26
C2B NDP Q . -52.38 51.76 85.10
O2B NDP Q . -52.81 51.18 86.32
C1B NDP Q . -50.95 52.23 85.29
N9A NDP Q . -50.71 53.25 84.24
C8A NDP Q . -50.30 53.00 83.00
N7A NDP Q . -50.20 54.16 82.32
C5A NDP Q . -50.56 55.15 83.16
C6A NDP Q . -50.65 56.52 83.03
N6A NDP Q . -50.35 57.13 81.87
N1A NDP Q . -51.05 57.25 84.08
C2A NDP Q . -51.35 56.66 85.24
N3A NDP Q . -51.27 55.33 85.39
C4A NDP Q . -50.88 54.56 84.37
O3 NDP Q . -49.05 46.43 82.43
PN NDP Q . -48.93 46.10 80.87
O1N NDP Q . -50.15 45.35 80.43
O2N NDP Q . -48.50 47.33 80.14
O5D NDP Q . -47.71 45.06 80.88
C5D NDP Q . -47.60 44.06 81.88
C4D NDP Q . -47.14 42.76 81.22
O4D NDP Q . -45.78 42.89 80.81
C3D NDP Q . -47.20 41.58 82.18
O3D NDP Q . -47.65 40.45 81.43
C2D NDP Q . -45.76 41.34 82.57
O2D NDP Q . -45.57 39.93 82.78
C1D NDP Q . -45.01 41.82 81.34
N1N NDP Q . -43.66 42.29 81.62
C2N NDP Q . -42.65 41.77 80.93
C3N NDP Q . -41.34 42.19 81.15
C7N NDP Q . -40.22 41.60 80.36
O7N NDP Q . -39.14 42.16 80.35
N7N NDP Q . -40.43 40.48 79.70
C4N NDP Q . -41.10 43.15 82.09
C5N NDP Q . -42.17 43.67 82.80
C6N NDP Q . -43.45 43.22 82.54
P2B NDP Q . -54.05 51.77 87.14
O1X NDP Q . -53.83 53.25 87.11
O2X NDP Q . -53.88 51.16 88.50
O3X NDP Q . -55.23 51.27 86.36
N1 UMP R . 7.96 20.34 70.00
C2 UMP R . 7.75 21.65 69.55
N3 UMP R . 8.02 21.98 68.22
C4 UMP R . 8.72 21.11 67.39
C5 UMP R . 9.24 19.77 67.94
C6 UMP R . 8.36 19.26 69.08
O2 UMP R . 7.19 22.46 70.28
O4 UMP R . 8.91 21.39 66.21
C1' UMP R . 7.56 19.98 71.38
C2' UMP R . 6.04 19.98 71.54
C3' UMP R . 5.98 19.22 72.86
C4' UMP R . 6.94 18.08 72.56
O3' UMP R . 6.49 20.04 73.91
O4' UMP R . 7.94 18.63 71.68
C5' UMP R . 6.18 17.00 71.77
O5' UMP R . 5.07 16.54 72.53
P UMP R . 4.01 15.50 71.90
OP1 UMP R . 4.49 14.82 70.68
OP2 UMP R . 3.63 14.47 73.07
OP3 UMP R . 2.67 16.35 71.62
N1 CB3 S . 10.38 18.18 73.03
C2 CB3 S . 9.83 19.13 73.81
NA2 CB3 S . 9.13 18.75 74.90
N3 CB3 S . 9.96 20.43 73.52
C4 CB3 S . 10.64 20.83 72.43
O4 CB3 S . 10.78 22.15 72.14
C4A CB3 S . 11.21 19.88 71.62
C5 CB3 S . 11.93 20.28 70.50
C6 CB3 S . 12.49 19.32 69.69
C7 CB3 S . 12.36 17.98 69.99
C8 CB3 S . 11.64 17.59 71.11
C8A CB3 S . 11.08 18.54 71.93
C9 CB3 S . 13.27 19.74 68.48
N10 CB3 S . 13.59 21.15 68.53
C11 CB3 S . 15.80 22.90 71.62
C12 CB3 S . 15.14 23.68 70.69
C13 CB3 S . 14.41 23.09 69.68
C14 CB3 S . 14.33 21.72 69.58
C15 CB3 S . 14.99 20.93 70.51
C16 CB3 S . 15.74 21.52 71.51
C CB3 S . 16.63 23.56 72.68
O CB3 S . 16.84 23.02 73.73
N CB3 S . 17.15 24.74 72.34
CA CB3 S . 18.03 25.55 73.16
CB CB3 S . 18.91 24.59 73.92
CG CB3 S . 19.91 23.90 72.99
CD CB3 S . 20.99 24.87 72.55
OE1 CB3 S . 21.16 25.06 71.33
OE2 CB3 S . 21.68 25.42 73.43
CT CB3 S . 17.39 26.55 74.06
O1 CB3 S . 17.78 26.60 75.25
O2 CB3 S . 16.52 27.31 73.59
CP1 CB3 S . 13.22 22.03 67.44
CP2 CB3 S . 11.93 22.67 67.68
CP3 CB3 S . 10.81 23.24 67.87
N1 DHF T . 15.00 62.87 65.72
C2 DHF T . 15.01 61.70 65.10
NA2 DHF T . 14.08 60.80 65.42
N3 DHF T . 15.95 61.41 64.18
C4 DHF T . 16.89 62.30 63.87
O4 DHF T . 17.75 62.03 63.02
C4A DHF T . 16.90 63.53 64.49
N5 DHF T . 17.84 64.43 64.17
C6 DHF T . 17.87 65.63 64.77
C7 DHF T . 16.85 66.01 65.81
N8 DHF T . 15.89 64.96 66.07
C8A DHF T . 15.93 63.79 65.44
C9 DHF T . 18.92 66.65 64.42
N10 DHF T . 19.36 66.49 63.06
C11 DHF T . 16.98 67.42 59.85
C12 DHF T . 18.25 66.93 59.65
C13 DHF T . 19.04 66.62 60.74
C14 DHF T . 18.56 66.80 62.01
C15 DHF T . 17.29 67.29 62.22
C16 DHF T . 16.50 67.61 61.13
C DHF T . 16.14 67.74 58.67
O DHF T . 16.66 68.13 57.63
N DHF T . 14.84 67.61 58.76
CA DHF T . 14.02 67.91 57.63
CB DHF T . 13.93 66.55 56.95
CG DHF T . 12.99 66.53 55.77
CD DHF T . 12.96 65.13 55.23
OE1 DHF T . 11.90 64.71 54.75
OE2 DHF T . 14.01 64.48 55.28
CT DHF T . 12.66 68.38 58.03
O1 DHF T . 11.88 68.79 57.15
O2 DHF T . 12.36 68.37 59.23
PA NDP U . 24.18 70.55 71.37
O1A NDP U . 23.46 70.00 72.55
O2A NDP U . 23.53 70.50 70.03
O5B NDP U . 24.56 72.07 71.67
C5B NDP U . 25.44 72.46 72.73
C4B NDP U . 25.57 73.98 72.69
O4B NDP U . 24.33 74.59 73.01
C3B NDP U . 26.57 74.58 73.65
O3B NDP U . 27.87 74.70 73.06
C2B NDP U . 26.03 75.97 73.88
O2B NDP U . 26.35 76.80 72.78
C1B NDP U . 24.53 75.74 73.83
N9A NDP U . 24.11 75.38 75.19
C8A NDP U . 23.87 74.13 75.61
N7A NDP U . 23.51 74.17 76.90
C5A NDP U . 23.52 75.45 77.29
C6A NDP U . 23.27 76.07 78.49
N6A NDP U . 22.89 75.34 79.56
N1A NDP U . 23.37 77.40 78.57
C2A NDP U . 23.74 78.11 77.52
N3A NDP U . 24.02 77.53 76.34
C4A NDP U . 23.91 76.20 76.20
O3 NDP U . 25.60 69.83 71.25
PN NDP U . 25.84 68.34 71.77
O1N NDP U . 27.26 67.94 71.53
O2N NDP U . 25.26 68.25 73.15
O5D NDP U . 24.93 67.48 70.79
C5D NDP U . 25.14 67.55 69.39
C4D NDP U . 25.32 66.15 68.83
O4D NDP U . 24.08 65.45 68.93
C3D NDP U . 25.66 66.19 67.36
O3D NDP U . 26.68 65.21 67.11
C2D NDP U . 24.41 65.74 66.64
O2D NDP U . 24.81 64.93 65.53
C1D NDP U . 23.70 64.90 67.68
N1N NDP U . 22.25 64.93 67.57
C2N NDP U . 21.60 63.79 67.42
C3N NDP U . 20.21 63.77 67.32
C7N NDP U . 19.47 62.50 67.15
O7N NDP U . 18.26 62.52 67.18
N7N NDP U . 20.13 61.38 66.99
C4N NDP U . 19.53 64.97 67.38
C5N NDP U . 20.24 66.14 67.55
C6N NDP U . 21.61 66.08 67.64
P2B NDP U . 27.31 78.05 72.92
O1X NDP U . 26.89 78.70 74.21
O2X NDP U . 27.03 78.89 71.73
O3X NDP U . 28.66 77.42 72.95
N1 UMP V . -14.56 -94.60 -122.71
C2 UMP V . -13.67 -93.51 -122.64
N3 UMP V . -13.58 -92.61 -123.70
C4 UMP V . -14.16 -92.90 -124.94
C5 UMP V . -14.87 -94.25 -125.16
C6 UMP V . -15.48 -94.77 -123.86
O2 UMP V . -13.10 -93.28 -121.58
O4 UMP V . -14.13 -92.07 -125.85
C1' UMP V . -14.74 -95.46 -121.52
C2' UMP V . -15.35 -94.69 -120.34
C3' UMP V . -15.75 -95.89 -119.50
C4' UMP V . -16.45 -96.73 -120.58
O3' UMP V . -14.58 -96.58 -119.04
O4' UMP V . -15.70 -96.51 -121.78
C5' UMP V . -17.85 -96.15 -120.79
O5' UMP V . -18.58 -96.15 -119.56
P UMP V . -20.09 -95.63 -119.52
OP1 UMP V . -20.67 -95.37 -120.86
OP2 UMP V . -20.94 -96.73 -118.70
OP3 UMP V . -20.09 -94.30 -118.60
N1 CB3 W . -14.45 -99.05 -122.54
C2 CB3 W . -13.72 -98.68 -121.48
NA2 CB3 W . -14.05 -99.18 -120.27
N3 CB3 W . -12.68 -97.83 -121.61
C4 CB3 W . -12.36 -97.33 -122.82
O4 CB3 W . -11.30 -96.48 -122.95
C4A CB3 W . -13.11 -97.70 -123.92
C5 CB3 W . -12.80 -97.21 -125.18
C6 CB3 W . -13.57 -97.61 -126.27
C7 CB3 W . -14.64 -98.48 -126.09
C8 CB3 W . -14.93 -98.96 -124.84
C8A CB3 W . -14.17 -98.57 -123.75
C9 CB3 W . -13.27 -97.10 -127.64
N10 CB3 W . -11.86 -96.75 -127.67
C11 CB3 W . -8.82 -99.42 -126.72
C12 CB3 W . -8.54 -98.12 -127.04
C13 CB3 W . -9.56 -97.24 -127.35
C14 CB3 W . -10.87 -97.66 -127.34
C15 CB3 W . -11.17 -98.98 -127.02
C16 CB3 W . -10.14 -99.86 -126.71
C CB3 W . -7.67 -100.34 -126.40
O CB3 W . -7.83 -101.37 -125.78
N CB3 W . -6.49 -99.95 -126.87
CA CB3 W . -5.25 -100.70 -126.70
CB CB3 W . -5.65 -102.06 -126.16
CG CB3 W . -4.77 -103.16 -126.74
CD CB3 W . -4.47 -102.93 -128.21
OE1 CB3 W . -3.95 -103.86 -128.87
OE2 CB3 W . -4.73 -101.81 -128.71
CT CB3 W . -4.26 -100.02 -125.83
O1 CB3 W . -3.59 -100.70 -125.02
O2 CB3 W . -4.13 -98.78 -125.94
CP1 CB3 W . -11.48 -95.40 -128.06
CP2 CB3 W . -11.29 -94.56 -126.87
CP3 CB3 W . -11.14 -93.82 -125.84
N1 DHF X . 24.54 -76.60 -127.00
C2 DHF X . 23.33 -76.72 -127.58
NA2 DHF X . 22.22 -76.78 -126.82
N3 DHF X . 23.21 -76.77 -128.91
C4 DHF X . 24.29 -76.71 -129.69
O4 DHF X . 24.16 -76.75 -130.93
C4A DHF X . 25.55 -76.58 -129.13
N5 DHF X . 26.64 -76.51 -129.91
C6 DHF X . 27.88 -76.40 -129.39
C7 DHF X . 28.08 -76.33 -127.90
N8 DHF X . 26.84 -76.41 -127.15
C8A DHF X . 25.65 -76.53 -127.75
C9 DHF X . 29.09 -76.32 -130.29
N10 DHF X . 28.72 -75.80 -131.60
C11 DHF X . 27.67 -71.86 -132.21
C12 DHF X . 27.69 -72.76 -133.26
C13 DHF X . 28.04 -74.08 -133.04
C14 DHF X . 28.39 -74.51 -131.77
C15 DHF X . 28.37 -73.61 -130.73
C16 DHF X . 28.02 -72.29 -130.94
C DHF X . 27.28 -70.44 -132.48
O DHF X . 27.66 -69.92 -133.49
N DHF X . 26.54 -69.78 -131.61
CA DHF X . 26.16 -68.40 -131.88
CB DHF X . 24.66 -68.42 -132.07
CG DHF X . 24.24 -68.69 -133.50
CD DHF X . 22.89 -68.05 -133.67
OE1 DHF X . 22.63 -67.06 -132.98
OE2 DHF X . 22.10 -68.55 -134.49
CT DHF X . 26.44 -67.50 -130.72
O1 DHF X . 26.07 -66.32 -130.79
O2 DHF X . 27.02 -67.98 -129.72
PA NDP Y . 36.43 -82.32 -127.88
O1A NDP Y . 35.84 -82.72 -126.57
O2A NDP Y . 35.81 -81.22 -128.67
O5B NDP Y . 37.96 -81.95 -127.62
C5B NDP Y . 38.97 -82.96 -127.52
C4B NDP Y . 40.31 -82.25 -127.48
O4B NDP Y . 40.36 -81.40 -126.33
C3B NDP Y . 41.52 -83.16 -127.40
O3B NDP Y . 42.10 -83.36 -128.68
C2B NDP Y . 42.51 -82.35 -126.59
O2B NDP Y . 43.19 -81.48 -127.48
C1B NDP Y . 41.64 -81.50 -125.69
N9A NDP Y . 41.51 -82.29 -124.44
C8A NDP Y . 40.52 -83.13 -124.14
N7A NDP Y . 40.76 -83.66 -122.93
C5A NDP Y . 41.92 -83.16 -122.49
C6A NDP Y . 42.67 -83.35 -121.35
N6A NDP Y . 42.22 -84.19 -120.40
N1A NDP Y . 43.82 -82.70 -121.19
C2A NDP Y . 44.25 -81.87 -122.13
N3A NDP Y . 43.56 -81.66 -123.25
C4A NDP Y . 42.40 -82.30 -123.46
O3 NDP Y . 36.51 -83.62 -128.82
PN NDP Y . 35.27 -84.63 -128.85
O1N NDP Y . 35.19 -85.31 -127.52
O2N NDP Y . 35.36 -85.45 -130.11
O5D NDP Y . 34.01 -83.66 -129.00
C5D NDP Y . 33.83 -82.87 -130.16
C4D NDP Y . 32.53 -83.26 -130.87
O4D NDP Y . 31.42 -82.93 -130.05
C3D NDP Y . 32.34 -82.52 -132.18
O3D NDP Y . 31.98 -83.47 -133.17
C2D NDP Y . 31.13 -81.63 -131.97
O2D NDP Y . 30.32 -81.73 -133.14
C1D NDP Y . 30.41 -82.26 -130.79
N1N NDP Y . 29.75 -81.27 -129.96
C2N NDP Y . 28.42 -81.32 -129.78
C3N NDP Y . 27.78 -80.38 -129.00
C7N NDP Y . 26.30 -80.43 -128.80
O7N NDP Y . 25.78 -79.73 -127.97
N7N NDP Y . 25.59 -81.27 -129.54
C4N NDP Y . 28.52 -79.39 -128.39
C5N NDP Y . 29.88 -79.37 -128.57
C6N NDP Y . 30.47 -80.32 -129.37
P2B NDP Y . 44.64 -81.85 -128.02
O1X NDP Y . 44.39 -83.13 -128.77
O2X NDP Y . 45.01 -80.67 -128.86
O3X NDP Y . 45.45 -82.02 -126.78
#